data_5JYV
#
_entry.id   5JYV
#
loop_
_entity.id
_entity.type
_entity.pdbx_description
1 polymer 'Two-component sensor histidine kinase'
2 polymer 'Circadian clock protein KaiB'
#
loop_
_entity_poly.entity_id
_entity_poly.type
_entity_poly.pdbx_seq_one_letter_code
_entity_poly.pdbx_strand_id
1 'polypeptide(L)'
;EGRIVLVSEDEATSTLICSILTTAGYQVIWLVDGEVERLLALTPIAVLLAEPFSYGDVQELVDQLRQRCTPEQLKIFILG
SKGNYQGVDRYIPLPIHPESFLQQVTMGLTSLATSAQ
;
A
2 'polypeptide(L)'
;MAPLRKTAVLKLYVAGNTPNSVRALKTLANILEKEFKGVYALKVIDVLKNPQLAEEDKILATPTLAKVLPPPVRRIIGDL
SNREKVLIALRLLAEEIGDYKDDDDK
;
B
#
# COMPACT_ATOMS: atom_id res chain seq x y z
N GLU A 1 12.32 -5.56 -5.31
CA GLU A 1 11.93 -5.92 -3.92
C GLU A 1 11.76 -4.65 -3.07
N GLY A 2 11.04 -3.69 -3.61
CA GLY A 2 10.79 -2.45 -2.89
C GLY A 2 9.34 -2.25 -2.52
N ARG A 3 8.60 -3.35 -2.40
CA ARG A 3 7.18 -3.29 -2.07
C ARG A 3 6.95 -3.41 -0.56
N ILE A 4 6.28 -2.40 0.00
CA ILE A 4 5.98 -2.35 1.43
C ILE A 4 4.46 -2.24 1.65
N VAL A 5 3.91 -3.07 2.52
CA VAL A 5 2.47 -3.02 2.79
C VAL A 5 2.20 -2.45 4.18
N LEU A 6 1.34 -1.44 4.23
CA LEU A 6 0.97 -0.79 5.47
C LEU A 6 -0.50 -1.06 5.80
N VAL A 7 -0.75 -1.58 6.98
CA VAL A 7 -2.11 -1.88 7.41
C VAL A 7 -2.48 -1.03 8.63
N SER A 8 -3.48 -0.17 8.47
CA SER A 8 -3.95 0.69 9.56
C SER A 8 -5.29 1.31 9.20
N GLU A 9 -6.17 1.42 10.18
CA GLU A 9 -7.50 2.02 9.97
C GLU A 9 -7.39 3.53 9.75
N ASP A 10 -6.35 4.15 10.32
CA ASP A 10 -6.17 5.59 10.20
C ASP A 10 -5.53 5.96 8.85
N GLU A 11 -6.34 6.55 7.99
CA GLU A 11 -5.91 6.95 6.65
C GLU A 11 -4.87 8.07 6.67
N ALA A 12 -5.00 9.01 7.61
CA ALA A 12 -4.08 10.16 7.68
C ALA A 12 -2.62 9.73 7.89
N THR A 13 -2.39 8.82 8.82
CA THR A 13 -1.04 8.32 9.08
C THR A 13 -0.54 7.51 7.88
N SER A 14 -1.45 6.70 7.34
CA SER A 14 -1.14 5.85 6.20
C SER A 14 -0.75 6.65 4.96
N THR A 15 -1.45 7.75 4.72
CA THR A 15 -1.17 8.61 3.57
C THR A 15 0.24 9.19 3.65
N LEU A 16 0.61 9.66 4.85
CA LEU A 16 1.94 10.24 5.07
C LEU A 16 3.02 9.20 4.86
N ILE A 17 2.81 8.00 5.42
CA ILE A 17 3.76 6.90 5.30
C ILE A 17 3.93 6.47 3.85
N CYS A 18 2.82 6.36 3.13
CA CYS A 18 2.86 5.95 1.73
C CYS A 18 3.64 6.94 0.89
N SER A 19 3.40 8.22 1.11
CA SER A 19 4.04 9.30 0.35
C SER A 19 5.55 9.39 0.63
N ILE A 20 5.96 9.22 1.88
CA ILE A 20 7.38 9.34 2.23
C ILE A 20 8.22 8.18 1.66
N LEU A 21 7.70 6.96 1.75
CA LEU A 21 8.42 5.78 1.25
C LEU A 21 8.47 5.74 -0.28
N THR A 22 7.39 6.17 -0.94
CA THR A 22 7.33 6.17 -2.40
C THR A 22 8.37 7.06 -3.03
N THR A 23 8.52 8.26 -2.48
CA THR A 23 9.47 9.22 -3.00
C THR A 23 10.91 8.75 -2.78
N ALA A 24 11.09 7.78 -1.90
CA ALA A 24 12.40 7.24 -1.61
C ALA A 24 12.73 6.06 -2.53
N GLY A 25 11.80 5.74 -3.43
CA GLY A 25 12.02 4.63 -4.37
C GLY A 25 11.26 3.37 -4.01
N TYR A 26 10.53 3.40 -2.90
CA TYR A 26 9.77 2.23 -2.46
C TYR A 26 8.29 2.36 -2.84
N GLN A 27 7.59 1.24 -2.91
CA GLN A 27 6.17 1.26 -3.23
C GLN A 27 5.36 0.80 -2.02
N VAL A 28 4.45 1.64 -1.56
CA VAL A 28 3.64 1.29 -0.41
C VAL A 28 2.20 0.99 -0.79
N ILE A 29 1.70 -0.14 -0.29
CA ILE A 29 0.33 -0.56 -0.55
C ILE A 29 -0.42 -0.60 0.79
N TRP A 30 -1.51 0.14 0.87
CA TRP A 30 -2.31 0.18 2.08
C TRP A 30 -3.47 -0.80 1.99
N LEU A 31 -3.47 -1.77 2.90
CA LEU A 31 -4.52 -2.78 2.93
C LEU A 31 -5.27 -2.69 4.24
N VAL A 32 -6.57 -2.94 4.19
CA VAL A 32 -7.38 -2.92 5.40
C VAL A 32 -7.11 -4.19 6.21
N ASP A 33 -7.28 -4.12 7.52
CA ASP A 33 -6.99 -5.26 8.38
C ASP A 33 -8.10 -6.31 8.36
N GLY A 34 -7.79 -7.48 8.92
CA GLY A 34 -8.74 -8.57 8.98
C GLY A 34 -8.63 -9.50 7.79
N GLU A 35 -7.89 -9.10 6.77
CA GLU A 35 -7.73 -9.94 5.57
C GLU A 35 -6.30 -10.41 5.38
N VAL A 36 -5.99 -11.59 5.90
CA VAL A 36 -4.66 -12.18 5.77
C VAL A 36 -4.38 -12.58 4.32
N GLU A 37 -5.39 -13.11 3.64
CA GLU A 37 -5.25 -13.52 2.24
C GLU A 37 -4.82 -12.34 1.38
N ARG A 38 -5.36 -11.16 1.67
CA ARG A 38 -4.99 -9.96 0.93
C ARG A 38 -3.52 -9.63 1.15
N LEU A 39 -3.04 -9.86 2.38
CA LEU A 39 -1.64 -9.63 2.72
C LEU A 39 -0.77 -10.61 1.94
N LEU A 40 -1.22 -11.86 1.88
CA LEU A 40 -0.50 -12.92 1.15
C LEU A 40 -0.50 -12.63 -0.35
N ALA A 41 -1.62 -12.12 -0.85
CA ALA A 41 -1.75 -11.78 -2.27
C ALA A 41 -0.70 -10.77 -2.70
N LEU A 42 -0.44 -9.80 -1.84
CA LEU A 42 0.52 -8.75 -2.11
C LEU A 42 1.79 -8.88 -1.25
N THR A 43 2.15 -10.12 -0.89
CA THR A 43 3.32 -10.40 -0.03
C THR A 43 4.51 -9.48 -0.30
N PRO A 44 4.71 -8.50 0.60
CA PRO A 44 5.80 -7.52 0.50
C PRO A 44 7.09 -7.98 1.15
N ILE A 45 8.09 -7.11 1.18
CA ILE A 45 9.36 -7.42 1.82
C ILE A 45 9.25 -7.18 3.32
N ALA A 46 8.33 -6.30 3.69
CA ALA A 46 8.09 -5.96 5.08
C ALA A 46 6.65 -5.52 5.29
N VAL A 47 6.08 -5.82 6.45
CA VAL A 47 4.70 -5.44 6.74
C VAL A 47 4.67 -4.43 7.88
N LEU A 48 4.01 -3.30 7.64
CA LEU A 48 3.90 -2.26 8.65
C LEU A 48 2.50 -2.24 9.26
N LEU A 49 2.41 -2.44 10.55
CA LEU A 49 1.13 -2.42 11.24
C LEU A 49 1.06 -1.19 12.14
N ALA A 50 0.10 -0.31 11.89
CA ALA A 50 -0.03 0.91 12.70
C ALA A 50 -1.25 0.85 13.61
N GLU A 51 -0.99 0.98 14.91
CA GLU A 51 -2.03 0.94 15.93
C GLU A 51 -2.81 2.26 15.97
N PRO A 52 -4.04 2.27 16.52
CA PRO A 52 -4.71 1.08 17.07
C PRO A 52 -5.54 0.30 16.03
N PHE A 53 -5.84 -0.95 16.34
CA PHE A 53 -6.66 -1.79 15.46
C PHE A 53 -8.00 -2.09 16.13
N SER A 54 -9.09 -1.67 15.49
CA SER A 54 -10.41 -1.88 16.04
C SER A 54 -11.13 -3.07 15.39
N TYR A 55 -10.64 -3.51 14.23
CA TYR A 55 -11.27 -4.64 13.53
C TYR A 55 -10.44 -5.91 13.62
N GLY A 56 -9.38 -5.90 14.41
CA GLY A 56 -8.55 -7.08 14.53
C GLY A 56 -7.53 -6.97 15.65
N ASP A 57 -6.92 -8.09 16.00
CA ASP A 57 -5.92 -8.13 17.06
C ASP A 57 -4.51 -8.03 16.47
N VAL A 58 -3.68 -7.16 17.05
CA VAL A 58 -2.31 -6.96 16.59
C VAL A 58 -1.50 -8.26 16.65
N GLN A 59 -1.60 -8.96 17.77
CA GLN A 59 -0.89 -10.22 17.98
C GLN A 59 -1.36 -11.28 16.98
N GLU A 60 -2.66 -11.30 16.71
CA GLU A 60 -3.26 -12.27 15.80
C GLU A 60 -2.66 -12.14 14.40
N LEU A 61 -2.58 -10.90 13.89
CA LEU A 61 -2.04 -10.67 12.56
C LEU A 61 -0.57 -11.07 12.48
N VAL A 62 0.19 -10.76 13.53
CA VAL A 62 1.60 -11.10 13.57
C VAL A 62 1.78 -12.62 13.55
N ASP A 63 1.01 -13.31 14.38
CA ASP A 63 1.07 -14.77 14.46
C ASP A 63 0.67 -15.43 13.14
N GLN A 64 -0.40 -14.92 12.53
CA GLN A 64 -0.88 -15.46 11.26
C GLN A 64 0.15 -15.29 10.16
N LEU A 65 0.81 -14.12 10.13
CA LEU A 65 1.83 -13.85 9.13
C LEU A 65 3.03 -14.79 9.31
N ARG A 66 3.38 -15.04 10.58
CA ARG A 66 4.50 -15.92 10.91
C ARG A 66 4.23 -17.36 10.45
N GLN A 67 2.98 -17.79 10.58
CA GLN A 67 2.57 -19.14 10.20
C GLN A 67 2.64 -19.34 8.68
N ARG A 68 2.28 -18.32 7.92
CA ARG A 68 2.27 -18.42 6.47
C ARG A 68 3.60 -18.04 5.83
N CYS A 69 4.29 -17.06 6.40
CA CYS A 69 5.57 -16.62 5.85
C CYS A 69 6.68 -16.72 6.88
N THR A 70 7.85 -17.16 6.44
CA THR A 70 9.01 -17.30 7.33
C THR A 70 9.55 -15.93 7.73
N PRO A 71 10.16 -15.83 8.94
CA PRO A 71 10.72 -14.57 9.44
C PRO A 71 11.90 -14.06 8.60
N GLU A 72 12.60 -14.98 7.94
CA GLU A 72 13.74 -14.60 7.10
C GLU A 72 13.28 -14.02 5.77
N GLN A 73 12.07 -14.37 5.33
CA GLN A 73 11.56 -13.87 4.07
C GLN A 73 10.68 -12.63 4.23
N LEU A 74 9.91 -12.57 5.32
CA LEU A 74 9.04 -11.42 5.56
C LEU A 74 9.29 -10.82 6.94
N LYS A 75 9.48 -9.51 6.98
CA LYS A 75 9.73 -8.81 8.23
C LYS A 75 8.47 -8.07 8.69
N ILE A 76 8.27 -7.98 10.00
CA ILE A 76 7.10 -7.31 10.55
C ILE A 76 7.51 -6.15 11.46
N PHE A 77 6.92 -4.98 11.20
CA PHE A 77 7.20 -3.79 12.00
C PHE A 77 5.89 -3.21 12.53
N ILE A 78 5.92 -2.69 13.76
CA ILE A 78 4.71 -2.14 14.37
C ILE A 78 4.87 -0.66 14.73
N LEU A 79 3.91 0.14 14.29
CA LEU A 79 3.90 1.58 14.57
C LEU A 79 2.85 1.86 15.64
N GLY A 80 3.24 2.54 16.71
CA GLY A 80 2.29 2.84 17.76
C GLY A 80 2.91 2.86 19.14
N SER A 81 2.37 2.04 20.04
CA SER A 81 2.87 1.96 21.41
C SER A 81 3.37 0.56 21.72
N LYS A 82 4.35 0.48 22.63
CA LYS A 82 4.94 -0.80 23.04
C LYS A 82 5.68 -1.45 21.86
N GLY A 83 5.02 -2.40 21.20
CA GLY A 83 5.64 -3.07 20.07
C GLY A 83 6.56 -4.20 20.49
N ASN A 84 6.58 -4.51 21.78
CA ASN A 84 7.43 -5.57 22.32
C ASN A 84 6.77 -6.94 22.13
N TYR A 85 6.68 -7.37 20.87
CA TYR A 85 6.07 -8.65 20.54
C TYR A 85 7.04 -9.50 19.72
N GLN A 86 6.88 -10.83 19.81
CA GLN A 86 7.74 -11.75 19.08
C GLN A 86 7.40 -11.72 17.59
N GLY A 87 8.42 -11.92 16.75
CA GLY A 87 8.21 -11.90 15.31
C GLY A 87 8.31 -10.50 14.73
N VAL A 88 8.62 -9.52 15.57
CA VAL A 88 8.75 -8.14 15.14
C VAL A 88 10.21 -7.71 15.16
N ASP A 89 10.72 -7.31 14.00
CA ASP A 89 12.13 -6.89 13.87
C ASP A 89 12.40 -5.60 14.63
N ARG A 90 11.50 -4.62 14.50
CA ARG A 90 11.66 -3.34 15.17
C ARG A 90 10.32 -2.62 15.28
N TYR A 91 10.15 -1.84 16.34
CA TYR A 91 8.91 -1.10 16.55
C TYR A 91 9.15 0.40 16.42
N ILE A 92 8.13 1.11 15.94
CA ILE A 92 8.21 2.55 15.76
C ILE A 92 7.15 3.24 16.64
N PRO A 93 7.57 3.82 17.77
CA PRO A 93 6.66 4.52 18.70
C PRO A 93 6.15 5.85 18.16
N LEU A 94 4.91 6.20 18.53
CA LEU A 94 4.30 7.46 18.12
C LEU A 94 4.38 8.49 19.24
N PRO A 95 4.41 9.80 18.91
CA PRO A 95 4.39 10.29 17.51
C PRO A 95 5.70 10.02 16.78
N ILE A 96 5.62 9.88 15.45
CA ILE A 96 6.81 9.59 14.66
C ILE A 96 7.24 10.81 13.85
N HIS A 97 8.52 10.83 13.50
CA HIS A 97 9.08 11.90 12.69
C HIS A 97 9.44 11.33 11.33
N PRO A 98 9.34 12.13 10.25
CA PRO A 98 9.65 11.67 8.88
C PRO A 98 11.02 11.01 8.76
N GLU A 99 12.04 11.70 9.25
CA GLU A 99 13.40 11.18 9.21
C GLU A 99 13.56 9.95 10.10
N SER A 100 12.91 9.99 11.27
CA SER A 100 12.99 8.87 12.22
C SER A 100 12.40 7.59 11.64
N PHE A 101 11.21 7.71 11.06
CA PHE A 101 10.52 6.56 10.47
C PHE A 101 11.35 5.94 9.33
N LEU A 102 11.82 6.79 8.42
CA LEU A 102 12.61 6.33 7.28
C LEU A 102 13.91 5.65 7.71
N GLN A 103 14.60 6.23 8.68
CA GLN A 103 15.87 5.65 9.15
C GLN A 103 15.64 4.27 9.78
N GLN A 104 14.58 4.13 10.55
CA GLN A 104 14.26 2.85 11.20
C GLN A 104 13.92 1.79 10.16
N VAL A 105 13.15 2.19 9.14
CA VAL A 105 12.77 1.27 8.07
C VAL A 105 14.01 0.84 7.27
N THR A 106 14.86 1.81 6.94
CA THR A 106 16.08 1.55 6.18
C THR A 106 17.00 0.59 6.93
N MET A 107 17.21 0.85 8.23
CA MET A 107 18.05 0.00 9.06
C MET A 107 17.45 -1.40 9.20
N GLY A 108 16.13 -1.46 9.32
CA GLY A 108 15.45 -2.74 9.45
C GLY A 108 15.56 -3.59 8.19
N LEU A 109 15.82 -2.92 7.05
CA LEU A 109 15.96 -3.61 5.77
C LEU A 109 17.28 -4.40 5.69
N THR A 110 18.20 -4.11 6.61
CA THR A 110 19.48 -4.81 6.64
C THR A 110 19.29 -6.21 7.24
N SER A 111 18.73 -7.11 6.46
CA SER A 111 18.47 -8.46 6.90
C SER A 111 18.40 -9.44 5.71
N LEU A 112 18.36 -10.73 6.03
CA LEU A 112 18.30 -11.79 5.01
C LEU A 112 19.58 -11.79 4.16
N ALA A 113 19.46 -11.41 2.90
CA ALA A 113 20.60 -11.38 2.00
C ALA A 113 21.12 -9.96 1.80
N THR A 114 20.36 -8.98 2.31
CA THR A 114 20.72 -7.56 2.19
C THR A 114 21.03 -7.17 0.74
N SER A 115 20.21 -7.66 -0.18
CA SER A 115 20.41 -7.36 -1.60
C SER A 115 19.14 -6.80 -2.22
N ALA A 116 19.30 -5.86 -3.16
CA ALA A 116 18.17 -5.24 -3.84
C ALA A 116 17.36 -6.25 -4.65
N GLN A 117 18.08 -7.16 -5.32
CA GLN A 117 17.44 -8.19 -6.13
C GLN A 117 17.99 -9.57 -5.78
N MET B 1 15.54 15.50 -7.63
CA MET B 1 15.26 14.58 -6.50
C MET B 1 14.91 15.35 -5.24
N ALA B 2 14.90 16.68 -5.36
CA ALA B 2 14.58 17.56 -4.23
C ALA B 2 13.15 17.35 -3.70
N PRO B 3 12.11 17.35 -4.57
CA PRO B 3 10.72 17.14 -4.13
C PRO B 3 10.51 15.78 -3.44
N LEU B 4 9.73 15.78 -2.38
CA LEU B 4 9.46 14.56 -1.62
C LEU B 4 8.04 14.62 -1.02
N ARG B 5 7.46 13.44 -0.79
CA ARG B 5 6.11 13.30 -0.24
C ARG B 5 5.03 13.70 -1.26
N LYS B 6 5.43 13.81 -2.53
CA LYS B 6 4.49 14.16 -3.59
C LYS B 6 4.22 12.95 -4.46
N THR B 7 3.20 12.17 -4.09
CA THR B 7 2.87 10.95 -4.83
C THR B 7 1.38 10.88 -5.13
N ALA B 8 1.01 10.06 -6.12
CA ALA B 8 -0.38 9.89 -6.50
C ALA B 8 -0.95 8.66 -5.82
N VAL B 9 -2.21 8.70 -5.42
CA VAL B 9 -2.82 7.57 -4.72
C VAL B 9 -3.99 6.95 -5.50
N LEU B 10 -3.90 5.64 -5.71
CA LEU B 10 -4.94 4.88 -6.41
C LEU B 10 -5.70 4.01 -5.39
N LYS B 11 -7.03 4.06 -5.42
CA LYS B 11 -7.83 3.24 -4.51
C LYS B 11 -8.51 2.10 -5.24
N LEU B 12 -8.45 0.91 -4.65
CA LEU B 12 -9.08 -0.27 -5.23
C LEU B 12 -10.13 -0.85 -4.30
N TYR B 13 -11.37 -0.87 -4.77
CA TYR B 13 -12.47 -1.44 -4.01
C TYR B 13 -12.71 -2.86 -4.53
N VAL B 14 -12.52 -3.82 -3.64
CA VAL B 14 -12.67 -5.23 -4.00
C VAL B 14 -13.38 -6.04 -2.93
N ALA B 15 -13.66 -7.30 -3.25
CA ALA B 15 -14.32 -8.20 -2.31
C ALA B 15 -13.38 -9.36 -2.00
N GLY B 16 -13.15 -9.61 -0.72
CA GLY B 16 -12.24 -10.68 -0.32
C GLY B 16 -12.86 -12.06 -0.43
N ASN B 17 -13.11 -12.52 -1.65
CA ASN B 17 -13.71 -13.84 -1.86
C ASN B 17 -13.64 -14.28 -3.32
N THR B 18 -14.06 -13.41 -4.24
CA THR B 18 -14.07 -13.74 -5.65
C THR B 18 -12.65 -13.73 -6.24
N PRO B 19 -12.27 -14.81 -6.96
CA PRO B 19 -10.94 -14.93 -7.58
C PRO B 19 -10.58 -13.76 -8.48
N ASN B 20 -11.57 -13.26 -9.23
CA ASN B 20 -11.33 -12.13 -10.14
C ASN B 20 -11.05 -10.86 -9.35
N SER B 21 -11.52 -10.81 -8.11
CA SER B 21 -11.30 -9.67 -7.24
C SER B 21 -9.99 -9.83 -6.48
N VAL B 22 -9.73 -11.06 -6.04
CA VAL B 22 -8.50 -11.38 -5.31
C VAL B 22 -7.27 -11.21 -6.19
N ARG B 23 -7.33 -11.75 -7.40
CA ARG B 23 -6.21 -11.68 -8.36
C ARG B 23 -6.06 -10.28 -8.95
N ALA B 24 -7.13 -9.46 -8.88
CA ALA B 24 -7.09 -8.10 -9.42
C ALA B 24 -5.99 -7.28 -8.76
N LEU B 25 -5.83 -7.48 -7.45
CA LEU B 25 -4.79 -6.78 -6.71
C LEU B 25 -3.41 -7.14 -7.24
N LYS B 26 -3.22 -8.42 -7.54
CA LYS B 26 -1.97 -8.94 -8.06
C LYS B 26 -1.63 -8.34 -9.44
N THR B 27 -2.63 -8.20 -10.30
CA THR B 27 -2.40 -7.64 -11.64
C THR B 27 -2.11 -6.14 -11.57
N LEU B 28 -2.80 -5.44 -10.67
CA LEU B 28 -2.61 -4.00 -10.49
C LEU B 28 -1.24 -3.70 -9.90
N ALA B 29 -0.89 -4.44 -8.86
CA ALA B 29 0.39 -4.27 -8.17
C ALA B 29 1.58 -4.57 -9.08
N ASN B 30 1.46 -5.61 -9.91
CA ASN B 30 2.55 -6.01 -10.80
C ASN B 30 2.94 -4.90 -11.79
N ILE B 31 1.94 -4.26 -12.38
CA ILE B 31 2.19 -3.19 -13.35
C ILE B 31 2.78 -1.94 -12.68
N LEU B 32 2.21 -1.57 -11.54
CA LEU B 32 2.65 -0.39 -10.80
C LEU B 32 4.02 -0.58 -10.15
N GLU B 33 4.28 -1.79 -9.65
CA GLU B 33 5.53 -2.11 -8.97
C GLU B 33 6.75 -1.97 -9.89
N LYS B 34 6.62 -2.34 -11.15
CA LYS B 34 7.74 -2.27 -12.08
C LYS B 34 7.77 -0.99 -12.92
N GLU B 35 6.70 -0.76 -13.69
CA GLU B 35 6.64 0.38 -14.60
C GLU B 35 6.51 1.75 -13.91
N PHE B 36 5.71 1.86 -12.86
CA PHE B 36 5.51 3.16 -12.20
C PHE B 36 5.73 3.08 -10.70
N LYS B 37 6.88 2.55 -10.28
CA LYS B 37 7.18 2.43 -8.85
C LYS B 37 7.66 3.75 -8.26
N GLY B 38 7.21 4.04 -7.05
CA GLY B 38 7.61 5.26 -6.36
C GLY B 38 6.80 6.48 -6.79
N VAL B 39 5.87 6.28 -7.71
CA VAL B 39 5.04 7.37 -8.20
C VAL B 39 3.61 7.24 -7.71
N TYR B 40 3.08 6.02 -7.72
CA TYR B 40 1.71 5.79 -7.30
C TYR B 40 1.62 4.88 -6.08
N ALA B 41 0.87 5.31 -5.07
CA ALA B 41 0.64 4.51 -3.87
C ALA B 41 -0.71 3.83 -4.03
N LEU B 42 -0.84 2.61 -3.52
CA LEU B 42 -2.08 1.88 -3.68
C LEU B 42 -2.83 1.67 -2.37
N LYS B 43 -4.13 1.97 -2.38
CA LYS B 43 -4.99 1.78 -1.22
C LYS B 43 -6.10 0.79 -1.58
N VAL B 44 -6.32 -0.21 -0.73
CA VAL B 44 -7.33 -1.23 -1.02
C VAL B 44 -8.36 -1.37 0.11
N ILE B 45 -9.63 -1.34 -0.27
CA ILE B 45 -10.74 -1.47 0.67
C ILE B 45 -11.59 -2.71 0.36
N ASP B 46 -11.82 -3.53 1.38
CA ASP B 46 -12.63 -4.74 1.22
C ASP B 46 -14.09 -4.44 1.57
N VAL B 47 -14.94 -4.43 0.55
CA VAL B 47 -16.36 -4.13 0.72
C VAL B 47 -17.10 -5.18 1.57
N LEU B 48 -16.53 -6.38 1.67
CA LEU B 48 -17.15 -7.44 2.46
C LEU B 48 -16.84 -7.31 3.94
N LYS B 49 -15.84 -6.50 4.28
CA LYS B 49 -15.46 -6.30 5.67
C LYS B 49 -16.08 -5.02 6.23
N ASN B 50 -16.13 -3.98 5.41
CA ASN B 50 -16.71 -2.72 5.84
C ASN B 50 -17.61 -2.17 4.73
N PRO B 51 -18.86 -2.69 4.64
CA PRO B 51 -19.84 -2.31 3.61
C PRO B 51 -20.17 -0.81 3.57
N GLN B 52 -20.19 -0.17 4.73
CA GLN B 52 -20.51 1.26 4.79
C GLN B 52 -19.47 2.13 4.07
N LEU B 53 -18.24 1.65 3.93
CA LEU B 53 -17.22 2.43 3.21
C LEU B 53 -17.61 2.59 1.74
N ALA B 54 -18.14 1.51 1.16
CA ALA B 54 -18.58 1.53 -0.23
C ALA B 54 -19.73 2.51 -0.42
N GLU B 55 -20.64 2.51 0.55
CA GLU B 55 -21.81 3.39 0.54
C GLU B 55 -21.39 4.85 0.62
N GLU B 56 -20.36 5.13 1.41
CA GLU B 56 -19.86 6.49 1.59
C GLU B 56 -19.28 7.03 0.29
N ASP B 57 -18.60 6.17 -0.46
CA ASP B 57 -18.01 6.59 -1.73
C ASP B 57 -18.96 6.33 -2.90
N LYS B 58 -20.20 5.93 -2.57
CA LYS B 58 -21.25 5.66 -3.56
C LYS B 58 -20.82 4.60 -4.59
N ILE B 59 -20.13 3.56 -4.13
CA ILE B 59 -19.71 2.49 -5.01
C ILE B 59 -20.47 1.20 -4.72
N LEU B 60 -21.21 0.71 -5.71
CA LEU B 60 -22.01 -0.51 -5.55
C LEU B 60 -21.49 -1.65 -6.41
N ALA B 61 -20.32 -1.47 -7.01
CA ALA B 61 -19.74 -2.50 -7.87
C ALA B 61 -18.24 -2.64 -7.63
N THR B 62 -17.72 -3.85 -7.85
CA THR B 62 -16.29 -4.13 -7.66
C THR B 62 -15.80 -5.14 -8.70
N PRO B 63 -14.50 -5.13 -9.05
CA PRO B 63 -13.51 -4.17 -8.54
C PRO B 63 -13.65 -2.78 -9.14
N THR B 64 -13.42 -1.76 -8.34
CA THR B 64 -13.50 -0.37 -8.81
C THR B 64 -12.24 0.40 -8.43
N LEU B 65 -11.67 1.09 -9.41
CA LEU B 65 -10.45 1.88 -9.20
C LEU B 65 -10.79 3.36 -9.09
N ALA B 66 -10.41 3.95 -7.96
CA ALA B 66 -10.67 5.37 -7.72
C ALA B 66 -9.36 6.15 -7.68
N LYS B 67 -9.32 7.26 -8.41
CA LYS B 67 -8.14 8.11 -8.45
C LYS B 67 -8.28 9.25 -7.45
N VAL B 68 -7.37 9.30 -6.48
CA VAL B 68 -7.40 10.35 -5.46
C VAL B 68 -6.57 11.55 -5.90
N LEU B 69 -5.31 11.30 -6.26
CA LEU B 69 -4.40 12.35 -6.67
C LEU B 69 -3.69 11.96 -7.97
N PRO B 70 -3.37 12.94 -8.84
CA PRO B 70 -3.72 14.35 -8.64
C PRO B 70 -5.17 14.66 -9.03
N PRO B 71 -5.81 15.62 -8.37
CA PRO B 71 -7.20 16.01 -8.67
C PRO B 71 -7.31 16.81 -9.97
N PRO B 72 -8.52 16.93 -10.56
CA PRO B 72 -9.78 16.35 -10.05
C PRO B 72 -9.76 14.82 -9.96
N VAL B 73 -10.50 14.27 -9.01
CA VAL B 73 -10.58 12.84 -8.81
C VAL B 73 -11.36 12.16 -9.95
N ARG B 74 -11.02 10.91 -10.23
CA ARG B 74 -11.67 10.15 -11.31
C ARG B 74 -12.07 8.76 -10.84
N ARG B 75 -13.10 8.22 -11.46
CA ARG B 75 -13.60 6.88 -11.12
C ARG B 75 -13.45 5.95 -12.33
N ILE B 76 -12.82 4.81 -12.13
CA ILE B 76 -12.63 3.84 -13.20
C ILE B 76 -13.31 2.52 -12.87
N ILE B 77 -14.27 2.12 -13.69
CA ILE B 77 -14.99 0.87 -13.49
C ILE B 77 -14.82 -0.04 -14.71
N GLY B 78 -14.37 -1.26 -14.47
CA GLY B 78 -14.16 -2.19 -15.57
C GLY B 78 -13.51 -3.47 -15.12
N ASP B 79 -13.06 -4.27 -16.07
CA ASP B 79 -12.42 -5.54 -15.77
C ASP B 79 -10.93 -5.34 -15.47
N LEU B 80 -10.57 -5.39 -14.19
CA LEU B 80 -9.19 -5.20 -13.77
C LEU B 80 -8.40 -6.52 -13.83
N SER B 81 -9.11 -7.62 -14.09
CA SER B 81 -8.47 -8.92 -14.21
C SER B 81 -7.55 -8.96 -15.42
N ASN B 82 -7.93 -8.21 -16.45
CA ASN B 82 -7.14 -8.15 -17.68
C ASN B 82 -6.01 -7.15 -17.53
N ARG B 83 -4.78 -7.66 -17.50
CA ARG B 83 -3.58 -6.84 -17.35
C ARG B 83 -3.43 -5.82 -18.48
N GLU B 84 -3.81 -6.22 -19.69
CA GLU B 84 -3.72 -5.33 -20.86
C GLU B 84 -4.42 -4.00 -20.64
N LYS B 85 -5.69 -4.05 -20.28
CA LYS B 85 -6.48 -2.83 -20.05
C LYS B 85 -5.93 -2.04 -18.87
N VAL B 86 -5.51 -2.74 -17.83
CA VAL B 86 -4.97 -2.10 -16.64
C VAL B 86 -3.71 -1.31 -16.96
N LEU B 87 -2.82 -1.92 -17.74
CA LEU B 87 -1.57 -1.27 -18.14
C LEU B 87 -1.89 -0.03 -18.98
N ILE B 88 -2.84 -0.18 -19.88
CA ILE B 88 -3.27 0.90 -20.77
C ILE B 88 -3.82 2.09 -19.97
N ALA B 89 -4.70 1.79 -19.02
CA ALA B 89 -5.30 2.83 -18.17
C ALA B 89 -4.25 3.56 -17.33
N LEU B 90 -3.34 2.78 -16.74
CA LEU B 90 -2.27 3.34 -15.91
C LEU B 90 -1.28 4.16 -16.73
N ARG B 91 -0.98 3.70 -17.94
CA ARG B 91 -0.03 4.40 -18.82
C ARG B 91 -0.55 5.80 -19.14
N LEU B 92 -1.86 5.91 -19.41
CA LEU B 92 -2.49 7.18 -19.71
C LEU B 92 -2.38 8.13 -18.52
N LEU B 93 -2.57 7.57 -17.33
CA LEU B 93 -2.48 8.33 -16.08
C LEU B 93 -1.06 8.87 -15.88
N ALA B 94 -0.07 8.04 -16.24
CA ALA B 94 1.34 8.40 -16.11
C ALA B 94 1.68 9.62 -16.94
N GLU B 95 1.16 9.66 -18.16
CA GLU B 95 1.40 10.77 -19.07
C GLU B 95 0.80 12.06 -18.51
N GLU B 96 -0.38 11.94 -17.92
CA GLU B 96 -1.09 13.09 -17.35
C GLU B 96 -0.32 13.68 -16.17
N ILE B 97 0.24 12.83 -15.31
CA ILE B 97 1.00 13.31 -14.16
C ILE B 97 2.38 13.82 -14.58
N GLY B 98 2.95 13.20 -15.62
CA GLY B 98 4.25 13.60 -16.12
C GLY B 98 4.26 15.01 -16.67
N ASP B 99 3.17 15.38 -17.35
CA ASP B 99 3.07 16.71 -17.95
C ASP B 99 2.52 17.71 -16.92
N TYR B 100 3.37 18.07 -15.96
CA TYR B 100 2.98 19.01 -14.93
C TYR B 100 4.07 20.05 -14.71
N LYS B 101 3.69 21.33 -14.73
CA LYS B 101 4.64 22.41 -14.54
C LYS B 101 4.20 23.31 -13.39
N ASP B 102 5.18 23.85 -12.66
CA ASP B 102 4.90 24.71 -11.51
C ASP B 102 4.79 26.18 -11.94
N ASP B 103 3.56 26.71 -11.91
CA ASP B 103 3.29 28.10 -12.27
C ASP B 103 3.74 28.42 -13.70
N ASP B 104 3.31 27.59 -14.65
CA ASP B 104 3.67 27.78 -16.06
C ASP B 104 3.09 29.10 -16.59
N ASP B 105 1.85 29.40 -16.18
CA ASP B 105 1.14 30.63 -16.57
C ASP B 105 0.71 30.60 -18.03
N LYS B 106 1.68 30.52 -18.95
CA LYS B 106 1.39 30.49 -20.37
C LYS B 106 1.40 29.06 -20.91
N GLU A 1 12.36 -4.69 -5.93
CA GLU A 1 11.42 -5.61 -5.25
C GLU A 1 11.17 -5.17 -3.82
N GLY A 2 11.55 -3.94 -3.51
CA GLY A 2 11.37 -3.40 -2.17
C GLY A 2 9.98 -2.85 -1.94
N ARG A 3 8.99 -3.73 -1.91
CA ARG A 3 7.61 -3.31 -1.68
C ARG A 3 7.23 -3.50 -0.21
N ILE A 4 6.44 -2.56 0.30
CA ILE A 4 6.00 -2.58 1.69
C ILE A 4 4.47 -2.42 1.80
N VAL A 5 3.84 -3.25 2.62
CA VAL A 5 2.40 -3.17 2.81
C VAL A 5 2.08 -2.59 4.18
N LEU A 6 1.29 -1.53 4.18
CA LEU A 6 0.91 -0.84 5.42
C LEU A 6 -0.53 -1.15 5.78
N VAL A 7 -0.75 -1.65 6.99
CA VAL A 7 -2.09 -1.95 7.45
C VAL A 7 -2.45 -1.03 8.62
N SER A 8 -3.49 -0.23 8.42
CA SER A 8 -3.95 0.70 9.45
C SER A 8 -5.38 1.14 9.17
N GLU A 9 -6.04 1.69 10.18
CA GLU A 9 -7.40 2.16 10.02
C GLU A 9 -7.45 3.68 9.81
N ASP A 10 -6.31 4.33 10.05
CA ASP A 10 -6.23 5.79 9.90
C ASP A 10 -5.61 6.17 8.55
N GLU A 11 -6.44 6.74 7.68
CA GLU A 11 -6.01 7.15 6.34
C GLU A 11 -4.95 8.24 6.36
N ALA A 12 -5.06 9.19 7.29
CA ALA A 12 -4.11 10.30 7.39
C ALA A 12 -2.68 9.81 7.64
N THR A 13 -2.53 8.86 8.57
CA THR A 13 -1.22 8.31 8.89
C THR A 13 -0.67 7.54 7.68
N SER A 14 -1.55 6.78 7.04
CA SER A 14 -1.18 6.00 5.86
C SER A 14 -0.69 6.87 4.72
N THR A 15 -1.37 7.99 4.49
CA THR A 15 -0.99 8.91 3.42
C THR A 15 0.43 9.42 3.63
N LEU A 16 0.75 9.81 4.86
CA LEU A 16 2.08 10.30 5.21
C LEU A 16 3.13 9.19 5.05
N ILE A 17 2.82 8.01 5.57
CA ILE A 17 3.75 6.87 5.49
C ILE A 17 4.02 6.45 4.06
N CYS A 18 2.96 6.36 3.26
CA CYS A 18 3.10 5.96 1.86
C CYS A 18 3.96 6.95 1.10
N SER A 19 3.74 8.24 1.34
CA SER A 19 4.50 9.28 0.68
C SER A 19 5.99 9.23 1.05
N ILE A 20 6.27 8.98 2.33
CA ILE A 20 7.65 8.91 2.82
C ILE A 20 8.43 7.77 2.14
N LEU A 21 7.85 6.58 2.17
CA LEU A 21 8.48 5.39 1.58
C LEU A 21 8.47 5.39 0.05
N THR A 22 7.37 5.82 -0.56
CA THR A 22 7.24 5.83 -2.02
C THR A 22 8.24 6.79 -2.67
N THR A 23 8.40 7.97 -2.08
CA THR A 23 9.30 8.99 -2.63
C THR A 23 10.74 8.44 -2.64
N ALA A 24 11.09 7.71 -1.58
CA ALA A 24 12.42 7.12 -1.45
C ALA A 24 12.67 5.98 -2.45
N GLY A 25 11.63 5.58 -3.17
CA GLY A 25 11.79 4.52 -4.16
C GLY A 25 11.17 3.20 -3.76
N TYR A 26 10.39 3.20 -2.68
CA TYR A 26 9.73 1.98 -2.23
C TYR A 26 8.28 1.93 -2.70
N GLN A 27 7.75 0.74 -2.88
CA GLN A 27 6.37 0.57 -3.32
C GLN A 27 5.49 0.20 -2.14
N VAL A 28 4.66 1.13 -1.70
CA VAL A 28 3.80 0.89 -0.55
C VAL A 28 2.34 0.71 -0.94
N ILE A 29 1.75 -0.37 -0.45
CA ILE A 29 0.36 -0.67 -0.68
C ILE A 29 -0.37 -0.72 0.66
N TRP A 30 -1.42 0.08 0.80
CA TRP A 30 -2.17 0.13 2.04
C TRP A 30 -3.33 -0.85 2.01
N LEU A 31 -3.35 -1.75 2.97
CA LEU A 31 -4.41 -2.75 3.05
C LEU A 31 -5.18 -2.59 4.36
N VAL A 32 -6.48 -2.84 4.29
CA VAL A 32 -7.32 -2.75 5.48
C VAL A 32 -7.07 -3.97 6.36
N ASP A 33 -7.28 -3.83 7.67
CA ASP A 33 -7.02 -4.92 8.61
C ASP A 33 -8.10 -6.00 8.56
N GLY A 34 -7.76 -7.17 9.09
CA GLY A 34 -8.70 -8.28 9.13
C GLY A 34 -8.62 -9.19 7.92
N GLU A 35 -7.86 -8.79 6.90
CA GLU A 35 -7.73 -9.59 5.68
C GLU A 35 -6.32 -10.15 5.48
N VAL A 36 -6.09 -11.35 6.00
CA VAL A 36 -4.78 -12.01 5.85
C VAL A 36 -4.55 -12.45 4.42
N GLU A 37 -5.60 -12.96 3.76
CA GLU A 37 -5.50 -13.42 2.37
C GLU A 37 -5.05 -12.26 1.48
N ARG A 38 -5.57 -11.07 1.76
CA ARG A 38 -5.19 -9.89 0.99
C ARG A 38 -3.70 -9.59 1.18
N LEU A 39 -3.24 -9.81 2.42
CA LEU A 39 -1.83 -9.61 2.77
C LEU A 39 -0.96 -10.65 2.06
N LEU A 40 -1.45 -11.88 2.02
CA LEU A 40 -0.77 -12.99 1.38
C LEU A 40 -0.64 -12.75 -0.13
N ALA A 41 -1.72 -12.25 -0.74
CA ALA A 41 -1.73 -11.96 -2.18
C ALA A 41 -0.66 -10.94 -2.55
N LEU A 42 -0.46 -9.95 -1.69
CA LEU A 42 0.52 -8.90 -1.93
C LEU A 42 1.75 -9.01 -1.00
N THR A 43 2.07 -10.24 -0.59
CA THR A 43 3.21 -10.49 0.32
C THR A 43 4.46 -9.70 -0.03
N PRO A 44 4.75 -8.66 0.76
CA PRO A 44 5.93 -7.80 0.57
C PRO A 44 7.16 -8.33 1.30
N ILE A 45 8.21 -7.50 1.36
CA ILE A 45 9.42 -7.89 2.06
C ILE A 45 9.24 -7.68 3.57
N ALA A 46 8.36 -6.75 3.91
CA ALA A 46 8.05 -6.42 5.30
C ALA A 46 6.68 -5.75 5.38
N VAL A 47 6.04 -5.87 6.53
CA VAL A 47 4.72 -5.26 6.71
C VAL A 47 4.72 -4.28 7.88
N LEU A 48 3.90 -3.24 7.76
CA LEU A 48 3.81 -2.23 8.81
C LEU A 48 2.40 -2.18 9.37
N LEU A 49 2.28 -2.33 10.68
CA LEU A 49 0.99 -2.27 11.35
C LEU A 49 0.91 -0.97 12.14
N ALA A 50 -0.05 -0.11 11.83
CA ALA A 50 -0.19 1.15 12.52
C ALA A 50 -1.51 1.28 13.26
N GLU A 51 -1.49 2.09 14.32
CA GLU A 51 -2.67 2.33 15.15
C GLU A 51 -3.67 3.24 14.43
N PRO A 52 -4.97 3.16 14.78
CA PRO A 52 -5.49 2.24 15.80
C PRO A 52 -5.91 0.88 15.23
N PHE A 53 -5.72 -0.18 16.02
CA PHE A 53 -6.13 -1.52 15.61
C PHE A 53 -7.23 -2.04 16.52
N SER A 54 -8.47 -1.60 16.31
CA SER A 54 -9.58 -2.03 17.14
C SER A 54 -10.39 -3.15 16.48
N TYR A 55 -10.27 -3.28 15.15
CA TYR A 55 -11.00 -4.32 14.43
C TYR A 55 -10.10 -5.50 14.08
N GLY A 56 -8.85 -5.45 14.51
CA GLY A 56 -7.93 -6.53 14.22
C GLY A 56 -6.89 -6.70 15.31
N ASP A 57 -6.50 -7.94 15.56
CA ASP A 57 -5.51 -8.24 16.58
C ASP A 57 -4.12 -8.38 15.95
N VAL A 58 -3.18 -7.55 16.40
CA VAL A 58 -1.82 -7.55 15.87
C VAL A 58 -1.13 -8.91 16.08
N GLN A 59 -1.27 -9.48 17.26
CA GLN A 59 -0.66 -10.78 17.57
C GLN A 59 -1.22 -11.88 16.68
N GLU A 60 -2.52 -11.84 16.44
CA GLU A 60 -3.19 -12.83 15.59
C GLU A 60 -2.66 -12.76 14.16
N LEU A 61 -2.47 -11.53 13.66
CA LEU A 61 -1.96 -11.31 12.30
C LEU A 61 -0.55 -11.87 12.15
N VAL A 62 0.28 -11.66 13.17
CA VAL A 62 1.66 -12.14 13.17
C VAL A 62 1.70 -13.67 13.09
N ASP A 63 0.86 -14.31 13.89
CA ASP A 63 0.78 -15.76 13.94
C ASP A 63 0.43 -16.37 12.58
N GLN A 64 -0.56 -15.78 11.91
CA GLN A 64 -0.98 -16.27 10.60
C GLN A 64 0.07 -16.02 9.53
N LEU A 65 0.69 -14.84 9.56
CA LEU A 65 1.70 -14.46 8.57
C LEU A 65 2.95 -15.32 8.65
N ARG A 66 3.40 -15.65 9.87
CA ARG A 66 4.61 -16.47 10.05
C ARG A 66 4.40 -17.90 9.54
N GLN A 67 3.14 -18.30 9.36
CA GLN A 67 2.84 -19.64 8.87
C GLN A 67 2.82 -19.67 7.35
N ARG A 68 2.88 -18.49 6.73
CA ARG A 68 2.87 -18.38 5.27
C ARG A 68 4.26 -18.04 4.76
N CYS A 69 4.96 -17.16 5.48
CA CYS A 69 6.30 -16.74 5.10
C CYS A 69 7.27 -16.93 6.26
N THR A 70 8.53 -17.22 5.94
CA THR A 70 9.54 -17.41 6.98
C THR A 70 9.95 -16.06 7.59
N PRO A 71 10.50 -16.07 8.82
CA PRO A 71 10.92 -14.82 9.50
C PRO A 71 11.88 -13.96 8.67
N GLU A 72 12.80 -14.60 7.96
CA GLU A 72 13.75 -13.85 7.13
C GLU A 72 13.09 -13.38 5.84
N GLN A 73 12.07 -14.10 5.39
CA GLN A 73 11.36 -13.76 4.15
C GLN A 73 10.49 -12.52 4.34
N LEU A 74 9.87 -12.41 5.51
CA LEU A 74 9.01 -11.27 5.83
C LEU A 74 9.09 -10.93 7.31
N LYS A 75 9.27 -9.66 7.61
CA LYS A 75 9.37 -9.20 8.99
C LYS A 75 8.16 -8.35 9.37
N ILE A 76 7.77 -8.41 10.64
CA ILE A 76 6.63 -7.65 11.12
C ILE A 76 7.09 -6.41 11.88
N PHE A 77 6.63 -5.24 11.46
CA PHE A 77 6.97 -3.99 12.11
C PHE A 77 5.70 -3.25 12.50
N ILE A 78 5.69 -2.63 13.66
CA ILE A 78 4.51 -1.92 14.11
C ILE A 78 4.83 -0.48 14.52
N LEU A 79 3.90 0.42 14.26
CA LEU A 79 4.06 1.82 14.62
C LEU A 79 3.32 2.10 15.92
N GLY A 80 4.05 2.53 16.94
CA GLY A 80 3.45 2.79 18.22
C GLY A 80 3.54 1.58 19.14
N SER A 81 3.33 1.80 20.44
CA SER A 81 3.40 0.70 21.39
C SER A 81 2.18 0.68 22.31
N LYS A 82 1.57 -0.49 22.44
CA LYS A 82 0.41 -0.67 23.31
C LYS A 82 0.68 -1.74 24.37
N GLY A 83 1.82 -2.41 24.23
CA GLY A 83 2.18 -3.45 25.17
C GLY A 83 3.28 -4.34 24.63
N ASN A 84 3.50 -5.47 25.27
CA ASN A 84 4.54 -6.42 24.83
C ASN A 84 3.97 -7.36 23.78
N TYR A 85 4.33 -7.13 22.52
CA TYR A 85 3.86 -7.95 21.42
C TYR A 85 4.96 -8.86 20.90
N GLN A 86 4.65 -10.15 20.75
CA GLN A 86 5.61 -11.12 20.27
C GLN A 86 5.53 -11.25 18.76
N GLY A 87 6.66 -11.55 18.12
CA GLY A 87 6.68 -11.71 16.67
C GLY A 87 7.02 -10.42 15.95
N VAL A 88 7.14 -9.32 16.70
CA VAL A 88 7.47 -8.03 16.12
C VAL A 88 8.98 -7.81 16.16
N ASP A 89 9.58 -7.66 14.98
CA ASP A 89 11.03 -7.46 14.86
C ASP A 89 11.45 -6.10 15.43
N ARG A 90 10.68 -5.07 15.12
CA ARG A 90 10.99 -3.72 15.59
C ARG A 90 9.74 -2.85 15.61
N TYR A 91 9.70 -1.90 16.54
CA TYR A 91 8.55 -1.00 16.65
C TYR A 91 8.99 0.45 16.49
N ILE A 92 8.10 1.28 15.96
CA ILE A 92 8.42 2.69 15.75
C ILE A 92 7.72 3.55 16.81
N PRO A 93 8.50 4.13 17.74
CA PRO A 93 7.97 4.99 18.82
C PRO A 93 7.23 6.22 18.28
N LEU A 94 6.15 6.60 18.96
CA LEU A 94 5.35 7.76 18.57
C LEU A 94 5.58 8.92 19.54
N PRO A 95 5.47 10.19 19.06
CA PRO A 95 5.15 10.51 17.66
C PRO A 95 6.32 10.28 16.71
N ILE A 96 6.04 10.11 15.43
CA ILE A 96 7.09 9.89 14.45
C ILE A 96 7.29 11.11 13.55
N HIS A 97 8.48 11.18 12.99
CA HIS A 97 8.84 12.27 12.07
C HIS A 97 9.15 11.65 10.71
N PRO A 98 8.94 12.38 9.61
CA PRO A 98 9.20 11.86 8.25
C PRO A 98 10.59 11.24 8.10
N GLU A 99 11.61 11.99 8.49
CA GLU A 99 12.98 11.51 8.42
C GLU A 99 13.24 10.38 9.41
N SER A 100 12.67 10.51 10.61
CA SER A 100 12.85 9.51 11.65
C SER A 100 12.27 8.15 11.24
N PHE A 101 11.04 8.17 10.72
CA PHE A 101 10.39 6.94 10.26
C PHE A 101 11.21 6.29 9.14
N LEU A 102 11.59 7.07 8.15
CA LEU A 102 12.35 6.58 7.00
C LEU A 102 13.70 5.99 7.42
N GLN A 103 14.44 6.70 8.27
CA GLN A 103 15.75 6.23 8.72
C GLN A 103 15.62 4.95 9.55
N GLN A 104 14.62 4.91 10.42
CA GLN A 104 14.41 3.76 11.28
C GLN A 104 13.98 2.52 10.47
N VAL A 105 13.08 2.73 9.50
CA VAL A 105 12.61 1.63 8.66
C VAL A 105 13.69 1.13 7.70
N THR A 106 14.55 2.03 7.22
CA THR A 106 15.63 1.65 6.29
C THR A 106 16.57 0.64 6.94
N MET A 107 16.96 0.90 8.19
CA MET A 107 17.84 0.00 8.92
C MET A 107 17.17 -1.37 9.09
N GLY A 108 15.88 -1.37 9.37
CA GLY A 108 15.15 -2.62 9.51
C GLY A 108 15.09 -3.37 8.19
N LEU A 109 14.88 -2.65 7.10
CA LEU A 109 14.80 -3.23 5.77
C LEU A 109 16.13 -3.83 5.33
N THR A 110 17.25 -3.16 5.65
CA THR A 110 18.57 -3.65 5.28
C THR A 110 18.94 -4.94 6.01
N SER A 111 18.26 -5.19 7.13
CA SER A 111 18.49 -6.41 7.90
C SER A 111 18.09 -7.64 7.09
N LEU A 112 16.98 -7.50 6.34
CA LEU A 112 16.46 -8.58 5.50
C LEU A 112 17.45 -8.92 4.39
N ALA A 113 17.96 -7.89 3.72
CA ALA A 113 18.92 -8.07 2.63
C ALA A 113 19.75 -6.81 2.43
N THR A 114 20.99 -6.98 1.99
CA THR A 114 21.88 -5.84 1.76
C THR A 114 22.85 -6.14 0.62
N SER A 115 23.35 -5.10 -0.02
CA SER A 115 24.29 -5.25 -1.13
C SER A 115 25.66 -5.70 -0.61
N ALA A 116 26.35 -6.50 -1.41
CA ALA A 116 27.67 -7.01 -1.05
C ALA A 116 28.54 -7.18 -2.28
N GLN A 117 29.85 -7.08 -2.09
CA GLN A 117 30.80 -7.23 -3.19
C GLN A 117 31.72 -8.42 -2.97
N MET B 1 13.98 22.22 2.40
CA MET B 1 14.37 22.59 1.02
C MET B 1 14.34 21.37 0.10
N ALA B 2 14.26 20.19 0.71
CA ALA B 2 14.22 18.94 -0.04
C ALA B 2 12.80 18.60 -0.47
N PRO B 3 12.55 18.47 -1.78
CA PRO B 3 11.22 18.14 -2.32
C PRO B 3 10.87 16.67 -2.16
N LEU B 4 10.75 16.22 -0.93
CA LEU B 4 10.42 14.83 -0.63
C LEU B 4 9.01 14.73 -0.05
N ARG B 5 8.55 13.48 0.12
CA ARG B 5 7.21 13.21 0.68
C ARG B 5 6.10 13.70 -0.26
N LYS B 6 6.38 13.67 -1.56
CA LYS B 6 5.42 14.11 -2.55
C LYS B 6 5.09 12.98 -3.53
N THR B 7 4.09 12.18 -3.19
CA THR B 7 3.70 11.05 -4.05
C THR B 7 2.20 11.06 -4.31
N ALA B 8 1.79 10.39 -5.38
CA ALA B 8 0.39 10.31 -5.73
C ALA B 8 -0.20 9.01 -5.21
N VAL B 9 -1.48 9.02 -4.84
CA VAL B 9 -2.11 7.83 -4.28
C VAL B 9 -3.34 7.39 -5.07
N LEU B 10 -3.36 6.11 -5.44
CA LEU B 10 -4.47 5.52 -6.18
C LEU B 10 -5.24 4.56 -5.28
N LYS B 11 -6.57 4.53 -5.39
CA LYS B 11 -7.36 3.62 -4.58
C LYS B 11 -7.94 2.49 -5.42
N LEU B 12 -7.89 1.28 -4.89
CA LEU B 12 -8.40 0.10 -5.59
C LEU B 12 -9.36 -0.69 -4.71
N TYR B 13 -10.58 -0.88 -5.20
CA TYR B 13 -11.58 -1.65 -4.47
C TYR B 13 -11.70 -3.04 -5.07
N VAL B 14 -11.50 -4.06 -4.25
CA VAL B 14 -11.55 -5.45 -4.69
C VAL B 14 -12.25 -6.34 -3.67
N ALA B 15 -12.47 -7.60 -4.05
CA ALA B 15 -13.11 -8.57 -3.18
C ALA B 15 -12.21 -9.78 -3.01
N GLY B 16 -11.91 -10.14 -1.77
CA GLY B 16 -11.05 -11.27 -1.50
C GLY B 16 -11.76 -12.61 -1.61
N ASN B 17 -12.11 -13.00 -2.84
CA ASN B 17 -12.80 -14.26 -3.06
C ASN B 17 -12.41 -14.94 -4.36
N THR B 18 -12.91 -14.41 -5.48
CA THR B 18 -12.62 -15.00 -6.79
C THR B 18 -11.19 -14.69 -7.22
N PRO B 19 -10.56 -15.59 -8.00
CA PRO B 19 -9.19 -15.41 -8.48
C PRO B 19 -9.06 -14.19 -9.38
N ASN B 20 -10.15 -13.82 -10.03
CA ASN B 20 -10.18 -12.64 -10.90
C ASN B 20 -9.89 -11.40 -10.08
N SER B 21 -10.43 -11.36 -8.86
CA SER B 21 -10.24 -10.24 -7.97
C SER B 21 -8.96 -10.41 -7.16
N VAL B 22 -8.68 -11.66 -6.78
CA VAL B 22 -7.48 -12.00 -6.01
C VAL B 22 -6.19 -11.70 -6.78
N ARG B 23 -6.14 -12.17 -8.02
CA ARG B 23 -4.97 -11.98 -8.89
C ARG B 23 -4.86 -10.55 -9.40
N ALA B 24 -5.97 -9.79 -9.33
CA ALA B 24 -5.98 -8.41 -9.81
C ALA B 24 -4.95 -7.58 -9.05
N LEU B 25 -4.85 -7.78 -7.73
CA LEU B 25 -3.87 -7.06 -6.93
C LEU B 25 -2.46 -7.41 -7.36
N LYS B 26 -2.23 -8.68 -7.64
CA LYS B 26 -0.92 -9.17 -8.06
C LYS B 26 -0.56 -8.57 -9.42
N THR B 27 -1.54 -8.50 -10.31
CA THR B 27 -1.34 -7.95 -11.65
C THR B 27 -1.02 -6.45 -11.59
N LEU B 28 -1.79 -5.70 -10.80
CA LEU B 28 -1.59 -4.27 -10.66
C LEU B 28 -0.30 -3.95 -9.93
N ALA B 29 0.03 -4.75 -8.92
CA ALA B 29 1.26 -4.53 -8.14
C ALA B 29 2.49 -4.65 -9.03
N ASN B 30 2.50 -5.64 -9.92
CA ASN B 30 3.62 -5.85 -10.83
C ASN B 30 3.81 -4.64 -11.75
N ILE B 31 2.70 -4.16 -12.30
CA ILE B 31 2.71 -3.01 -13.20
C ILE B 31 3.13 -1.73 -12.48
N LEU B 32 2.57 -1.51 -11.29
CA LEU B 32 2.88 -0.32 -10.50
C LEU B 32 4.33 -0.33 -10.02
N GLU B 33 4.79 -1.51 -9.59
CA GLU B 33 6.15 -1.69 -9.08
C GLU B 33 7.22 -1.40 -10.14
N LYS B 34 6.98 -1.81 -11.37
CA LYS B 34 7.97 -1.60 -12.43
C LYS B 34 7.78 -0.27 -13.18
N GLU B 35 6.64 -0.10 -13.82
CA GLU B 35 6.37 1.10 -14.63
C GLU B 35 6.27 2.39 -13.82
N PHE B 36 5.64 2.33 -12.64
CA PHE B 36 5.46 3.54 -11.83
C PHE B 36 6.17 3.45 -10.48
N LYS B 37 7.38 2.91 -10.48
CA LYS B 37 8.15 2.76 -9.25
C LYS B 37 8.52 4.13 -8.67
N GLY B 38 8.14 4.36 -7.41
CA GLY B 38 8.43 5.61 -6.74
C GLY B 38 7.57 6.78 -7.21
N VAL B 39 6.46 6.47 -7.87
CA VAL B 39 5.58 7.53 -8.38
C VAL B 39 4.18 7.48 -7.76
N TYR B 40 3.57 6.29 -7.73
CA TYR B 40 2.21 6.15 -7.19
C TYR B 40 2.12 5.10 -6.09
N ALA B 41 1.29 5.38 -5.08
CA ALA B 41 1.04 4.46 -3.99
C ALA B 41 -0.36 3.88 -4.15
N LEU B 42 -0.57 2.63 -3.77
CA LEU B 42 -1.88 2.01 -3.98
C LEU B 42 -2.59 1.63 -2.67
N LYS B 43 -3.82 2.13 -2.51
CA LYS B 43 -4.65 1.80 -1.35
C LYS B 43 -5.66 0.73 -1.76
N VAL B 44 -5.77 -0.33 -0.96
CA VAL B 44 -6.69 -1.41 -1.29
C VAL B 44 -7.73 -1.65 -0.19
N ILE B 45 -8.99 -1.65 -0.58
CA ILE B 45 -10.10 -1.87 0.35
C ILE B 45 -10.93 -3.07 -0.06
N ASP B 46 -11.19 -3.96 0.89
CA ASP B 46 -11.99 -5.17 0.62
C ASP B 46 -13.48 -4.89 0.82
N VAL B 47 -14.21 -4.84 -0.28
CA VAL B 47 -15.65 -4.57 -0.24
C VAL B 47 -16.46 -5.84 0.00
N LEU B 48 -15.80 -7.00 -0.02
CA LEU B 48 -16.49 -8.28 0.19
C LEU B 48 -17.04 -8.39 1.61
N LYS B 49 -16.19 -8.14 2.60
CA LYS B 49 -16.61 -8.21 4.01
C LYS B 49 -17.55 -7.07 4.39
N ASN B 50 -17.29 -5.88 3.87
CA ASN B 50 -18.12 -4.72 4.19
C ASN B 50 -18.54 -4.02 2.89
N PRO B 51 -19.70 -4.43 2.32
CA PRO B 51 -20.21 -3.86 1.06
C PRO B 51 -20.63 -2.38 1.13
N GLN B 52 -20.91 -1.89 2.33
CA GLN B 52 -21.32 -0.49 2.48
C GLN B 52 -20.18 0.47 2.13
N LEU B 53 -18.94 -0.01 2.17
CA LEU B 53 -17.78 0.81 1.83
C LEU B 53 -17.84 1.23 0.37
N ALA B 54 -18.25 0.30 -0.49
CA ALA B 54 -18.36 0.57 -1.92
C ALA B 54 -19.44 1.62 -2.18
N GLU B 55 -20.54 1.51 -1.45
CA GLU B 55 -21.67 2.44 -1.58
C GLU B 55 -21.25 3.86 -1.20
N GLU B 56 -20.38 3.97 -0.19
CA GLU B 56 -19.89 5.25 0.28
C GLU B 56 -19.11 6.00 -0.80
N ASP B 57 -18.33 5.27 -1.59
CA ASP B 57 -17.55 5.89 -2.65
C ASP B 57 -18.21 5.73 -4.02
N LYS B 58 -19.51 5.42 -4.02
CA LYS B 58 -20.29 5.25 -5.25
C LYS B 58 -19.71 4.18 -6.17
N ILE B 59 -19.33 3.04 -5.60
CA ILE B 59 -18.78 1.94 -6.37
C ILE B 59 -19.81 0.83 -6.53
N LEU B 60 -20.16 0.53 -7.79
CA LEU B 60 -21.16 -0.50 -8.07
C LEU B 60 -20.54 -1.80 -8.59
N ALA B 61 -19.24 -1.76 -8.91
CA ALA B 61 -18.56 -2.94 -9.43
C ALA B 61 -17.08 -2.95 -9.06
N THR B 62 -16.51 -4.15 -8.94
CA THR B 62 -15.09 -4.30 -8.61
C THR B 62 -14.45 -5.32 -9.55
N PRO B 63 -13.11 -5.23 -9.77
CA PRO B 63 -12.24 -4.20 -9.16
C PRO B 63 -12.47 -2.80 -9.74
N THR B 64 -12.22 -1.79 -8.91
CA THR B 64 -12.41 -0.41 -9.34
C THR B 64 -11.24 0.47 -8.92
N LEU B 65 -10.76 1.30 -9.84
CA LEU B 65 -9.66 2.22 -9.56
C LEU B 65 -10.18 3.63 -9.34
N ALA B 66 -9.81 4.20 -8.19
CA ALA B 66 -10.23 5.55 -7.84
C ALA B 66 -9.04 6.50 -7.85
N LYS B 67 -9.17 7.59 -8.59
CA LYS B 67 -8.10 8.60 -8.66
C LYS B 67 -8.32 9.67 -7.61
N VAL B 68 -7.34 9.85 -6.74
CA VAL B 68 -7.41 10.85 -5.69
C VAL B 68 -6.48 12.01 -5.99
N LEU B 69 -5.18 11.71 -6.08
CA LEU B 69 -4.18 12.72 -6.38
C LEU B 69 -3.21 12.21 -7.42
N PRO B 70 -2.71 13.08 -8.33
CA PRO B 70 -3.10 14.51 -8.39
C PRO B 70 -4.51 14.70 -8.94
N PRO B 71 -5.18 15.81 -8.59
CA PRO B 71 -6.54 16.11 -9.07
C PRO B 71 -6.54 16.54 -10.54
N PRO B 72 -7.73 16.56 -11.21
CA PRO B 72 -9.02 16.20 -10.62
C PRO B 72 -9.22 14.72 -10.36
N VAL B 73 -10.18 14.39 -9.50
CA VAL B 73 -10.47 13.01 -9.16
C VAL B 73 -11.42 12.37 -10.18
N ARG B 74 -11.31 11.05 -10.33
CA ARG B 74 -12.16 10.31 -11.26
C ARG B 74 -12.24 8.84 -10.87
N ARG B 75 -13.22 8.13 -11.41
CA ARG B 75 -13.40 6.72 -11.11
C ARG B 75 -13.28 5.89 -12.38
N ILE B 76 -12.55 4.78 -12.31
CA ILE B 76 -12.37 3.90 -13.46
C ILE B 76 -13.01 2.54 -13.20
N ILE B 77 -13.95 2.16 -14.07
CA ILE B 77 -14.64 0.88 -13.95
C ILE B 77 -14.34 0.00 -15.15
N GLY B 78 -13.84 -1.21 -14.91
CA GLY B 78 -13.54 -2.11 -16.00
C GLY B 78 -12.91 -3.41 -15.51
N ASP B 79 -12.53 -4.27 -16.45
CA ASP B 79 -11.92 -5.54 -16.11
C ASP B 79 -10.41 -5.39 -15.98
N LEU B 80 -9.92 -5.44 -14.75
CA LEU B 80 -8.49 -5.28 -14.49
C LEU B 80 -7.75 -6.62 -14.53
N SER B 81 -8.47 -7.69 -14.85
CA SER B 81 -7.86 -9.02 -14.95
C SER B 81 -6.84 -9.05 -16.09
N ASN B 82 -7.11 -8.28 -17.15
CA ASN B 82 -6.22 -8.20 -18.29
C ASN B 82 -5.11 -7.19 -18.04
N ARG B 83 -3.87 -7.66 -18.05
CA ARG B 83 -2.71 -6.81 -17.82
C ARG B 83 -2.61 -5.71 -18.88
N GLU B 84 -3.00 -6.01 -20.11
CA GLU B 84 -2.97 -5.03 -21.19
C GLU B 84 -3.82 -3.82 -20.86
N LYS B 85 -5.04 -4.06 -20.42
CA LYS B 85 -5.97 -2.98 -20.09
C LYS B 85 -5.45 -2.15 -18.93
N VAL B 86 -4.88 -2.82 -17.93
CA VAL B 86 -4.35 -2.13 -16.77
C VAL B 86 -3.22 -1.19 -17.19
N LEU B 87 -2.30 -1.69 -18.00
CA LEU B 87 -1.18 -0.88 -18.50
C LEU B 87 -1.68 0.27 -19.37
N ILE B 88 -2.63 -0.03 -20.25
CA ILE B 88 -3.18 0.98 -21.14
C ILE B 88 -3.85 2.13 -20.37
N ALA B 89 -4.70 1.76 -19.41
CA ALA B 89 -5.40 2.76 -18.60
C ALA B 89 -4.48 3.49 -17.61
N LEU B 90 -3.59 2.74 -16.97
CA LEU B 90 -2.67 3.30 -15.97
C LEU B 90 -1.57 4.16 -16.59
N ARG B 91 -1.09 3.77 -17.77
CA ARG B 91 -0.01 4.50 -18.46
C ARG B 91 -0.40 5.96 -18.74
N LEU B 92 -1.72 6.19 -18.89
CA LEU B 92 -2.24 7.53 -19.16
C LEU B 92 -1.89 8.51 -18.04
N LEU B 93 -1.86 7.99 -16.81
CA LEU B 93 -1.54 8.80 -15.63
C LEU B 93 -0.14 9.40 -15.71
N ALA B 94 0.80 8.67 -16.31
CA ALA B 94 2.18 9.15 -16.44
C ALA B 94 2.26 10.44 -17.24
N GLU B 95 1.43 10.54 -18.28
CA GLU B 95 1.40 11.71 -19.16
C GLU B 95 1.08 13.01 -18.43
N GLU B 96 0.15 12.96 -17.47
CA GLU B 96 -0.27 14.16 -16.75
C GLU B 96 0.87 14.80 -15.93
N ILE B 97 1.91 14.03 -15.61
CA ILE B 97 3.03 14.57 -14.84
C ILE B 97 3.83 15.59 -15.65
N GLY B 98 3.74 15.49 -16.97
CA GLY B 98 4.45 16.43 -17.84
C GLY B 98 3.73 17.75 -17.98
N ASP B 99 2.49 17.82 -17.50
CA ASP B 99 1.71 19.05 -17.58
C ASP B 99 2.01 19.96 -16.38
N TYR B 100 3.18 20.56 -16.39
CA TYR B 100 3.59 21.45 -15.32
C TYR B 100 4.23 22.72 -15.88
N LYS B 101 3.74 23.86 -15.43
CA LYS B 101 4.26 25.14 -15.89
C LYS B 101 4.45 26.09 -14.71
N ASP B 102 5.61 26.73 -14.63
CA ASP B 102 5.90 27.67 -13.55
C ASP B 102 5.40 29.06 -13.91
N ASP B 103 4.33 29.48 -13.25
CA ASP B 103 3.74 30.80 -13.49
C ASP B 103 3.01 31.28 -12.25
N ASP B 104 2.84 32.60 -12.15
CA ASP B 104 2.14 33.24 -11.01
C ASP B 104 2.81 32.86 -9.69
N ASP B 105 4.13 32.93 -9.66
CA ASP B 105 4.89 32.61 -8.45
C ASP B 105 5.11 33.85 -7.59
N LYS B 106 4.33 33.98 -6.53
CA LYS B 106 4.44 35.13 -5.64
C LYS B 106 4.82 34.68 -4.23
N GLU A 1 13.27 -0.92 -3.98
CA GLU A 1 13.12 -2.10 -4.87
C GLU A 1 12.28 -3.18 -4.20
N GLY A 2 11.52 -2.79 -3.19
CA GLY A 2 10.68 -3.74 -2.48
C GLY A 2 9.30 -3.19 -2.18
N ARG A 3 8.32 -4.07 -2.07
CA ARG A 3 6.95 -3.67 -1.78
C ARG A 3 6.72 -3.54 -0.28
N ILE A 4 6.02 -2.48 0.11
CA ILE A 4 5.70 -2.20 1.51
C ILE A 4 4.19 -2.14 1.70
N VAL A 5 3.67 -2.91 2.65
CA VAL A 5 2.24 -2.89 2.93
C VAL A 5 1.99 -2.34 4.33
N LEU A 6 1.20 -1.29 4.40
CA LEU A 6 0.88 -0.64 5.66
C LEU A 6 -0.58 -0.86 6.03
N VAL A 7 -0.81 -1.41 7.21
CA VAL A 7 -2.17 -1.66 7.68
C VAL A 7 -2.51 -0.70 8.81
N SER A 8 -3.46 0.20 8.55
CA SER A 8 -3.89 1.19 9.52
C SER A 8 -5.29 1.68 9.16
N GLU A 9 -6.06 2.04 10.17
CA GLU A 9 -7.42 2.52 9.95
C GLU A 9 -7.41 4.02 9.69
N ASP A 10 -6.25 4.65 9.92
CA ASP A 10 -6.11 6.09 9.71
C ASP A 10 -5.53 6.37 8.33
N GLU A 11 -6.36 6.88 7.43
CA GLU A 11 -5.97 7.19 6.06
C GLU A 11 -4.89 8.27 5.99
N ALA A 12 -4.98 9.27 6.87
CA ALA A 12 -4.01 10.37 6.89
C ALA A 12 -2.59 9.87 7.17
N THR A 13 -2.46 8.94 8.11
CA THR A 13 -1.16 8.39 8.47
C THR A 13 -0.57 7.63 7.28
N SER A 14 -1.41 6.82 6.63
CA SER A 14 -1.00 6.03 5.48
C SER A 14 -0.59 6.91 4.31
N THR A 15 -1.33 8.00 4.09
CA THR A 15 -1.04 8.93 3.01
C THR A 15 0.32 9.62 3.22
N LEU A 16 0.59 10.04 4.46
CA LEU A 16 1.86 10.69 4.80
C LEU A 16 3.04 9.76 4.52
N ILE A 17 2.94 8.53 5.02
CA ILE A 17 3.98 7.53 4.85
C ILE A 17 4.11 7.11 3.39
N CYS A 18 2.98 7.08 2.68
CA CYS A 18 2.96 6.71 1.28
C CYS A 18 4.02 7.48 0.49
N SER A 19 4.04 8.80 0.62
CA SER A 19 5.03 9.62 -0.07
C SER A 19 6.44 9.35 0.49
N ILE A 20 6.51 9.06 1.78
CA ILE A 20 7.78 8.78 2.46
C ILE A 20 8.48 7.54 1.88
N LEU A 21 7.74 6.45 1.73
CA LEU A 21 8.30 5.20 1.19
C LEU A 21 8.26 5.11 -0.34
N THR A 22 7.19 5.60 -0.97
CA THR A 22 7.05 5.49 -2.43
C THR A 22 8.13 6.27 -3.17
N THR A 23 8.39 7.50 -2.75
CA THR A 23 9.40 8.34 -3.40
C THR A 23 10.82 7.84 -3.11
N ALA A 24 10.94 6.96 -2.12
CA ALA A 24 12.23 6.40 -1.74
C ALA A 24 12.60 5.22 -2.64
N GLY A 25 11.73 4.90 -3.59
CA GLY A 25 12.00 3.80 -4.50
C GLY A 25 11.25 2.53 -4.11
N TYR A 26 10.51 2.60 -3.02
CA TYR A 26 9.74 1.47 -2.54
C TYR A 26 8.27 1.60 -2.94
N GLN A 27 7.59 0.47 -3.07
CA GLN A 27 6.18 0.48 -3.43
C GLN A 27 5.33 0.47 -2.16
N VAL A 28 4.21 1.20 -2.18
CA VAL A 28 3.37 1.26 -0.99
C VAL A 28 1.93 0.86 -1.28
N ILE A 29 1.45 -0.12 -0.54
CA ILE A 29 0.08 -0.58 -0.66
C ILE A 29 -0.59 -0.55 0.70
N TRP A 30 -1.72 0.13 0.80
CA TRP A 30 -2.45 0.22 2.05
C TRP A 30 -3.59 -0.79 2.09
N LEU A 31 -3.49 -1.74 3.01
CA LEU A 31 -4.52 -2.76 3.15
C LEU A 31 -5.34 -2.52 4.41
N VAL A 32 -6.66 -2.68 4.28
CA VAL A 32 -7.53 -2.49 5.43
C VAL A 32 -7.44 -3.69 6.37
N ASP A 33 -7.69 -3.45 7.64
CA ASP A 33 -7.59 -4.48 8.69
C ASP A 33 -8.60 -5.62 8.51
N GLY A 34 -8.14 -6.86 8.77
CA GLY A 34 -9.01 -8.02 8.69
C GLY A 34 -8.82 -8.90 7.46
N GLU A 35 -7.98 -8.49 6.51
CA GLU A 35 -7.78 -9.30 5.31
C GLU A 35 -6.35 -9.85 5.20
N VAL A 36 -6.12 -11.04 5.79
CA VAL A 36 -4.81 -11.69 5.76
C VAL A 36 -4.45 -12.22 4.37
N GLU A 37 -5.41 -12.84 3.69
CA GLU A 37 -5.15 -13.39 2.35
C GLU A 37 -4.73 -12.28 1.38
N ARG A 38 -5.35 -11.11 1.51
CA ARG A 38 -4.99 -9.97 0.68
C ARG A 38 -3.54 -9.56 0.95
N LEU A 39 -3.13 -9.68 2.22
CA LEU A 39 -1.75 -9.35 2.60
C LEU A 39 -0.80 -10.32 1.91
N LEU A 40 -1.21 -11.59 1.87
CA LEU A 40 -0.43 -12.65 1.24
C LEU A 40 -0.41 -12.45 -0.28
N ALA A 41 -1.54 -12.01 -0.82
CA ALA A 41 -1.67 -11.75 -2.26
C ALA A 41 -0.65 -10.72 -2.72
N LEU A 42 -0.43 -9.73 -1.87
CA LEU A 42 0.51 -8.65 -2.17
C LEU A 42 1.77 -8.75 -1.31
N THR A 43 2.12 -10.00 -0.94
CA THR A 43 3.29 -10.30 -0.09
C THR A 43 4.44 -9.31 -0.23
N PRO A 44 4.56 -8.40 0.76
CA PRO A 44 5.61 -7.38 0.79
C PRO A 44 6.90 -7.88 1.43
N ILE A 45 7.94 -7.07 1.39
CA ILE A 45 9.21 -7.43 2.02
C ILE A 45 9.12 -7.18 3.52
N ALA A 46 8.18 -6.31 3.90
CA ALA A 46 7.94 -5.97 5.29
C ALA A 46 6.49 -5.53 5.48
N VAL A 47 5.94 -5.83 6.64
CA VAL A 47 4.56 -5.46 6.95
C VAL A 47 4.52 -4.45 8.10
N LEU A 48 3.85 -3.33 7.88
CA LEU A 48 3.75 -2.28 8.89
C LEU A 48 2.35 -2.28 9.52
N LEU A 49 2.28 -2.53 10.81
CA LEU A 49 1.00 -2.53 11.52
C LEU A 49 0.94 -1.37 12.50
N ALA A 50 -0.12 -0.59 12.45
CA ALA A 50 -0.25 0.57 13.34
C ALA A 50 -1.35 0.38 14.38
N GLU A 51 -1.01 0.66 15.63
CA GLU A 51 -1.96 0.55 16.74
C GLU A 51 -2.67 1.90 16.95
N PRO A 52 -3.89 1.91 17.53
CA PRO A 52 -4.62 0.70 17.96
C PRO A 52 -5.36 0.00 16.82
N PHE A 53 -5.87 -1.20 17.10
CA PHE A 53 -6.60 -1.96 16.11
C PHE A 53 -8.11 -1.85 16.33
N SER A 54 -8.85 -1.58 15.25
CA SER A 54 -10.30 -1.43 15.33
C SER A 54 -11.02 -2.76 15.57
N TYR A 55 -10.56 -3.84 14.95
CA TYR A 55 -11.20 -5.14 15.11
C TYR A 55 -10.18 -6.28 15.20
N GLY A 56 -9.44 -6.50 14.12
CA GLY A 56 -8.46 -7.57 14.10
C GLY A 56 -7.29 -7.29 15.02
N ASP A 57 -6.87 -8.31 15.75
CA ASP A 57 -5.76 -8.18 16.70
C ASP A 57 -4.42 -8.09 15.97
N VAL A 58 -3.60 -7.11 16.37
CA VAL A 58 -2.28 -6.91 15.76
C VAL A 58 -1.40 -8.16 15.94
N GLN A 59 -1.40 -8.72 17.14
CA GLN A 59 -0.61 -9.91 17.43
C GLN A 59 -1.09 -11.08 16.58
N GLU A 60 -2.41 -11.15 16.39
CA GLU A 60 -3.02 -12.20 15.58
C GLU A 60 -2.51 -12.15 14.15
N LEU A 61 -2.43 -10.93 13.60
CA LEU A 61 -1.93 -10.73 12.25
C LEU A 61 -0.45 -11.14 12.16
N VAL A 62 0.31 -10.78 13.20
CA VAL A 62 1.73 -11.13 13.26
C VAL A 62 1.92 -12.64 13.26
N ASP A 63 1.13 -13.32 14.09
CA ASP A 63 1.18 -14.77 14.21
C ASP A 63 0.84 -15.45 12.88
N GLN A 64 -0.20 -14.93 12.21
CA GLN A 64 -0.64 -15.48 10.93
C GLN A 64 0.42 -15.26 9.84
N LEU A 65 0.98 -14.06 9.78
CA LEU A 65 2.00 -13.73 8.79
C LEU A 65 3.26 -14.57 8.96
N ARG A 66 3.67 -14.79 10.22
CA ARG A 66 4.86 -15.58 10.52
C ARG A 66 4.72 -17.02 10.03
N GLN A 67 3.52 -17.57 10.17
CA GLN A 67 3.24 -18.94 9.74
C GLN A 67 3.35 -19.10 8.22
N ARG A 68 2.94 -18.07 7.49
CA ARG A 68 2.96 -18.11 6.04
C ARG A 68 4.30 -17.67 5.46
N CYS A 69 4.90 -16.64 6.03
CA CYS A 69 6.18 -16.14 5.55
C CYS A 69 7.22 -16.10 6.67
N THR A 70 8.43 -16.56 6.37
CA THR A 70 9.51 -16.57 7.36
C THR A 70 10.02 -15.15 7.61
N PRO A 71 10.54 -14.88 8.83
CA PRO A 71 11.05 -13.54 9.20
C PRO A 71 12.25 -13.10 8.36
N GLU A 72 13.00 -14.05 7.81
CA GLU A 72 14.15 -13.73 6.98
C GLU A 72 13.72 -13.18 5.62
N GLN A 73 12.52 -13.56 5.18
CA GLN A 73 12.00 -13.10 3.89
C GLN A 73 11.06 -11.91 4.07
N LEU A 74 10.30 -11.93 5.15
CA LEU A 74 9.37 -10.85 5.44
C LEU A 74 9.47 -10.44 6.90
N LYS A 75 9.60 -9.13 7.14
CA LYS A 75 9.73 -8.61 8.49
C LYS A 75 8.45 -7.91 8.92
N ILE A 76 8.16 -7.97 10.21
CA ILE A 76 6.96 -7.37 10.76
C ILE A 76 7.33 -6.19 11.67
N PHE A 77 6.76 -5.02 11.38
CA PHE A 77 7.01 -3.83 12.18
C PHE A 77 5.71 -3.30 12.76
N ILE A 78 5.77 -2.85 14.01
CA ILE A 78 4.57 -2.32 14.67
C ILE A 78 4.76 -0.85 15.06
N LEU A 79 3.82 -0.02 14.66
CA LEU A 79 3.86 1.39 14.99
C LEU A 79 3.11 1.62 16.30
N GLY A 80 3.85 2.10 17.31
CA GLY A 80 3.23 2.34 18.59
C GLY A 80 4.02 1.74 19.74
N SER A 81 3.72 0.48 20.08
CA SER A 81 4.41 -0.19 21.19
C SER A 81 4.75 -1.64 20.83
N LYS A 82 5.67 -2.22 21.60
CA LYS A 82 6.11 -3.60 21.38
C LYS A 82 6.27 -4.34 22.70
N GLY A 83 5.75 -5.56 22.77
CA GLY A 83 5.87 -6.35 23.97
C GLY A 83 4.87 -7.48 24.03
N ASN A 84 5.02 -8.35 25.04
CA ASN A 84 4.13 -9.50 25.28
C ASN A 84 4.28 -10.60 24.23
N TYR A 85 4.33 -10.25 22.95
CA TYR A 85 4.45 -11.25 21.89
C TYR A 85 5.68 -11.01 21.02
N GLN A 86 6.47 -12.08 20.84
CA GLN A 86 7.69 -12.03 20.04
C GLN A 86 7.37 -12.31 18.56
N GLY A 87 8.28 -11.89 17.68
CA GLY A 87 8.07 -12.09 16.25
C GLY A 87 8.04 -10.80 15.48
N VAL A 88 8.32 -9.70 16.18
CA VAL A 88 8.34 -8.37 15.57
C VAL A 88 9.78 -7.89 15.44
N ASP A 89 10.18 -7.53 14.23
CA ASP A 89 11.56 -7.08 13.97
C ASP A 89 11.88 -5.77 14.69
N ARG A 90 10.98 -4.80 14.63
CA ARG A 90 11.20 -3.51 15.28
C ARG A 90 9.89 -2.73 15.41
N TYR A 91 9.85 -1.81 16.36
CA TYR A 91 8.66 -0.99 16.58
C TYR A 91 8.98 0.48 16.34
N ILE A 92 7.98 1.24 15.90
CA ILE A 92 8.17 2.66 15.63
C ILE A 92 7.54 3.49 16.76
N PRO A 93 8.38 4.16 17.58
CA PRO A 93 7.92 5.00 18.69
C PRO A 93 7.04 6.17 18.23
N LEU A 94 6.08 6.55 19.07
CA LEU A 94 5.18 7.65 18.76
C LEU A 94 5.40 8.80 19.74
N PRO A 95 5.12 10.07 19.34
CA PRO A 95 4.62 10.43 18.00
C PRO A 95 5.58 10.02 16.88
N ILE A 96 5.01 9.68 15.73
CA ILE A 96 5.78 9.27 14.58
C ILE A 96 6.40 10.46 13.85
N HIS A 97 7.69 10.35 13.56
CA HIS A 97 8.40 11.38 12.83
C HIS A 97 8.86 10.83 11.49
N PRO A 98 8.82 11.64 10.42
CA PRO A 98 9.19 11.21 9.06
C PRO A 98 10.59 10.61 8.98
N GLU A 99 11.59 11.35 9.42
CA GLU A 99 12.97 10.88 9.40
C GLU A 99 13.16 9.67 10.28
N SER A 100 12.50 9.69 11.44
CA SER A 100 12.61 8.59 12.40
C SER A 100 12.05 7.29 11.82
N PHE A 101 10.86 7.38 11.24
CA PHE A 101 10.20 6.23 10.63
C PHE A 101 11.04 5.63 9.50
N LEU A 102 11.48 6.49 8.58
CA LEU A 102 12.28 6.05 7.43
C LEU A 102 13.62 5.44 7.86
N GLN A 103 14.28 6.06 8.82
CA GLN A 103 15.58 5.59 9.30
C GLN A 103 15.46 4.19 9.92
N GLN A 104 14.43 3.99 10.74
CA GLN A 104 14.23 2.69 11.38
C GLN A 104 13.87 1.61 10.37
N VAL A 105 13.04 1.96 9.39
CA VAL A 105 12.63 1.00 8.36
C VAL A 105 13.83 0.59 7.51
N THR A 106 14.65 1.56 7.10
CA THR A 106 15.82 1.29 6.29
C THR A 106 16.80 0.36 7.01
N MET A 107 17.08 0.67 8.28
CA MET A 107 17.98 -0.15 9.08
C MET A 107 17.41 -1.55 9.30
N GLY A 108 16.09 -1.61 9.52
CA GLY A 108 15.43 -2.90 9.70
C GLY A 108 15.53 -3.78 8.48
N LEU A 109 15.39 -3.17 7.30
CA LEU A 109 15.45 -3.91 6.03
C LEU A 109 16.89 -4.25 5.65
N THR A 110 17.85 -3.67 6.36
CA THR A 110 19.27 -3.94 6.10
C THR A 110 19.58 -5.42 6.31
N SER A 111 19.03 -5.98 7.39
CA SER A 111 19.23 -7.39 7.72
C SER A 111 18.66 -8.29 6.62
N LEU A 112 17.53 -7.88 6.06
CA LEU A 112 16.87 -8.61 4.98
C LEU A 112 17.74 -8.68 3.73
N ALA A 113 18.69 -7.73 3.63
CA ALA A 113 19.61 -7.63 2.49
C ALA A 113 18.92 -7.08 1.26
N THR A 114 18.42 -5.85 1.38
CA THR A 114 17.75 -5.18 0.27
C THR A 114 18.10 -3.70 0.27
N SER A 115 18.02 -3.07 -0.89
CA SER A 115 18.34 -1.65 -1.01
C SER A 115 17.46 -0.98 -2.06
N ALA A 116 17.13 0.29 -1.81
CA ALA A 116 16.30 1.07 -2.73
C ALA A 116 16.96 1.23 -4.09
N GLN A 117 18.27 1.47 -4.08
CA GLN A 117 19.03 1.66 -5.31
C GLN A 117 20.26 0.74 -5.32
N MET B 1 14.85 16.25 6.01
CA MET B 1 15.07 17.58 5.40
C MET B 1 14.94 17.50 3.88
N ALA B 2 14.78 16.27 3.38
CA ALA B 2 14.64 16.05 1.94
C ALA B 2 13.16 16.04 1.54
N PRO B 3 12.77 17.00 0.68
CA PRO B 3 11.37 17.10 0.21
C PRO B 3 11.03 16.09 -0.88
N LEU B 4 11.13 14.81 -0.55
CA LEU B 4 10.83 13.74 -1.50
C LEU B 4 9.35 13.38 -1.44
N ARG B 5 8.55 14.14 -2.17
CA ARG B 5 7.11 13.92 -2.22
C ARG B 5 6.65 13.80 -3.67
N LYS B 6 5.35 14.03 -3.92
CA LYS B 6 4.76 14.00 -5.25
C LYS B 6 4.61 12.57 -5.78
N THR B 7 3.65 11.85 -5.25
CA THR B 7 3.38 10.47 -5.68
C THR B 7 1.93 10.31 -6.12
N ALA B 8 1.67 9.32 -6.95
CA ALA B 8 0.32 9.06 -7.43
C ALA B 8 -0.33 7.95 -6.59
N VAL B 9 -1.60 8.13 -6.26
CA VAL B 9 -2.30 7.14 -5.44
C VAL B 9 -3.46 6.50 -6.20
N LEU B 10 -3.40 5.18 -6.32
CA LEU B 10 -4.43 4.40 -6.99
C LEU B 10 -5.29 3.69 -5.95
N LYS B 11 -6.60 3.91 -5.99
CA LYS B 11 -7.49 3.28 -5.04
C LYS B 11 -8.20 2.09 -5.66
N LEU B 12 -8.32 1.02 -4.90
CA LEU B 12 -8.98 -0.20 -5.37
C LEU B 12 -10.11 -0.60 -4.43
N TYR B 13 -11.34 -0.52 -4.91
CA TYR B 13 -12.50 -0.88 -4.10
C TYR B 13 -12.96 -2.30 -4.43
N VAL B 14 -13.21 -3.08 -3.38
CA VAL B 14 -13.66 -4.47 -3.54
C VAL B 14 -14.84 -4.78 -2.64
N ALA B 15 -15.52 -5.90 -2.93
CA ALA B 15 -16.67 -6.30 -2.15
C ALA B 15 -16.53 -7.75 -1.66
N GLY B 16 -15.94 -7.91 -0.48
CA GLY B 16 -15.77 -9.23 0.09
C GLY B 16 -14.46 -9.87 -0.31
N ASN B 17 -14.08 -10.92 0.42
CA ASN B 17 -12.83 -11.63 0.13
C ASN B 17 -13.07 -12.71 -0.91
N THR B 18 -13.18 -12.30 -2.17
CA THR B 18 -13.40 -13.24 -3.25
C THR B 18 -12.12 -13.39 -4.08
N PRO B 19 -11.90 -14.58 -4.69
CA PRO B 19 -10.71 -14.85 -5.51
C PRO B 19 -10.52 -13.82 -6.63
N ASN B 20 -11.62 -13.41 -7.24
CA ASN B 20 -11.58 -12.43 -8.33
C ASN B 20 -10.99 -11.10 -7.84
N SER B 21 -11.42 -10.70 -6.63
CA SER B 21 -10.93 -9.46 -6.03
C SER B 21 -9.48 -9.61 -5.59
N VAL B 22 -9.14 -10.78 -5.04
CA VAL B 22 -7.79 -11.07 -4.57
C VAL B 22 -6.78 -11.09 -5.71
N ARG B 23 -7.15 -11.75 -6.82
CA ARG B 23 -6.27 -11.86 -7.98
C ARG B 23 -6.04 -10.50 -8.66
N ALA B 24 -7.04 -9.61 -8.57
CA ALA B 24 -6.94 -8.29 -9.18
C ALA B 24 -5.76 -7.51 -8.61
N LEU B 25 -5.55 -7.64 -7.31
CA LEU B 25 -4.44 -6.96 -6.65
C LEU B 25 -3.10 -7.47 -7.18
N LYS B 26 -3.03 -8.78 -7.41
CA LYS B 26 -1.82 -9.43 -7.91
C LYS B 26 -1.45 -8.94 -9.32
N THR B 27 -2.45 -8.77 -10.19
CA THR B 27 -2.19 -8.31 -11.56
C THR B 27 -1.75 -6.85 -11.57
N LEU B 28 -2.35 -6.04 -10.70
CA LEU B 28 -2.00 -4.62 -10.61
C LEU B 28 -0.58 -4.44 -10.08
N ALA B 29 -0.23 -5.22 -9.06
CA ALA B 29 1.10 -5.14 -8.44
C ALA B 29 2.21 -5.50 -9.43
N ASN B 30 1.99 -6.56 -10.22
CA ASN B 30 3.00 -7.00 -11.19
C ASN B 30 3.28 -5.96 -12.26
N ILE B 31 2.23 -5.31 -12.75
CA ILE B 31 2.39 -4.28 -13.78
C ILE B 31 3.10 -3.05 -13.22
N LEU B 32 2.72 -2.67 -12.00
CA LEU B 32 3.28 -1.49 -11.36
C LEU B 32 4.73 -1.72 -10.94
N GLU B 33 5.04 -2.89 -10.38
CA GLU B 33 6.39 -3.19 -9.93
C GLU B 33 7.37 -3.36 -11.09
N LYS B 34 6.84 -3.64 -12.28
CA LYS B 34 7.69 -3.85 -13.45
C LYS B 34 7.85 -2.60 -14.32
N GLU B 35 6.76 -1.87 -14.56
CA GLU B 35 6.85 -0.70 -15.44
C GLU B 35 7.04 0.63 -14.72
N PHE B 36 6.24 0.93 -13.69
CA PHE B 36 6.35 2.22 -13.01
C PHE B 36 6.41 2.12 -11.49
N LYS B 37 7.47 1.54 -10.96
CA LYS B 37 7.63 1.41 -9.51
C LYS B 37 8.19 2.70 -8.91
N GLY B 38 7.78 3.02 -7.68
CA GLY B 38 8.27 4.22 -7.01
C GLY B 38 7.50 5.48 -7.33
N VAL B 39 6.47 5.39 -8.16
CA VAL B 39 5.67 6.57 -8.51
C VAL B 39 4.19 6.38 -8.22
N TYR B 40 3.74 5.12 -8.16
CA TYR B 40 2.34 4.83 -7.88
C TYR B 40 2.16 3.99 -6.62
N ALA B 41 1.20 4.39 -5.80
CA ALA B 41 0.89 3.67 -4.58
C ALA B 41 -0.55 3.14 -4.67
N LEU B 42 -0.85 2.05 -3.98
CA LEU B 42 -2.18 1.47 -4.06
C LEU B 42 -2.88 1.39 -2.70
N LYS B 43 -4.19 1.57 -2.72
CA LYS B 43 -5.02 1.51 -1.52
C LYS B 43 -6.16 0.51 -1.72
N VAL B 44 -6.45 -0.33 -0.73
CA VAL B 44 -7.51 -1.32 -0.85
C VAL B 44 -8.62 -1.06 0.16
N ILE B 45 -9.85 -0.90 -0.34
CA ILE B 45 -11.01 -0.64 0.51
C ILE B 45 -12.12 -1.66 0.28
N ASP B 46 -12.66 -2.20 1.38
CA ASP B 46 -13.74 -3.17 1.32
C ASP B 46 -15.08 -2.45 1.55
N VAL B 47 -15.90 -2.37 0.52
CA VAL B 47 -17.18 -1.67 0.61
C VAL B 47 -18.16 -2.32 1.59
N LEU B 48 -18.06 -3.62 1.79
CA LEU B 48 -18.96 -4.32 2.72
C LEU B 48 -18.75 -3.90 4.17
N LYS B 49 -17.48 -3.73 4.56
CA LYS B 49 -17.16 -3.32 5.93
C LYS B 49 -17.54 -1.87 6.20
N ASN B 50 -17.33 -1.01 5.23
CA ASN B 50 -17.66 0.41 5.38
C ASN B 50 -18.26 0.95 4.08
N PRO B 51 -19.59 0.85 3.94
CA PRO B 51 -20.31 1.29 2.73
C PRO B 51 -20.24 2.80 2.47
N GLN B 52 -20.02 3.60 3.50
CA GLN B 52 -19.96 5.05 3.33
C GLN B 52 -18.71 5.46 2.54
N LEU B 53 -17.66 4.64 2.59
CA LEU B 53 -16.43 4.94 1.87
C LEU B 53 -16.68 4.91 0.37
N ALA B 54 -17.47 3.95 -0.09
CA ALA B 54 -17.81 3.82 -1.50
C ALA B 54 -18.67 5.00 -1.94
N GLU B 55 -19.60 5.40 -1.06
CA GLU B 55 -20.50 6.52 -1.33
C GLU B 55 -19.73 7.83 -1.50
N GLU B 56 -18.67 7.98 -0.69
CA GLU B 56 -17.84 9.18 -0.72
C GLU B 56 -17.13 9.35 -2.06
N ASP B 57 -16.67 8.23 -2.63
CA ASP B 57 -15.97 8.28 -3.91
C ASP B 57 -16.88 7.89 -5.08
N LYS B 58 -18.18 7.80 -4.80
CA LYS B 58 -19.20 7.45 -5.80
C LYS B 58 -18.90 6.11 -6.49
N ILE B 59 -18.58 5.09 -5.70
CA ILE B 59 -18.27 3.77 -6.23
C ILE B 59 -19.54 2.93 -6.34
N LEU B 60 -19.88 2.53 -7.56
CA LEU B 60 -21.08 1.73 -7.79
C LEU B 60 -20.74 0.33 -8.31
N ALA B 61 -19.45 0.06 -8.51
CA ALA B 61 -19.02 -1.25 -9.02
C ALA B 61 -17.66 -1.63 -8.44
N THR B 62 -17.46 -2.94 -8.27
CA THR B 62 -16.19 -3.46 -7.74
C THR B 62 -15.85 -4.81 -8.39
N PRO B 63 -14.55 -5.13 -8.54
CA PRO B 63 -13.43 -4.27 -8.15
C PRO B 63 -13.15 -3.18 -9.19
N THR B 64 -12.93 -1.95 -8.74
CA THR B 64 -12.65 -0.85 -9.66
C THR B 64 -11.44 -0.04 -9.20
N LEU B 65 -10.79 0.61 -10.16
CA LEU B 65 -9.63 1.46 -9.87
C LEU B 65 -10.03 2.92 -9.85
N ALA B 66 -9.72 3.60 -8.77
CA ALA B 66 -10.04 5.01 -8.62
C ALA B 66 -8.78 5.85 -8.51
N LYS B 67 -8.69 6.91 -9.29
CA LYS B 67 -7.54 7.79 -9.24
C LYS B 67 -7.87 9.03 -8.44
N VAL B 68 -7.16 9.24 -7.34
CA VAL B 68 -7.41 10.41 -6.51
C VAL B 68 -6.31 11.45 -6.72
N LEU B 69 -5.07 10.97 -6.86
CA LEU B 69 -3.93 11.84 -7.08
C LEU B 69 -3.01 11.24 -8.14
N PRO B 70 -2.59 12.03 -9.15
CA PRO B 70 -2.99 13.44 -9.32
C PRO B 70 -4.44 13.58 -9.79
N PRO B 71 -5.11 14.68 -9.41
CA PRO B 71 -6.50 14.96 -9.81
C PRO B 71 -6.59 15.39 -11.28
N PRO B 72 -7.81 15.41 -11.87
CA PRO B 72 -9.08 15.10 -11.19
C PRO B 72 -9.29 13.60 -10.93
N VAL B 73 -10.26 13.30 -10.07
CA VAL B 73 -10.58 11.92 -9.72
C VAL B 73 -11.25 11.20 -10.89
N ARG B 74 -10.68 10.06 -11.26
CA ARG B 74 -11.22 9.27 -12.37
C ARG B 74 -11.40 7.81 -11.95
N ARG B 75 -12.32 7.11 -12.60
CA ARG B 75 -12.59 5.71 -12.28
C ARG B 75 -12.42 4.82 -13.50
N ILE B 76 -11.88 3.63 -13.29
CA ILE B 76 -11.69 2.68 -14.37
C ILE B 76 -12.50 1.41 -14.09
N ILE B 77 -13.35 1.04 -15.03
CA ILE B 77 -14.19 -0.14 -14.89
C ILE B 77 -13.84 -1.18 -15.95
N GLY B 78 -13.50 -2.39 -15.51
CA GLY B 78 -13.14 -3.44 -16.45
C GLY B 78 -12.69 -4.69 -15.73
N ASP B 79 -12.17 -5.66 -16.47
CA ASP B 79 -11.69 -6.90 -15.89
C ASP B 79 -10.24 -6.75 -15.44
N LEU B 80 -10.05 -6.50 -14.14
CA LEU B 80 -8.72 -6.31 -13.57
C LEU B 80 -7.95 -7.62 -13.52
N SER B 81 -8.67 -8.73 -13.45
CA SER B 81 -8.06 -10.06 -13.40
C SER B 81 -7.29 -10.36 -14.68
N ASN B 82 -7.74 -9.80 -15.80
CA ASN B 82 -7.08 -9.99 -17.08
C ASN B 82 -5.88 -9.03 -17.18
N ARG B 83 -4.68 -9.59 -17.07
CA ARG B 83 -3.45 -8.80 -17.13
C ARG B 83 -3.31 -8.04 -18.45
N GLU B 84 -3.72 -8.66 -19.55
CA GLU B 84 -3.64 -8.03 -20.85
C GLU B 84 -4.41 -6.71 -20.90
N LYS B 85 -5.65 -6.73 -20.41
CA LYS B 85 -6.49 -5.52 -20.40
C LYS B 85 -6.03 -4.49 -19.38
N VAL B 86 -5.73 -4.93 -18.17
CA VAL B 86 -5.30 -4.01 -17.12
C VAL B 86 -3.96 -3.35 -17.45
N LEU B 87 -3.11 -4.06 -18.20
CA LEU B 87 -1.82 -3.51 -18.61
C LEU B 87 -2.05 -2.27 -19.47
N ILE B 88 -2.98 -2.41 -20.43
CA ILE B 88 -3.34 -1.32 -21.33
C ILE B 88 -3.93 -0.13 -20.58
N ALA B 89 -4.87 -0.42 -19.67
CA ALA B 89 -5.53 0.62 -18.88
C ALA B 89 -4.57 1.37 -17.97
N LEU B 90 -3.68 0.63 -17.31
CA LEU B 90 -2.71 1.24 -16.40
C LEU B 90 -1.64 2.01 -17.17
N ARG B 91 -1.31 1.51 -18.36
CA ARG B 91 -0.29 2.14 -19.21
C ARG B 91 -0.70 3.57 -19.58
N LEU B 92 -2.00 3.75 -19.84
CA LEU B 92 -2.53 5.07 -20.19
C LEU B 92 -2.33 6.06 -19.04
N LEU B 93 -2.53 5.60 -17.81
CA LEU B 93 -2.35 6.45 -16.64
C LEU B 93 -0.90 6.89 -16.49
N ALA B 94 0.02 5.96 -16.76
CA ALA B 94 1.46 6.23 -16.68
C ALA B 94 1.87 7.29 -17.71
N GLU B 95 1.30 7.18 -18.90
CA GLU B 95 1.58 8.11 -19.99
C GLU B 95 1.13 9.52 -19.63
N GLU B 96 -0.04 9.61 -18.98
CA GLU B 96 -0.60 10.90 -18.57
C GLU B 96 0.28 11.61 -17.54
N ILE B 97 0.83 10.86 -16.57
CA ILE B 97 1.68 11.46 -15.54
C ILE B 97 3.01 11.94 -16.11
N GLY B 98 3.47 11.28 -17.17
CA GLY B 98 4.73 11.65 -17.79
C GLY B 98 4.58 12.78 -18.79
N ASP B 99 3.33 13.19 -19.04
CA ASP B 99 3.02 14.27 -19.98
C ASP B 99 3.60 13.99 -21.36
N TYR B 100 3.43 12.76 -21.84
CA TYR B 100 3.94 12.37 -23.14
C TYR B 100 3.12 13.00 -24.26
N LYS B 101 3.81 13.61 -25.22
CA LYS B 101 3.15 14.26 -26.35
C LYS B 101 3.67 13.70 -27.67
N ASP B 102 2.79 13.62 -28.66
CA ASP B 102 3.17 13.10 -29.97
C ASP B 102 2.23 13.63 -31.04
N ASP B 103 2.76 13.80 -32.26
CA ASP B 103 1.96 14.30 -33.38
C ASP B 103 1.53 13.17 -34.29
N ASP B 104 0.26 12.81 -34.24
CA ASP B 104 -0.28 11.73 -35.07
C ASP B 104 -1.78 11.91 -35.28
N ASP B 105 -2.29 11.34 -36.37
CA ASP B 105 -3.71 11.44 -36.70
C ASP B 105 -4.12 10.30 -37.63
N LYS B 106 -5.41 10.01 -37.69
CA LYS B 106 -5.91 8.94 -38.54
C LYS B 106 -6.44 9.51 -39.87
N GLU A 1 11.83 -2.19 -5.86
CA GLU A 1 12.95 -1.99 -4.91
C GLU A 1 12.56 -2.45 -3.51
N GLY A 2 11.33 -2.93 -3.37
CA GLY A 2 10.86 -3.41 -2.09
C GLY A 2 9.39 -3.11 -1.85
N ARG A 3 8.60 -4.15 -1.66
CA ARG A 3 7.16 -4.00 -1.40
C ARG A 3 6.91 -3.69 0.08
N ILE A 4 6.14 -2.63 0.33
CA ILE A 4 5.82 -2.22 1.69
C ILE A 4 4.29 -2.15 1.87
N VAL A 5 3.78 -2.86 2.87
CA VAL A 5 2.34 -2.85 3.14
C VAL A 5 2.07 -2.25 4.52
N LEU A 6 1.25 -1.20 4.53
CA LEU A 6 0.89 -0.53 5.77
C LEU A 6 -0.54 -0.83 6.15
N VAL A 7 -0.73 -1.39 7.35
CA VAL A 7 -2.06 -1.71 7.83
C VAL A 7 -2.43 -0.82 9.01
N SER A 8 -3.32 0.13 8.75
CA SER A 8 -3.78 1.06 9.79
C SER A 8 -5.07 1.73 9.34
N GLU A 9 -5.96 2.00 10.28
CA GLU A 9 -7.23 2.66 9.94
C GLU A 9 -7.10 4.18 10.04
N ASP A 10 -5.91 4.66 10.40
CA ASP A 10 -5.67 6.10 10.50
C ASP A 10 -5.21 6.65 9.15
N GLU A 11 -6.14 7.32 8.47
CA GLU A 11 -5.89 7.91 7.15
C GLU A 11 -4.75 8.93 7.15
N ALA A 12 -4.64 9.71 8.22
CA ALA A 12 -3.61 10.75 8.33
C ALA A 12 -2.20 10.18 8.22
N THR A 13 -1.96 9.03 8.86
CA THR A 13 -0.64 8.40 8.80
C THR A 13 -0.44 7.67 7.48
N SER A 14 -1.50 7.04 6.98
CA SER A 14 -1.43 6.29 5.74
C SER A 14 -1.06 7.18 4.56
N THR A 15 -1.71 8.35 4.47
CA THR A 15 -1.44 9.27 3.38
C THR A 15 0.00 9.82 3.46
N LEU A 16 0.41 10.21 4.66
CA LEU A 16 1.74 10.75 4.88
C LEU A 16 2.84 9.71 4.66
N ILE A 17 2.68 8.55 5.30
CA ILE A 17 3.68 7.48 5.21
C ILE A 17 3.81 6.88 3.82
N CYS A 18 2.69 6.70 3.10
CA CYS A 18 2.77 6.16 1.75
C CYS A 18 3.62 7.09 0.90
N SER A 19 3.42 8.38 1.08
CA SER A 19 4.21 9.38 0.37
C SER A 19 5.68 9.30 0.80
N ILE A 20 5.89 9.12 2.11
CA ILE A 20 7.23 9.02 2.70
C ILE A 20 8.05 7.83 2.16
N LEU A 21 7.45 6.65 2.13
CA LEU A 21 8.14 5.45 1.66
C LEU A 21 8.18 5.32 0.13
N THR A 22 7.08 5.69 -0.53
CA THR A 22 6.99 5.58 -2.00
C THR A 22 8.01 6.46 -2.72
N THR A 23 8.17 7.70 -2.24
CA THR A 23 9.10 8.65 -2.85
C THR A 23 10.55 8.13 -2.81
N ALA A 24 10.89 7.44 -1.73
CA ALA A 24 12.23 6.89 -1.54
C ALA A 24 12.53 5.74 -2.50
N GLY A 25 11.53 5.31 -3.28
CA GLY A 25 11.74 4.23 -4.24
C GLY A 25 11.09 2.93 -3.83
N TYR A 26 10.31 2.95 -2.77
CA TYR A 26 9.62 1.74 -2.30
C TYR A 26 8.18 1.74 -2.77
N GLN A 27 7.60 0.56 -2.97
CA GLN A 27 6.22 0.46 -3.41
C GLN A 27 5.34 0.17 -2.21
N VAL A 28 4.57 1.17 -1.79
CA VAL A 28 3.71 1.01 -0.62
C VAL A 28 2.24 0.85 -0.97
N ILE A 29 1.64 -0.18 -0.40
CA ILE A 29 0.24 -0.46 -0.58
C ILE A 29 -0.46 -0.44 0.78
N TRP A 30 -1.50 0.36 0.90
CA TRP A 30 -2.24 0.45 2.15
C TRP A 30 -3.38 -0.55 2.14
N LEU A 31 -3.31 -1.51 3.03
CA LEU A 31 -4.31 -2.56 3.13
C LEU A 31 -5.07 -2.48 4.44
N VAL A 32 -6.39 -2.56 4.36
CA VAL A 32 -7.22 -2.52 5.56
C VAL A 32 -7.11 -3.86 6.29
N ASP A 33 -7.16 -3.82 7.62
CA ASP A 33 -7.00 -5.03 8.43
C ASP A 33 -8.19 -5.99 8.35
N GLY A 34 -7.94 -7.22 8.80
CA GLY A 34 -8.97 -8.26 8.81
C GLY A 34 -8.85 -9.27 7.69
N GLU A 35 -8.11 -8.95 6.62
CA GLU A 35 -7.96 -9.88 5.51
C GLU A 35 -6.49 -10.32 5.32
N VAL A 36 -6.14 -11.46 5.91
CA VAL A 36 -4.78 -12.00 5.78
C VAL A 36 -4.50 -12.52 4.37
N GLU A 37 -5.47 -13.18 3.76
CA GLU A 37 -5.31 -13.71 2.40
C GLU A 37 -4.99 -12.57 1.43
N ARG A 38 -5.64 -11.44 1.64
CA ARG A 38 -5.40 -10.26 0.81
C ARG A 38 -3.96 -9.78 1.01
N LEU A 39 -3.47 -9.86 2.25
CA LEU A 39 -2.09 -9.48 2.58
C LEU A 39 -1.11 -10.40 1.84
N LEU A 40 -1.45 -11.69 1.79
CA LEU A 40 -0.63 -12.70 1.12
C LEU A 40 -0.56 -12.40 -0.38
N ALA A 41 -1.68 -11.91 -0.92
CA ALA A 41 -1.76 -11.54 -2.34
C ALA A 41 -0.69 -10.51 -2.71
N LEU A 42 -0.46 -9.58 -1.80
CA LEU A 42 0.52 -8.53 -2.01
C LEU A 42 1.76 -8.73 -1.14
N THR A 43 2.07 -10.00 -0.84
CA THR A 43 3.21 -10.39 0.01
C THR A 43 4.40 -9.43 -0.09
N PRO A 44 4.55 -8.56 0.93
CA PRO A 44 5.63 -7.58 1.00
C PRO A 44 6.89 -8.13 1.66
N ILE A 45 7.95 -7.33 1.67
CA ILE A 45 9.19 -7.74 2.32
C ILE A 45 9.10 -7.40 3.82
N ALA A 46 8.18 -6.49 4.14
CA ALA A 46 7.95 -6.06 5.51
C ALA A 46 6.51 -5.58 5.68
N VAL A 47 5.96 -5.78 6.87
CA VAL A 47 4.59 -5.36 7.15
C VAL A 47 4.58 -4.33 8.27
N LEU A 48 3.95 -3.19 8.02
CA LEU A 48 3.86 -2.13 9.00
C LEU A 48 2.47 -2.12 9.64
N LEU A 49 2.42 -2.38 10.95
CA LEU A 49 1.15 -2.40 11.66
C LEU A 49 1.04 -1.19 12.59
N ALA A 50 -0.05 -0.44 12.46
CA ALA A 50 -0.26 0.74 13.29
C ALA A 50 -1.73 0.87 13.70
N GLU A 51 -1.96 1.35 14.91
CA GLU A 51 -3.31 1.53 15.45
C GLU A 51 -4.00 2.72 14.77
N PRO A 52 -5.35 2.75 14.76
CA PRO A 52 -6.20 1.70 15.35
C PRO A 52 -6.57 0.59 14.36
N PHE A 53 -7.06 -0.53 14.90
CA PHE A 53 -7.48 -1.67 14.08
C PHE A 53 -8.98 -1.90 14.24
N SER A 54 -9.71 -1.81 13.12
CA SER A 54 -11.16 -2.00 13.13
C SER A 54 -11.57 -3.45 13.40
N TYR A 55 -10.84 -4.41 12.84
CA TYR A 55 -11.17 -5.81 13.03
C TYR A 55 -9.92 -6.69 13.06
N GLY A 56 -9.83 -7.55 14.07
CA GLY A 56 -8.69 -8.44 14.20
C GLY A 56 -7.67 -7.94 15.19
N ASP A 57 -6.91 -8.87 15.77
CA ASP A 57 -5.89 -8.52 16.75
C ASP A 57 -4.53 -8.38 16.08
N VAL A 58 -3.71 -7.48 16.61
CA VAL A 58 -2.37 -7.24 16.07
C VAL A 58 -1.52 -8.51 16.19
N GLN A 59 -1.62 -9.16 17.34
CA GLN A 59 -0.89 -10.38 17.62
C GLN A 59 -1.30 -11.50 16.65
N GLU A 60 -2.60 -11.56 16.36
CA GLU A 60 -3.13 -12.57 15.46
C GLU A 60 -2.54 -12.42 14.05
N LEU A 61 -2.46 -11.18 13.57
CA LEU A 61 -1.92 -10.88 12.25
C LEU A 61 -0.45 -11.30 12.15
N VAL A 62 0.30 -11.02 13.21
CA VAL A 62 1.72 -11.37 13.25
C VAL A 62 1.90 -12.88 13.15
N ASP A 63 1.11 -13.62 13.93
CA ASP A 63 1.18 -15.08 13.95
C ASP A 63 0.81 -15.67 12.59
N GLN A 64 -0.25 -15.16 11.98
CA GLN A 64 -0.69 -15.65 10.66
C GLN A 64 0.36 -15.41 9.59
N LEU A 65 0.97 -14.22 9.61
CA LEU A 65 2.00 -13.87 8.64
C LEU A 65 3.25 -14.74 8.81
N ARG A 66 3.62 -15.02 10.06
CA ARG A 66 4.79 -15.86 10.34
C ARG A 66 4.60 -17.28 9.80
N GLN A 67 3.38 -17.78 9.89
CA GLN A 67 3.04 -19.12 9.41
C GLN A 67 3.21 -19.22 7.90
N ARG A 68 2.89 -18.15 7.17
CA ARG A 68 2.99 -18.15 5.72
C ARG A 68 4.38 -17.74 5.24
N CYS A 69 4.97 -16.73 5.88
CA CYS A 69 6.30 -16.26 5.49
C CYS A 69 7.26 -16.25 6.69
N THR A 70 8.48 -16.73 6.48
CA THR A 70 9.47 -16.77 7.54
C THR A 70 10.03 -15.36 7.83
N PRO A 71 10.57 -15.14 9.05
CA PRO A 71 11.13 -13.83 9.45
C PRO A 71 12.21 -13.31 8.52
N GLU A 72 13.03 -14.22 7.98
CA GLU A 72 14.10 -13.84 7.07
C GLU A 72 13.56 -13.38 5.72
N GLN A 73 12.33 -13.79 5.41
CA GLN A 73 11.69 -13.43 4.15
C GLN A 73 10.81 -12.19 4.31
N LEU A 74 10.17 -12.08 5.46
CA LEU A 74 9.29 -10.95 5.75
C LEU A 74 9.38 -10.55 7.23
N LYS A 75 9.50 -9.26 7.49
CA LYS A 75 9.61 -8.76 8.85
C LYS A 75 8.37 -7.96 9.27
N ILE A 76 8.06 -8.02 10.56
CA ILE A 76 6.89 -7.32 11.10
C ILE A 76 7.33 -6.12 11.94
N PHE A 77 6.81 -4.94 11.61
CA PHE A 77 7.12 -3.73 12.35
C PHE A 77 5.85 -3.14 12.95
N ILE A 78 5.94 -2.66 14.18
CA ILE A 78 4.77 -2.08 14.85
C ILE A 78 5.00 -0.62 15.21
N LEU A 79 4.06 0.23 14.85
CA LEU A 79 4.15 1.66 15.16
C LEU A 79 3.41 1.95 16.46
N GLY A 80 4.09 2.63 17.38
CA GLY A 80 3.47 2.94 18.66
C GLY A 80 4.12 2.21 19.81
N SER A 81 3.45 1.16 20.29
CA SER A 81 3.97 0.37 21.40
C SER A 81 3.74 -1.12 21.16
N LYS A 82 4.48 -1.95 21.87
CA LYS A 82 4.35 -3.41 21.72
C LYS A 82 4.55 -4.11 23.06
N GLY A 83 4.09 -5.35 23.14
CA GLY A 83 4.20 -6.12 24.36
C GLY A 83 5.36 -7.10 24.32
N ASN A 84 6.39 -6.75 23.55
CA ASN A 84 7.59 -7.59 23.40
C ASN A 84 7.22 -8.96 22.82
N TYR A 85 6.39 -8.95 21.79
CA TYR A 85 5.96 -10.17 21.14
C TYR A 85 6.99 -10.65 20.12
N GLN A 86 7.09 -11.95 19.94
CA GLN A 86 8.03 -12.54 19.01
C GLN A 86 7.58 -12.30 17.56
N GLY A 87 8.56 -12.23 16.65
CA GLY A 87 8.24 -12.00 15.24
C GLY A 87 8.33 -10.53 14.86
N VAL A 88 8.51 -9.67 15.84
CA VAL A 88 8.62 -8.24 15.58
C VAL A 88 10.09 -7.82 15.54
N ASP A 89 10.55 -7.40 14.37
CA ASP A 89 11.95 -6.98 14.20
C ASP A 89 12.25 -5.68 14.93
N ARG A 90 11.34 -4.71 14.83
CA ARG A 90 11.54 -3.41 15.46
C ARG A 90 10.22 -2.67 15.62
N TYR A 91 10.17 -1.75 16.58
CA TYR A 91 8.98 -0.96 16.82
C TYR A 91 9.29 0.52 16.63
N ILE A 92 8.30 1.28 16.19
CA ILE A 92 8.50 2.70 15.96
C ILE A 92 7.77 3.52 17.04
N PRO A 93 8.52 4.14 17.97
CA PRO A 93 7.92 4.93 19.06
C PRO A 93 7.31 6.24 18.57
N LEU A 94 6.25 6.68 19.26
CA LEU A 94 5.56 7.91 18.90
C LEU A 94 5.96 9.05 19.84
N PRO A 95 5.96 10.31 19.35
CA PRO A 95 5.62 10.64 17.95
C PRO A 95 6.72 10.25 16.96
N ILE A 96 6.36 10.05 15.70
CA ILE A 96 7.32 9.67 14.69
C ILE A 96 7.62 10.82 13.73
N HIS A 97 8.81 10.78 13.14
CA HIS A 97 9.22 11.79 12.17
C HIS A 97 9.41 11.11 10.83
N PRO A 98 9.16 11.83 9.71
CA PRO A 98 9.29 11.27 8.36
C PRO A 98 10.64 10.59 8.12
N GLU A 99 11.72 11.29 8.41
CA GLU A 99 13.06 10.75 8.24
C GLU A 99 13.33 9.61 9.22
N SER A 100 12.87 9.78 10.46
CA SER A 100 13.08 8.79 11.50
C SER A 100 12.41 7.46 11.15
N PHE A 101 11.16 7.54 10.72
CA PHE A 101 10.40 6.34 10.33
C PHE A 101 11.09 5.64 9.15
N LEU A 102 11.43 6.41 8.12
CA LEU A 102 12.08 5.88 6.92
C LEU A 102 13.44 5.26 7.21
N GLN A 103 14.27 5.95 7.98
CA GLN A 103 15.61 5.46 8.30
C GLN A 103 15.58 4.19 9.14
N GLN A 104 14.68 4.13 10.12
CA GLN A 104 14.58 2.97 10.99
C GLN A 104 14.10 1.74 10.22
N VAL A 105 13.11 1.94 9.35
CA VAL A 105 12.58 0.85 8.53
C VAL A 105 13.63 0.35 7.53
N THR A 106 14.30 1.30 6.88
CA THR A 106 15.32 0.97 5.88
C THR A 106 16.47 0.19 6.52
N MET A 107 16.95 0.68 7.67
CA MET A 107 18.05 0.03 8.40
C MET A 107 17.68 -1.39 8.80
N GLY A 108 16.46 -1.56 9.30
CA GLY A 108 15.98 -2.87 9.72
C GLY A 108 15.94 -3.88 8.59
N LEU A 109 15.58 -3.42 7.40
CA LEU A 109 15.46 -4.30 6.23
C LEU A 109 16.78 -4.49 5.46
N THR A 110 17.87 -3.85 5.90
CA THR A 110 19.16 -3.98 5.20
C THR A 110 19.67 -5.42 5.25
N SER A 111 19.48 -6.10 6.37
CA SER A 111 19.91 -7.48 6.51
C SER A 111 19.05 -8.41 5.66
N LEU A 112 17.76 -8.09 5.58
CA LEU A 112 16.80 -8.88 4.80
C LEU A 112 17.14 -8.85 3.31
N ALA A 113 17.41 -7.66 2.78
CA ALA A 113 17.74 -7.50 1.37
C ALA A 113 18.49 -6.19 1.12
N THR A 114 19.24 -6.15 0.04
CA THR A 114 20.00 -4.96 -0.32
C THR A 114 19.66 -4.52 -1.74
N SER A 115 19.87 -3.23 -2.02
CA SER A 115 19.59 -2.68 -3.34
C SER A 115 20.46 -1.46 -3.61
N ALA A 116 20.82 -1.24 -4.87
CA ALA A 116 21.65 -0.11 -5.24
C ALA A 116 20.79 1.01 -5.83
N GLN A 117 21.03 2.24 -5.38
CA GLN A 117 20.27 3.38 -5.86
C GLN A 117 21.21 4.53 -6.26
N MET B 1 16.81 17.68 5.98
CA MET B 1 15.89 18.17 7.05
C MET B 1 14.51 18.45 6.50
N ALA B 2 14.41 18.43 5.17
CA ALA B 2 13.13 18.67 4.50
C ALA B 2 12.61 17.39 3.86
N PRO B 3 11.52 16.82 4.41
CA PRO B 3 10.90 15.59 3.90
C PRO B 3 10.42 15.76 2.45
N LEU B 4 10.60 14.71 1.65
CA LEU B 4 10.19 14.75 0.25
C LEU B 4 9.11 13.70 -0.02
N ARG B 5 8.00 14.14 -0.59
CA ARG B 5 6.89 13.24 -0.90
C ARG B 5 6.40 13.47 -2.34
N LYS B 6 5.31 14.23 -2.47
CA LYS B 6 4.72 14.55 -3.77
C LYS B 6 4.30 13.30 -4.56
N THR B 7 3.72 12.32 -3.88
CA THR B 7 3.30 11.09 -4.55
C THR B 7 1.80 11.09 -4.80
N ALA B 8 1.37 10.27 -5.76
CA ALA B 8 -0.04 10.15 -6.10
C ALA B 8 -0.59 8.85 -5.52
N VAL B 9 -1.87 8.82 -5.18
CA VAL B 9 -2.46 7.62 -4.59
C VAL B 9 -3.73 7.18 -5.33
N LEU B 10 -3.86 5.86 -5.49
CA LEU B 10 -5.02 5.26 -6.15
C LEU B 10 -5.84 4.44 -5.15
N LYS B 11 -7.15 4.51 -5.26
CA LYS B 11 -8.03 3.74 -4.36
C LYS B 11 -8.62 2.53 -5.08
N LEU B 12 -8.44 1.36 -4.47
CA LEU B 12 -8.97 0.11 -5.00
C LEU B 12 -10.04 -0.44 -4.08
N TYR B 13 -11.29 -0.41 -4.52
CA TYR B 13 -12.38 -0.94 -3.72
C TYR B 13 -12.71 -2.36 -4.14
N VAL B 14 -12.67 -3.29 -3.19
CA VAL B 14 -12.94 -4.70 -3.46
C VAL B 14 -13.84 -5.29 -2.37
N ALA B 15 -14.33 -6.51 -2.60
CA ALA B 15 -15.20 -7.18 -1.65
C ALA B 15 -15.00 -8.69 -1.68
N GLY B 16 -14.99 -9.30 -0.50
CA GLY B 16 -14.85 -10.75 -0.41
C GLY B 16 -13.41 -11.22 -0.51
N ASN B 17 -13.23 -12.53 -0.34
CA ASN B 17 -11.92 -13.15 -0.41
C ASN B 17 -11.80 -14.03 -1.66
N THR B 18 -12.65 -13.75 -2.65
CA THR B 18 -12.67 -14.53 -3.88
C THR B 18 -11.42 -14.25 -4.72
N PRO B 19 -11.04 -15.22 -5.60
CA PRO B 19 -9.87 -15.10 -6.48
C PRO B 19 -9.91 -13.85 -7.35
N ASN B 20 -11.10 -13.47 -7.81
CA ASN B 20 -11.26 -12.30 -8.67
C ASN B 20 -10.79 -11.04 -7.94
N SER B 21 -11.20 -10.90 -6.67
CA SER B 21 -10.80 -9.75 -5.87
C SER B 21 -9.32 -9.81 -5.52
N VAL B 22 -8.84 -11.02 -5.20
CA VAL B 22 -7.45 -11.23 -4.82
C VAL B 22 -6.49 -10.94 -5.98
N ARG B 23 -6.81 -11.47 -7.17
CA ARG B 23 -5.97 -11.29 -8.35
C ARG B 23 -5.92 -9.83 -8.79
N ALA B 24 -7.02 -9.11 -8.65
CA ALA B 24 -7.08 -7.70 -9.05
C ALA B 24 -6.05 -6.86 -8.31
N LEU B 25 -5.89 -7.14 -7.01
CA LEU B 25 -4.92 -6.42 -6.19
C LEU B 25 -3.50 -6.68 -6.68
N LYS B 26 -3.24 -7.94 -7.04
CA LYS B 26 -1.93 -8.34 -7.54
C LYS B 26 -1.66 -7.74 -8.92
N THR B 27 -2.71 -7.69 -9.73
CA THR B 27 -2.63 -7.13 -11.07
C THR B 27 -2.25 -5.65 -11.04
N LEU B 28 -2.91 -4.89 -10.18
CA LEU B 28 -2.62 -3.47 -10.04
C LEU B 28 -1.23 -3.25 -9.44
N ALA B 29 -0.88 -4.06 -8.44
CA ALA B 29 0.42 -3.94 -7.79
C ALA B 29 1.55 -4.18 -8.78
N ASN B 30 1.39 -5.17 -9.64
CA ASN B 30 2.41 -5.50 -10.64
C ASN B 30 2.62 -4.33 -11.61
N ILE B 31 1.52 -3.73 -12.04
CA ILE B 31 1.56 -2.59 -12.96
C ILE B 31 2.21 -1.37 -12.30
N LEU B 32 1.82 -1.11 -11.05
CA LEU B 32 2.33 0.04 -10.31
C LEU B 32 3.80 -0.11 -9.95
N GLU B 33 4.20 -1.30 -9.52
CA GLU B 33 5.59 -1.54 -9.12
C GLU B 33 6.56 -1.57 -10.31
N LYS B 34 6.04 -1.70 -11.53
CA LYS B 34 6.91 -1.78 -12.69
C LYS B 34 7.08 -0.44 -13.42
N GLU B 35 6.00 0.11 -13.95
CA GLU B 35 6.08 1.37 -14.71
C GLU B 35 5.75 2.63 -13.90
N PHE B 36 5.03 2.48 -12.79
CA PHE B 36 4.64 3.66 -12.01
C PHE B 36 5.26 3.63 -10.60
N LYS B 37 6.40 2.96 -10.47
CA LYS B 37 7.08 2.85 -9.19
C LYS B 37 7.69 4.18 -8.74
N GLY B 38 7.44 4.54 -7.49
CA GLY B 38 8.01 5.76 -6.95
C GLY B 38 7.11 6.98 -7.12
N VAL B 39 6.05 6.86 -7.91
CA VAL B 39 5.15 7.99 -8.13
C VAL B 39 3.70 7.69 -7.72
N TYR B 40 3.30 6.42 -7.76
CA TYR B 40 1.94 6.05 -7.39
C TYR B 40 1.89 5.03 -6.27
N ALA B 41 1.01 5.29 -5.31
CA ALA B 41 0.79 4.39 -4.18
C ALA B 41 -0.61 3.82 -4.27
N LEU B 42 -0.82 2.61 -3.74
CA LEU B 42 -2.13 1.98 -3.84
C LEU B 42 -2.80 1.82 -2.46
N LYS B 43 -4.07 2.24 -2.40
CA LYS B 43 -4.86 2.11 -1.19
C LYS B 43 -6.05 1.20 -1.45
N VAL B 44 -6.27 0.19 -0.61
CA VAL B 44 -7.36 -0.76 -0.83
C VAL B 44 -8.36 -0.79 0.32
N ILE B 45 -9.64 -0.66 -0.04
CA ILE B 45 -10.74 -0.66 0.94
C ILE B 45 -11.73 -1.78 0.62
N ASP B 46 -12.11 -2.54 1.65
CA ASP B 46 -13.07 -3.62 1.48
C ASP B 46 -14.49 -3.11 1.72
N VAL B 47 -15.26 -2.99 0.65
CA VAL B 47 -16.62 -2.47 0.74
C VAL B 47 -17.60 -3.48 1.34
N LEU B 48 -17.27 -4.77 1.23
CA LEU B 48 -18.13 -5.83 1.75
C LEU B 48 -18.25 -5.77 3.28
N LYS B 49 -17.13 -5.57 3.96
CA LYS B 49 -17.11 -5.52 5.42
C LYS B 49 -17.74 -4.23 5.95
N ASN B 50 -17.48 -3.11 5.27
CA ASN B 50 -18.04 -1.84 5.70
C ASN B 50 -18.69 -1.12 4.52
N PRO B 51 -20.02 -1.29 4.36
CA PRO B 51 -20.79 -0.66 3.26
C PRO B 51 -20.80 0.87 3.38
N GLN B 52 -20.57 1.37 4.60
CA GLN B 52 -20.53 2.80 4.86
C GLN B 52 -19.43 3.48 4.05
N LEU B 53 -18.26 2.83 3.99
CA LEU B 53 -17.12 3.38 3.26
C LEU B 53 -17.43 3.52 1.77
N ALA B 54 -18.12 2.51 1.21
CA ALA B 54 -18.50 2.54 -0.20
C ALA B 54 -19.50 3.68 -0.45
N GLU B 55 -20.42 3.86 0.47
CA GLU B 55 -21.44 4.92 0.37
C GLU B 55 -20.79 6.31 0.40
N GLU B 56 -19.75 6.44 1.20
CA GLU B 56 -19.04 7.71 1.36
C GLU B 56 -18.37 8.15 0.06
N ASP B 57 -17.81 7.19 -0.69
CA ASP B 57 -17.15 7.50 -1.95
C ASP B 57 -18.04 7.19 -3.15
N LYS B 58 -19.31 6.88 -2.87
CA LYS B 58 -20.30 6.56 -3.91
C LYS B 58 -19.85 5.39 -4.80
N ILE B 59 -19.41 4.31 -4.16
CA ILE B 59 -18.96 3.13 -4.90
C ILE B 59 -20.12 2.16 -5.08
N LEU B 60 -20.54 1.98 -6.33
CA LEU B 60 -21.66 1.09 -6.64
C LEU B 60 -21.19 -0.17 -7.38
N ALA B 61 -19.88 -0.32 -7.54
CA ALA B 61 -19.33 -1.47 -8.24
C ALA B 61 -17.99 -1.89 -7.64
N THR B 62 -17.65 -3.17 -7.81
CA THR B 62 -16.39 -3.70 -7.29
C THR B 62 -15.94 -4.92 -8.09
N PRO B 63 -14.63 -5.04 -8.37
CA PRO B 63 -13.61 -4.06 -7.96
C PRO B 63 -13.62 -2.78 -8.82
N THR B 64 -13.28 -1.66 -8.21
CA THR B 64 -13.25 -0.39 -8.92
C THR B 64 -11.98 0.42 -8.62
N LEU B 65 -11.50 1.13 -9.63
CA LEU B 65 -10.31 1.94 -9.49
C LEU B 65 -10.69 3.42 -9.33
N ALA B 66 -10.35 3.99 -8.17
CA ALA B 66 -10.65 5.39 -7.91
C ALA B 66 -9.38 6.23 -7.91
N LYS B 67 -9.39 7.31 -8.68
CA LYS B 67 -8.25 8.21 -8.77
C LYS B 67 -8.40 9.34 -7.76
N VAL B 68 -7.41 9.49 -6.88
CA VAL B 68 -7.45 10.53 -5.86
C VAL B 68 -6.58 11.72 -6.27
N LEU B 69 -5.31 11.46 -6.53
CA LEU B 69 -4.38 12.52 -6.93
C LEU B 69 -3.62 12.12 -8.19
N PRO B 70 -3.30 13.09 -9.06
CA PRO B 70 -3.66 14.51 -8.90
C PRO B 70 -5.13 14.77 -9.24
N PRO B 71 -5.75 15.80 -8.66
CA PRO B 71 -7.16 16.14 -8.94
C PRO B 71 -7.36 16.74 -10.33
N PRO B 72 -8.61 16.79 -10.84
CA PRO B 72 -9.82 16.32 -10.12
C PRO B 72 -9.91 14.80 -10.01
N VAL B 73 -10.67 14.34 -9.01
CA VAL B 73 -10.86 12.92 -8.77
C VAL B 73 -11.79 12.28 -9.79
N ARG B 74 -11.42 11.09 -10.25
CA ARG B 74 -12.20 10.35 -11.23
C ARG B 74 -12.25 8.88 -10.88
N ARG B 75 -13.20 8.14 -11.44
CA ARG B 75 -13.31 6.72 -11.18
C ARG B 75 -13.33 5.92 -12.47
N ILE B 76 -12.76 4.72 -12.43
CA ILE B 76 -12.70 3.86 -13.60
C ILE B 76 -13.42 2.54 -13.33
N ILE B 77 -14.37 2.18 -14.18
CA ILE B 77 -15.11 0.94 -14.03
C ILE B 77 -14.89 0.03 -15.23
N GLY B 78 -14.80 -1.27 -14.98
CA GLY B 78 -14.59 -2.22 -16.05
C GLY B 78 -14.02 -3.52 -15.55
N ASP B 79 -13.37 -4.27 -16.41
CA ASP B 79 -12.76 -5.54 -16.03
C ASP B 79 -11.35 -5.30 -15.51
N LEU B 80 -11.21 -5.22 -14.19
CA LEU B 80 -9.92 -4.96 -13.56
C LEU B 80 -9.06 -6.22 -13.46
N SER B 81 -9.64 -7.38 -13.74
CA SER B 81 -8.89 -8.63 -13.70
C SER B 81 -7.93 -8.73 -14.89
N ASN B 82 -8.18 -7.90 -15.91
CA ASN B 82 -7.35 -7.86 -17.10
C ASN B 82 -6.29 -6.78 -16.96
N ARG B 83 -5.02 -7.19 -16.94
CA ARG B 83 -3.90 -6.28 -16.80
C ARG B 83 -3.85 -5.25 -17.94
N GLU B 84 -4.22 -5.66 -19.15
CA GLU B 84 -4.20 -4.76 -20.29
C GLU B 84 -5.10 -3.55 -20.08
N LYS B 85 -6.32 -3.78 -19.61
CA LYS B 85 -7.26 -2.68 -19.39
C LYS B 85 -6.80 -1.78 -18.24
N VAL B 86 -6.27 -2.39 -17.19
CA VAL B 86 -5.81 -1.62 -16.03
C VAL B 86 -4.62 -0.75 -16.42
N LEU B 87 -3.66 -1.32 -17.13
CA LEU B 87 -2.47 -0.60 -17.58
C LEU B 87 -2.85 0.55 -18.52
N ILE B 88 -3.70 0.25 -19.50
CA ILE B 88 -4.14 1.24 -20.48
C ILE B 88 -4.90 2.39 -19.82
N ALA B 89 -5.85 2.07 -18.95
CA ALA B 89 -6.64 3.08 -18.24
C ALA B 89 -5.79 3.92 -17.30
N LEU B 90 -4.89 3.25 -16.57
CA LEU B 90 -4.01 3.91 -15.60
C LEU B 90 -2.98 4.83 -16.28
N ARG B 91 -2.48 4.39 -17.43
CA ARG B 91 -1.47 5.14 -18.16
C ARG B 91 -1.98 6.54 -18.51
N LEU B 92 -3.26 6.65 -18.85
CA LEU B 92 -3.87 7.94 -19.18
C LEU B 92 -3.80 8.88 -17.97
N LEU B 93 -4.02 8.32 -16.79
CA LEU B 93 -3.97 9.08 -15.53
C LEU B 93 -2.56 9.60 -15.27
N ALA B 94 -1.57 8.78 -15.62
CA ALA B 94 -0.15 9.12 -15.43
C ALA B 94 0.24 10.38 -16.22
N GLU B 95 -0.36 10.54 -17.39
CA GLU B 95 -0.10 11.68 -18.26
C GLU B 95 -0.44 13.00 -17.55
N GLU B 96 -1.52 12.98 -16.76
CA GLU B 96 -1.96 14.17 -16.03
C GLU B 96 -0.90 14.65 -15.03
N ILE B 97 -0.28 13.72 -14.31
CA ILE B 97 0.75 14.08 -13.33
C ILE B 97 2.07 14.45 -14.02
N GLY B 98 2.31 13.84 -15.18
CA GLY B 98 3.52 14.12 -15.94
C GLY B 98 3.52 15.51 -16.56
N ASP B 99 2.34 16.09 -16.73
CA ASP B 99 2.22 17.42 -17.31
C ASP B 99 2.40 18.49 -16.24
N TYR B 100 3.65 18.70 -15.83
CA TYR B 100 3.96 19.69 -14.81
C TYR B 100 5.07 20.61 -15.31
N LYS B 101 4.84 21.92 -15.20
CA LYS B 101 5.83 22.91 -15.64
C LYS B 101 6.28 23.76 -14.46
N ASP B 102 7.55 24.16 -14.48
CA ASP B 102 8.12 24.98 -13.41
C ASP B 102 9.32 25.75 -13.93
N ASP B 103 9.67 26.84 -13.25
CA ASP B 103 10.81 27.66 -13.65
C ASP B 103 11.36 28.41 -12.44
N ASP B 104 12.63 28.84 -12.53
CA ASP B 104 13.27 29.56 -11.44
C ASP B 104 14.42 30.41 -11.98
N ASP B 105 14.79 31.44 -11.23
CA ASP B 105 15.89 32.34 -11.62
C ASP B 105 17.22 31.58 -11.70
N LYS B 106 17.46 30.72 -10.71
CA LYS B 106 18.69 29.94 -10.68
C LYS B 106 18.39 28.45 -10.88
N GLU A 1 13.07 -0.37 -3.11
CA GLU A 1 13.60 -1.59 -3.78
C GLU A 1 12.78 -2.82 -3.39
N GLY A 2 11.59 -2.58 -2.85
CA GLY A 2 10.73 -3.68 -2.45
C GLY A 2 9.32 -3.22 -2.10
N ARG A 3 8.43 -4.18 -1.89
CA ARG A 3 7.04 -3.88 -1.54
C ARG A 3 6.85 -3.80 -0.03
N ILE A 4 6.11 -2.80 0.41
CA ILE A 4 5.80 -2.60 1.82
C ILE A 4 4.30 -2.40 2.01
N VAL A 5 3.69 -3.14 2.92
CA VAL A 5 2.26 -3.00 3.17
C VAL A 5 1.99 -2.45 4.56
N LEU A 6 1.19 -1.40 4.61
CA LEU A 6 0.82 -0.75 5.86
C LEU A 6 -0.65 -1.03 6.18
N VAL A 7 -0.90 -1.59 7.35
CA VAL A 7 -2.26 -1.88 7.77
C VAL A 7 -2.64 -1.02 8.96
N SER A 8 -3.60 -0.12 8.75
CA SER A 8 -4.09 0.78 9.78
C SER A 8 -5.43 1.37 9.35
N GLU A 9 -6.18 1.92 10.29
CA GLU A 9 -7.47 2.52 9.95
C GLU A 9 -7.37 4.04 9.86
N ASP A 10 -6.19 4.58 10.13
CA ASP A 10 -5.99 6.02 10.06
C ASP A 10 -5.44 6.42 8.69
N GLU A 11 -6.30 7.04 7.88
CA GLU A 11 -5.95 7.47 6.53
C GLU A 11 -4.82 8.51 6.52
N ALA A 12 -4.84 9.43 7.48
CA ALA A 12 -3.81 10.47 7.56
C ALA A 12 -2.42 9.85 7.75
N THR A 13 -2.34 8.85 8.62
CA THR A 13 -1.07 8.17 8.89
C THR A 13 -0.60 7.42 7.65
N SER A 14 -1.52 6.71 6.99
CA SER A 14 -1.19 5.93 5.80
C SER A 14 -0.73 6.81 4.64
N THR A 15 -1.36 7.98 4.50
CA THR A 15 -1.01 8.91 3.44
C THR A 15 0.44 9.40 3.61
N LEU A 16 0.77 9.78 4.84
CA LEU A 16 2.11 10.25 5.16
C LEU A 16 3.17 9.15 4.98
N ILE A 17 2.86 7.96 5.50
CA ILE A 17 3.78 6.83 5.43
C ILE A 17 4.07 6.39 4.00
N CYS A 18 3.01 6.26 3.19
CA CYS A 18 3.19 5.82 1.81
C CYS A 18 3.98 6.82 0.99
N SER A 19 3.77 8.10 1.25
CA SER A 19 4.49 9.14 0.52
C SER A 19 5.98 9.09 0.82
N ILE A 20 6.33 8.91 2.09
CA ILE A 20 7.72 8.84 2.51
C ILE A 20 8.46 7.64 1.91
N LEU A 21 7.86 6.46 2.04
CA LEU A 21 8.48 5.22 1.52
C LEU A 21 8.47 5.13 -0.01
N THR A 22 7.36 5.55 -0.63
CA THR A 22 7.22 5.48 -2.09
C THR A 22 8.24 6.36 -2.81
N THR A 23 8.45 7.57 -2.30
CA THR A 23 9.39 8.51 -2.90
C THR A 23 10.80 7.92 -2.91
N ALA A 24 11.15 7.22 -1.83
CA ALA A 24 12.48 6.61 -1.71
C ALA A 24 12.68 5.42 -2.65
N GLY A 25 11.62 5.02 -3.37
CA GLY A 25 11.74 3.93 -4.31
C GLY A 25 11.05 2.66 -3.85
N TYR A 26 10.31 2.73 -2.75
CA TYR A 26 9.60 1.56 -2.24
C TYR A 26 8.15 1.57 -2.69
N GLN A 27 7.56 0.39 -2.83
CA GLN A 27 6.16 0.29 -3.24
C GLN A 27 5.29 0.01 -2.01
N VAL A 28 4.51 1.00 -1.61
CA VAL A 28 3.66 0.85 -0.45
C VAL A 28 2.18 0.71 -0.80
N ILE A 29 1.57 -0.34 -0.27
CA ILE A 29 0.15 -0.58 -0.48
C ILE A 29 -0.56 -0.60 0.87
N TRP A 30 -1.59 0.22 1.01
CA TRP A 30 -2.33 0.30 2.26
C TRP A 30 -3.57 -0.59 2.18
N LEU A 31 -3.64 -1.57 3.08
CA LEU A 31 -4.74 -2.50 3.11
C LEU A 31 -5.55 -2.33 4.39
N VAL A 32 -6.87 -2.48 4.29
CA VAL A 32 -7.73 -2.35 5.45
C VAL A 32 -7.59 -3.62 6.30
N ASP A 33 -7.69 -3.47 7.61
CA ASP A 33 -7.51 -4.59 8.55
C ASP A 33 -8.65 -5.62 8.48
N GLY A 34 -8.33 -6.84 8.94
CA GLY A 34 -9.31 -7.91 8.99
C GLY A 34 -9.16 -8.98 7.89
N GLU A 35 -8.42 -8.67 6.82
CA GLU A 35 -8.27 -9.66 5.74
C GLU A 35 -6.82 -10.13 5.56
N VAL A 36 -6.54 -11.35 6.00
CA VAL A 36 -5.22 -11.96 5.87
C VAL A 36 -4.92 -12.33 4.41
N GLU A 37 -5.94 -12.83 3.70
CA GLU A 37 -5.78 -13.23 2.31
C GLU A 37 -5.30 -12.06 1.45
N ARG A 38 -5.82 -10.87 1.72
CA ARG A 38 -5.41 -9.68 0.98
C ARG A 38 -3.94 -9.39 1.25
N LEU A 39 -3.51 -9.62 2.50
CA LEU A 39 -2.12 -9.42 2.89
C LEU A 39 -1.23 -10.40 2.14
N LEU A 40 -1.69 -11.65 2.06
CA LEU A 40 -0.95 -12.70 1.35
C LEU A 40 -0.90 -12.41 -0.15
N ALA A 41 -2.02 -11.92 -0.69
CA ALA A 41 -2.12 -11.57 -2.11
C ALA A 41 -1.07 -10.54 -2.51
N LEU A 42 -0.89 -9.57 -1.63
CA LEU A 42 0.08 -8.50 -1.85
C LEU A 42 1.28 -8.64 -0.92
N THR A 43 1.61 -9.89 -0.57
CA THR A 43 2.72 -10.17 0.35
C THR A 43 3.99 -9.38 0.02
N PRO A 44 4.32 -8.43 0.91
CA PRO A 44 5.49 -7.55 0.78
C PRO A 44 6.75 -8.13 1.39
N ILE A 45 7.81 -7.32 1.45
CA ILE A 45 9.07 -7.73 2.06
C ILE A 45 9.05 -7.36 3.54
N ALA A 46 8.17 -6.40 3.88
CA ALA A 46 8.00 -5.93 5.24
C ALA A 46 6.56 -5.49 5.47
N VAL A 47 6.01 -5.80 6.63
CA VAL A 47 4.64 -5.44 6.96
C VAL A 47 4.59 -4.44 8.11
N LEU A 48 3.89 -3.33 7.91
CA LEU A 48 3.77 -2.30 8.92
C LEU A 48 2.37 -2.31 9.52
N LEU A 49 2.28 -2.52 10.83
CA LEU A 49 0.98 -2.53 11.51
C LEU A 49 0.91 -1.33 12.45
N ALA A 50 -0.17 -0.56 12.36
CA ALA A 50 -0.31 0.62 13.22
C ALA A 50 -1.75 0.81 13.70
N GLU A 51 -1.87 1.44 14.86
CA GLU A 51 -3.18 1.72 15.46
C GLU A 51 -3.85 2.91 14.78
N PRO A 52 -5.18 3.05 14.88
CA PRO A 52 -6.06 2.11 15.60
C PRO A 52 -6.48 0.90 14.76
N PHE A 53 -6.94 -0.14 15.43
CA PHE A 53 -7.41 -1.34 14.74
C PHE A 53 -8.91 -1.55 15.00
N SER A 54 -9.73 -1.10 14.04
CA SER A 54 -11.18 -1.22 14.15
C SER A 54 -11.64 -2.67 14.20
N TYR A 55 -11.02 -3.52 13.38
CA TYR A 55 -11.36 -4.93 13.33
C TYR A 55 -10.12 -5.77 13.08
N GLY A 56 -9.93 -6.80 13.89
CA GLY A 56 -8.78 -7.66 13.73
C GLY A 56 -7.76 -7.46 14.83
N ASP A 57 -7.09 -8.55 15.22
CA ASP A 57 -6.08 -8.50 16.28
C ASP A 57 -4.69 -8.38 15.67
N VAL A 58 -3.95 -7.34 16.05
CA VAL A 58 -2.59 -7.11 15.55
C VAL A 58 -1.66 -8.27 15.87
N GLN A 59 -1.72 -8.77 17.11
CA GLN A 59 -0.88 -9.89 17.53
C GLN A 59 -1.18 -11.14 16.70
N GLU A 60 -2.46 -11.38 16.42
CA GLU A 60 -2.88 -12.52 15.63
C GLU A 60 -2.31 -12.43 14.21
N LEU A 61 -2.32 -11.22 13.65
CA LEU A 61 -1.81 -10.99 12.30
C LEU A 61 -0.33 -11.31 12.22
N VAL A 62 0.41 -10.92 13.26
CA VAL A 62 1.84 -11.19 13.33
C VAL A 62 2.10 -12.69 13.32
N ASP A 63 1.34 -13.41 14.15
CA ASP A 63 1.46 -14.86 14.26
C ASP A 63 1.13 -15.55 12.92
N GLN A 64 0.05 -15.12 12.28
CA GLN A 64 -0.35 -15.71 11.00
C GLN A 64 0.70 -15.47 9.91
N LEU A 65 1.22 -14.25 9.85
CA LEU A 65 2.22 -13.90 8.84
C LEU A 65 3.52 -14.67 9.06
N ARG A 66 3.89 -14.83 10.32
CA ARG A 66 5.11 -15.56 10.71
C ARG A 66 5.04 -17.01 10.25
N GLN A 67 3.86 -17.60 10.35
CA GLN A 67 3.64 -18.99 9.96
C GLN A 67 3.58 -19.15 8.43
N ARG A 68 3.35 -18.04 7.71
CA ARG A 68 3.27 -18.10 6.25
C ARG A 68 4.65 -17.91 5.60
N CYS A 69 5.42 -16.95 6.11
CA CYS A 69 6.75 -16.68 5.57
C CYS A 69 7.79 -16.60 6.68
N THR A 70 9.02 -16.99 6.37
CA THR A 70 10.10 -16.95 7.35
C THR A 70 10.56 -15.50 7.60
N PRO A 71 11.20 -15.24 8.77
CA PRO A 71 11.67 -13.89 9.13
C PRO A 71 12.60 -13.27 8.08
N GLU A 72 13.45 -14.07 7.47
CA GLU A 72 14.38 -13.58 6.46
C GLU A 72 13.65 -13.18 5.17
N GLN A 73 12.44 -13.70 5.00
CA GLN A 73 11.66 -13.41 3.81
C GLN A 73 10.66 -12.28 4.07
N LEU A 74 10.11 -12.25 5.28
CA LEU A 74 9.14 -11.22 5.65
C LEU A 74 9.30 -10.80 7.11
N LYS A 75 9.37 -9.49 7.33
CA LYS A 75 9.50 -8.95 8.68
C LYS A 75 8.31 -8.05 9.00
N ILE A 76 7.93 -8.01 10.27
CA ILE A 76 6.79 -7.22 10.71
C ILE A 76 7.22 -6.11 11.67
N PHE A 77 6.81 -4.89 11.37
CA PHE A 77 7.10 -3.74 12.20
C PHE A 77 5.81 -3.14 12.74
N ILE A 78 5.82 -2.67 13.97
CA ILE A 78 4.61 -2.13 14.58
C ILE A 78 4.80 -0.65 14.96
N LEU A 79 3.86 0.19 14.55
CA LEU A 79 3.91 1.61 14.85
C LEU A 79 2.95 1.97 15.97
N GLY A 80 3.49 2.52 17.05
CA GLY A 80 2.66 2.93 18.18
C GLY A 80 2.47 1.87 19.25
N SER A 81 2.89 0.63 18.97
CA SER A 81 2.75 -0.45 19.94
C SER A 81 4.06 -1.21 20.10
N LYS A 82 4.25 -1.79 21.27
CA LYS A 82 5.48 -2.56 21.55
C LYS A 82 5.20 -3.71 22.51
N GLY A 83 6.06 -4.72 22.48
CA GLY A 83 5.90 -5.87 23.36
C GLY A 83 6.91 -6.94 23.05
N ASN A 84 7.01 -7.93 23.93
CA ASN A 84 7.95 -9.04 23.74
C ASN A 84 7.28 -10.19 22.99
N TYR A 85 7.04 -9.99 21.70
CA TYR A 85 6.40 -11.02 20.88
C TYR A 85 7.25 -11.32 19.64
N GLN A 86 7.43 -12.60 19.34
CA GLN A 86 8.22 -13.02 18.19
C GLN A 86 7.53 -12.66 16.88
N GLY A 87 8.34 -12.44 15.83
CA GLY A 87 7.80 -12.08 14.54
C GLY A 87 7.91 -10.60 14.26
N VAL A 88 8.27 -9.82 15.28
CA VAL A 88 8.43 -8.38 15.12
C VAL A 88 9.90 -8.01 15.19
N ASP A 89 10.42 -7.46 14.09
CA ASP A 89 11.83 -7.07 14.01
C ASP A 89 12.12 -5.85 14.87
N ARG A 90 11.24 -4.86 14.82
CA ARG A 90 11.41 -3.63 15.58
C ARG A 90 10.10 -2.85 15.65
N TYR A 91 9.95 -2.02 16.67
CA TYR A 91 8.74 -1.23 16.84
C TYR A 91 9.06 0.26 16.72
N ILE A 92 8.12 1.02 16.18
CA ILE A 92 8.27 2.46 16.01
C ILE A 92 7.29 3.21 16.91
N PRO A 93 7.79 3.91 17.95
CA PRO A 93 6.96 4.66 18.89
C PRO A 93 6.37 5.95 18.29
N LEU A 94 5.21 6.38 18.81
CA LEU A 94 4.55 7.58 18.33
C LEU A 94 4.74 8.73 19.34
N PRO A 95 4.76 10.00 18.87
CA PRO A 95 4.63 10.36 17.45
C PRO A 95 5.91 10.07 16.66
N ILE A 96 5.78 9.90 15.35
CA ILE A 96 6.93 9.62 14.51
C ILE A 96 7.31 10.81 13.64
N HIS A 97 8.56 10.84 13.22
CA HIS A 97 9.06 11.89 12.34
C HIS A 97 9.38 11.26 10.99
N PRO A 98 9.22 12.01 9.89
CA PRO A 98 9.49 11.49 8.54
C PRO A 98 10.87 10.85 8.40
N GLU A 99 11.90 11.57 8.81
CA GLU A 99 13.26 11.06 8.74
C GLU A 99 13.47 9.89 9.70
N SER A 100 12.91 10.01 10.91
CA SER A 100 13.05 8.98 11.93
C SER A 100 12.44 7.65 11.49
N PHE A 101 11.21 7.72 10.97
CA PHE A 101 10.52 6.52 10.49
C PHE A 101 11.29 5.84 9.36
N LEU A 102 11.68 6.63 8.36
CA LEU A 102 12.40 6.11 7.20
C LEU A 102 13.77 5.52 7.57
N GLN A 103 14.53 6.23 8.40
CA GLN A 103 15.86 5.74 8.79
C GLN A 103 15.76 4.46 9.61
N GLN A 104 14.79 4.40 10.52
CA GLN A 104 14.60 3.21 11.35
C GLN A 104 14.23 2.00 10.49
N VAL A 105 13.35 2.22 9.52
CA VAL A 105 12.92 1.15 8.61
C VAL A 105 14.10 0.71 7.72
N THR A 106 14.85 1.69 7.20
CA THR A 106 15.99 1.42 6.33
C THR A 106 17.05 0.57 7.05
N MET A 107 17.37 0.95 8.28
CA MET A 107 18.36 0.21 9.06
C MET A 107 17.90 -1.24 9.31
N GLY A 108 16.61 -1.40 9.60
CA GLY A 108 16.07 -2.73 9.82
C GLY A 108 16.08 -3.57 8.55
N LEU A 109 15.79 -2.91 7.43
CA LEU A 109 15.74 -3.56 6.11
C LEU A 109 17.10 -4.05 5.62
N THR A 110 18.19 -3.60 6.24
CA THR A 110 19.53 -4.04 5.82
C THR A 110 19.73 -5.53 6.04
N SER A 111 19.00 -6.09 7.00
CA SER A 111 19.07 -7.51 7.31
C SER A 111 18.44 -8.36 6.20
N LEU A 112 17.65 -7.71 5.35
CA LEU A 112 16.97 -8.39 4.24
C LEU A 112 17.77 -8.21 2.95
N ALA A 113 18.97 -7.63 3.09
CA ALA A 113 19.88 -7.37 1.96
C ALA A 113 19.39 -6.19 1.12
N THR A 114 20.04 -5.96 -0.01
CA THR A 114 19.68 -4.85 -0.89
C THR A 114 19.48 -5.33 -2.32
N SER A 115 18.76 -4.54 -3.11
CA SER A 115 18.49 -4.87 -4.50
C SER A 115 18.45 -3.61 -5.36
N ALA A 116 18.57 -3.78 -6.67
CA ALA A 116 18.55 -2.65 -7.59
C ALA A 116 17.18 -2.51 -8.26
N GLN A 117 16.66 -1.28 -8.29
CA GLN A 117 15.36 -0.98 -8.89
C GLN A 117 14.25 -1.83 -8.28
N MET B 1 15.37 19.12 6.95
CA MET B 1 14.11 19.72 7.48
C MET B 1 13.05 19.81 6.39
N ALA B 2 13.39 19.32 5.19
CA ALA B 2 12.48 19.35 4.06
C ALA B 2 12.35 17.97 3.42
N PRO B 3 11.47 17.11 3.97
CA PRO B 3 11.23 15.76 3.45
C PRO B 3 10.71 15.77 2.01
N LEU B 4 11.13 14.78 1.22
CA LEU B 4 10.70 14.69 -0.17
C LEU B 4 9.53 13.73 -0.29
N ARG B 5 8.40 14.25 -0.77
CA ARG B 5 7.18 13.46 -0.93
C ARG B 5 6.58 13.67 -2.33
N LYS B 6 5.34 14.16 -2.36
CA LYS B 6 4.62 14.45 -3.60
C LYS B 6 4.36 13.19 -4.44
N THR B 7 4.04 12.09 -3.77
CA THR B 7 3.75 10.84 -4.47
C THR B 7 2.29 10.79 -4.92
N ALA B 8 2.00 9.95 -5.90
CA ALA B 8 0.63 9.80 -6.39
C ALA B 8 -0.01 8.59 -5.74
N VAL B 9 -1.30 8.67 -5.44
CA VAL B 9 -1.98 7.56 -4.79
C VAL B 9 -3.26 7.16 -5.52
N LEU B 10 -3.49 5.85 -5.62
CA LEU B 10 -4.68 5.32 -6.26
C LEU B 10 -5.54 4.56 -5.25
N LYS B 11 -6.85 4.70 -5.36
CA LYS B 11 -7.77 4.02 -4.46
C LYS B 11 -8.38 2.81 -5.16
N LEU B 12 -8.29 1.66 -4.52
CA LEU B 12 -8.84 0.43 -5.06
C LEU B 12 -9.95 -0.10 -4.15
N TYR B 13 -11.18 -0.04 -4.64
CA TYR B 13 -12.33 -0.51 -3.87
C TYR B 13 -12.74 -1.90 -4.31
N VAL B 14 -12.92 -2.80 -3.35
CA VAL B 14 -13.32 -4.17 -3.63
C VAL B 14 -14.42 -4.63 -2.70
N ALA B 15 -15.04 -5.76 -3.01
CA ALA B 15 -16.12 -6.28 -2.20
C ALA B 15 -15.88 -7.75 -1.83
N GLY B 16 -15.69 -8.00 -0.55
CA GLY B 16 -15.47 -9.36 -0.08
C GLY B 16 -14.05 -9.84 -0.25
N ASN B 17 -13.82 -11.10 0.08
CA ASN B 17 -12.50 -11.71 -0.04
C ASN B 17 -12.48 -12.74 -1.17
N THR B 18 -13.31 -12.50 -2.18
CA THR B 18 -13.41 -13.40 -3.32
C THR B 18 -12.14 -13.37 -4.17
N PRO B 19 -11.88 -14.44 -4.94
CA PRO B 19 -10.70 -14.55 -5.82
C PRO B 19 -10.56 -13.38 -6.78
N ASN B 20 -11.69 -12.87 -7.29
CA ASN B 20 -11.66 -11.75 -8.22
C ASN B 20 -11.02 -10.52 -7.59
N SER B 21 -11.36 -10.26 -6.34
CA SER B 21 -10.80 -9.11 -5.62
C SER B 21 -9.32 -9.35 -5.30
N VAL B 22 -9.00 -10.59 -4.92
CA VAL B 22 -7.63 -10.98 -4.58
C VAL B 22 -6.70 -10.92 -5.79
N ARG B 23 -7.15 -11.48 -6.91
CA ARG B 23 -6.36 -11.53 -8.14
C ARG B 23 -6.15 -10.13 -8.74
N ALA B 24 -7.16 -9.27 -8.63
CA ALA B 24 -7.07 -7.92 -9.17
C ALA B 24 -5.91 -7.15 -8.54
N LEU B 25 -5.74 -7.31 -7.24
CA LEU B 25 -4.64 -6.66 -6.53
C LEU B 25 -3.30 -7.12 -7.05
N LYS B 26 -3.17 -8.44 -7.28
CA LYS B 26 -1.94 -9.02 -7.79
C LYS B 26 -1.65 -8.52 -9.20
N THR B 27 -2.69 -8.42 -10.02
CA THR B 27 -2.57 -7.97 -11.39
C THR B 27 -2.08 -6.54 -11.47
N LEU B 28 -2.67 -5.67 -10.67
CA LEU B 28 -2.32 -4.25 -10.64
C LEU B 28 -0.95 -4.03 -10.00
N ALA B 29 -0.65 -4.78 -8.94
CA ALA B 29 0.62 -4.64 -8.22
C ALA B 29 1.83 -4.95 -9.10
N ASN B 30 1.73 -5.99 -9.92
CA ASN B 30 2.84 -6.37 -10.82
C ASN B 30 3.13 -5.28 -11.84
N ILE B 31 2.08 -4.69 -12.40
CA ILE B 31 2.23 -3.64 -13.40
C ILE B 31 2.75 -2.36 -12.76
N LEU B 32 2.21 -2.02 -11.59
CA LEU B 32 2.60 -0.81 -10.87
C LEU B 32 4.05 -0.93 -10.38
N GLU B 33 4.43 -2.13 -9.94
CA GLU B 33 5.78 -2.37 -9.43
C GLU B 33 6.85 -2.10 -10.49
N LYS B 34 6.57 -2.46 -11.74
CA LYS B 34 7.56 -2.27 -12.81
C LYS B 34 7.45 -0.92 -13.52
N GLU B 35 6.23 -0.51 -13.88
CA GLU B 35 6.07 0.75 -14.63
C GLU B 35 5.74 1.97 -13.76
N PHE B 36 5.36 1.77 -12.50
CA PHE B 36 5.02 2.90 -11.64
C PHE B 36 5.74 2.86 -10.30
N LYS B 37 6.96 2.36 -10.29
CA LYS B 37 7.73 2.27 -9.05
C LYS B 37 8.32 3.61 -8.63
N GLY B 38 8.11 3.97 -7.36
CA GLY B 38 8.64 5.21 -6.82
C GLY B 38 7.78 6.43 -7.11
N VAL B 39 6.64 6.27 -7.77
CA VAL B 39 5.80 7.41 -8.08
C VAL B 39 4.33 7.21 -7.66
N TYR B 40 3.86 5.97 -7.64
CA TYR B 40 2.47 5.69 -7.29
C TYR B 40 2.33 4.70 -6.14
N ALA B 41 1.39 4.99 -5.24
CA ALA B 41 1.08 4.13 -4.10
C ALA B 41 -0.36 3.65 -4.19
N LEU B 42 -0.67 2.51 -3.59
CA LEU B 42 -2.02 1.97 -3.67
C LEU B 42 -2.71 1.86 -2.31
N LYS B 43 -4.03 2.08 -2.31
CA LYS B 43 -4.86 1.99 -1.12
C LYS B 43 -6.07 1.11 -1.43
N VAL B 44 -6.42 0.20 -0.51
CA VAL B 44 -7.55 -0.70 -0.75
C VAL B 44 -8.63 -0.58 0.33
N ILE B 45 -9.88 -0.38 -0.11
CA ILE B 45 -11.02 -0.24 0.79
C ILE B 45 -12.12 -1.25 0.46
N ASP B 46 -12.67 -1.89 1.50
CA ASP B 46 -13.73 -2.85 1.32
C ASP B 46 -15.09 -2.16 1.50
N VAL B 47 -15.85 -2.06 0.43
CA VAL B 47 -17.14 -1.39 0.46
C VAL B 47 -18.16 -2.12 1.35
N LEU B 48 -18.03 -3.44 1.47
CA LEU B 48 -18.95 -4.22 2.30
C LEU B 48 -18.78 -3.93 3.78
N LYS B 49 -17.53 -3.74 4.23
CA LYS B 49 -17.26 -3.47 5.64
C LYS B 49 -17.74 -2.09 6.06
N ASN B 50 -17.56 -1.10 5.18
CA ASN B 50 -18.00 0.24 5.49
C ASN B 50 -18.68 0.87 4.27
N PRO B 51 -20.02 0.75 4.16
CA PRO B 51 -20.79 1.30 3.04
C PRO B 51 -20.69 2.82 2.96
N GLN B 52 -20.39 3.43 4.10
CA GLN B 52 -20.24 4.88 4.20
C GLN B 52 -19.11 5.38 3.31
N LEU B 53 -17.99 4.66 3.32
CA LEU B 53 -16.83 5.04 2.51
C LEU B 53 -17.16 5.00 1.03
N ALA B 54 -17.89 3.97 0.61
CA ALA B 54 -18.29 3.83 -0.78
C ALA B 54 -19.23 4.95 -1.20
N GLU B 55 -20.15 5.31 -0.30
CA GLU B 55 -21.10 6.39 -0.56
C GLU B 55 -20.39 7.75 -0.66
N GLU B 56 -19.37 7.92 0.16
CA GLU B 56 -18.61 9.17 0.19
C GLU B 56 -17.83 9.37 -1.11
N ASP B 57 -17.29 8.28 -1.66
CA ASP B 57 -16.51 8.38 -2.90
C ASP B 57 -17.37 8.03 -4.13
N LYS B 58 -18.68 7.88 -3.92
CA LYS B 58 -19.62 7.57 -5.00
C LYS B 58 -19.25 6.27 -5.74
N ILE B 59 -19.03 5.20 -4.99
CA ILE B 59 -18.68 3.90 -5.57
C ILE B 59 -19.92 3.02 -5.70
N LEU B 60 -20.29 2.69 -6.94
CA LEU B 60 -21.46 1.85 -7.19
C LEU B 60 -21.10 0.44 -7.64
N ALA B 61 -19.84 0.23 -8.02
CA ALA B 61 -19.39 -1.08 -8.50
C ALA B 61 -17.93 -1.32 -8.16
N THR B 62 -17.57 -2.59 -7.97
CA THR B 62 -16.19 -2.97 -7.64
C THR B 62 -15.74 -4.18 -8.46
N PRO B 63 -14.42 -4.36 -8.69
CA PRO B 63 -13.36 -3.45 -8.21
C PRO B 63 -13.41 -2.07 -8.87
N THR B 64 -13.02 -1.05 -8.11
CA THR B 64 -13.01 0.32 -8.63
C THR B 64 -11.67 0.99 -8.38
N LEU B 65 -11.08 1.54 -9.44
CA LEU B 65 -9.81 2.24 -9.31
C LEU B 65 -10.05 3.75 -9.37
N ALA B 66 -9.71 4.43 -8.28
CA ALA B 66 -9.92 5.87 -8.19
C ALA B 66 -8.60 6.63 -8.08
N LYS B 67 -8.52 7.75 -8.80
CA LYS B 67 -7.34 8.59 -8.78
C LYS B 67 -7.61 9.83 -7.95
N VAL B 68 -6.84 10.02 -6.87
CA VAL B 68 -7.03 11.18 -6.00
C VAL B 68 -5.97 12.25 -6.26
N LEU B 69 -4.71 11.87 -6.11
CA LEU B 69 -3.62 12.82 -6.32
C LEU B 69 -2.53 12.23 -7.22
N PRO B 70 -1.89 13.06 -8.06
CA PRO B 70 -2.20 14.48 -8.19
C PRO B 70 -3.37 14.74 -9.14
N PRO B 71 -4.19 15.79 -8.91
CA PRO B 71 -5.32 16.13 -9.77
C PRO B 71 -4.86 16.58 -11.17
N PRO B 72 -5.77 16.61 -12.18
CA PRO B 72 -7.20 16.28 -12.05
C PRO B 72 -7.46 14.83 -11.64
N VAL B 73 -8.56 14.61 -10.93
CA VAL B 73 -8.94 13.28 -10.48
C VAL B 73 -9.60 12.48 -11.60
N ARG B 74 -9.38 11.18 -11.60
CA ARG B 74 -9.96 10.30 -12.63
C ARG B 74 -10.55 9.04 -12.00
N ARG B 75 -11.55 8.48 -12.65
CA ARG B 75 -12.20 7.26 -12.15
C ARG B 75 -12.16 6.17 -13.22
N ILE B 76 -11.70 4.97 -12.83
CA ILE B 76 -11.62 3.86 -13.75
C ILE B 76 -12.49 2.70 -13.27
N ILE B 77 -13.47 2.32 -14.08
CA ILE B 77 -14.37 1.23 -13.74
C ILE B 77 -14.29 0.14 -14.81
N GLY B 78 -14.01 -1.08 -14.39
CA GLY B 78 -13.91 -2.17 -15.34
C GLY B 78 -13.32 -3.42 -14.72
N ASP B 79 -12.94 -4.37 -15.58
CA ASP B 79 -12.36 -5.62 -15.11
C ASP B 79 -10.86 -5.45 -14.88
N LEU B 80 -10.46 -5.41 -13.61
CA LEU B 80 -9.05 -5.23 -13.25
C LEU B 80 -8.28 -6.55 -13.23
N SER B 81 -8.96 -7.67 -13.43
CA SER B 81 -8.29 -8.97 -13.45
C SER B 81 -7.54 -9.16 -14.77
N ASN B 82 -7.84 -8.31 -15.74
CA ASN B 82 -7.19 -8.36 -17.04
C ASN B 82 -5.96 -7.47 -17.06
N ARG B 83 -4.79 -8.10 -17.08
CA ARG B 83 -3.51 -7.38 -17.08
C ARG B 83 -3.38 -6.46 -18.29
N GLU B 84 -3.85 -6.92 -19.45
CA GLU B 84 -3.76 -6.12 -20.66
C GLU B 84 -4.48 -4.78 -20.50
N LYS B 85 -5.70 -4.81 -19.97
CA LYS B 85 -6.50 -3.61 -19.74
C LYS B 85 -5.88 -2.71 -18.68
N VAL B 86 -5.42 -3.32 -17.58
CA VAL B 86 -4.82 -2.58 -16.48
C VAL B 86 -3.57 -1.84 -16.94
N LEU B 87 -2.74 -2.52 -17.75
CA LEU B 87 -1.53 -1.91 -18.27
C LEU B 87 -1.85 -0.68 -19.10
N ILE B 88 -2.86 -0.79 -19.96
CA ILE B 88 -3.28 0.32 -20.80
C ILE B 88 -3.75 1.51 -19.97
N ALA B 89 -4.60 1.23 -18.97
CA ALA B 89 -5.12 2.26 -18.09
C ALA B 89 -4.03 2.95 -17.27
N LEU B 90 -3.08 2.17 -16.76
CA LEU B 90 -1.99 2.71 -15.96
C LEU B 90 -1.01 3.53 -16.79
N ARG B 91 -0.75 3.10 -18.02
CA ARG B 91 0.18 3.84 -18.90
C ARG B 91 -0.34 5.24 -19.18
N LEU B 92 -1.66 5.35 -19.36
CA LEU B 92 -2.29 6.65 -19.60
C LEU B 92 -2.08 7.59 -18.43
N LEU B 93 -2.14 7.03 -17.22
CA LEU B 93 -1.94 7.80 -15.99
C LEU B 93 -0.53 8.37 -15.92
N ALA B 94 0.44 7.58 -16.38
CA ALA B 94 1.85 8.00 -16.39
C ALA B 94 2.05 9.23 -17.28
N GLU B 95 1.38 9.23 -18.42
CA GLU B 95 1.48 10.33 -19.37
C GLU B 95 0.95 11.62 -18.75
N GLU B 96 -0.15 11.51 -18.01
CA GLU B 96 -0.76 12.67 -17.37
C GLU B 96 0.15 13.27 -16.29
N ILE B 97 0.79 12.42 -15.50
CA ILE B 97 1.68 12.90 -14.43
C ILE B 97 3.01 13.39 -15.00
N GLY B 98 3.44 12.82 -16.12
CA GLY B 98 4.69 13.22 -16.74
C GLY B 98 4.56 14.50 -17.54
N ASP B 99 3.33 14.95 -17.75
CA ASP B 99 3.08 16.18 -18.51
C ASP B 99 3.18 17.40 -17.60
N TYR B 100 4.41 17.74 -17.21
CA TYR B 100 4.63 18.88 -16.35
C TYR B 100 5.84 19.69 -16.83
N LYS B 101 5.67 20.99 -16.99
CA LYS B 101 6.75 21.86 -17.44
C LYS B 101 7.32 22.63 -16.25
N ASP B 102 8.61 22.45 -15.99
CA ASP B 102 9.30 23.13 -14.89
C ASP B 102 9.31 24.64 -15.08
N ASP B 103 9.66 25.07 -16.30
CA ASP B 103 9.72 26.50 -16.62
C ASP B 103 9.67 26.70 -18.12
N ASP B 104 9.32 27.92 -18.55
CA ASP B 104 9.25 28.22 -19.98
C ASP B 104 10.61 28.67 -20.50
N ASP B 105 10.68 28.97 -21.79
CA ASP B 105 11.92 29.41 -22.42
C ASP B 105 11.62 30.19 -23.69
N LYS B 106 12.59 30.99 -24.14
CA LYS B 106 12.42 31.78 -25.35
C LYS B 106 12.69 30.94 -26.59
N GLU A 1 12.35 -0.46 -4.61
CA GLU A 1 13.42 -0.94 -3.70
C GLU A 1 12.84 -1.85 -2.61
N GLY A 2 11.71 -2.47 -2.92
CA GLY A 2 11.06 -3.35 -1.97
C GLY A 2 9.61 -2.97 -1.72
N ARG A 3 8.77 -3.99 -1.59
CA ARG A 3 7.35 -3.77 -1.34
C ARG A 3 7.07 -3.50 0.14
N ILE A 4 6.42 -2.37 0.40
CA ILE A 4 6.07 -1.97 1.75
C ILE A 4 4.55 -1.99 1.92
N VAL A 5 4.06 -2.77 2.88
CA VAL A 5 2.62 -2.83 3.11
C VAL A 5 2.28 -2.42 4.53
N LEU A 6 1.39 -1.44 4.65
CA LEU A 6 0.95 -0.95 5.94
C LEU A 6 -0.50 -1.32 6.16
N VAL A 7 -0.80 -1.91 7.31
CA VAL A 7 -2.15 -2.35 7.62
C VAL A 7 -2.76 -1.51 8.73
N SER A 8 -3.79 -0.73 8.39
CA SER A 8 -4.49 0.13 9.34
C SER A 8 -5.68 0.79 8.64
N GLU A 9 -6.45 1.60 9.37
CA GLU A 9 -7.59 2.30 8.79
C GLU A 9 -7.39 3.82 8.86
N ASP A 10 -6.22 4.26 9.32
CA ASP A 10 -5.95 5.70 9.45
C ASP A 10 -5.43 6.28 8.13
N GLU A 11 -6.30 7.02 7.45
CA GLU A 11 -5.98 7.64 6.16
C GLU A 11 -4.86 8.69 6.27
N ALA A 12 -4.87 9.46 7.36
CA ALA A 12 -3.86 10.51 7.57
C ALA A 12 -2.45 9.94 7.62
N THR A 13 -2.31 8.81 8.31
CA THR A 13 -1.01 8.14 8.43
C THR A 13 -0.57 7.62 7.07
N SER A 14 -1.53 7.07 6.32
CA SER A 14 -1.27 6.52 5.00
C SER A 14 -0.77 7.57 4.02
N THR A 15 -1.43 8.72 4.00
CA THR A 15 -1.06 9.80 3.08
C THR A 15 0.36 10.29 3.34
N LEU A 16 0.69 10.54 4.60
CA LEU A 16 2.01 11.03 4.98
C LEU A 16 3.10 10.00 4.67
N ILE A 17 2.92 8.77 5.13
CA ILE A 17 3.91 7.71 4.93
C ILE A 17 4.08 7.27 3.48
N CYS A 18 3.00 7.20 2.72
CA CYS A 18 3.11 6.77 1.32
C CYS A 18 4.05 7.70 0.57
N SER A 19 3.94 9.01 0.79
CA SER A 19 4.83 9.95 0.14
C SER A 19 6.26 9.80 0.68
N ILE A 20 6.37 9.48 1.97
CA ILE A 20 7.67 9.28 2.62
C ILE A 20 8.47 8.11 2.01
N LEU A 21 7.82 6.96 1.87
CA LEU A 21 8.49 5.78 1.33
C LEU A 21 8.42 5.66 -0.21
N THR A 22 7.29 6.00 -0.80
CA THR A 22 7.11 5.87 -2.25
C THR A 22 8.05 6.80 -3.03
N THR A 23 8.17 8.06 -2.60
CA THR A 23 9.04 9.02 -3.29
C THR A 23 10.49 8.55 -3.29
N ALA A 24 10.90 7.92 -2.20
CA ALA A 24 12.27 7.42 -2.04
C ALA A 24 12.55 6.25 -2.99
N GLY A 25 11.53 5.76 -3.68
CA GLY A 25 11.73 4.66 -4.61
C GLY A 25 11.16 3.33 -4.12
N TYR A 26 10.42 3.36 -3.03
CA TYR A 26 9.82 2.15 -2.47
C TYR A 26 8.38 1.98 -2.95
N GLN A 27 7.97 0.73 -3.11
CA GLN A 27 6.62 0.41 -3.55
C GLN A 27 5.73 0.20 -2.33
N VAL A 28 4.94 1.21 -1.98
CA VAL A 28 4.10 1.13 -0.79
C VAL A 28 2.61 0.89 -1.10
N ILE A 29 2.05 -0.11 -0.44
CA ILE A 29 0.63 -0.43 -0.57
C ILE A 29 -0.04 -0.38 0.80
N TRP A 30 -1.12 0.37 0.88
CA TRP A 30 -1.88 0.51 2.12
C TRP A 30 -3.09 -0.42 2.11
N LEU A 31 -3.16 -1.33 3.07
CA LEU A 31 -4.27 -2.27 3.14
C LEU A 31 -5.06 -2.09 4.44
N VAL A 32 -6.38 -2.18 4.33
CA VAL A 32 -7.25 -2.07 5.49
C VAL A 32 -7.17 -3.35 6.30
N ASP A 33 -7.10 -3.23 7.62
CA ASP A 33 -6.97 -4.40 8.51
C ASP A 33 -8.17 -5.34 8.48
N GLY A 34 -7.94 -6.56 8.97
CA GLY A 34 -8.98 -7.57 9.02
C GLY A 34 -8.90 -8.64 7.94
N GLU A 35 -8.16 -8.39 6.86
CA GLU A 35 -8.05 -9.39 5.80
C GLU A 35 -6.63 -9.93 5.62
N VAL A 36 -6.40 -11.18 6.04
CA VAL A 36 -5.10 -11.82 5.89
C VAL A 36 -4.84 -12.20 4.43
N GLU A 37 -5.89 -12.67 3.75
CA GLU A 37 -5.79 -13.03 2.34
C GLU A 37 -5.33 -11.84 1.52
N ARG A 38 -5.75 -10.64 1.94
CA ARG A 38 -5.37 -9.41 1.27
C ARG A 38 -3.84 -9.26 1.33
N LEU A 39 -3.27 -9.59 2.50
CA LEU A 39 -1.83 -9.52 2.71
C LEU A 39 -1.11 -10.55 1.85
N LEU A 40 -1.69 -11.73 1.74
CA LEU A 40 -1.12 -12.81 0.94
C LEU A 40 -1.14 -12.43 -0.54
N ALA A 41 -2.22 -11.78 -0.96
CA ALA A 41 -2.37 -11.35 -2.35
C ALA A 41 -1.24 -10.39 -2.77
N LEU A 42 -0.89 -9.49 -1.87
CA LEU A 42 0.16 -8.51 -2.13
C LEU A 42 1.41 -8.79 -1.30
N THR A 43 1.64 -10.07 -0.99
CA THR A 43 2.78 -10.53 -0.16
C THR A 43 4.03 -9.66 -0.29
N PRO A 44 4.27 -8.79 0.72
CA PRO A 44 5.42 -7.90 0.77
C PRO A 44 6.64 -8.53 1.44
N ILE A 45 7.73 -7.79 1.46
CA ILE A 45 8.95 -8.26 2.12
C ILE A 45 8.89 -7.91 3.61
N ALA A 46 8.01 -6.97 3.95
CA ALA A 46 7.81 -6.54 5.31
C ALA A 46 6.37 -6.05 5.52
N VAL A 47 5.80 -6.32 6.68
CA VAL A 47 4.44 -5.90 6.99
C VAL A 47 4.43 -4.94 8.16
N LEU A 48 3.84 -3.77 7.97
CA LEU A 48 3.77 -2.76 9.01
C LEU A 48 2.36 -2.63 9.57
N LEU A 49 2.23 -2.78 10.88
CA LEU A 49 0.92 -2.68 11.54
C LEU A 49 0.88 -1.39 12.36
N ALA A 50 -0.12 -0.55 12.12
CA ALA A 50 -0.23 0.70 12.85
C ALA A 50 -1.39 0.69 13.84
N GLU A 51 -1.08 1.00 15.09
CA GLU A 51 -2.09 1.05 16.15
C GLU A 51 -2.83 2.38 16.13
N PRO A 52 -4.08 2.43 16.64
CA PRO A 52 -4.78 1.25 17.19
C PRO A 52 -5.43 0.38 16.10
N PHE A 53 -5.67 -0.88 16.44
CA PHE A 53 -6.30 -1.81 15.52
C PHE A 53 -7.79 -1.95 15.85
N SER A 54 -8.62 -1.27 15.07
CA SER A 54 -10.07 -1.29 15.28
C SER A 54 -10.65 -2.68 15.00
N TYR A 55 -10.15 -3.35 13.96
CA TYR A 55 -10.63 -4.68 13.62
C TYR A 55 -9.48 -5.68 13.47
N GLY A 56 -9.65 -6.85 14.05
CA GLY A 56 -8.63 -7.88 13.96
C GLY A 56 -7.63 -7.82 15.10
N ASP A 57 -7.05 -8.97 15.43
CA ASP A 57 -6.06 -9.06 16.51
C ASP A 57 -4.66 -9.00 15.92
N VAL A 58 -3.86 -8.05 16.40
CA VAL A 58 -2.49 -7.86 15.91
C VAL A 58 -1.63 -9.12 16.10
N GLN A 59 -1.70 -9.71 17.30
CA GLN A 59 -0.93 -10.92 17.58
C GLN A 59 -1.34 -12.08 16.68
N GLU A 60 -2.64 -12.22 16.46
CA GLU A 60 -3.16 -13.28 15.60
C GLU A 60 -2.68 -13.09 14.17
N LEU A 61 -2.72 -11.83 13.70
CA LEU A 61 -2.29 -11.49 12.35
C LEU A 61 -0.81 -11.80 12.15
N VAL A 62 0.01 -11.43 13.15
CA VAL A 62 1.45 -11.70 13.10
C VAL A 62 1.70 -13.20 13.03
N ASP A 63 0.99 -13.95 13.86
CA ASP A 63 1.11 -15.41 13.90
C ASP A 63 0.75 -16.03 12.55
N GLN A 64 -0.33 -15.54 11.94
CA GLN A 64 -0.75 -16.05 10.64
C GLN A 64 0.30 -15.76 9.56
N LEU A 65 0.86 -14.55 9.61
CA LEU A 65 1.89 -14.14 8.63
C LEU A 65 3.17 -14.96 8.75
N ARG A 66 3.60 -15.26 9.98
CA ARG A 66 4.81 -16.04 10.19
C ARG A 66 4.62 -17.49 9.75
N GLN A 67 3.37 -17.91 9.62
CA GLN A 67 3.06 -19.27 9.18
C GLN A 67 3.04 -19.35 7.66
N ARG A 68 3.01 -18.19 7.01
CA ARG A 68 3.01 -18.13 5.55
C ARG A 68 4.42 -17.95 5.02
N CYS A 69 5.17 -17.04 5.64
CA CYS A 69 6.54 -16.76 5.24
C CYS A 69 7.46 -16.78 6.44
N THR A 70 8.71 -17.19 6.23
CA THR A 70 9.69 -17.26 7.30
C THR A 70 10.18 -15.85 7.68
N PRO A 71 10.70 -15.68 8.92
CA PRO A 71 11.20 -14.37 9.41
C PRO A 71 12.25 -13.72 8.51
N GLU A 72 13.14 -14.54 7.94
CA GLU A 72 14.18 -14.02 7.05
C GLU A 72 13.60 -13.58 5.71
N GLN A 73 12.44 -14.12 5.35
CA GLN A 73 11.79 -13.77 4.08
C GLN A 73 10.87 -12.57 4.23
N LEU A 74 10.20 -12.48 5.39
CA LEU A 74 9.27 -11.38 5.64
C LEU A 74 9.40 -10.90 7.09
N LYS A 75 9.46 -9.59 7.27
CA LYS A 75 9.59 -8.99 8.60
C LYS A 75 8.31 -8.29 9.03
N ILE A 76 8.07 -8.28 10.34
CA ILE A 76 6.89 -7.65 10.91
C ILE A 76 7.27 -6.43 11.76
N PHE A 77 6.65 -5.29 11.49
CA PHE A 77 6.92 -4.06 12.23
C PHE A 77 5.63 -3.48 12.80
N ILE A 78 5.69 -2.92 14.00
CA ILE A 78 4.51 -2.34 14.62
C ILE A 78 4.72 -0.86 14.96
N LEU A 79 3.76 -0.04 14.55
CA LEU A 79 3.81 1.39 14.80
C LEU A 79 2.81 1.80 15.89
N GLY A 80 3.28 2.59 16.86
CA GLY A 80 2.42 3.06 17.93
C GLY A 80 2.56 2.29 19.23
N SER A 81 3.12 1.10 19.19
CA SER A 81 3.29 0.31 20.41
C SER A 81 4.66 -0.38 20.43
N LYS A 82 5.06 -0.83 21.62
CA LYS A 82 6.33 -1.50 21.79
C LYS A 82 6.22 -2.57 22.88
N GLY A 83 7.14 -3.53 22.88
CA GLY A 83 7.11 -4.58 23.87
C GLY A 83 8.18 -5.63 23.64
N ASN A 84 8.10 -6.73 24.38
CA ASN A 84 9.07 -7.81 24.27
C ASN A 84 8.49 -8.99 23.50
N TYR A 85 7.46 -8.72 22.69
CA TYR A 85 6.81 -9.77 21.90
C TYR A 85 7.70 -10.22 20.76
N GLN A 86 7.68 -11.52 20.49
CA GLN A 86 8.47 -12.11 19.43
C GLN A 86 7.75 -12.04 18.09
N GLY A 87 8.51 -12.12 17.00
CA GLY A 87 7.92 -12.06 15.67
C GLY A 87 7.96 -10.66 15.08
N VAL A 88 8.36 -9.69 15.89
CA VAL A 88 8.44 -8.31 15.42
C VAL A 88 9.89 -7.86 15.38
N ASP A 89 10.33 -7.42 14.19
CA ASP A 89 11.72 -6.99 13.98
C ASP A 89 12.03 -5.72 14.76
N ARG A 90 11.11 -4.75 14.74
CA ARG A 90 11.34 -3.48 15.43
C ARG A 90 10.02 -2.74 15.68
N TYR A 91 9.97 -1.97 16.75
CA TYR A 91 8.78 -1.20 17.11
C TYR A 91 9.03 0.29 16.91
N ILE A 92 8.04 0.99 16.33
CA ILE A 92 8.16 2.43 16.10
C ILE A 92 7.16 3.19 16.98
N PRO A 93 7.66 3.85 18.05
CA PRO A 93 6.82 4.64 18.98
C PRO A 93 6.10 5.81 18.33
N LEU A 94 4.89 6.11 18.82
CA LEU A 94 4.07 7.20 18.31
C LEU A 94 4.06 8.35 19.33
N PRO A 95 4.07 9.63 18.90
CA PRO A 95 4.10 10.02 17.48
C PRO A 95 5.42 9.71 16.77
N ILE A 96 5.34 9.53 15.46
CA ILE A 96 6.52 9.21 14.67
C ILE A 96 6.94 10.41 13.81
N HIS A 97 8.21 10.45 13.45
CA HIS A 97 8.72 11.52 12.60
C HIS A 97 9.04 10.94 11.22
N PRO A 98 8.87 11.73 10.15
CA PRO A 98 9.12 11.25 8.77
C PRO A 98 10.51 10.64 8.59
N GLU A 99 11.54 11.38 8.99
CA GLU A 99 12.92 10.90 8.87
C GLU A 99 13.17 9.71 9.80
N SER A 100 12.63 9.80 11.01
CA SER A 100 12.81 8.74 12.01
C SER A 100 12.19 7.42 11.53
N PHE A 101 10.97 7.50 11.02
CA PHE A 101 10.27 6.33 10.50
C PHE A 101 11.04 5.67 9.36
N LEU A 102 11.46 6.48 8.39
CA LEU A 102 12.20 5.97 7.23
C LEU A 102 13.53 5.35 7.63
N GLN A 103 14.26 6.01 8.53
CA GLN A 103 15.56 5.51 8.96
C GLN A 103 15.43 4.16 9.68
N GLN A 104 14.42 4.03 10.54
CA GLN A 104 14.21 2.79 11.28
C GLN A 104 13.85 1.64 10.33
N VAL A 105 12.98 1.93 9.36
CA VAL A 105 12.57 0.94 8.38
C VAL A 105 13.75 0.51 7.51
N THR A 106 14.53 1.49 7.05
CA THR A 106 15.69 1.22 6.21
C THR A 106 16.71 0.35 6.94
N MET A 107 17.03 0.71 8.18
CA MET A 107 17.99 -0.05 8.98
C MET A 107 17.48 -1.46 9.28
N GLY A 108 16.18 -1.56 9.58
CA GLY A 108 15.59 -2.86 9.86
C GLY A 108 15.64 -3.81 8.68
N LEU A 109 15.41 -3.28 7.47
CA LEU A 109 15.40 -4.08 6.26
C LEU A 109 16.80 -4.47 5.76
N THR A 110 17.85 -3.96 6.40
CA THR A 110 19.22 -4.29 5.99
C THR A 110 19.53 -5.77 6.20
N SER A 111 18.91 -6.36 7.24
CA SER A 111 19.10 -7.76 7.55
C SER A 111 18.51 -8.63 6.43
N LEU A 112 17.35 -8.21 5.92
CA LEU A 112 16.66 -8.93 4.86
C LEU A 112 17.46 -8.88 3.55
N ALA A 113 17.97 -7.69 3.22
CA ALA A 113 18.75 -7.50 2.00
C ALA A 113 19.72 -6.33 2.16
N THR A 114 20.87 -6.44 1.52
CA THR A 114 21.88 -5.39 1.58
C THR A 114 22.72 -5.37 0.29
N SER A 115 23.34 -4.23 0.02
CA SER A 115 24.16 -4.08 -1.18
C SER A 115 25.53 -3.51 -0.82
N ALA A 116 26.54 -3.89 -1.57
CA ALA A 116 27.90 -3.41 -1.34
C ALA A 116 28.67 -3.30 -2.65
N GLN A 117 29.65 -2.41 -2.67
CA GLN A 117 30.47 -2.20 -3.87
C GLN A 117 31.42 -3.37 -4.09
N MET B 1 6.72 23.26 2.42
CA MET B 1 6.18 22.27 3.38
C MET B 1 6.31 20.84 2.84
N ALA B 2 6.68 20.75 1.56
CA ALA B 2 6.84 19.46 0.90
C ALA B 2 8.18 19.38 0.18
N PRO B 3 9.29 19.12 0.92
CA PRO B 3 10.65 19.03 0.35
C PRO B 3 10.75 17.97 -0.75
N LEU B 4 10.10 16.83 -0.55
CA LEU B 4 10.12 15.74 -1.52
C LEU B 4 8.83 14.92 -1.42
N ARG B 5 7.70 15.59 -1.56
CA ARG B 5 6.41 14.91 -1.47
C ARG B 5 5.67 15.01 -2.80
N LYS B 6 6.03 14.15 -3.74
CA LYS B 6 5.40 14.15 -5.06
C LYS B 6 5.05 12.74 -5.52
N THR B 7 3.95 12.20 -5.02
CA THR B 7 3.51 10.86 -5.38
C THR B 7 2.03 10.83 -5.74
N ALA B 8 1.63 9.82 -6.50
CA ALA B 8 0.24 9.65 -6.89
C ALA B 8 -0.40 8.53 -6.07
N VAL B 9 -1.64 8.74 -5.65
CA VAL B 9 -2.34 7.75 -4.84
C VAL B 9 -3.52 7.15 -5.59
N LEU B 10 -3.48 5.83 -5.79
CA LEU B 10 -4.55 5.11 -6.47
C LEU B 10 -5.43 4.40 -5.45
N LYS B 11 -6.73 4.74 -5.42
CA LYS B 11 -7.64 4.13 -4.47
C LYS B 11 -8.50 3.07 -5.15
N LEU B 12 -8.24 1.81 -4.81
CA LEU B 12 -9.00 0.72 -5.39
C LEU B 12 -10.09 0.23 -4.43
N TYR B 13 -11.34 0.32 -4.87
CA TYR B 13 -12.47 -0.12 -4.07
C TYR B 13 -12.91 -1.52 -4.51
N VAL B 14 -13.05 -2.42 -3.54
CA VAL B 14 -13.44 -3.79 -3.82
C VAL B 14 -14.54 -4.26 -2.88
N ALA B 15 -15.14 -5.41 -3.19
CA ALA B 15 -16.21 -5.95 -2.36
C ALA B 15 -15.85 -7.34 -1.84
N GLY B 16 -15.44 -7.39 -0.58
CA GLY B 16 -15.10 -8.66 0.05
C GLY B 16 -13.71 -9.14 -0.32
N ASN B 17 -13.45 -10.41 -0.03
CA ASN B 17 -12.17 -11.04 -0.32
C ASN B 17 -12.28 -11.98 -1.52
N THR B 18 -13.15 -11.62 -2.46
CA THR B 18 -13.38 -12.43 -3.65
C THR B 18 -12.12 -12.49 -4.54
N PRO B 19 -11.96 -13.59 -5.31
CA PRO B 19 -10.81 -13.78 -6.19
C PRO B 19 -10.58 -12.64 -7.17
N ASN B 20 -11.65 -12.07 -7.69
CA ASN B 20 -11.55 -10.96 -8.64
C ASN B 20 -10.88 -9.76 -7.98
N SER B 21 -11.23 -9.51 -6.72
CA SER B 21 -10.65 -8.40 -5.96
C SER B 21 -9.17 -8.69 -5.66
N VAL B 22 -8.90 -9.95 -5.30
CA VAL B 22 -7.55 -10.40 -4.98
C VAL B 22 -6.62 -10.33 -6.19
N ARG B 23 -7.09 -10.83 -7.32
CA ARG B 23 -6.30 -10.85 -8.56
C ARG B 23 -6.02 -9.44 -9.09
N ALA B 24 -6.99 -8.53 -8.94
CA ALA B 24 -6.82 -7.16 -9.44
C ALA B 24 -5.63 -6.48 -8.77
N LEU B 25 -5.48 -6.67 -7.47
CA LEU B 25 -4.36 -6.08 -6.73
C LEU B 25 -3.03 -6.62 -7.24
N LYS B 26 -2.99 -7.93 -7.51
CA LYS B 26 -1.77 -8.56 -7.98
C LYS B 26 -1.34 -8.00 -9.34
N THR B 27 -2.30 -7.79 -10.25
CA THR B 27 -1.98 -7.26 -11.57
C THR B 27 -1.63 -5.78 -11.51
N LEU B 28 -2.36 -5.04 -10.67
CA LEU B 28 -2.14 -3.61 -10.51
C LEU B 28 -0.75 -3.33 -9.92
N ALA B 29 -0.40 -4.08 -8.88
CA ALA B 29 0.89 -3.92 -8.22
C ALA B 29 2.04 -4.30 -9.16
N ASN B 30 1.85 -5.38 -9.91
CA ASN B 30 2.88 -5.87 -10.83
C ASN B 30 3.20 -4.86 -11.92
N ILE B 31 2.17 -4.26 -12.51
CA ILE B 31 2.35 -3.28 -13.58
C ILE B 31 3.08 -2.03 -13.09
N LEU B 32 2.68 -1.52 -11.94
CA LEU B 32 3.28 -0.31 -11.40
C LEU B 32 4.71 -0.54 -10.92
N GLU B 33 4.98 -1.70 -10.31
CA GLU B 33 6.33 -1.99 -9.81
C GLU B 33 7.32 -2.23 -10.95
N LYS B 34 6.80 -2.51 -12.15
CA LYS B 34 7.65 -2.78 -13.30
C LYS B 34 7.87 -1.56 -14.19
N GLU B 35 6.80 -0.83 -14.51
CA GLU B 35 6.92 0.32 -15.42
C GLU B 35 7.10 1.67 -14.71
N PHE B 36 6.28 1.96 -13.71
CA PHE B 36 6.37 3.26 -13.03
C PHE B 36 6.41 3.14 -11.51
N LYS B 37 7.48 2.53 -11.00
CA LYS B 37 7.65 2.37 -9.55
C LYS B 37 8.19 3.65 -8.92
N GLY B 38 7.79 3.92 -7.68
CA GLY B 38 8.27 5.10 -6.98
C GLY B 38 7.40 6.33 -7.16
N VAL B 39 6.41 6.27 -8.03
CA VAL B 39 5.53 7.41 -8.25
C VAL B 39 4.08 7.11 -7.90
N TYR B 40 3.68 5.84 -7.89
CA TYR B 40 2.31 5.48 -7.58
C TYR B 40 2.19 4.63 -6.32
N ALA B 41 1.31 5.04 -5.41
CA ALA B 41 1.04 4.30 -4.19
C ALA B 41 -0.34 3.66 -4.31
N LEU B 42 -0.52 2.46 -3.75
CA LEU B 42 -1.80 1.77 -3.86
C LEU B 42 -2.46 1.54 -2.51
N LYS B 43 -3.79 1.66 -2.49
CA LYS B 43 -4.57 1.41 -1.29
C LYS B 43 -5.88 0.73 -1.68
N VAL B 44 -6.41 -0.12 -0.79
CA VAL B 44 -7.64 -0.83 -1.09
C VAL B 44 -8.67 -0.66 0.03
N ILE B 45 -9.92 -0.47 -0.37
CA ILE B 45 -11.02 -0.30 0.58
C ILE B 45 -12.14 -1.30 0.34
N ASP B 46 -12.60 -1.94 1.42
CA ASP B 46 -13.68 -2.92 1.33
C ASP B 46 -15.02 -2.23 1.57
N VAL B 47 -15.83 -2.12 0.52
CA VAL B 47 -17.13 -1.45 0.63
C VAL B 47 -18.10 -2.18 1.55
N LEU B 48 -17.93 -3.50 1.69
CA LEU B 48 -18.81 -4.30 2.55
C LEU B 48 -18.66 -3.93 4.03
N LYS B 49 -17.42 -3.67 4.46
CA LYS B 49 -17.16 -3.32 5.86
C LYS B 49 -17.69 -1.94 6.21
N ASN B 50 -17.54 -0.99 5.29
CA ASN B 50 -18.01 0.36 5.51
C ASN B 50 -18.61 0.94 4.23
N PRO B 51 -19.94 0.80 4.06
CA PRO B 51 -20.64 1.27 2.85
C PRO B 51 -20.63 2.79 2.65
N GLN B 52 -20.45 3.56 3.74
CA GLN B 52 -20.44 5.01 3.62
C GLN B 52 -19.19 5.50 2.88
N LEU B 53 -18.11 4.71 2.91
CA LEU B 53 -16.88 5.09 2.23
C LEU B 53 -17.10 5.17 0.72
N ALA B 54 -17.86 4.20 0.20
CA ALA B 54 -18.18 4.17 -1.22
C ALA B 54 -19.06 5.36 -1.60
N GLU B 55 -20.01 5.67 -0.72
CA GLU B 55 -20.94 6.79 -0.93
C GLU B 55 -20.19 8.12 -0.98
N GLU B 56 -19.17 8.24 -0.14
CA GLU B 56 -18.37 9.47 -0.06
C GLU B 56 -17.64 9.75 -1.37
N ASP B 57 -17.13 8.71 -2.02
CA ASP B 57 -16.40 8.87 -3.27
C ASP B 57 -17.27 8.55 -4.48
N LYS B 58 -18.58 8.38 -4.26
CA LYS B 58 -19.54 8.07 -5.31
C LYS B 58 -19.20 6.77 -6.05
N ILE B 59 -18.88 5.73 -5.29
CA ILE B 59 -18.55 4.43 -5.87
C ILE B 59 -19.75 3.50 -5.78
N LEU B 60 -20.31 3.14 -6.94
CA LEU B 60 -21.47 2.26 -6.99
C LEU B 60 -21.15 0.88 -7.57
N ALA B 61 -19.88 0.65 -7.88
CA ALA B 61 -19.45 -0.63 -8.46
C ALA B 61 -18.03 -0.98 -8.06
N THR B 62 -17.69 -2.25 -8.15
CA THR B 62 -16.34 -2.72 -7.81
C THR B 62 -15.87 -3.79 -8.81
N PRO B 63 -14.55 -3.87 -9.07
CA PRO B 63 -13.55 -2.96 -8.49
C PRO B 63 -13.50 -1.60 -9.19
N THR B 64 -13.26 -0.54 -8.44
CA THR B 64 -13.17 0.81 -9.00
C THR B 64 -11.89 1.50 -8.54
N LEU B 65 -11.17 2.08 -9.50
CA LEU B 65 -9.93 2.79 -9.20
C LEU B 65 -10.18 4.29 -9.19
N ALA B 66 -9.91 4.92 -8.06
CA ALA B 66 -10.12 6.36 -7.91
C ALA B 66 -8.80 7.12 -7.83
N LYS B 67 -8.73 8.22 -8.58
CA LYS B 67 -7.57 9.09 -8.60
C LYS B 67 -7.84 10.36 -7.80
N VAL B 68 -7.08 10.57 -6.73
CA VAL B 68 -7.27 11.76 -5.91
C VAL B 68 -6.15 12.77 -6.16
N LEU B 69 -4.92 12.37 -5.89
CA LEU B 69 -3.77 13.25 -6.09
C LEU B 69 -2.66 12.50 -6.83
N PRO B 70 -1.97 13.20 -7.76
CA PRO B 70 -2.23 14.60 -8.09
C PRO B 70 -3.50 14.77 -8.94
N PRO B 71 -4.08 15.98 -8.98
CA PRO B 71 -5.28 16.27 -9.77
C PRO B 71 -5.00 16.28 -11.28
N PRO B 72 -6.05 16.26 -12.14
CA PRO B 72 -7.47 16.25 -11.71
C PRO B 72 -7.94 14.91 -11.14
N VAL B 73 -9.06 14.97 -10.40
CA VAL B 73 -9.65 13.79 -9.81
C VAL B 73 -10.46 13.01 -10.85
N ARG B 74 -10.11 11.75 -11.05
CA ARG B 74 -10.78 10.90 -12.03
C ARG B 74 -11.13 9.54 -11.43
N ARG B 75 -12.17 8.92 -11.96
CA ARG B 75 -12.60 7.61 -11.49
C ARG B 75 -12.65 6.61 -12.64
N ILE B 76 -12.10 5.42 -12.41
CA ILE B 76 -12.09 4.38 -13.43
C ILE B 76 -12.91 3.17 -12.97
N ILE B 77 -13.94 2.84 -13.74
CA ILE B 77 -14.80 1.72 -13.41
C ILE B 77 -14.73 0.65 -14.49
N GLY B 78 -14.40 -0.58 -14.11
CA GLY B 78 -14.31 -1.65 -15.07
C GLY B 78 -13.74 -2.92 -14.46
N ASP B 79 -13.47 -3.91 -15.30
CA ASP B 79 -12.92 -5.17 -14.82
C ASP B 79 -11.39 -5.09 -14.75
N LEU B 80 -10.86 -4.96 -13.54
CA LEU B 80 -9.42 -4.85 -13.34
C LEU B 80 -8.75 -6.23 -13.29
N SER B 81 -9.55 -7.29 -13.46
CA SER B 81 -9.03 -8.66 -13.45
C SER B 81 -8.09 -8.86 -14.63
N ASN B 82 -8.37 -8.17 -15.73
CA ASN B 82 -7.55 -8.27 -16.93
C ASN B 82 -6.38 -7.30 -16.86
N ARG B 83 -5.17 -7.85 -16.79
CA ARG B 83 -3.93 -7.07 -16.71
C ARG B 83 -3.77 -6.15 -17.93
N GLU B 84 -4.17 -6.63 -19.10
CA GLU B 84 -4.07 -5.84 -20.32
C GLU B 84 -4.86 -4.54 -20.19
N LYS B 85 -6.07 -4.64 -19.65
CA LYS B 85 -6.95 -3.49 -19.44
C LYS B 85 -6.34 -2.51 -18.44
N VAL B 86 -5.76 -3.06 -17.38
CA VAL B 86 -5.13 -2.25 -16.33
C VAL B 86 -3.98 -1.43 -16.93
N LEU B 87 -3.20 -2.04 -17.81
CA LEU B 87 -2.09 -1.35 -18.47
C LEU B 87 -2.58 -0.16 -19.27
N ILE B 88 -3.72 -0.32 -19.94
CA ILE B 88 -4.28 0.75 -20.75
C ILE B 88 -4.59 1.99 -19.90
N ALA B 89 -5.27 1.77 -18.77
CA ALA B 89 -5.62 2.86 -17.87
C ALA B 89 -4.39 3.51 -17.24
N LEU B 90 -3.47 2.69 -16.76
CA LEU B 90 -2.25 3.17 -16.12
C LEU B 90 -1.27 3.83 -17.10
N ARG B 91 -1.18 3.30 -18.31
CA ARG B 91 -0.26 3.83 -19.32
C ARG B 91 -0.57 5.30 -19.61
N LEU B 92 -1.86 5.61 -19.76
CA LEU B 92 -2.29 6.99 -20.03
C LEU B 92 -1.98 7.89 -18.85
N LEU B 93 -2.19 7.37 -17.64
CA LEU B 93 -1.93 8.13 -16.42
C LEU B 93 -0.43 8.42 -16.27
N ALA B 94 0.39 7.42 -16.59
CA ALA B 94 1.85 7.55 -16.50
C ALA B 94 2.38 8.65 -17.41
N GLU B 95 1.82 8.73 -18.62
CA GLU B 95 2.22 9.74 -19.58
C GLU B 95 1.88 11.14 -19.05
N GLU B 96 0.69 11.26 -18.45
CA GLU B 96 0.23 12.53 -17.90
C GLU B 96 1.09 12.99 -16.72
N ILE B 97 1.48 12.06 -15.84
CA ILE B 97 2.29 12.39 -14.68
C ILE B 97 3.72 12.74 -15.09
N GLY B 98 4.18 12.15 -16.20
CA GLY B 98 5.53 12.40 -16.70
C GLY B 98 5.76 13.85 -17.05
N ASP B 99 4.75 14.50 -17.62
CA ASP B 99 4.85 15.89 -18.01
C ASP B 99 4.53 16.81 -16.83
N TYR B 100 5.45 16.90 -15.88
CA TYR B 100 5.26 17.73 -14.70
C TYR B 100 6.49 18.60 -14.46
N LYS B 101 6.27 19.92 -14.38
CA LYS B 101 7.35 20.89 -14.16
C LYS B 101 8.37 20.87 -15.29
N ASP B 102 9.55 21.44 -15.03
CA ASP B 102 10.62 21.47 -16.03
C ASP B 102 11.56 20.28 -15.86
N ASP B 103 11.45 19.30 -16.75
CA ASP B 103 12.29 18.12 -16.68
C ASP B 103 13.58 18.34 -17.47
N ASP B 104 14.66 18.68 -16.77
CA ASP B 104 15.95 18.92 -17.40
C ASP B 104 16.77 17.65 -17.46
N ASP B 105 16.82 17.02 -18.62
CA ASP B 105 17.58 15.79 -18.81
C ASP B 105 17.94 15.60 -20.28
N LYS B 106 18.96 14.79 -20.54
CA LYS B 106 19.39 14.53 -21.91
C LYS B 106 18.64 13.35 -22.50
N GLU A 1 11.55 -5.75 -5.75
CA GLU A 1 10.55 -6.52 -4.97
C GLU A 1 10.49 -6.02 -3.52
N GLY A 2 11.13 -4.88 -3.28
CA GLY A 2 11.15 -4.30 -1.95
C GLY A 2 9.91 -3.48 -1.66
N ARG A 3 8.75 -4.13 -1.69
CA ARG A 3 7.48 -3.47 -1.42
C ARG A 3 7.12 -3.54 0.06
N ILE A 4 6.39 -2.53 0.53
CA ILE A 4 5.97 -2.43 1.92
C ILE A 4 4.46 -2.32 2.03
N VAL A 5 3.85 -3.11 2.92
CA VAL A 5 2.41 -3.07 3.10
C VAL A 5 2.04 -2.39 4.43
N LEU A 6 1.20 -1.36 4.34
CA LEU A 6 0.75 -0.62 5.50
C LEU A 6 -0.67 -1.05 5.86
N VAL A 7 -0.85 -1.58 7.06
CA VAL A 7 -2.19 -2.00 7.49
C VAL A 7 -2.67 -1.15 8.67
N SER A 8 -3.64 -0.29 8.40
CA SER A 8 -4.23 0.57 9.42
C SER A 8 -5.54 1.17 8.91
N GLU A 9 -6.48 1.41 9.81
CA GLU A 9 -7.76 1.99 9.41
C GLU A 9 -7.66 3.51 9.34
N ASP A 10 -6.55 4.06 9.82
CA ASP A 10 -6.34 5.50 9.82
C ASP A 10 -5.71 5.94 8.48
N GLU A 11 -6.52 6.56 7.64
CA GLU A 11 -6.08 7.03 6.32
C GLU A 11 -4.99 8.10 6.40
N ALA A 12 -5.11 9.02 7.37
CA ALA A 12 -4.14 10.11 7.51
C ALA A 12 -2.73 9.57 7.79
N THR A 13 -2.63 8.60 8.70
CA THR A 13 -1.34 8.00 9.04
C THR A 13 -0.80 7.21 7.84
N SER A 14 -1.70 6.47 7.20
CA SER A 14 -1.35 5.65 6.05
C SER A 14 -0.82 6.50 4.89
N THR A 15 -1.49 7.63 4.63
CA THR A 15 -1.09 8.53 3.56
C THR A 15 0.31 9.11 3.81
N LEU A 16 0.55 9.51 5.06
CA LEU A 16 1.83 10.08 5.45
C LEU A 16 2.95 9.05 5.30
N ILE A 17 2.70 7.83 5.78
CA ILE A 17 3.67 6.74 5.70
C ILE A 17 3.98 6.36 4.25
N CYS A 18 2.93 6.27 3.44
CA CYS A 18 3.10 5.89 2.04
C CYS A 18 3.97 6.90 1.29
N SER A 19 3.72 8.18 1.54
CA SER A 19 4.48 9.24 0.87
C SER A 19 5.96 9.19 1.24
N ILE A 20 6.24 8.94 2.52
CA ILE A 20 7.63 8.89 3.01
C ILE A 20 8.43 7.77 2.36
N LEU A 21 7.86 6.57 2.32
CA LEU A 21 8.55 5.41 1.75
C LEU A 21 8.49 5.36 0.22
N THR A 22 7.36 5.73 -0.37
CA THR A 22 7.20 5.69 -1.82
C THR A 22 8.17 6.66 -2.52
N THR A 23 8.30 7.87 -1.97
CA THR A 23 9.17 8.88 -2.55
C THR A 23 10.63 8.40 -2.54
N ALA A 24 11.01 7.70 -1.47
CA ALA A 24 12.36 7.19 -1.31
C ALA A 24 12.70 6.07 -2.29
N GLY A 25 11.72 5.63 -3.07
CA GLY A 25 11.96 4.57 -4.04
C GLY A 25 11.34 3.24 -3.67
N TYR A 26 10.58 3.20 -2.59
CA TYR A 26 9.93 1.97 -2.15
C TYR A 26 8.46 1.97 -2.59
N GLN A 27 7.88 0.79 -2.73
CA GLN A 27 6.49 0.68 -3.12
C GLN A 27 5.63 0.32 -1.93
N VAL A 28 4.74 1.22 -1.53
CA VAL A 28 3.89 0.97 -0.38
C VAL A 28 2.44 0.72 -0.79
N ILE A 29 1.89 -0.39 -0.32
CA ILE A 29 0.50 -0.74 -0.60
C ILE A 29 -0.27 -0.78 0.70
N TRP A 30 -1.36 -0.03 0.76
CA TRP A 30 -2.19 0.01 1.96
C TRP A 30 -3.30 -1.03 1.90
N LEU A 31 -3.26 -1.96 2.84
CA LEU A 31 -4.25 -3.03 2.91
C LEU A 31 -5.16 -2.81 4.11
N VAL A 32 -6.45 -3.06 3.92
CA VAL A 32 -7.40 -2.91 5.01
C VAL A 32 -7.25 -4.07 6.00
N ASP A 33 -7.40 -3.76 7.29
CA ASP A 33 -7.23 -4.76 8.35
C ASP A 33 -8.29 -5.87 8.30
N GLY A 34 -7.89 -7.06 8.76
CA GLY A 34 -8.79 -8.19 8.79
C GLY A 34 -8.68 -9.13 7.58
N GLU A 35 -7.88 -8.75 6.59
CA GLU A 35 -7.74 -9.57 5.39
C GLU A 35 -6.33 -10.16 5.23
N VAL A 36 -6.13 -11.39 5.70
CA VAL A 36 -4.84 -12.08 5.57
C VAL A 36 -4.61 -12.46 4.11
N GLU A 37 -5.66 -12.90 3.43
CA GLU A 37 -5.57 -13.28 2.02
C GLU A 37 -5.07 -12.10 1.19
N ARG A 38 -5.51 -10.90 1.54
CA ARG A 38 -5.07 -9.68 0.85
C ARG A 38 -3.57 -9.50 1.07
N LEU A 39 -3.11 -9.82 2.29
CA LEU A 39 -1.70 -9.72 2.63
C LEU A 39 -0.89 -10.74 1.84
N LEU A 40 -1.45 -11.94 1.72
CA LEU A 40 -0.80 -13.04 0.98
C LEU A 40 -0.69 -12.71 -0.51
N ALA A 41 -1.75 -12.11 -1.06
CA ALA A 41 -1.76 -11.74 -2.47
C ALA A 41 -0.64 -10.75 -2.80
N LEU A 42 -0.42 -9.81 -1.90
CA LEU A 42 0.60 -8.79 -2.07
C LEU A 42 1.78 -8.97 -1.11
N THR A 43 2.07 -10.23 -0.74
CA THR A 43 3.16 -10.56 0.20
C THR A 43 4.43 -9.74 -0.01
N PRO A 44 4.66 -8.75 0.86
CA PRO A 44 5.84 -7.89 0.82
C PRO A 44 7.02 -8.46 1.59
N ILE A 45 8.12 -7.72 1.62
CA ILE A 45 9.30 -8.15 2.37
C ILE A 45 9.13 -7.79 3.85
N ALA A 46 8.29 -6.80 4.12
CA ALA A 46 8.01 -6.35 5.48
C ALA A 46 6.62 -5.74 5.56
N VAL A 47 6.00 -5.83 6.73
CA VAL A 47 4.67 -5.28 6.94
C VAL A 47 4.67 -4.28 8.10
N LEU A 48 3.84 -3.26 7.98
CA LEU A 48 3.73 -2.25 9.02
C LEU A 48 2.31 -2.16 9.57
N LEU A 49 2.18 -2.35 10.87
CA LEU A 49 0.89 -2.27 11.52
C LEU A 49 0.84 -0.98 12.36
N ALA A 50 -0.15 -0.13 12.11
CA ALA A 50 -0.24 1.12 12.84
C ALA A 50 -1.58 1.29 13.56
N GLU A 51 -1.51 1.76 14.80
CA GLU A 51 -2.71 1.99 15.62
C GLU A 51 -3.41 3.28 15.17
N PRO A 52 -4.70 3.46 15.51
CA PRO A 52 -5.51 2.48 16.27
C PRO A 52 -5.98 1.31 15.42
N PHE A 53 -6.25 0.18 16.07
CA PHE A 53 -6.73 -1.01 15.38
C PHE A 53 -8.14 -1.34 15.85
N SER A 54 -9.12 -0.63 15.29
CA SER A 54 -10.53 -0.82 15.64
C SER A 54 -11.03 -2.23 15.30
N TYR A 55 -10.64 -2.74 14.14
CA TYR A 55 -11.07 -4.07 13.73
C TYR A 55 -9.88 -4.97 13.43
N GLY A 56 -9.87 -6.16 14.03
CA GLY A 56 -8.80 -7.10 13.81
C GLY A 56 -7.75 -7.07 14.91
N ASP A 57 -7.21 -8.24 15.23
CA ASP A 57 -6.19 -8.36 16.26
C ASP A 57 -4.80 -8.38 15.61
N VAL A 58 -3.98 -7.38 15.93
CA VAL A 58 -2.63 -7.30 15.35
C VAL A 58 -1.79 -8.52 15.74
N GLN A 59 -2.01 -9.05 16.95
CA GLN A 59 -1.28 -10.22 17.41
C GLN A 59 -1.61 -11.42 16.54
N GLU A 60 -2.88 -11.53 16.16
CA GLU A 60 -3.34 -12.61 15.31
C GLU A 60 -2.68 -12.50 13.93
N LEU A 61 -2.58 -11.27 13.42
CA LEU A 61 -1.96 -11.01 12.13
C LEU A 61 -0.50 -11.42 12.16
N VAL A 62 0.17 -11.09 13.25
CA VAL A 62 1.58 -11.43 13.44
C VAL A 62 1.77 -12.93 13.42
N ASP A 63 0.92 -13.63 14.19
CA ASP A 63 0.98 -15.09 14.27
C ASP A 63 0.71 -15.76 12.91
N GLN A 64 -0.31 -15.26 12.20
CA GLN A 64 -0.66 -15.81 10.89
C GLN A 64 0.47 -15.60 9.87
N LEU A 65 1.07 -14.42 9.89
CA LEU A 65 2.15 -14.10 8.95
C LEU A 65 3.39 -14.95 9.20
N ARG A 66 3.70 -15.21 10.47
CA ARG A 66 4.88 -16.01 10.85
C ARG A 66 4.80 -17.44 10.31
N GLN A 67 3.61 -18.04 10.33
CA GLN A 67 3.45 -19.41 9.87
C GLN A 67 3.27 -19.47 8.35
N ARG A 68 3.07 -18.30 7.76
CA ARG A 68 2.88 -18.19 6.33
C ARG A 68 4.21 -17.93 5.61
N CYS A 69 4.98 -16.98 6.12
CA CYS A 69 6.26 -16.64 5.53
C CYS A 69 7.38 -16.66 6.57
N THR A 70 8.59 -16.98 6.14
CA THR A 70 9.74 -17.04 7.04
C THR A 70 10.18 -15.64 7.45
N PRO A 71 10.80 -15.49 8.64
CA PRO A 71 11.26 -14.18 9.13
C PRO A 71 12.30 -13.53 8.23
N GLU A 72 13.07 -14.34 7.51
CA GLU A 72 14.08 -13.82 6.59
C GLU A 72 13.42 -13.26 5.32
N GLN A 73 12.20 -13.69 5.06
CA GLN A 73 11.46 -13.24 3.89
C GLN A 73 10.50 -12.11 4.25
N LEU A 74 9.90 -12.20 5.43
CA LEU A 74 8.95 -11.19 5.89
C LEU A 74 9.15 -10.85 7.37
N LYS A 75 9.31 -9.57 7.65
CA LYS A 75 9.48 -9.09 9.02
C LYS A 75 8.25 -8.30 9.46
N ILE A 76 7.96 -8.35 10.75
CA ILE A 76 6.78 -7.65 11.29
C ILE A 76 7.21 -6.41 12.07
N PHE A 77 6.66 -5.25 11.68
CA PHE A 77 6.96 -3.99 12.35
C PHE A 77 5.66 -3.32 12.81
N ILE A 78 5.67 -2.71 13.98
CA ILE A 78 4.47 -2.04 14.50
C ILE A 78 4.75 -0.58 14.85
N LEU A 79 3.88 0.30 14.38
CA LEU A 79 4.01 1.74 14.64
C LEU A 79 3.11 2.15 15.81
N GLY A 80 3.63 3.00 16.68
CA GLY A 80 2.86 3.44 17.83
C GLY A 80 2.89 2.46 18.98
N SER A 81 3.88 1.56 18.97
CA SER A 81 4.01 0.57 20.02
C SER A 81 4.35 1.20 21.36
N LYS A 82 3.67 0.75 22.41
CA LYS A 82 3.92 1.26 23.76
C LYS A 82 5.30 0.82 24.23
N GLY A 83 5.65 -0.42 23.90
CA GLY A 83 6.93 -0.98 24.29
C GLY A 83 7.35 -2.11 23.38
N ASN A 84 8.42 -2.81 23.74
CA ASN A 84 8.92 -3.92 22.94
C ASN A 84 7.96 -5.11 23.00
N TYR A 85 7.64 -5.68 21.84
CA TYR A 85 6.75 -6.83 21.77
C TYR A 85 7.43 -8.01 21.10
N GLN A 86 7.04 -9.22 21.50
CA GLN A 86 7.62 -10.43 20.92
C GLN A 86 7.10 -10.65 19.51
N GLY A 87 7.97 -11.16 18.63
CA GLY A 87 7.58 -11.41 17.25
C GLY A 87 7.71 -10.17 16.38
N VAL A 88 8.20 -9.08 16.97
CA VAL A 88 8.37 -7.83 16.25
C VAL A 88 9.86 -7.49 16.12
N ASP A 89 10.32 -7.33 14.88
CA ASP A 89 11.73 -7.02 14.63
C ASP A 89 12.12 -5.65 15.17
N ARG A 90 11.26 -4.66 14.92
CA ARG A 90 11.51 -3.29 15.38
C ARG A 90 10.20 -2.52 15.46
N TYR A 91 10.09 -1.60 16.41
CA TYR A 91 8.89 -0.82 16.57
C TYR A 91 9.19 0.68 16.51
N ILE A 92 8.24 1.45 16.01
CA ILE A 92 8.39 2.90 15.89
C ILE A 92 7.36 3.60 16.78
N PRO A 93 7.78 4.13 17.94
CA PRO A 93 6.87 4.84 18.87
C PRO A 93 6.41 6.20 18.37
N LEU A 94 5.21 6.60 18.79
CA LEU A 94 4.62 7.89 18.40
C LEU A 94 4.91 8.95 19.48
N PRO A 95 4.99 10.24 19.08
CA PRO A 95 4.85 10.70 17.69
C PRO A 95 6.06 10.31 16.82
N ILE A 96 5.82 10.09 15.54
CA ILE A 96 6.91 9.71 14.64
C ILE A 96 7.28 10.86 13.71
N HIS A 97 8.52 10.86 13.26
CA HIS A 97 9.01 11.89 12.34
C HIS A 97 9.36 11.22 11.02
N PRO A 98 9.18 11.93 9.88
CA PRO A 98 9.47 11.38 8.55
C PRO A 98 10.88 10.81 8.42
N GLU A 99 11.87 11.60 8.82
CA GLU A 99 13.26 11.17 8.77
C GLU A 99 13.52 10.01 9.73
N SER A 100 12.93 10.10 10.91
CA SER A 100 13.09 9.06 11.93
C SER A 100 12.52 7.73 11.47
N PHE A 101 11.29 7.78 10.95
CA PHE A 101 10.61 6.59 10.45
C PHE A 101 11.39 5.93 9.31
N LEU A 102 11.79 6.75 8.33
CA LEU A 102 12.54 6.27 7.17
C LEU A 102 13.87 5.61 7.55
N GLN A 103 14.62 6.26 8.44
CA GLN A 103 15.92 5.72 8.85
C GLN A 103 15.77 4.38 9.59
N GLN A 104 14.78 4.30 10.48
CA GLN A 104 14.54 3.08 11.24
C GLN A 104 14.06 1.94 10.35
N VAL A 105 13.18 2.24 9.39
CA VAL A 105 12.65 1.21 8.51
C VAL A 105 13.70 0.75 7.48
N THR A 106 14.52 1.68 6.97
CA THR A 106 15.55 1.35 5.98
C THR A 106 16.56 0.35 6.56
N MET A 107 17.01 0.62 7.79
CA MET A 107 17.96 -0.28 8.44
C MET A 107 17.35 -1.67 8.63
N GLY A 108 16.07 -1.70 9.01
CA GLY A 108 15.39 -2.98 9.16
C GLY A 108 15.26 -3.73 7.85
N LEU A 109 14.98 -2.98 6.78
CA LEU A 109 14.84 -3.56 5.44
C LEU A 109 16.18 -4.00 4.86
N THR A 110 17.27 -3.43 5.39
CA THR A 110 18.61 -3.77 4.93
C THR A 110 18.90 -5.26 5.14
N SER A 111 18.48 -5.78 6.29
CA SER A 111 18.66 -7.19 6.61
C SER A 111 17.89 -8.07 5.62
N LEU A 112 16.70 -7.61 5.24
CA LEU A 112 15.84 -8.33 4.30
C LEU A 112 16.39 -8.28 2.87
N ALA A 113 16.05 -7.19 2.17
CA ALA A 113 16.48 -6.99 0.79
C ALA A 113 16.25 -5.55 0.35
N THR A 114 16.97 -5.12 -0.68
CA THR A 114 16.85 -3.76 -1.21
C THR A 114 17.19 -2.69 -0.17
N SER A 115 18.46 -2.65 0.23
CA SER A 115 18.92 -1.68 1.21
C SER A 115 18.79 -0.24 0.69
N ALA A 116 18.99 -0.09 -0.62
CA ALA A 116 18.90 1.21 -1.29
C ALA A 116 19.85 2.24 -0.68
N GLN A 117 19.29 3.29 -0.06
CA GLN A 117 20.10 4.33 0.55
C GLN A 117 20.36 4.02 2.02
N MET B 1 5.43 18.76 -7.02
CA MET B 1 5.92 20.16 -6.88
C MET B 1 7.12 20.21 -5.94
N ALA B 2 7.31 19.14 -5.17
CA ALA B 2 8.42 19.05 -4.24
C ALA B 2 9.17 17.74 -4.43
N PRO B 3 10.50 17.73 -4.17
CA PRO B 3 11.34 16.53 -4.30
C PRO B 3 10.85 15.36 -3.44
N LEU B 4 10.39 15.66 -2.24
CA LEU B 4 9.89 14.64 -1.32
C LEU B 4 8.49 14.96 -0.85
N ARG B 5 7.82 13.96 -0.29
CA ARG B 5 6.44 14.09 0.23
C ARG B 5 5.47 14.45 -0.88
N LYS B 6 5.72 13.92 -2.08
CA LYS B 6 4.86 14.17 -3.22
C LYS B 6 4.70 12.89 -4.04
N THR B 7 3.67 12.11 -3.70
CA THR B 7 3.43 10.85 -4.40
C THR B 7 1.97 10.75 -4.84
N ALA B 8 1.70 9.91 -5.83
CA ALA B 8 0.35 9.72 -6.31
C ALA B 8 -0.27 8.48 -5.67
N VAL B 9 -1.57 8.50 -5.41
CA VAL B 9 -2.22 7.37 -4.76
C VAL B 9 -3.28 6.71 -5.66
N LEU B 10 -3.16 5.40 -5.82
CA LEU B 10 -4.08 4.62 -6.62
C LEU B 10 -5.03 3.81 -5.75
N LYS B 11 -6.33 3.95 -5.96
CA LYS B 11 -7.32 3.23 -5.17
C LYS B 11 -7.86 2.03 -5.94
N LEU B 12 -7.49 0.83 -5.50
CA LEU B 12 -7.97 -0.39 -6.15
C LEU B 12 -9.17 -0.96 -5.41
N TYR B 13 -10.32 -0.94 -6.05
CA TYR B 13 -11.55 -1.45 -5.45
C TYR B 13 -11.85 -2.87 -5.94
N VAL B 14 -12.11 -3.76 -4.99
CA VAL B 14 -12.43 -5.15 -5.31
C VAL B 14 -13.66 -5.60 -4.53
N ALA B 15 -14.24 -6.73 -4.93
CA ALA B 15 -15.43 -7.23 -4.27
C ALA B 15 -15.36 -8.75 -4.07
N GLY B 16 -15.30 -9.18 -2.81
CA GLY B 16 -15.27 -10.60 -2.51
C GLY B 16 -13.88 -11.22 -2.63
N ASN B 17 -13.85 -12.54 -2.67
CA ASN B 17 -12.60 -13.29 -2.77
C ASN B 17 -12.47 -13.98 -4.12
N THR B 18 -12.96 -13.34 -5.17
CA THR B 18 -12.88 -13.93 -6.51
C THR B 18 -11.44 -13.88 -7.03
N PRO B 19 -11.03 -14.90 -7.82
CA PRO B 19 -9.67 -15.00 -8.38
C PRO B 19 -9.26 -13.78 -9.21
N ASN B 20 -10.19 -13.23 -9.98
CA ASN B 20 -9.89 -12.07 -10.81
C ASN B 20 -9.55 -10.86 -9.95
N SER B 21 -10.19 -10.75 -8.79
CA SER B 21 -9.93 -9.65 -7.87
C SER B 21 -8.58 -9.84 -7.20
N VAL B 22 -8.29 -11.08 -6.81
CA VAL B 22 -7.05 -11.45 -6.15
C VAL B 22 -5.84 -11.26 -7.07
N ARG B 23 -5.97 -11.76 -8.30
CA ARG B 23 -4.89 -11.68 -9.29
C ARG B 23 -4.65 -10.24 -9.77
N ALA B 24 -5.71 -9.43 -9.77
CA ALA B 24 -5.62 -8.04 -10.23
C ALA B 24 -4.57 -7.26 -9.44
N LEU B 25 -4.55 -7.45 -8.12
CA LEU B 25 -3.57 -6.76 -7.28
C LEU B 25 -2.15 -7.15 -7.64
N LYS B 26 -1.95 -8.44 -7.90
CA LYS B 26 -0.65 -8.97 -8.27
C LYS B 26 -0.19 -8.39 -9.61
N THR B 27 -1.12 -8.28 -10.56
CA THR B 27 -0.82 -7.74 -11.88
C THR B 27 -0.52 -6.24 -11.80
N LEU B 28 -1.36 -5.53 -11.03
CA LEU B 28 -1.22 -4.08 -10.87
C LEU B 28 0.09 -3.75 -10.13
N ALA B 29 0.39 -4.51 -9.09
CA ALA B 29 1.60 -4.30 -8.30
C ALA B 29 2.85 -4.49 -9.16
N ASN B 30 2.81 -5.48 -10.04
CA ASN B 30 3.94 -5.76 -10.94
C ASN B 30 4.22 -4.56 -11.83
N ILE B 31 3.16 -3.96 -12.35
CA ILE B 31 3.28 -2.80 -13.22
C ILE B 31 3.87 -1.59 -12.47
N LEU B 32 3.37 -1.37 -11.25
CA LEU B 32 3.82 -0.25 -10.44
C LEU B 32 5.28 -0.38 -10.00
N GLU B 33 5.71 -1.59 -9.67
CA GLU B 33 7.08 -1.80 -9.19
C GLU B 33 8.13 -1.58 -10.27
N LYS B 34 7.75 -1.63 -11.54
CA LYS B 34 8.71 -1.46 -12.62
C LYS B 34 8.76 -0.06 -13.22
N GLU B 35 7.67 0.40 -13.82
CA GLU B 35 7.65 1.70 -14.48
C GLU B 35 7.10 2.84 -13.61
N PHE B 36 6.42 2.52 -12.53
CA PHE B 36 5.83 3.56 -11.68
C PHE B 36 6.41 3.57 -10.27
N LYS B 37 7.59 2.99 -10.12
CA LYS B 37 8.24 2.90 -8.82
C LYS B 37 8.73 4.26 -8.33
N GLY B 38 8.43 4.57 -7.07
CA GLY B 38 8.88 5.82 -6.48
C GLY B 38 7.96 7.00 -6.74
N VAL B 39 6.84 6.77 -7.42
CA VAL B 39 5.91 7.87 -7.71
C VAL B 39 4.45 7.49 -7.43
N TYR B 40 4.11 6.20 -7.50
CA TYR B 40 2.73 5.77 -7.27
C TYR B 40 2.61 4.79 -6.11
N ALA B 41 1.58 4.99 -5.28
CA ALA B 41 1.30 4.12 -4.15
C ALA B 41 -0.02 3.38 -4.40
N LEU B 42 -0.18 2.21 -3.79
CA LEU B 42 -1.40 1.42 -4.00
C LEU B 42 -2.25 1.30 -2.74
N LYS B 43 -3.57 1.35 -2.92
CA LYS B 43 -4.53 1.22 -1.82
C LYS B 43 -5.58 0.19 -2.20
N VAL B 44 -5.97 -0.69 -1.26
CA VAL B 44 -6.96 -1.71 -1.57
C VAL B 44 -8.20 -1.59 -0.67
N ILE B 45 -9.38 -1.45 -1.30
CA ILE B 45 -10.64 -1.34 -0.57
C ILE B 45 -11.67 -2.36 -1.07
N ASP B 46 -12.35 -3.01 -0.14
CA ASP B 46 -13.37 -4.00 -0.48
C ASP B 46 -14.75 -3.34 -0.54
N VAL B 47 -15.34 -3.31 -1.73
CA VAL B 47 -16.64 -2.68 -1.95
C VAL B 47 -17.76 -3.33 -1.13
N LEU B 48 -17.79 -4.66 -1.09
CA LEU B 48 -18.85 -5.38 -0.38
C LEU B 48 -18.90 -5.08 1.12
N LYS B 49 -17.74 -4.99 1.77
CA LYS B 49 -17.71 -4.71 3.21
C LYS B 49 -18.14 -3.28 3.54
N ASN B 50 -17.72 -2.33 2.72
CA ASN B 50 -18.08 -0.94 2.95
C ASN B 50 -18.52 -0.29 1.63
N PRO B 51 -19.83 -0.35 1.32
CA PRO B 51 -20.38 0.24 0.08
C PRO B 51 -20.21 1.76 0.05
N GLN B 52 -20.10 2.37 1.22
CA GLN B 52 -19.93 3.80 1.35
C GLN B 52 -18.64 4.26 0.68
N LEU B 53 -17.57 3.50 0.88
CA LEU B 53 -16.27 3.83 0.30
C LEU B 53 -16.33 3.76 -1.23
N ALA B 54 -17.03 2.76 -1.76
CA ALA B 54 -17.18 2.61 -3.20
C ALA B 54 -18.01 3.75 -3.78
N GLU B 55 -19.06 4.15 -3.06
CA GLU B 55 -19.94 5.23 -3.48
C GLU B 55 -19.22 6.58 -3.46
N GLU B 56 -18.21 6.69 -2.59
CA GLU B 56 -17.44 7.91 -2.44
C GLU B 56 -16.66 8.23 -3.72
N ASP B 57 -16.10 7.20 -4.35
CA ASP B 57 -15.35 7.38 -5.59
C ASP B 57 -16.18 7.01 -6.81
N LYS B 58 -17.48 6.81 -6.60
CA LYS B 58 -18.42 6.45 -7.67
C LYS B 58 -18.02 5.15 -8.36
N ILE B 59 -17.70 4.13 -7.56
CA ILE B 59 -17.30 2.83 -8.09
C ILE B 59 -18.52 1.91 -8.21
N LEU B 60 -18.88 1.58 -9.46
CA LEU B 60 -20.03 0.72 -9.71
C LEU B 60 -19.61 -0.66 -10.23
N ALA B 61 -18.31 -0.87 -10.38
CA ALA B 61 -17.80 -2.14 -10.90
C ALA B 61 -16.43 -2.47 -10.30
N THR B 62 -16.11 -3.75 -10.24
CA THR B 62 -14.83 -4.21 -9.70
C THR B 62 -14.28 -5.38 -10.51
N PRO B 63 -12.94 -5.52 -10.58
CA PRO B 63 -11.97 -4.61 -9.94
C PRO B 63 -11.73 -3.36 -10.77
N THR B 64 -11.74 -2.19 -10.13
CA THR B 64 -11.49 -0.94 -10.83
C THR B 64 -10.46 -0.09 -10.09
N LEU B 65 -9.76 0.74 -10.85
CA LEU B 65 -8.74 1.62 -10.29
C LEU B 65 -9.23 3.07 -10.24
N ALA B 66 -9.18 3.65 -9.04
CA ALA B 66 -9.61 5.03 -8.85
C ALA B 66 -8.41 5.93 -8.53
N LYS B 67 -8.36 7.09 -9.16
CA LYS B 67 -7.27 8.04 -8.94
C LYS B 67 -7.75 9.20 -8.09
N VAL B 68 -7.12 9.40 -6.93
CA VAL B 68 -7.47 10.50 -6.05
C VAL B 68 -6.51 11.66 -6.26
N LEU B 69 -5.22 11.35 -6.21
CA LEU B 69 -4.18 12.35 -6.40
C LEU B 69 -3.17 11.87 -7.43
N PRO B 70 -2.74 12.74 -8.37
CA PRO B 70 -3.20 14.13 -8.46
C PRO B 70 -4.61 14.25 -9.06
N PRO B 71 -5.35 15.30 -8.68
CA PRO B 71 -6.71 15.55 -9.19
C PRO B 71 -6.70 16.09 -10.62
N PRO B 72 -7.86 16.09 -11.32
CA PRO B 72 -9.15 15.63 -10.78
C PRO B 72 -9.26 14.12 -10.63
N VAL B 73 -10.20 13.69 -9.79
CA VAL B 73 -10.41 12.27 -9.53
C VAL B 73 -10.98 11.57 -10.77
N ARG B 74 -10.36 10.46 -11.15
CA ARG B 74 -10.79 9.68 -12.30
C ARG B 74 -10.79 8.20 -11.99
N ARG B 75 -11.54 7.41 -12.74
CA ARG B 75 -11.59 5.98 -12.53
C ARG B 75 -11.35 5.23 -13.83
N ILE B 76 -10.77 4.04 -13.72
CA ILE B 76 -10.50 3.21 -14.90
C ILE B 76 -11.33 1.94 -14.85
N ILE B 77 -12.13 1.73 -15.89
CA ILE B 77 -12.98 0.55 -15.98
C ILE B 77 -12.55 -0.31 -17.17
N GLY B 78 -12.25 -1.58 -16.89
CA GLY B 78 -11.82 -2.47 -17.94
C GLY B 78 -11.35 -3.80 -17.39
N ASP B 79 -10.68 -4.59 -18.21
CA ASP B 79 -10.18 -5.90 -17.79
C ASP B 79 -8.82 -5.75 -17.11
N LEU B 80 -8.85 -5.74 -15.77
CA LEU B 80 -7.63 -5.59 -14.97
C LEU B 80 -6.72 -6.82 -15.04
N SER B 81 -7.30 -7.97 -15.34
CA SER B 81 -6.53 -9.22 -15.43
C SER B 81 -5.63 -9.21 -16.67
N ASN B 82 -5.94 -8.34 -17.63
CA ASN B 82 -5.15 -8.24 -18.85
C ASN B 82 -4.03 -7.22 -18.65
N ARG B 83 -2.82 -7.74 -18.46
CA ARG B 83 -1.64 -6.89 -18.23
C ARG B 83 -1.37 -5.93 -19.38
N GLU B 84 -1.59 -6.39 -20.61
CA GLU B 84 -1.36 -5.56 -21.77
C GLU B 84 -2.23 -4.30 -21.75
N LYS B 85 -3.52 -4.47 -21.45
CA LYS B 85 -4.45 -3.34 -21.41
C LYS B 85 -4.23 -2.42 -20.19
N VAL B 86 -4.07 -3.01 -19.01
CA VAL B 86 -3.85 -2.24 -17.79
C VAL B 86 -2.58 -1.38 -17.86
N LEU B 87 -1.56 -1.88 -18.56
CA LEU B 87 -0.33 -1.10 -18.74
C LEU B 87 -0.62 0.16 -19.55
N ILE B 88 -1.46 0.01 -20.55
CA ILE B 88 -1.86 1.11 -21.42
C ILE B 88 -2.58 2.21 -20.63
N ALA B 89 -3.55 1.80 -19.81
CA ALA B 89 -4.32 2.74 -19.01
C ALA B 89 -3.46 3.48 -17.99
N LEU B 90 -2.56 2.75 -17.33
CA LEU B 90 -1.68 3.32 -16.33
C LEU B 90 -0.56 4.16 -16.92
N ARG B 91 -0.04 3.74 -18.08
CA ARG B 91 1.06 4.44 -18.73
C ARG B 91 0.65 5.87 -19.09
N LEU B 92 -0.61 6.03 -19.52
CA LEU B 92 -1.15 7.34 -19.90
C LEU B 92 -1.14 8.28 -18.70
N LEU B 93 -1.44 7.72 -17.52
CA LEU B 93 -1.46 8.50 -16.28
C LEU B 93 -0.08 9.09 -15.97
N ALA B 94 0.97 8.30 -16.25
CA ALA B 94 2.34 8.74 -16.00
C ALA B 94 2.68 9.98 -16.83
N GLU B 95 2.22 9.98 -18.07
CA GLU B 95 2.45 11.11 -18.97
C GLU B 95 1.76 12.36 -18.44
N GLU B 96 0.55 12.18 -17.94
CA GLU B 96 -0.25 13.29 -17.40
C GLU B 96 0.40 13.90 -16.16
N ILE B 97 0.93 13.06 -15.27
CA ILE B 97 1.57 13.54 -14.05
C ILE B 97 2.92 14.20 -14.34
N GLY B 98 3.58 13.74 -15.40
CA GLY B 98 4.87 14.31 -15.77
C GLY B 98 4.74 15.62 -16.54
N ASP B 99 3.53 15.93 -16.96
CA ASP B 99 3.28 17.16 -17.71
C ASP B 99 3.02 18.32 -16.77
N TYR B 100 4.07 18.80 -16.12
CA TYR B 100 3.96 19.93 -15.19
C TYR B 100 5.06 20.95 -15.45
N LYS B 101 4.65 22.22 -15.61
CA LYS B 101 5.59 23.29 -15.86
C LYS B 101 5.22 24.52 -15.03
N ASP B 102 6.19 25.04 -14.29
CA ASP B 102 5.95 26.21 -13.45
C ASP B 102 6.25 27.49 -14.22
N ASP B 103 5.21 28.17 -14.67
CA ASP B 103 5.37 29.42 -15.42
C ASP B 103 5.37 30.61 -14.47
N ASP B 104 6.54 31.17 -14.21
CA ASP B 104 6.66 32.32 -13.33
C ASP B 104 6.41 33.63 -14.09
N ASP B 105 5.14 33.90 -14.37
CA ASP B 105 4.76 35.10 -15.10
C ASP B 105 4.50 36.27 -14.14
N LYS B 106 5.46 37.16 -14.01
CA LYS B 106 5.33 38.32 -13.13
C LYS B 106 5.60 39.61 -13.89
N GLU A 1 13.87 -1.90 -5.30
CA GLU A 1 12.56 -1.31 -4.92
C GLU A 1 11.76 -2.28 -4.06
N GLY A 2 12.00 -2.27 -2.76
CA GLY A 2 11.28 -3.15 -1.86
C GLY A 2 9.84 -2.74 -1.66
N ARG A 3 8.95 -3.73 -1.53
CA ARG A 3 7.54 -3.46 -1.32
C ARG A 3 7.15 -3.63 0.15
N ILE A 4 6.45 -2.64 0.66
CA ILE A 4 6.01 -2.63 2.07
C ILE A 4 4.49 -2.45 2.15
N VAL A 5 3.83 -3.27 2.97
CA VAL A 5 2.39 -3.18 3.13
C VAL A 5 2.05 -2.67 4.53
N LEU A 6 1.25 -1.62 4.57
CA LEU A 6 0.82 -1.01 5.83
C LEU A 6 -0.62 -1.38 6.14
N VAL A 7 -0.84 -1.97 7.30
CA VAL A 7 -2.19 -2.36 7.70
C VAL A 7 -2.65 -1.54 8.90
N SER A 8 -3.58 -0.63 8.65
CA SER A 8 -4.14 0.23 9.69
C SER A 8 -5.45 0.83 9.20
N GLU A 9 -6.43 0.90 10.09
CA GLU A 9 -7.74 1.46 9.73
C GLU A 9 -7.67 2.99 9.64
N ASP A 10 -6.58 3.58 10.14
CA ASP A 10 -6.40 5.03 10.13
C ASP A 10 -5.78 5.50 8.80
N GLU A 11 -6.60 6.12 7.96
CA GLU A 11 -6.19 6.60 6.65
C GLU A 11 -5.14 7.73 6.72
N ALA A 12 -5.29 8.62 7.71
CA ALA A 12 -4.39 9.77 7.85
C ALA A 12 -2.93 9.34 8.07
N THR A 13 -2.74 8.34 8.94
CA THR A 13 -1.39 7.83 9.21
C THR A 13 -0.82 7.15 7.97
N SER A 14 -1.67 6.38 7.31
CA SER A 14 -1.28 5.64 6.11
C SER A 14 -0.86 6.57 4.97
N THR A 15 -1.58 7.67 4.80
CA THR A 15 -1.27 8.63 3.74
C THR A 15 0.15 9.19 3.92
N LEU A 16 0.46 9.58 5.16
CA LEU A 16 1.78 10.12 5.49
C LEU A 16 2.88 9.08 5.26
N ILE A 17 2.65 7.86 5.76
CA ILE A 17 3.62 6.77 5.64
C ILE A 17 3.87 6.38 4.19
N CYS A 18 2.80 6.23 3.40
CA CYS A 18 2.94 5.83 2.01
C CYS A 18 3.73 6.84 1.21
N SER A 19 3.46 8.12 1.43
CA SER A 19 4.15 9.19 0.71
C SER A 19 5.65 9.20 1.04
N ILE A 20 5.98 9.05 2.31
CA ILE A 20 7.38 9.06 2.74
C ILE A 20 8.20 7.93 2.13
N LEU A 21 7.68 6.70 2.24
CA LEU A 21 8.38 5.53 1.70
C LEU A 21 8.37 5.48 0.17
N THR A 22 7.24 5.84 -0.44
CA THR A 22 7.13 5.79 -1.90
C THR A 22 8.09 6.76 -2.59
N THR A 23 8.19 7.97 -2.06
CA THR A 23 9.08 8.98 -2.64
C THR A 23 10.54 8.51 -2.57
N ALA A 24 10.88 7.84 -1.48
CA ALA A 24 12.24 7.33 -1.27
C ALA A 24 12.59 6.17 -2.21
N GLY A 25 11.60 5.66 -2.95
CA GLY A 25 11.86 4.57 -3.87
C GLY A 25 11.27 3.24 -3.42
N TYR A 26 10.51 3.25 -2.33
CA TYR A 26 9.89 2.04 -1.81
C TYR A 26 8.45 1.94 -2.33
N GLN A 27 7.95 0.74 -2.50
CA GLN A 27 6.59 0.56 -2.98
C GLN A 27 5.69 0.19 -1.81
N VAL A 28 4.77 1.09 -1.44
CA VAL A 28 3.90 0.84 -0.30
C VAL A 28 2.44 0.62 -0.71
N ILE A 29 1.87 -0.45 -0.19
CA ILE A 29 0.47 -0.79 -0.44
C ILE A 29 -0.27 -0.80 0.90
N TRP A 30 -1.35 -0.04 0.99
CA TRP A 30 -2.13 0.02 2.22
C TRP A 30 -3.30 -0.95 2.18
N LEU A 31 -3.37 -1.81 3.20
CA LEU A 31 -4.43 -2.79 3.30
C LEU A 31 -5.24 -2.58 4.58
N VAL A 32 -6.56 -2.68 4.47
CA VAL A 32 -7.42 -2.53 5.62
C VAL A 32 -7.34 -3.82 6.45
N ASP A 33 -7.42 -3.70 7.77
CA ASP A 33 -7.30 -4.84 8.67
C ASP A 33 -8.39 -5.89 8.46
N GLY A 34 -8.03 -7.16 8.66
CA GLY A 34 -8.97 -8.25 8.50
C GLY A 34 -8.79 -9.04 7.21
N GLU A 35 -7.91 -8.59 6.32
CA GLU A 35 -7.69 -9.29 5.06
C GLU A 35 -6.29 -9.89 4.95
N VAL A 36 -6.14 -11.12 5.46
CA VAL A 36 -4.86 -11.84 5.40
C VAL A 36 -4.54 -12.30 3.99
N GLU A 37 -5.55 -12.77 3.27
CA GLU A 37 -5.37 -13.23 1.89
C GLU A 37 -4.82 -12.11 1.02
N ARG A 38 -5.29 -10.88 1.26
CA ARG A 38 -4.80 -9.72 0.52
C ARG A 38 -3.33 -9.51 0.83
N LEU A 39 -2.93 -9.78 2.07
CA LEU A 39 -1.54 -9.64 2.49
C LEU A 39 -0.66 -10.65 1.76
N LEU A 40 -1.19 -11.86 1.60
CA LEU A 40 -0.48 -12.93 0.90
C LEU A 40 -0.42 -12.64 -0.59
N ALA A 41 -1.52 -12.11 -1.13
CA ALA A 41 -1.60 -11.77 -2.55
C ALA A 41 -0.54 -10.73 -2.92
N LEU A 42 -0.33 -9.77 -2.03
CA LEU A 42 0.65 -8.71 -2.25
C LEU A 42 1.87 -8.88 -1.34
N THR A 43 2.20 -10.13 -1.00
CA THR A 43 3.33 -10.49 -0.11
C THR A 43 4.50 -9.49 -0.17
N PRO A 44 4.60 -8.62 0.85
CA PRO A 44 5.65 -7.62 0.96
C PRO A 44 6.92 -8.15 1.62
N ILE A 45 7.98 -7.34 1.60
CA ILE A 45 9.23 -7.71 2.24
C ILE A 45 9.13 -7.43 3.74
N ALA A 46 8.20 -6.55 4.08
CA ALA A 46 7.94 -6.16 5.46
C ALA A 46 6.52 -5.66 5.61
N VAL A 47 5.96 -5.81 6.81
CA VAL A 47 4.60 -5.37 7.08
C VAL A 47 4.58 -4.37 8.23
N LEU A 48 3.78 -3.31 8.08
CA LEU A 48 3.69 -2.29 9.11
C LEU A 48 2.30 -2.25 9.72
N LEU A 49 2.24 -2.32 11.05
CA LEU A 49 0.97 -2.24 11.76
C LEU A 49 0.96 -0.94 12.58
N ALA A 50 0.03 -0.05 12.29
CA ALA A 50 -0.01 1.23 12.99
C ALA A 50 -1.17 1.35 13.97
N GLU A 51 -0.83 1.70 15.20
CA GLU A 51 -1.81 1.88 16.28
C GLU A 51 -2.45 3.27 16.17
N PRO A 52 -3.63 3.49 16.78
CA PRO A 52 -4.36 2.47 17.56
C PRO A 52 -5.17 1.50 16.70
N PHE A 53 -5.41 0.32 17.25
CA PHE A 53 -6.18 -0.71 16.56
C PHE A 53 -7.53 -0.92 17.27
N SER A 54 -8.52 -0.13 16.87
CA SER A 54 -9.85 -0.22 17.46
C SER A 54 -10.48 -1.57 17.16
N TYR A 55 -10.27 -2.06 15.94
CA TYR A 55 -10.80 -3.34 15.52
C TYR A 55 -9.70 -4.21 14.91
N GLY A 56 -9.54 -5.41 15.43
CA GLY A 56 -8.52 -6.31 14.91
C GLY A 56 -7.35 -6.48 15.86
N ASP A 57 -6.87 -7.71 16.00
CA ASP A 57 -5.75 -8.02 16.88
C ASP A 57 -4.44 -8.06 16.09
N VAL A 58 -3.51 -7.15 16.40
CA VAL A 58 -2.22 -7.10 15.72
C VAL A 58 -1.44 -8.40 15.91
N GLN A 59 -1.60 -9.02 17.08
CA GLN A 59 -0.92 -10.28 17.40
C GLN A 59 -1.39 -11.39 16.47
N GLU A 60 -2.69 -11.38 16.17
CA GLU A 60 -3.27 -12.38 15.28
C GLU A 60 -2.63 -12.31 13.89
N LEU A 61 -2.48 -11.09 13.37
CA LEU A 61 -1.87 -10.89 12.06
C LEU A 61 -0.42 -11.35 12.07
N VAL A 62 0.29 -11.03 13.16
CA VAL A 62 1.69 -11.41 13.31
C VAL A 62 1.85 -12.93 13.29
N ASP A 63 1.02 -13.62 14.07
CA ASP A 63 1.06 -15.08 14.14
C ASP A 63 0.72 -15.72 12.80
N GLN A 64 -0.31 -15.20 12.12
CA GLN A 64 -0.73 -15.73 10.83
C GLN A 64 0.33 -15.54 9.76
N LEU A 65 0.98 -14.36 9.76
CA LEU A 65 2.02 -14.06 8.78
C LEU A 65 3.22 -15.00 8.94
N ARG A 66 3.58 -15.30 10.18
CA ARG A 66 4.70 -16.20 10.47
C ARG A 66 4.44 -17.60 9.93
N GLN A 67 3.18 -18.03 10.02
CA GLN A 67 2.77 -19.34 9.55
C GLN A 67 2.91 -19.46 8.03
N ARG A 68 2.62 -18.38 7.32
CA ARG A 68 2.68 -18.38 5.86
C ARG A 68 4.08 -18.02 5.33
N CYS A 69 4.73 -17.05 5.96
CA CYS A 69 6.06 -16.63 5.52
C CYS A 69 7.07 -16.66 6.66
N THR A 70 8.31 -17.00 6.35
CA THR A 70 9.37 -17.06 7.35
C THR A 70 9.78 -15.64 7.77
N PRO A 71 10.33 -15.48 9.00
CA PRO A 71 10.75 -14.16 9.51
C PRO A 71 11.84 -13.51 8.66
N GLU A 72 12.66 -14.33 8.00
CA GLU A 72 13.71 -13.81 7.14
C GLU A 72 13.13 -13.30 5.81
N GLN A 73 12.06 -13.97 5.36
CA GLN A 73 11.40 -13.61 4.11
C GLN A 73 10.61 -12.32 4.26
N LEU A 74 9.99 -12.15 5.42
CA LEU A 74 9.20 -10.95 5.69
C LEU A 74 9.35 -10.55 7.15
N LYS A 75 9.58 -9.25 7.38
CA LYS A 75 9.75 -8.74 8.73
C LYS A 75 8.51 -7.95 9.14
N ILE A 76 8.21 -7.96 10.43
CA ILE A 76 7.05 -7.25 10.94
C ILE A 76 7.47 -6.07 11.81
N PHE A 77 6.92 -4.89 11.51
CA PHE A 77 7.24 -3.68 12.25
C PHE A 77 5.94 -3.00 12.67
N ILE A 78 5.94 -2.35 13.82
CA ILE A 78 4.73 -1.70 14.31
C ILE A 78 4.95 -0.24 14.66
N LEU A 79 3.95 0.57 14.39
CA LEU A 79 3.98 2.00 14.65
C LEU A 79 3.01 2.38 15.76
N GLY A 80 3.43 3.28 16.63
CA GLY A 80 2.56 3.73 17.71
C GLY A 80 2.54 2.82 18.93
N SER A 81 3.55 1.98 19.06
CA SER A 81 3.62 1.08 20.20
C SER A 81 4.74 1.49 21.16
N LYS A 82 4.37 1.61 22.44
CA LYS A 82 5.33 1.99 23.48
C LYS A 82 6.45 0.95 23.62
N GLY A 83 6.06 -0.33 23.60
CA GLY A 83 7.03 -1.40 23.74
C GLY A 83 7.11 -2.25 22.49
N ASN A 84 8.01 -3.23 22.50
CA ASN A 84 8.19 -4.12 21.35
C ASN A 84 7.53 -5.47 21.59
N TYR A 85 6.48 -5.75 20.83
CA TYR A 85 5.77 -7.03 20.95
C TYR A 85 6.53 -8.14 20.25
N GLN A 86 6.30 -9.38 20.68
CA GLN A 86 6.97 -10.53 20.08
C GLN A 86 6.60 -10.68 18.61
N GLY A 87 7.58 -11.03 17.78
CA GLY A 87 7.34 -11.19 16.36
C GLY A 87 7.63 -9.91 15.60
N VAL A 88 7.93 -8.84 16.33
CA VAL A 88 8.23 -7.56 15.71
C VAL A 88 9.73 -7.24 15.85
N ASP A 89 10.40 -7.04 14.71
CA ASP A 89 11.83 -6.74 14.69
C ASP A 89 12.14 -5.36 15.29
N ARG A 90 11.35 -4.36 14.93
CA ARG A 90 11.57 -3.00 15.42
C ARG A 90 10.24 -2.25 15.52
N TYR A 91 10.12 -1.39 16.53
CA TYR A 91 8.89 -0.62 16.71
C TYR A 91 9.18 0.87 16.55
N ILE A 92 8.17 1.60 16.06
CA ILE A 92 8.29 3.04 15.86
C ILE A 92 7.24 3.77 16.71
N PRO A 93 7.63 4.32 17.86
CA PRO A 93 6.72 5.04 18.76
C PRO A 93 6.30 6.42 18.24
N LEU A 94 5.11 6.86 18.66
CA LEU A 94 4.58 8.16 18.25
C LEU A 94 4.91 9.24 19.29
N PRO A 95 5.08 10.51 18.86
CA PRO A 95 4.96 10.93 17.45
C PRO A 95 6.17 10.49 16.62
N ILE A 96 5.97 10.28 15.33
CA ILE A 96 7.05 9.86 14.45
C ILE A 96 7.48 10.99 13.52
N HIS A 97 8.74 10.93 13.10
CA HIS A 97 9.29 11.92 12.17
C HIS A 97 9.60 11.24 10.85
N PRO A 98 9.44 11.95 9.72
CA PRO A 98 9.69 11.38 8.39
C PRO A 98 11.07 10.73 8.24
N GLU A 99 12.11 11.47 8.61
CA GLU A 99 13.47 10.96 8.53
C GLU A 99 13.69 9.82 9.51
N SER A 100 13.13 9.95 10.71
CA SER A 100 13.29 8.93 11.74
C SER A 100 12.64 7.61 11.31
N PHE A 101 11.42 7.71 10.79
CA PHE A 101 10.69 6.54 10.32
C PHE A 101 11.44 5.85 9.18
N LEU A 102 11.88 6.63 8.20
CA LEU A 102 12.61 6.10 7.05
C LEU A 102 13.91 5.40 7.47
N GLN A 103 14.66 6.01 8.39
CA GLN A 103 15.91 5.42 8.85
C GLN A 103 15.68 4.09 9.55
N GLN A 104 14.63 4.03 10.38
CA GLN A 104 14.29 2.81 11.10
C GLN A 104 13.87 1.71 10.14
N VAL A 105 13.07 2.08 9.13
CA VAL A 105 12.61 1.13 8.13
C VAL A 105 13.78 0.59 7.31
N THR A 106 14.67 1.49 6.87
CA THR A 106 15.82 1.11 6.07
C THR A 106 16.73 0.15 6.84
N MET A 107 17.02 0.47 8.10
CA MET A 107 17.87 -0.37 8.94
C MET A 107 17.17 -1.70 9.22
N GLY A 108 15.86 -1.65 9.40
CA GLY A 108 15.07 -2.85 9.63
C GLY A 108 15.11 -3.81 8.46
N LEU A 109 15.08 -3.25 7.24
CA LEU A 109 15.10 -4.05 6.01
C LEU A 109 16.50 -4.58 5.68
N THR A 110 17.49 -4.10 6.41
CA THR A 110 18.88 -4.52 6.19
C THR A 110 19.05 -6.01 6.51
N SER A 111 19.79 -6.70 5.63
CA SER A 111 20.05 -8.15 5.78
C SER A 111 18.77 -8.98 5.64
N LEU A 112 17.95 -8.62 4.66
CA LEU A 112 16.71 -9.35 4.40
C LEU A 112 16.94 -10.44 3.36
N ALA A 113 16.03 -11.40 3.28
CA ALA A 113 16.14 -12.50 2.32
C ALA A 113 16.13 -11.99 0.88
N THR A 114 15.30 -10.98 0.62
CA THR A 114 15.21 -10.40 -0.72
C THR A 114 15.92 -9.06 -0.77
N SER A 115 16.29 -8.62 -1.98
CA SER A 115 16.98 -7.35 -2.15
C SER A 115 16.09 -6.18 -1.76
N ALA A 116 16.68 -5.22 -1.04
CA ALA A 116 15.96 -4.03 -0.60
C ALA A 116 16.93 -2.90 -0.33
N GLN A 117 16.45 -1.66 -0.40
CA GLN A 117 17.28 -0.50 -0.15
C GLN A 117 17.56 -0.34 1.34
N MET B 1 4.10 21.67 3.34
CA MET B 1 4.00 20.64 4.41
C MET B 1 4.54 19.30 3.92
N ALA B 2 4.79 19.21 2.62
CA ALA B 2 5.29 17.99 2.01
C ALA B 2 6.50 18.28 1.12
N PRO B 3 7.68 18.57 1.72
CA PRO B 3 8.91 18.88 0.97
C PRO B 3 9.35 17.75 0.02
N LEU B 4 9.22 16.51 0.48
CA LEU B 4 9.61 15.35 -0.33
C LEU B 4 8.57 14.25 -0.21
N ARG B 5 7.30 14.61 -0.34
CA ARG B 5 6.22 13.63 -0.25
C ARG B 5 5.29 13.71 -1.47
N LYS B 6 5.86 14.01 -2.63
CA LYS B 6 5.07 14.12 -3.85
C LYS B 6 4.83 12.75 -4.49
N THR B 7 3.78 12.07 -4.05
CA THR B 7 3.44 10.77 -4.59
C THR B 7 1.97 10.72 -5.04
N ALA B 8 1.65 9.79 -5.92
CA ALA B 8 0.28 9.62 -6.40
C ALA B 8 -0.42 8.52 -5.61
N VAL B 9 -1.67 8.74 -5.25
CA VAL B 9 -2.42 7.75 -4.49
C VAL B 9 -3.53 7.12 -5.32
N LEU B 10 -3.43 5.80 -5.50
CA LEU B 10 -4.44 5.05 -6.24
C LEU B 10 -5.29 4.20 -5.31
N LYS B 11 -6.60 4.38 -5.35
CA LYS B 11 -7.50 3.61 -4.51
C LYS B 11 -8.19 2.49 -5.29
N LEU B 12 -7.81 1.26 -5.01
CA LEU B 12 -8.42 0.12 -5.69
C LEU B 12 -9.51 -0.49 -4.81
N TYR B 13 -10.72 -0.51 -5.33
CA TYR B 13 -11.85 -1.07 -4.62
C TYR B 13 -12.15 -2.49 -5.11
N VAL B 14 -12.28 -3.41 -4.17
CA VAL B 14 -12.55 -4.81 -4.50
C VAL B 14 -13.68 -5.36 -3.62
N ALA B 15 -14.20 -6.52 -3.98
CA ALA B 15 -15.30 -7.11 -3.24
C ALA B 15 -15.09 -8.60 -2.98
N GLY B 16 -15.27 -9.00 -1.73
CA GLY B 16 -15.15 -10.39 -1.34
C GLY B 16 -13.72 -10.88 -1.24
N ASN B 17 -13.59 -12.19 -1.10
CA ASN B 17 -12.28 -12.83 -0.99
C ASN B 17 -12.04 -13.78 -2.16
N THR B 18 -12.72 -13.51 -3.27
CA THR B 18 -12.59 -14.34 -4.46
C THR B 18 -11.21 -14.15 -5.10
N PRO B 19 -10.73 -15.17 -5.83
CA PRO B 19 -9.42 -15.09 -6.50
C PRO B 19 -9.38 -14.00 -7.57
N ASN B 20 -10.55 -13.63 -8.09
CA ASN B 20 -10.64 -12.57 -9.09
C ASN B 20 -10.14 -11.26 -8.50
N SER B 21 -10.58 -10.99 -7.27
CA SER B 21 -10.16 -9.78 -6.55
C SER B 21 -8.69 -9.90 -6.15
N VAL B 22 -8.30 -11.10 -5.75
CA VAL B 22 -6.93 -11.39 -5.32
C VAL B 22 -5.93 -11.24 -6.48
N ARG B 23 -6.29 -11.81 -7.62
CA ARG B 23 -5.45 -11.78 -8.82
C ARG B 23 -5.28 -10.36 -9.37
N ALA B 24 -6.34 -9.55 -9.26
CA ALA B 24 -6.30 -8.18 -9.77
C ALA B 24 -5.18 -7.38 -9.12
N LEU B 25 -5.00 -7.57 -7.81
CA LEU B 25 -3.94 -6.87 -7.09
C LEU B 25 -2.57 -7.26 -7.62
N LYS B 26 -2.39 -8.55 -7.89
CA LYS B 26 -1.13 -9.06 -8.42
C LYS B 26 -0.88 -8.52 -9.82
N THR B 27 -1.92 -8.46 -10.63
CA THR B 27 -1.82 -7.97 -12.00
C THR B 27 -1.44 -6.48 -12.02
N LEU B 28 -2.13 -5.71 -11.19
CA LEU B 28 -1.91 -4.29 -11.07
C LEU B 28 -0.52 -3.97 -10.51
N ALA B 29 -0.13 -4.73 -9.49
CA ALA B 29 1.17 -4.53 -8.83
C ALA B 29 2.35 -4.74 -9.77
N ASN B 30 2.30 -5.78 -10.60
CA ASN B 30 3.41 -6.07 -11.52
C ASN B 30 3.66 -4.95 -12.54
N ILE B 31 2.58 -4.39 -13.07
CA ILE B 31 2.68 -3.33 -14.08
C ILE B 31 3.29 -2.04 -13.52
N LEU B 32 2.80 -1.63 -12.36
CA LEU B 32 3.25 -0.39 -11.75
C LEU B 32 4.51 -0.56 -10.89
N GLU B 33 4.85 -1.80 -10.54
CA GLU B 33 6.04 -2.07 -9.72
C GLU B 33 7.32 -1.61 -10.40
N LYS B 34 7.43 -1.83 -11.70
CA LYS B 34 8.64 -1.44 -12.43
C LYS B 34 8.50 -0.08 -13.11
N GLU B 35 7.44 0.09 -13.90
CA GLU B 35 7.21 1.34 -14.63
C GLU B 35 6.83 2.52 -13.74
N PHE B 36 6.02 2.27 -12.72
CA PHE B 36 5.55 3.35 -11.84
C PHE B 36 6.14 3.30 -10.43
N LYS B 37 7.33 2.70 -10.29
CA LYS B 37 7.96 2.61 -8.98
C LYS B 37 8.41 3.97 -8.45
N GLY B 38 8.06 4.26 -7.20
CA GLY B 38 8.46 5.51 -6.57
C GLY B 38 7.59 6.69 -6.90
N VAL B 39 6.54 6.51 -7.70
CA VAL B 39 5.67 7.63 -8.04
C VAL B 39 4.24 7.43 -7.55
N TYR B 40 3.84 6.18 -7.27
CA TYR B 40 2.48 5.92 -6.82
C TYR B 40 2.44 5.00 -5.59
N ALA B 41 1.37 5.14 -4.81
CA ALA B 41 1.12 4.29 -3.66
C ALA B 41 -0.20 3.57 -3.89
N LEU B 42 -0.33 2.35 -3.42
CA LEU B 42 -1.55 1.58 -3.65
C LEU B 42 -2.37 1.43 -2.38
N LYS B 43 -3.69 1.58 -2.51
CA LYS B 43 -4.61 1.43 -1.39
C LYS B 43 -5.71 0.44 -1.77
N VAL B 44 -6.06 -0.45 -0.86
CA VAL B 44 -7.08 -1.47 -1.15
C VAL B 44 -8.25 -1.39 -0.17
N ILE B 45 -9.46 -1.26 -0.69
CA ILE B 45 -10.67 -1.19 0.12
C ILE B 45 -11.70 -2.24 -0.30
N ASP B 46 -12.28 -2.93 0.69
CA ASP B 46 -13.29 -3.95 0.43
C ASP B 46 -14.67 -3.32 0.56
N VAL B 47 -15.38 -3.18 -0.56
CA VAL B 47 -16.69 -2.55 -0.57
C VAL B 47 -17.75 -3.32 0.24
N LEU B 48 -17.58 -4.64 0.34
CA LEU B 48 -18.54 -5.46 1.10
C LEU B 48 -18.45 -5.19 2.60
N LYS B 49 -17.24 -4.95 3.10
CA LYS B 49 -17.04 -4.69 4.53
C LYS B 49 -17.60 -3.33 4.93
N ASN B 50 -17.45 -2.34 4.06
CA ASN B 50 -17.96 -1.01 4.34
C ASN B 50 -18.53 -0.40 3.05
N PRO B 51 -19.83 -0.68 2.78
CA PRO B 51 -20.50 -0.20 1.55
C PRO B 51 -20.60 1.33 1.42
N GLN B 52 -20.56 2.03 2.56
CA GLN B 52 -20.65 3.49 2.52
C GLN B 52 -19.42 4.11 1.87
N LEU B 53 -18.28 3.40 1.94
CA LEU B 53 -17.05 3.90 1.33
C LEU B 53 -17.18 3.96 -0.19
N ALA B 54 -17.80 2.93 -0.77
CA ALA B 54 -18.02 2.87 -2.20
C ALA B 54 -18.96 3.97 -2.65
N GLU B 55 -20.00 4.20 -1.85
CA GLU B 55 -21.00 5.24 -2.13
C GLU B 55 -20.37 6.62 -2.06
N GLU B 56 -19.45 6.79 -1.10
CA GLU B 56 -18.75 8.05 -0.90
C GLU B 56 -17.86 8.41 -2.08
N ASP B 57 -17.19 7.40 -2.64
CA ASP B 57 -16.30 7.63 -3.79
C ASP B 57 -17.00 7.34 -5.12
N LYS B 58 -18.31 7.13 -5.07
CA LYS B 58 -19.12 6.84 -6.26
C LYS B 58 -18.60 5.62 -7.05
N ILE B 59 -18.36 4.52 -6.34
CA ILE B 59 -17.89 3.30 -6.98
C ILE B 59 -19.05 2.40 -7.35
N LEU B 60 -19.31 2.27 -8.66
CA LEU B 60 -20.40 1.45 -9.15
C LEU B 60 -19.90 0.20 -9.87
N ALA B 61 -18.59 -0.03 -9.82
CA ALA B 61 -18.00 -1.19 -10.47
C ALA B 61 -16.84 -1.75 -9.63
N THR B 62 -16.50 -3.01 -9.86
CA THR B 62 -15.42 -3.64 -9.13
C THR B 62 -14.67 -4.63 -10.02
N PRO B 63 -13.32 -4.57 -10.07
CA PRO B 63 -12.50 -3.60 -9.34
C PRO B 63 -12.44 -2.23 -10.03
N THR B 64 -12.32 -1.17 -9.24
CA THR B 64 -12.23 0.19 -9.78
C THR B 64 -11.04 0.95 -9.18
N LEU B 65 -10.29 1.63 -10.04
CA LEU B 65 -9.13 2.41 -9.60
C LEU B 65 -9.50 3.89 -9.49
N ALA B 66 -9.26 4.46 -8.33
CA ALA B 66 -9.57 5.87 -8.10
C ALA B 66 -8.29 6.67 -7.86
N LYS B 67 -8.23 7.85 -8.48
CA LYS B 67 -7.08 8.73 -8.33
C LYS B 67 -7.42 9.88 -7.39
N VAL B 68 -6.66 10.03 -6.31
CA VAL B 68 -6.90 11.09 -5.36
C VAL B 68 -6.04 12.32 -5.67
N LEU B 69 -4.74 12.13 -5.66
CA LEU B 69 -3.79 13.20 -5.94
C LEU B 69 -2.43 12.64 -6.34
N PRO B 70 -1.57 13.44 -7.01
CA PRO B 70 -1.86 14.84 -7.37
C PRO B 70 -2.97 14.97 -8.43
N PRO B 71 -3.75 16.06 -8.37
CA PRO B 71 -4.85 16.33 -9.32
C PRO B 71 -4.37 16.44 -10.77
N PRO B 72 -5.28 16.37 -11.77
CA PRO B 72 -6.74 16.25 -11.55
C PRO B 72 -7.20 14.88 -11.03
N VAL B 73 -8.38 14.87 -10.42
CA VAL B 73 -8.96 13.66 -9.88
C VAL B 73 -9.74 12.89 -10.95
N ARG B 74 -9.31 11.67 -11.22
CA ARG B 74 -9.96 10.84 -12.23
C ARG B 74 -10.16 9.41 -11.72
N ARG B 75 -11.06 8.68 -12.36
CA ARG B 75 -11.33 7.30 -11.98
C ARG B 75 -11.28 6.38 -13.20
N ILE B 76 -10.89 5.13 -13.00
CA ILE B 76 -10.78 4.19 -14.10
C ILE B 76 -11.80 3.05 -13.94
N ILE B 77 -12.67 2.91 -14.94
CA ILE B 77 -13.68 1.87 -14.93
C ILE B 77 -13.43 0.86 -16.04
N GLY B 78 -13.21 -0.40 -15.66
CA GLY B 78 -12.95 -1.43 -16.65
C GLY B 78 -12.59 -2.75 -16.01
N ASP B 79 -12.21 -3.72 -16.83
CA ASP B 79 -11.83 -5.04 -16.34
C ASP B 79 -10.35 -5.05 -15.95
N LEU B 80 -10.10 -4.99 -14.63
CA LEU B 80 -8.73 -4.99 -14.11
C LEU B 80 -8.06 -6.35 -14.31
N SER B 81 -8.87 -7.37 -14.59
CA SER B 81 -8.36 -8.72 -14.81
C SER B 81 -7.49 -8.80 -16.07
N ASN B 82 -7.71 -7.85 -17.00
CA ASN B 82 -6.93 -7.82 -18.24
C ASN B 82 -5.70 -6.94 -18.06
N ARG B 83 -4.53 -7.58 -18.00
CA ARG B 83 -3.26 -6.85 -17.82
C ARG B 83 -3.01 -5.88 -18.96
N GLU B 84 -3.37 -6.26 -20.19
CA GLU B 84 -3.18 -5.38 -21.34
C GLU B 84 -3.87 -4.04 -21.15
N LYS B 85 -5.15 -4.08 -20.81
CA LYS B 85 -5.93 -2.87 -20.60
C LYS B 85 -5.42 -2.06 -19.41
N VAL B 86 -5.02 -2.76 -18.35
CA VAL B 86 -4.50 -2.09 -17.15
C VAL B 86 -3.25 -1.29 -17.50
N LEU B 87 -2.36 -1.91 -18.27
CA LEU B 87 -1.13 -1.26 -18.71
C LEU B 87 -1.46 -0.04 -19.58
N ILE B 88 -2.39 -0.24 -20.52
CA ILE B 88 -2.81 0.81 -21.43
C ILE B 88 -3.42 2.00 -20.68
N ALA B 89 -4.32 1.71 -19.75
CA ALA B 89 -4.99 2.75 -18.97
C ALA B 89 -4.01 3.55 -18.09
N LEU B 90 -3.08 2.85 -17.45
CA LEU B 90 -2.11 3.50 -16.57
C LEU B 90 -1.09 4.33 -17.34
N ARG B 91 -0.66 3.85 -18.50
CA ARG B 91 0.32 4.57 -19.30
C ARG B 91 -0.23 5.93 -19.74
N LEU B 92 -1.51 5.98 -20.09
CA LEU B 92 -2.15 7.22 -20.50
C LEU B 92 -2.16 8.22 -19.36
N LEU B 93 -2.41 7.73 -18.15
CA LEU B 93 -2.44 8.59 -16.96
C LEU B 93 -1.06 9.16 -16.66
N ALA B 94 -0.02 8.34 -16.86
CA ALA B 94 1.35 8.75 -16.60
C ALA B 94 1.76 9.94 -17.46
N GLU B 95 1.39 9.89 -18.74
CA GLU B 95 1.70 10.97 -19.67
C GLU B 95 0.98 12.25 -19.29
N GLU B 96 -0.27 12.13 -18.88
CA GLU B 96 -1.09 13.27 -18.48
C GLU B 96 -0.55 13.92 -17.20
N ILE B 97 -0.13 13.10 -16.24
CA ILE B 97 0.40 13.63 -14.98
C ILE B 97 1.80 14.21 -15.16
N GLY B 98 2.54 13.68 -16.13
CA GLY B 98 3.89 14.15 -16.41
C GLY B 98 3.91 15.61 -16.85
N ASP B 99 2.92 15.99 -17.64
CA ASP B 99 2.83 17.37 -18.13
C ASP B 99 2.04 18.23 -17.12
N TYR B 100 2.66 18.49 -15.98
CA TYR B 100 2.03 19.29 -14.94
C TYR B 100 2.83 20.57 -14.69
N LYS B 101 2.22 21.71 -14.96
CA LYS B 101 2.86 23.03 -14.77
C LYS B 101 4.21 23.12 -15.49
N ASP B 102 4.26 22.58 -16.71
CA ASP B 102 5.48 22.61 -17.50
C ASP B 102 5.53 23.86 -18.37
N ASP B 103 6.37 24.82 -17.98
CA ASP B 103 6.51 26.06 -18.71
C ASP B 103 7.87 26.70 -18.43
N ASP B 104 8.32 27.58 -19.32
CA ASP B 104 9.61 28.25 -19.15
C ASP B 104 9.43 29.55 -18.36
N ASP B 105 9.84 29.51 -17.09
CA ASP B 105 9.73 30.70 -16.23
C ASP B 105 11.01 31.52 -16.31
N LYS B 106 10.96 32.62 -17.05
CA LYS B 106 12.11 33.50 -17.20
C LYS B 106 11.73 34.93 -16.85
N GLU A 1 14.24 -2.40 -1.44
CA GLU A 1 14.62 -3.83 -1.53
C GLU A 1 13.40 -4.70 -1.85
N GLY A 2 12.23 -4.09 -1.79
CA GLY A 2 11.00 -4.81 -2.06
C GLY A 2 9.76 -3.97 -1.84
N ARG A 3 8.59 -4.61 -1.96
CA ARG A 3 7.32 -3.91 -1.77
C ARG A 3 7.02 -3.73 -0.28
N ILE A 4 6.31 -2.66 0.05
CA ILE A 4 5.94 -2.36 1.43
C ILE A 4 4.43 -2.20 1.57
N VAL A 5 3.83 -2.92 2.51
CA VAL A 5 2.39 -2.80 2.72
C VAL A 5 2.11 -2.34 4.15
N LEU A 6 1.05 -1.57 4.31
CA LEU A 6 0.68 -1.06 5.63
C LEU A 6 -0.77 -1.40 5.93
N VAL A 7 -1.01 -1.98 7.08
CA VAL A 7 -2.35 -2.35 7.48
C VAL A 7 -2.76 -1.54 8.70
N SER A 8 -3.74 -0.65 8.52
CA SER A 8 -4.25 0.19 9.59
C SER A 8 -5.50 0.93 9.12
N GLU A 9 -6.35 1.30 10.07
CA GLU A 9 -7.57 2.02 9.76
C GLU A 9 -7.35 3.53 9.85
N ASP A 10 -6.12 3.95 10.18
CA ASP A 10 -5.80 5.37 10.33
C ASP A 10 -5.51 6.02 8.98
N GLU A 11 -6.47 6.82 8.50
CA GLU A 11 -6.35 7.52 7.22
C GLU A 11 -5.24 8.58 7.22
N ALA A 12 -4.95 9.14 8.39
CA ALA A 12 -3.92 10.18 8.51
C ALA A 12 -2.54 9.65 8.08
N THR A 13 -2.23 8.43 8.49
CA THR A 13 -0.95 7.81 8.15
C THR A 13 -0.93 7.33 6.70
N SER A 14 -2.11 7.17 6.10
CA SER A 14 -2.22 6.70 4.72
C SER A 14 -1.55 7.65 3.74
N THR A 15 -1.77 8.95 3.92
CA THR A 15 -1.19 9.95 3.03
C THR A 15 0.23 10.34 3.46
N LEU A 16 0.43 10.56 4.76
CA LEU A 16 1.73 11.00 5.28
C LEU A 16 2.84 9.98 5.00
N ILE A 17 2.61 8.72 5.36
CA ILE A 17 3.63 7.68 5.14
C ILE A 17 3.78 7.33 3.67
N CYS A 18 2.70 7.51 2.91
CA CYS A 18 2.72 7.21 1.49
C CYS A 18 3.83 8.01 0.80
N SER A 19 3.86 9.33 1.03
CA SER A 19 4.88 10.17 0.44
C SER A 19 6.26 9.85 1.04
N ILE A 20 6.28 9.52 2.33
CA ILE A 20 7.54 9.21 3.02
C ILE A 20 8.26 7.99 2.41
N LEU A 21 7.54 6.91 2.21
CA LEU A 21 8.13 5.69 1.66
C LEU A 21 8.13 5.61 0.13
N THR A 22 7.05 6.07 -0.50
CA THR A 22 6.92 6.01 -1.96
C THR A 22 7.97 6.86 -2.69
N THR A 23 8.22 8.07 -2.20
CA THR A 23 9.19 8.97 -2.85
C THR A 23 10.62 8.44 -2.72
N ALA A 24 10.83 7.55 -1.76
CA ALA A 24 12.16 6.98 -1.52
C ALA A 24 12.44 5.82 -2.48
N GLY A 25 11.50 5.53 -3.38
CA GLY A 25 11.68 4.46 -4.33
C GLY A 25 11.01 3.17 -3.91
N TYR A 26 10.22 3.23 -2.85
CA TYR A 26 9.51 2.05 -2.36
C TYR A 26 8.07 2.06 -2.84
N GLN A 27 7.50 0.86 -3.03
CA GLN A 27 6.12 0.75 -3.46
C GLN A 27 5.24 0.39 -2.27
N VAL A 28 4.44 1.34 -1.82
CA VAL A 28 3.58 1.12 -0.65
C VAL A 28 2.14 0.84 -1.04
N ILE A 29 1.62 -0.27 -0.52
CA ILE A 29 0.24 -0.67 -0.75
C ILE A 29 -0.49 -0.71 0.59
N TRP A 30 -1.58 0.03 0.69
CA TRP A 30 -2.34 0.07 1.93
C TRP A 30 -3.45 -0.96 1.91
N LEU A 31 -3.43 -1.88 2.86
CA LEU A 31 -4.44 -2.92 2.95
C LEU A 31 -5.24 -2.78 4.23
N VAL A 32 -6.54 -3.08 4.16
CA VAL A 32 -7.39 -2.98 5.34
C VAL A 32 -7.22 -4.21 6.23
N ASP A 33 -7.41 -4.03 7.54
CA ASP A 33 -7.22 -5.10 8.51
C ASP A 33 -8.27 -6.21 8.38
N GLY A 34 -7.86 -7.43 8.72
CA GLY A 34 -8.76 -8.57 8.67
C GLY A 34 -8.55 -9.47 7.46
N GLU A 35 -7.77 -9.02 6.49
CA GLU A 35 -7.53 -9.83 5.29
C GLU A 35 -6.07 -10.28 5.17
N VAL A 36 -5.79 -11.49 5.66
CA VAL A 36 -4.45 -12.06 5.57
C VAL A 36 -4.12 -12.45 4.14
N GLU A 37 -5.12 -12.97 3.42
CA GLU A 37 -4.94 -13.35 2.02
C GLU A 37 -4.45 -12.17 1.19
N ARG A 38 -4.92 -10.97 1.54
CA ARG A 38 -4.48 -9.76 0.84
C ARG A 38 -2.97 -9.58 1.03
N LEU A 39 -2.50 -9.87 2.24
CA LEU A 39 -1.07 -9.77 2.56
C LEU A 39 -0.29 -10.82 1.79
N LEU A 40 -0.84 -12.03 1.70
CA LEU A 40 -0.19 -13.13 0.97
C LEU A 40 -0.15 -12.84 -0.53
N ALA A 41 -1.25 -12.29 -1.05
CA ALA A 41 -1.34 -11.94 -2.48
C ALA A 41 -0.27 -10.92 -2.87
N LEU A 42 -0.04 -9.96 -1.99
CA LEU A 42 0.93 -8.91 -2.23
C LEU A 42 2.17 -9.07 -1.34
N THR A 43 2.48 -10.32 -1.00
CA THR A 43 3.60 -10.68 -0.11
C THR A 43 4.82 -9.76 -0.25
N PRO A 44 4.96 -8.82 0.70
CA PRO A 44 6.07 -7.87 0.75
C PRO A 44 7.27 -8.40 1.51
N ILE A 45 8.34 -7.62 1.56
CA ILE A 45 9.53 -8.02 2.31
C ILE A 45 9.34 -7.66 3.79
N ALA A 46 8.45 -6.71 4.05
CA ALA A 46 8.15 -6.25 5.39
C ALA A 46 6.74 -5.68 5.46
N VAL A 47 6.12 -5.77 6.64
CA VAL A 47 4.78 -5.24 6.83
C VAL A 47 4.77 -4.18 7.90
N LEU A 48 3.95 -3.15 7.72
CA LEU A 48 3.85 -2.06 8.68
C LEU A 48 2.45 -2.02 9.28
N LEU A 49 2.38 -2.12 10.61
CA LEU A 49 1.10 -2.06 11.30
C LEU A 49 1.05 -0.84 12.21
N ALA A 50 0.02 -0.01 12.08
CA ALA A 50 -0.10 1.19 12.90
C ALA A 50 -1.21 1.07 13.93
N GLU A 51 -0.83 1.12 15.20
CA GLU A 51 -1.77 1.02 16.31
C GLU A 51 -2.44 2.37 16.58
N PRO A 52 -3.61 2.38 17.26
CA PRO A 52 -4.29 1.17 17.76
C PRO A 52 -5.16 0.48 16.70
N PHE A 53 -5.43 -0.81 16.92
CA PHE A 53 -6.28 -1.56 16.00
C PHE A 53 -7.67 -1.74 16.60
N SER A 54 -8.57 -0.81 16.30
CA SER A 54 -9.94 -0.87 16.78
C SER A 54 -10.66 -2.09 16.20
N TYR A 55 -10.40 -2.36 14.93
CA TYR A 55 -11.00 -3.49 14.24
C TYR A 55 -9.93 -4.53 13.90
N GLY A 56 -10.10 -5.75 14.41
CA GLY A 56 -9.15 -6.81 14.15
C GLY A 56 -8.11 -6.96 15.24
N ASP A 57 -7.64 -8.18 15.44
CA ASP A 57 -6.64 -8.46 16.47
C ASP A 57 -5.24 -8.46 15.87
N VAL A 58 -4.41 -7.48 16.26
CA VAL A 58 -3.04 -7.38 15.76
C VAL A 58 -2.23 -8.64 16.06
N GLN A 59 -2.44 -9.22 17.24
CA GLN A 59 -1.73 -10.44 17.63
C GLN A 59 -2.10 -11.60 16.71
N GLU A 60 -3.37 -11.68 16.34
CA GLU A 60 -3.84 -12.72 15.45
C GLU A 60 -3.23 -12.56 14.06
N LEU A 61 -3.19 -11.31 13.60
CA LEU A 61 -2.67 -10.97 12.28
C LEU A 61 -1.19 -11.32 12.14
N VAL A 62 -0.39 -10.96 13.16
CA VAL A 62 1.05 -11.25 13.12
C VAL A 62 1.30 -12.75 13.19
N ASP A 63 0.45 -13.47 13.93
CA ASP A 63 0.57 -14.92 14.07
C ASP A 63 0.44 -15.61 12.71
N GLN A 64 -0.55 -15.20 11.92
CA GLN A 64 -0.76 -15.78 10.59
C GLN A 64 0.44 -15.52 9.69
N LEU A 65 1.00 -14.31 9.77
CA LEU A 65 2.17 -13.95 8.96
C LEU A 65 3.36 -14.83 9.28
N ARG A 66 3.56 -15.11 10.58
CA ARG A 66 4.65 -15.96 11.04
C ARG A 66 4.50 -17.38 10.51
N GLN A 67 3.26 -17.85 10.49
CA GLN A 67 2.94 -19.21 10.02
C GLN A 67 3.20 -19.38 8.52
N ARG A 68 2.91 -18.34 7.74
CA ARG A 68 3.07 -18.41 6.29
C ARG A 68 4.48 -18.02 5.82
N CYS A 69 5.08 -17.02 6.44
CA CYS A 69 6.41 -16.57 6.03
C CYS A 69 7.39 -16.54 7.19
N THR A 70 8.65 -16.85 6.89
CA THR A 70 9.71 -16.83 7.90
C THR A 70 10.13 -15.40 8.20
N PRO A 71 10.71 -15.12 9.39
CA PRO A 71 11.15 -13.77 9.76
C PRO A 71 12.20 -13.19 8.81
N GLU A 72 13.01 -14.06 8.22
CA GLU A 72 14.03 -13.61 7.28
C GLU A 72 13.40 -13.22 5.93
N GLN A 73 12.25 -13.81 5.63
CA GLN A 73 11.56 -13.53 4.38
C GLN A 73 10.60 -12.34 4.54
N LEU A 74 9.95 -12.26 5.69
CA LEU A 74 9.02 -11.18 5.96
C LEU A 74 9.21 -10.61 7.36
N LYS A 75 9.38 -9.31 7.46
CA LYS A 75 9.58 -8.64 8.74
C LYS A 75 8.32 -7.91 9.17
N ILE A 76 8.10 -7.85 10.48
CA ILE A 76 6.91 -7.18 11.02
C ILE A 76 7.30 -5.95 11.83
N PHE A 77 6.80 -4.78 11.41
CA PHE A 77 7.06 -3.53 12.10
C PHE A 77 5.76 -2.96 12.65
N ILE A 78 5.76 -2.51 13.89
CA ILE A 78 4.54 -1.97 14.49
C ILE A 78 4.76 -0.54 15.00
N LEU A 79 3.84 0.34 14.61
CA LEU A 79 3.89 1.74 15.00
C LEU A 79 3.02 2.00 16.23
N GLY A 80 3.55 2.76 17.18
CA GLY A 80 2.79 3.08 18.38
C GLY A 80 2.83 1.99 19.43
N SER A 81 3.82 1.10 19.35
CA SER A 81 3.94 0.01 20.32
C SER A 81 5.25 0.12 21.08
N LYS A 82 5.26 -0.41 22.31
CA LYS A 82 6.44 -0.37 23.15
C LYS A 82 6.47 -1.61 24.07
N GLY A 83 7.66 -2.14 24.33
CA GLY A 83 7.77 -3.31 25.18
C GLY A 83 8.61 -4.42 24.57
N ASN A 84 8.96 -4.27 23.29
CA ASN A 84 9.77 -5.27 22.58
C ASN A 84 9.13 -6.65 22.64
N TYR A 85 7.87 -6.74 22.27
CA TYR A 85 7.14 -8.00 22.30
C TYR A 85 7.66 -8.97 21.23
N GLN A 86 7.57 -10.26 21.53
CA GLN A 86 8.04 -11.31 20.61
C GLN A 86 7.13 -11.40 19.39
N GLY A 87 7.70 -11.80 18.26
CA GLY A 87 6.94 -11.91 17.03
C GLY A 87 7.01 -10.64 16.20
N VAL A 88 7.64 -9.62 16.76
CA VAL A 88 7.78 -8.33 16.09
C VAL A 88 9.26 -8.07 15.83
N ASP A 89 9.61 -7.83 14.56
CA ASP A 89 11.00 -7.55 14.18
C ASP A 89 11.50 -6.24 14.80
N ARG A 90 10.69 -5.20 14.72
CA ARG A 90 11.06 -3.90 15.26
C ARG A 90 9.82 -3.02 15.44
N TYR A 91 9.83 -2.17 16.46
CA TYR A 91 8.71 -1.27 16.73
C TYR A 91 9.13 0.18 16.51
N ILE A 92 8.18 1.01 16.09
CA ILE A 92 8.49 2.42 15.84
C ILE A 92 7.96 3.29 16.99
N PRO A 93 8.87 3.94 17.73
CA PRO A 93 8.49 4.80 18.86
C PRO A 93 7.84 6.12 18.43
N LEU A 94 7.02 6.68 19.32
CA LEU A 94 6.34 7.94 19.05
C LEU A 94 6.87 9.05 19.96
N PRO A 95 6.69 10.33 19.60
CA PRO A 95 5.98 10.75 18.38
C PRO A 95 6.69 10.34 17.09
N ILE A 96 5.92 10.09 16.05
CA ILE A 96 6.45 9.66 14.76
C ILE A 96 6.95 10.85 13.94
N HIS A 97 8.14 10.68 13.37
CA HIS A 97 8.72 11.71 12.52
C HIS A 97 8.93 11.13 11.13
N PRO A 98 8.82 11.98 10.07
CA PRO A 98 8.95 11.53 8.68
C PRO A 98 10.25 10.78 8.39
N GLU A 99 11.38 11.43 8.62
CA GLU A 99 12.68 10.81 8.36
C GLU A 99 12.99 9.71 9.36
N SER A 100 12.47 9.84 10.59
CA SER A 100 12.72 8.85 11.62
C SER A 100 12.12 7.49 11.25
N PHE A 101 10.88 7.50 10.81
CA PHE A 101 10.19 6.28 10.40
C PHE A 101 10.90 5.61 9.23
N LEU A 102 11.20 6.40 8.19
CA LEU A 102 11.86 5.89 6.99
C LEU A 102 13.26 5.33 7.28
N GLN A 103 14.06 6.06 8.05
CA GLN A 103 15.43 5.62 8.35
C GLN A 103 15.44 4.35 9.19
N GLN A 104 14.55 4.26 10.18
CA GLN A 104 14.49 3.09 11.03
C GLN A 104 14.07 1.85 10.25
N VAL A 105 13.08 2.01 9.37
CA VAL A 105 12.62 0.90 8.54
C VAL A 105 13.68 0.47 7.53
N THR A 106 14.31 1.46 6.87
CA THR A 106 15.34 1.19 5.88
C THR A 106 16.53 0.44 6.49
N MET A 107 17.00 0.92 7.64
CA MET A 107 18.12 0.29 8.33
C MET A 107 17.76 -1.14 8.75
N GLY A 108 16.52 -1.33 9.19
CA GLY A 108 16.06 -2.66 9.58
C GLY A 108 16.06 -3.64 8.43
N LEU A 109 15.69 -3.16 7.24
CA LEU A 109 15.61 -3.99 6.04
C LEU A 109 16.98 -4.32 5.43
N THR A 110 18.04 -3.68 5.92
CA THR A 110 19.38 -3.95 5.38
C THR A 110 19.81 -5.39 5.66
N SER A 111 19.33 -5.93 6.78
CA SER A 111 19.64 -7.31 7.16
C SER A 111 18.98 -8.29 6.20
N LEU A 112 17.78 -7.96 5.75
CA LEU A 112 17.02 -8.79 4.81
C LEU A 112 17.74 -8.90 3.46
N ALA A 113 18.19 -7.75 2.95
CA ALA A 113 18.90 -7.71 1.67
C ALA A 113 19.73 -6.44 1.56
N THR A 114 20.84 -6.53 0.83
CA THR A 114 21.74 -5.39 0.64
C THR A 114 22.42 -5.46 -0.72
N SER A 115 22.75 -4.31 -1.28
CA SER A 115 23.42 -4.25 -2.58
C SER A 115 24.93 -4.33 -2.44
N ALA A 116 25.43 -4.21 -1.21
CA ALA A 116 26.86 -4.26 -0.95
C ALA A 116 27.15 -4.83 0.43
N GLN A 117 28.29 -5.47 0.58
CA GLN A 117 28.69 -6.07 1.85
C GLN A 117 30.16 -5.79 2.16
N MET B 1 19.51 12.38 -3.77
CA MET B 1 19.22 12.60 -2.32
C MET B 1 17.82 12.13 -1.97
N ALA B 2 17.14 11.57 -2.97
CA ALA B 2 15.76 11.05 -2.81
C ALA B 2 14.82 12.11 -2.21
N PRO B 3 14.58 13.22 -2.93
CA PRO B 3 13.69 14.29 -2.45
C PRO B 3 12.27 13.81 -2.19
N LEU B 4 11.66 14.32 -1.11
CA LEU B 4 10.31 13.95 -0.75
C LEU B 4 9.30 14.90 -1.38
N ARG B 5 8.25 14.35 -1.96
CA ARG B 5 7.22 15.16 -2.62
C ARG B 5 5.86 14.46 -2.53
N LYS B 6 4.82 15.15 -3.00
CA LYS B 6 3.47 14.60 -2.96
C LYS B 6 3.34 13.43 -3.94
N THR B 7 2.58 12.42 -3.54
CA THR B 7 2.38 11.22 -4.34
C THR B 7 0.89 11.00 -4.58
N ALA B 8 0.57 10.22 -5.62
CA ALA B 8 -0.82 9.93 -5.94
C ALA B 8 -1.25 8.62 -5.32
N VAL B 9 -2.50 8.54 -4.88
CA VAL B 9 -3.00 7.33 -4.25
C VAL B 9 -4.19 6.76 -5.03
N LEU B 10 -4.08 5.49 -5.39
CA LEU B 10 -5.15 4.80 -6.12
C LEU B 10 -6.00 3.99 -5.15
N LYS B 11 -7.30 4.16 -5.24
CA LYS B 11 -8.21 3.42 -4.36
C LYS B 11 -8.82 2.23 -5.10
N LEU B 12 -8.40 1.03 -4.73
CA LEU B 12 -8.92 -0.17 -5.36
C LEU B 12 -9.96 -0.84 -4.48
N TYR B 13 -11.20 -0.84 -4.96
CA TYR B 13 -12.29 -1.46 -4.23
C TYR B 13 -12.56 -2.86 -4.76
N VAL B 14 -12.57 -3.84 -3.87
CA VAL B 14 -12.80 -5.23 -4.25
C VAL B 14 -13.89 -5.85 -3.39
N ALA B 15 -14.43 -6.98 -3.83
CA ALA B 15 -15.49 -7.65 -3.10
C ALA B 15 -15.19 -9.14 -2.90
N GLY B 16 -15.13 -9.55 -1.64
CA GLY B 16 -14.87 -10.94 -1.33
C GLY B 16 -13.41 -11.32 -1.39
N ASN B 17 -13.11 -12.60 -1.19
CA ASN B 17 -11.75 -13.10 -1.21
C ASN B 17 -11.56 -14.05 -2.39
N THR B 18 -12.29 -13.81 -3.47
CA THR B 18 -12.21 -14.65 -4.66
C THR B 18 -10.87 -14.46 -5.39
N PRO B 19 -10.46 -15.46 -6.18
CA PRO B 19 -9.20 -15.42 -6.94
C PRO B 19 -9.08 -14.18 -7.83
N ASN B 20 -10.21 -13.72 -8.36
CA ASN B 20 -10.22 -12.55 -9.23
C ASN B 20 -9.69 -11.31 -8.49
N SER B 21 -10.10 -11.15 -7.24
CA SER B 21 -9.64 -10.01 -6.44
C SER B 21 -8.17 -10.17 -6.07
N VAL B 22 -7.79 -11.42 -5.77
CA VAL B 22 -6.42 -11.74 -5.39
C VAL B 22 -5.43 -11.54 -6.54
N ARG B 23 -5.79 -12.05 -7.72
CA ARG B 23 -4.94 -11.95 -8.91
C ARG B 23 -4.81 -10.50 -9.40
N ALA B 24 -5.89 -9.72 -9.26
CA ALA B 24 -5.89 -8.32 -9.69
C ALA B 24 -4.81 -7.53 -8.96
N LEU B 25 -4.64 -7.81 -7.67
CA LEU B 25 -3.64 -7.14 -6.85
C LEU B 25 -2.23 -7.40 -7.40
N LYS B 26 -1.98 -8.65 -7.75
CA LYS B 26 -0.68 -9.05 -8.30
C LYS B 26 -0.44 -8.38 -9.64
N THR B 27 -1.49 -8.29 -10.45
CA THR B 27 -1.40 -7.65 -11.77
C THR B 27 -1.06 -6.17 -11.64
N LEU B 28 -1.75 -5.48 -10.75
CA LEU B 28 -1.53 -4.05 -10.54
C LEU B 28 -0.19 -3.79 -9.86
N ALA B 29 0.18 -4.64 -8.91
CA ALA B 29 1.44 -4.49 -8.19
C ALA B 29 2.64 -4.56 -9.11
N ASN B 30 2.61 -5.49 -10.07
CA ASN B 30 3.71 -5.64 -11.02
C ASN B 30 3.88 -4.38 -11.86
N ILE B 31 2.77 -3.79 -12.29
CA ILE B 31 2.78 -2.59 -13.10
C ILE B 31 3.25 -1.38 -12.29
N LEU B 32 2.73 -1.24 -11.07
CA LEU B 32 3.08 -0.13 -10.20
C LEU B 32 4.52 -0.22 -9.72
N GLU B 33 4.99 -1.44 -9.45
CA GLU B 33 6.35 -1.67 -8.97
C GLU B 33 7.41 -1.22 -9.98
N LYS B 34 7.21 -1.52 -11.26
CA LYS B 34 8.19 -1.16 -12.27
C LYS B 34 7.87 0.14 -13.04
N GLU B 35 6.76 0.15 -13.75
CA GLU B 35 6.36 1.30 -14.57
C GLU B 35 6.02 2.55 -13.75
N PHE B 36 5.35 2.38 -12.62
CA PHE B 36 4.95 3.52 -11.80
C PHE B 36 5.66 3.55 -10.45
N LYS B 37 6.93 3.18 -10.43
CA LYS B 37 7.70 3.14 -9.19
C LYS B 37 8.00 4.53 -8.64
N GLY B 38 7.62 4.75 -7.39
CA GLY B 38 7.87 6.03 -6.73
C GLY B 38 6.96 7.15 -7.17
N VAL B 39 5.87 6.82 -7.86
CA VAL B 39 4.94 7.85 -8.33
C VAL B 39 3.52 7.65 -7.79
N TYR B 40 3.01 6.44 -7.91
CA TYR B 40 1.64 6.14 -7.47
C TYR B 40 1.60 5.05 -6.40
N ALA B 41 0.71 5.22 -5.43
CA ALA B 41 0.53 4.25 -4.36
C ALA B 41 -0.84 3.58 -4.48
N LEU B 42 -0.97 2.37 -3.95
CA LEU B 42 -2.23 1.64 -4.06
C LEU B 42 -2.86 1.33 -2.70
N LYS B 43 -4.16 1.58 -2.59
CA LYS B 43 -4.92 1.31 -1.37
C LYS B 43 -6.06 0.36 -1.71
N VAL B 44 -6.22 -0.72 -0.95
CA VAL B 44 -7.27 -1.69 -1.23
C VAL B 44 -8.32 -1.78 -0.12
N ILE B 45 -9.57 -1.64 -0.51
CA ILE B 45 -10.70 -1.69 0.43
C ILE B 45 -11.72 -2.74 0.01
N ASP B 46 -12.18 -3.54 0.97
CA ASP B 46 -13.17 -4.59 0.72
C ASP B 46 -14.56 -4.00 0.95
N VAL B 47 -15.34 -3.85 -0.13
CA VAL B 47 -16.68 -3.27 -0.03
C VAL B 47 -17.65 -4.11 0.81
N LEU B 48 -17.44 -5.42 0.85
CA LEU B 48 -18.32 -6.29 1.64
C LEU B 48 -18.15 -6.03 3.14
N LYS B 49 -16.92 -5.77 3.56
CA LYS B 49 -16.63 -5.52 4.98
C LYS B 49 -17.17 -4.15 5.40
N ASN B 50 -17.03 -3.15 4.54
CA ASN B 50 -17.52 -1.82 4.84
C ASN B 50 -18.23 -1.22 3.61
N PRO B 51 -19.54 -1.52 3.46
CA PRO B 51 -20.34 -1.03 2.32
C PRO B 51 -20.56 0.48 2.34
N GLN B 52 -20.34 1.10 3.50
CA GLN B 52 -20.51 2.54 3.64
C GLN B 52 -19.49 3.29 2.80
N LEU B 53 -18.28 2.74 2.74
CA LEU B 53 -17.20 3.35 1.99
C LEU B 53 -17.51 3.39 0.50
N ALA B 54 -18.09 2.31 -0.02
CA ALA B 54 -18.46 2.23 -1.43
C ALA B 54 -19.55 3.25 -1.75
N GLU B 55 -20.50 3.40 -0.83
CA GLU B 55 -21.61 4.34 -0.99
C GLU B 55 -21.11 5.78 -0.99
N GLU B 56 -20.04 6.04 -0.25
CA GLU B 56 -19.47 7.39 -0.15
C GLU B 56 -18.92 7.86 -1.50
N ASP B 57 -18.31 6.94 -2.25
CA ASP B 57 -17.74 7.28 -3.55
C ASP B 57 -18.70 6.87 -4.68
N LYS B 58 -19.90 6.42 -4.30
CA LYS B 58 -20.93 5.99 -5.26
C LYS B 58 -20.43 4.89 -6.19
N ILE B 59 -19.72 3.91 -5.64
CA ILE B 59 -19.20 2.80 -6.43
C ILE B 59 -19.94 1.50 -6.11
N LEU B 60 -20.56 0.90 -7.14
CA LEU B 60 -21.29 -0.34 -6.96
C LEU B 60 -20.69 -1.47 -7.80
N ALA B 61 -19.49 -1.24 -8.33
CA ALA B 61 -18.81 -2.25 -9.14
C ALA B 61 -17.40 -2.50 -8.65
N THR B 62 -16.99 -3.77 -8.66
CA THR B 62 -15.64 -4.14 -8.21
C THR B 62 -15.08 -5.27 -9.07
N PRO B 63 -13.74 -5.34 -9.23
CA PRO B 63 -12.80 -4.35 -8.68
C PRO B 63 -12.73 -3.06 -9.51
N THR B 64 -12.60 -1.93 -8.85
CA THR B 64 -12.50 -0.64 -9.53
C THR B 64 -11.43 0.25 -8.91
N LEU B 65 -10.91 1.19 -9.71
CA LEU B 65 -9.89 2.13 -9.24
C LEU B 65 -10.46 3.52 -9.10
N ALA B 66 -10.26 4.12 -7.93
CA ALA B 66 -10.75 5.46 -7.66
C ALA B 66 -9.60 6.44 -7.42
N LYS B 67 -9.70 7.61 -8.04
CA LYS B 67 -8.71 8.66 -7.88
C LYS B 67 -9.22 9.72 -6.90
N VAL B 68 -8.51 9.89 -5.79
CA VAL B 68 -8.90 10.88 -4.80
C VAL B 68 -7.88 12.02 -4.74
N LEU B 69 -6.63 11.66 -4.45
CA LEU B 69 -5.57 12.65 -4.37
C LEU B 69 -4.38 12.25 -5.23
N PRO B 70 -3.85 13.17 -6.04
CA PRO B 70 -4.36 14.54 -6.16
C PRO B 70 -5.63 14.62 -7.02
N PRO B 71 -6.42 15.70 -6.86
CA PRO B 71 -7.65 15.92 -7.65
C PRO B 71 -7.37 16.10 -9.14
N PRO B 72 -8.41 16.01 -10.01
CA PRO B 72 -9.81 15.78 -9.61
C PRO B 72 -10.14 14.35 -9.23
N VAL B 73 -11.27 14.16 -8.56
CA VAL B 73 -11.72 12.85 -8.13
C VAL B 73 -12.49 12.17 -9.27
N ARG B 74 -12.02 10.99 -9.68
CA ARG B 74 -12.63 10.24 -10.76
C ARG B 74 -12.41 8.74 -10.56
N ARG B 75 -13.34 7.92 -11.04
CA ARG B 75 -13.22 6.48 -10.89
C ARG B 75 -13.11 5.79 -12.25
N ILE B 76 -12.40 4.68 -12.28
CA ILE B 76 -12.21 3.93 -13.52
C ILE B 76 -12.86 2.54 -13.41
N ILE B 77 -13.75 2.23 -14.35
CA ILE B 77 -14.44 0.95 -14.36
C ILE B 77 -14.02 0.14 -15.58
N GLY B 78 -13.55 -1.08 -15.34
CA GLY B 78 -13.12 -1.93 -16.45
C GLY B 78 -12.60 -3.27 -15.95
N ASP B 79 -11.96 -4.01 -16.84
CA ASP B 79 -11.41 -5.32 -16.49
C ASP B 79 -10.01 -5.17 -15.90
N LEU B 80 -9.93 -5.19 -14.57
CA LEU B 80 -8.65 -5.04 -13.86
C LEU B 80 -7.78 -6.28 -13.97
N SER B 81 -8.39 -7.43 -14.26
CA SER B 81 -7.64 -8.69 -14.37
C SER B 81 -6.79 -8.70 -15.65
N ASN B 82 -7.10 -7.80 -16.59
CA ASN B 82 -6.37 -7.72 -17.84
C ASN B 82 -5.23 -6.71 -17.71
N ARG B 83 -3.99 -7.22 -17.70
CA ARG B 83 -2.79 -6.39 -17.56
C ARG B 83 -2.68 -5.36 -18.69
N GLU B 84 -3.05 -5.75 -19.90
CA GLU B 84 -2.96 -4.86 -21.04
C GLU B 84 -3.83 -3.61 -20.83
N LYS B 85 -5.05 -3.82 -20.33
CA LYS B 85 -5.96 -2.71 -20.08
C LYS B 85 -5.50 -1.85 -18.90
N VAL B 86 -4.95 -2.50 -17.87
CA VAL B 86 -4.47 -1.79 -16.69
C VAL B 86 -3.34 -0.83 -17.08
N LEU B 87 -2.42 -1.31 -17.92
CA LEU B 87 -1.31 -0.48 -18.38
C LEU B 87 -1.82 0.72 -19.16
N ILE B 88 -2.82 0.53 -20.00
CA ILE B 88 -3.37 1.62 -20.79
C ILE B 88 -3.95 2.72 -19.90
N ALA B 89 -4.76 2.31 -18.93
CA ALA B 89 -5.38 3.26 -18.00
C ALA B 89 -4.36 3.95 -17.10
N LEU B 90 -3.40 3.16 -16.60
CA LEU B 90 -2.37 3.68 -15.70
C LEU B 90 -1.33 4.54 -16.45
N ARG B 91 -1.00 4.15 -17.68
CA ARG B 91 -0.01 4.88 -18.47
C ARG B 91 -0.48 6.31 -18.70
N LEU B 92 -1.78 6.47 -18.95
CA LEU B 92 -2.38 7.80 -19.18
C LEU B 92 -2.22 8.66 -17.94
N LEU B 93 -2.35 8.03 -16.77
CA LEU B 93 -2.22 8.72 -15.49
C LEU B 93 -0.80 9.29 -15.33
N ALA B 94 0.18 8.55 -15.83
CA ALA B 94 1.58 8.97 -15.76
C ALA B 94 1.79 10.28 -16.52
N GLU B 95 1.15 10.39 -17.68
CA GLU B 95 1.26 11.58 -18.51
C GLU B 95 0.64 12.78 -17.78
N GLU B 96 -0.48 12.55 -17.12
CA GLU B 96 -1.17 13.60 -16.38
C GLU B 96 -0.35 14.09 -15.18
N ILE B 97 0.28 13.15 -14.47
CA ILE B 97 1.09 13.51 -13.31
C ILE B 97 2.41 14.15 -13.72
N GLY B 98 2.91 13.79 -14.90
CA GLY B 98 4.16 14.34 -15.39
C GLY B 98 4.00 15.72 -16.00
N ASP B 99 2.75 16.14 -16.19
CA ASP B 99 2.46 17.45 -16.77
C ASP B 99 2.47 18.53 -15.69
N TYR B 100 3.65 18.86 -15.19
CA TYR B 100 3.79 19.87 -14.16
C TYR B 100 4.98 20.79 -14.47
N LYS B 101 4.73 22.09 -14.42
CA LYS B 101 5.79 23.06 -14.69
C LYS B 101 6.43 23.53 -13.39
N ASP B 102 7.74 23.35 -13.28
CA ASP B 102 8.47 23.76 -12.09
C ASP B 102 8.99 25.19 -12.23
N ASP B 103 8.31 26.13 -11.58
CA ASP B 103 8.71 27.54 -11.65
C ASP B 103 9.68 27.87 -10.52
N ASP B 104 10.96 27.92 -10.84
CA ASP B 104 11.98 28.23 -9.85
C ASP B 104 12.25 29.73 -9.80
N ASP B 105 11.70 30.39 -8.78
CA ASP B 105 11.87 31.82 -8.61
C ASP B 105 11.67 32.22 -7.15
N LYS B 106 12.17 33.38 -6.77
CA LYS B 106 12.04 33.86 -5.40
C LYS B 106 11.02 35.00 -5.32
N GLU A 1 13.09 -0.54 -3.82
CA GLU A 1 13.03 -1.72 -4.72
C GLU A 1 12.29 -2.88 -4.07
N GLY A 2 11.47 -2.56 -3.07
CA GLY A 2 10.72 -3.59 -2.38
C GLY A 2 9.29 -3.18 -2.09
N ARG A 3 8.41 -4.16 -1.95
CA ARG A 3 7.00 -3.91 -1.67
C ARG A 3 6.77 -3.78 -0.17
N ILE A 4 6.04 -2.75 0.22
CA ILE A 4 5.72 -2.52 1.63
C ILE A 4 4.20 -2.38 1.81
N VAL A 5 3.64 -3.16 2.72
CA VAL A 5 2.20 -3.11 2.97
C VAL A 5 1.92 -2.50 4.34
N LEU A 6 1.11 -1.46 4.34
CA LEU A 6 0.74 -0.77 5.58
C LEU A 6 -0.71 -1.08 5.92
N VAL A 7 -0.93 -1.63 7.11
CA VAL A 7 -2.27 -1.96 7.55
C VAL A 7 -2.66 -1.11 8.75
N SER A 8 -3.56 -0.17 8.53
CA SER A 8 -4.04 0.72 9.59
C SER A 8 -5.39 1.30 9.21
N GLU A 9 -6.30 1.35 10.17
CA GLU A 9 -7.63 1.90 9.93
C GLU A 9 -7.60 3.44 9.84
N ASP A 10 -6.49 4.03 10.30
CA ASP A 10 -6.35 5.49 10.26
C ASP A 10 -5.71 5.92 8.94
N GLU A 11 -6.53 6.48 8.05
CA GLU A 11 -6.07 6.93 6.74
C GLU A 11 -5.09 8.10 6.80
N ALA A 12 -5.24 8.95 7.83
CA ALA A 12 -4.35 10.11 7.97
C ALA A 12 -2.90 9.69 8.19
N THR A 13 -2.70 8.70 9.07
CA THR A 13 -1.38 8.17 9.36
C THR A 13 -0.85 7.40 8.15
N SER A 14 -1.74 6.63 7.54
CA SER A 14 -1.39 5.82 6.38
C SER A 14 -0.91 6.66 5.20
N THR A 15 -1.58 7.78 4.95
CA THR A 15 -1.21 8.67 3.86
C THR A 15 0.19 9.24 4.09
N LEU A 16 0.45 9.67 5.32
CA LEU A 16 1.74 10.24 5.68
C LEU A 16 2.87 9.22 5.51
N ILE A 17 2.64 8.01 6.02
CA ILE A 17 3.63 6.93 5.94
C ILE A 17 3.89 6.53 4.50
N CYS A 18 2.82 6.43 3.71
CA CYS A 18 2.93 6.04 2.31
C CYS A 18 3.80 6.99 1.52
N SER A 19 3.58 8.29 1.66
CA SER A 19 4.37 9.28 0.92
C SER A 19 5.86 9.23 1.31
N ILE A 20 6.13 8.98 2.59
CA ILE A 20 7.51 8.91 3.08
C ILE A 20 8.28 7.76 2.45
N LEU A 21 7.65 6.58 2.40
CA LEU A 21 8.29 5.38 1.85
C LEU A 21 8.18 5.25 0.32
N THR A 22 7.06 5.67 -0.25
CA THR A 22 6.84 5.56 -1.69
C THR A 22 7.85 6.37 -2.52
N THR A 23 8.11 7.61 -2.12
CA THR A 23 9.05 8.46 -2.86
C THR A 23 10.50 8.03 -2.61
N ALA A 24 10.69 7.12 -1.66
CA ALA A 24 12.02 6.64 -1.32
C ALA A 24 12.42 5.45 -2.20
N GLY A 25 11.57 5.12 -3.17
CA GLY A 25 11.85 4.02 -4.07
C GLY A 25 11.10 2.75 -3.72
N TYR A 26 10.32 2.82 -2.65
CA TYR A 26 9.53 1.66 -2.21
C TYR A 26 8.08 1.79 -2.66
N GLN A 27 7.42 0.67 -2.84
CA GLN A 27 6.02 0.67 -3.27
C GLN A 27 5.13 0.30 -2.09
N VAL A 28 4.36 1.26 -1.61
CA VAL A 28 3.49 1.05 -0.46
C VAL A 28 2.04 0.77 -0.84
N ILE A 29 1.51 -0.32 -0.28
CA ILE A 29 0.13 -0.70 -0.50
C ILE A 29 -0.63 -0.66 0.83
N TRP A 30 -1.71 0.10 0.88
CA TRP A 30 -2.50 0.19 2.09
C TRP A 30 -3.62 -0.83 2.04
N LEU A 31 -3.56 -1.79 2.95
CA LEU A 31 -4.54 -2.85 3.00
C LEU A 31 -5.35 -2.78 4.28
N VAL A 32 -6.66 -2.97 4.17
CA VAL A 32 -7.52 -2.94 5.33
C VAL A 32 -7.33 -4.22 6.16
N ASP A 33 -7.42 -4.09 7.48
CA ASP A 33 -7.21 -5.20 8.40
C ASP A 33 -8.25 -6.31 8.24
N GLY A 34 -7.84 -7.54 8.58
CA GLY A 34 -8.73 -8.69 8.49
C GLY A 34 -8.46 -9.58 7.28
N GLU A 35 -7.63 -9.14 6.35
CA GLU A 35 -7.35 -9.95 5.17
C GLU A 35 -5.90 -10.41 5.09
N VAL A 36 -5.67 -11.67 5.44
CA VAL A 36 -4.34 -12.26 5.38
C VAL A 36 -4.04 -12.75 3.96
N GLU A 37 -5.06 -13.25 3.27
CA GLU A 37 -4.90 -13.73 1.90
C GLU A 37 -4.39 -12.61 1.01
N ARG A 38 -4.90 -11.40 1.24
CA ARG A 38 -4.47 -10.23 0.49
C ARG A 38 -2.98 -9.96 0.74
N LEU A 39 -2.55 -10.18 1.99
CA LEU A 39 -1.15 -9.98 2.36
C LEU A 39 -0.27 -10.97 1.62
N LEU A 40 -0.74 -12.21 1.50
CA LEU A 40 -0.02 -13.26 0.77
C LEU A 40 0.01 -12.95 -0.72
N ALA A 41 -1.12 -12.45 -1.23
CA ALA A 41 -1.25 -12.10 -2.65
C ALA A 41 -0.26 -11.01 -3.04
N LEU A 42 -0.09 -10.04 -2.16
CA LEU A 42 0.81 -8.92 -2.38
C LEU A 42 2.06 -9.01 -1.51
N THR A 43 2.44 -10.26 -1.18
CA THR A 43 3.58 -10.57 -0.31
C THR A 43 4.70 -9.52 -0.36
N PRO A 44 4.75 -8.66 0.67
CA PRO A 44 5.75 -7.60 0.79
C PRO A 44 7.02 -8.07 1.50
N ILE A 45 8.04 -7.22 1.50
CA ILE A 45 9.29 -7.55 2.18
C ILE A 45 9.14 -7.26 3.67
N ALA A 46 8.22 -6.37 3.99
CA ALA A 46 7.93 -5.99 5.36
C ALA A 46 6.53 -5.38 5.48
N VAL A 47 5.92 -5.52 6.65
CA VAL A 47 4.59 -4.97 6.87
C VAL A 47 4.62 -3.98 8.03
N LEU A 48 3.79 -2.95 7.94
CA LEU A 48 3.74 -1.93 8.99
C LEU A 48 2.34 -1.87 9.61
N LEU A 49 2.28 -2.00 10.92
CA LEU A 49 1.01 -1.94 11.64
C LEU A 49 1.06 -0.72 12.57
N ALA A 50 0.06 0.15 12.51
CA ALA A 50 0.06 1.34 13.35
C ALA A 50 -1.02 1.33 14.43
N GLU A 51 -0.58 1.55 15.67
CA GLU A 51 -1.48 1.61 16.82
C GLU A 51 -1.92 3.06 17.07
N PRO A 52 -3.04 3.30 17.80
CA PRO A 52 -3.88 2.25 18.40
C PRO A 52 -4.88 1.65 17.41
N PHE A 53 -5.34 0.44 17.71
CA PHE A 53 -6.31 -0.25 16.88
C PHE A 53 -7.62 -0.48 17.63
N SER A 54 -8.74 -0.08 17.02
CA SER A 54 -10.04 -0.27 17.66
C SER A 54 -10.74 -1.50 17.09
N TYR A 55 -10.37 -1.89 15.88
CA TYR A 55 -10.96 -3.05 15.23
C TYR A 55 -9.87 -4.00 14.71
N GLY A 56 -10.07 -5.29 14.93
CA GLY A 56 -9.10 -6.28 14.47
C GLY A 56 -8.03 -6.55 15.51
N ASP A 57 -7.60 -7.81 15.60
CA ASP A 57 -6.56 -8.17 16.56
C ASP A 57 -5.20 -8.21 15.88
N VAL A 58 -4.34 -7.26 16.23
CA VAL A 58 -3.00 -7.15 15.66
C VAL A 58 -2.17 -8.41 15.92
N GLN A 59 -2.28 -8.94 17.15
CA GLN A 59 -1.54 -10.13 17.54
C GLN A 59 -1.89 -11.35 16.67
N GLU A 60 -3.16 -11.51 16.32
CA GLU A 60 -3.58 -12.65 15.50
C GLU A 60 -2.99 -12.52 14.09
N LEU A 61 -2.89 -11.28 13.61
CA LEU A 61 -2.33 -11.00 12.29
C LEU A 61 -0.85 -11.35 12.26
N VAL A 62 -0.14 -10.93 13.31
CA VAL A 62 1.29 -11.19 13.43
C VAL A 62 1.57 -12.70 13.48
N ASP A 63 0.78 -13.40 14.30
CA ASP A 63 0.92 -14.85 14.46
C ASP A 63 0.73 -15.58 13.14
N GLN A 64 -0.30 -15.21 12.39
CA GLN A 64 -0.57 -15.84 11.10
C GLN A 64 0.53 -15.55 10.08
N LEU A 65 1.02 -14.29 10.06
CA LEU A 65 2.05 -13.89 9.11
C LEU A 65 3.38 -14.63 9.31
N ARG A 66 3.78 -14.82 10.56
CA ARG A 66 5.04 -15.51 10.86
C ARG A 66 4.99 -17.00 10.48
N GLN A 67 3.78 -17.54 10.36
CA GLN A 67 3.61 -18.94 9.99
C GLN A 67 3.46 -19.10 8.48
N ARG A 68 3.15 -18.00 7.80
CA ARG A 68 2.97 -18.02 6.35
C ARG A 68 4.29 -17.76 5.62
N CYS A 69 5.07 -16.82 6.13
CA CYS A 69 6.34 -16.48 5.52
C CYS A 69 7.47 -16.43 6.56
N THR A 70 8.69 -16.64 6.11
CA THR A 70 9.85 -16.61 6.99
C THR A 70 10.20 -15.17 7.36
N PRO A 71 10.85 -14.94 8.53
CA PRO A 71 11.23 -13.59 8.98
C PRO A 71 12.20 -12.89 8.02
N GLU A 72 13.02 -13.67 7.31
CA GLU A 72 13.96 -13.11 6.36
C GLU A 72 13.25 -12.60 5.11
N GLN A 73 12.13 -13.23 4.78
CA GLN A 73 11.35 -12.86 3.61
C GLN A 73 10.33 -11.77 3.94
N LEU A 74 9.74 -11.86 5.14
CA LEU A 74 8.75 -10.89 5.58
C LEU A 74 8.96 -10.49 7.03
N LYS A 75 9.13 -9.19 7.24
CA LYS A 75 9.33 -8.64 8.57
C LYS A 75 8.11 -7.86 9.04
N ILE A 76 7.87 -7.87 10.35
CA ILE A 76 6.72 -7.17 10.91
C ILE A 76 7.16 -6.03 11.81
N PHE A 77 6.68 -4.82 11.52
CA PHE A 77 7.01 -3.65 12.32
C PHE A 77 5.74 -2.98 12.84
N ILE A 78 5.78 -2.46 14.06
CA ILE A 78 4.63 -1.80 14.65
C ILE A 78 4.95 -0.35 15.01
N LEU A 79 4.10 0.55 14.57
CA LEU A 79 4.27 1.97 14.84
C LEU A 79 3.47 2.35 16.08
N GLY A 80 4.13 2.98 17.05
CA GLY A 80 3.45 3.38 18.26
C GLY A 80 4.12 2.84 19.50
N SER A 81 3.76 3.37 20.67
CA SER A 81 4.33 2.94 21.94
C SER A 81 3.78 1.56 22.34
N LYS A 82 4.53 0.86 23.19
CA LYS A 82 4.14 -0.48 23.66
C LYS A 82 3.88 -1.44 22.49
N GLY A 83 4.73 -1.35 21.47
CA GLY A 83 4.59 -2.20 20.30
C GLY A 83 5.52 -3.40 20.33
N ASN A 84 6.08 -3.69 21.50
CA ASN A 84 6.99 -4.82 21.64
C ASN A 84 6.23 -6.13 21.85
N TYR A 85 5.98 -6.83 20.76
CA TYR A 85 5.26 -8.10 20.79
C TYR A 85 6.08 -9.18 20.10
N GLN A 86 5.77 -10.45 20.40
CA GLN A 86 6.48 -11.56 19.79
C GLN A 86 6.18 -11.63 18.29
N GLY A 87 7.19 -11.96 17.49
CA GLY A 87 7.01 -12.04 16.06
C GLY A 87 7.19 -10.69 15.38
N VAL A 88 7.53 -9.68 16.17
CA VAL A 88 7.73 -8.32 15.65
C VAL A 88 9.21 -7.96 15.72
N ASP A 89 9.78 -7.56 14.59
CA ASP A 89 11.19 -7.20 14.51
C ASP A 89 11.52 -5.96 15.34
N ARG A 90 10.67 -4.94 15.27
CA ARG A 90 10.90 -3.70 16.01
C ARG A 90 9.67 -2.80 16.00
N TYR A 91 9.63 -1.86 16.94
CA TYR A 91 8.52 -0.91 17.03
C TYR A 91 9.03 0.52 16.83
N ILE A 92 8.18 1.39 16.28
CA ILE A 92 8.56 2.77 16.03
C ILE A 92 7.89 3.72 17.02
N PRO A 93 8.65 4.27 17.98
CA PRO A 93 8.13 5.20 19.00
C PRO A 93 7.54 6.48 18.40
N LEU A 94 6.47 6.98 19.02
CA LEU A 94 5.80 8.20 18.57
C LEU A 94 6.17 9.38 19.49
N PRO A 95 6.12 10.63 18.97
CA PRO A 95 5.76 10.96 17.58
C PRO A 95 6.83 10.55 16.58
N ILE A 96 6.42 10.24 15.34
CA ILE A 96 7.36 9.84 14.31
C ILE A 96 7.56 10.93 13.27
N HIS A 97 8.80 11.12 12.86
CA HIS A 97 9.13 12.08 11.81
C HIS A 97 9.78 11.35 10.65
N PRO A 98 9.66 11.87 9.42
CA PRO A 98 10.22 11.23 8.21
C PRO A 98 11.69 10.86 8.32
N GLU A 99 12.48 11.77 8.88
CA GLU A 99 13.91 11.56 9.05
C GLU A 99 14.22 10.31 9.87
N SER A 100 13.42 10.08 10.91
CA SER A 100 13.65 8.91 11.78
C SER A 100 12.91 7.67 11.28
N PHE A 101 11.66 7.84 10.83
CA PHE A 101 10.86 6.72 10.34
C PHE A 101 11.53 6.02 9.15
N LEU A 102 11.94 6.81 8.16
CA LEU A 102 12.59 6.27 6.96
C LEU A 102 13.91 5.57 7.28
N GLN A 103 14.74 6.20 8.10
CA GLN A 103 16.04 5.61 8.45
C GLN A 103 15.87 4.33 9.27
N GLN A 104 14.92 4.34 10.20
CA GLN A 104 14.68 3.18 11.06
C GLN A 104 14.20 1.99 10.25
N VAL A 105 13.28 2.23 9.30
CA VAL A 105 12.76 1.14 8.47
C VAL A 105 13.83 0.63 7.51
N THR A 106 14.66 1.53 6.99
CA THR A 106 15.74 1.15 6.07
C THR A 106 16.73 0.21 6.75
N MET A 107 17.12 0.57 7.98
CA MET A 107 18.06 -0.24 8.76
C MET A 107 17.48 -1.62 9.06
N GLY A 108 16.20 -1.67 9.35
CA GLY A 108 15.55 -2.94 9.63
C GLY A 108 15.46 -3.85 8.40
N LEU A 109 15.53 -3.24 7.22
CA LEU A 109 15.45 -4.00 5.96
C LEU A 109 16.82 -4.45 5.46
N THR A 110 17.88 -4.08 6.17
CA THR A 110 19.24 -4.45 5.75
C THR A 110 19.47 -5.95 5.91
N SER A 111 18.73 -6.57 6.84
CA SER A 111 18.85 -8.00 7.10
C SER A 111 18.38 -8.83 5.91
N LEU A 112 17.53 -8.25 5.07
CA LEU A 112 17.01 -8.95 3.89
C LEU A 112 17.75 -8.49 2.62
N ALA A 113 18.76 -7.63 2.83
CA ALA A 113 19.59 -7.09 1.75
C ALA A 113 18.82 -6.23 0.74
N THR A 114 18.12 -5.22 1.24
CA THR A 114 17.37 -4.32 0.37
C THR A 114 17.88 -2.88 0.51
N SER A 115 18.23 -2.26 -0.61
CA SER A 115 18.74 -0.89 -0.61
C SER A 115 17.58 0.11 -0.62
N ALA A 116 17.90 1.39 -0.39
CA ALA A 116 16.90 2.44 -0.38
C ALA A 116 17.39 3.66 -1.14
N GLN A 117 16.47 4.41 -1.74
CA GLN A 117 16.83 5.60 -2.50
C GLN A 117 16.46 6.87 -1.73
N MET B 1 7.07 21.38 -7.36
CA MET B 1 8.32 21.02 -8.09
C MET B 1 9.26 20.23 -7.18
N ALA B 2 8.75 19.82 -6.03
CA ALA B 2 9.53 19.06 -5.06
C ALA B 2 9.64 17.60 -5.47
N PRO B 3 10.88 17.08 -5.62
CA PRO B 3 11.12 15.68 -6.01
C PRO B 3 10.48 14.67 -5.04
N LEU B 4 10.48 14.99 -3.76
CA LEU B 4 9.90 14.12 -2.74
C LEU B 4 8.61 14.69 -2.17
N ARG B 5 7.90 13.87 -1.40
CA ARG B 5 6.63 14.25 -0.77
C ARG B 5 5.53 14.49 -1.82
N LYS B 6 5.66 13.83 -2.97
CA LYS B 6 4.68 13.96 -4.03
C LYS B 6 4.37 12.59 -4.62
N THR B 7 3.30 11.97 -4.13
CA THR B 7 2.90 10.65 -4.62
C THR B 7 1.43 10.64 -5.03
N ALA B 8 1.07 9.71 -5.91
CA ALA B 8 -0.31 9.59 -6.37
C ALA B 8 -0.99 8.43 -5.66
N VAL B 9 -2.28 8.59 -5.34
CA VAL B 9 -3.01 7.57 -4.62
C VAL B 9 -4.11 6.94 -5.47
N LEU B 10 -4.00 5.62 -5.69
CA LEU B 10 -4.99 4.88 -6.45
C LEU B 10 -5.80 3.99 -5.52
N LYS B 11 -7.13 4.06 -5.62
CA LYS B 11 -7.99 3.24 -4.76
C LYS B 11 -8.53 2.05 -5.53
N LEU B 12 -8.52 0.89 -4.89
CA LEU B 12 -9.04 -0.33 -5.50
C LEU B 12 -10.11 -0.97 -4.64
N TYR B 13 -11.29 -1.11 -5.20
CA TYR B 13 -12.40 -1.72 -4.49
C TYR B 13 -12.62 -3.14 -5.00
N VAL B 14 -12.67 -4.10 -4.08
CA VAL B 14 -12.86 -5.50 -4.44
C VAL B 14 -13.92 -6.15 -3.55
N ALA B 15 -14.41 -7.31 -3.96
CA ALA B 15 -15.46 -7.99 -3.21
C ALA B 15 -15.24 -9.50 -3.21
N GLY B 16 -15.56 -10.14 -2.08
CA GLY B 16 -15.43 -11.57 -1.96
C GLY B 16 -14.01 -12.02 -1.71
N ASN B 17 -13.81 -13.33 -1.62
CA ASN B 17 -12.48 -13.89 -1.39
C ASN B 17 -12.10 -14.86 -2.51
N THR B 18 -12.74 -14.71 -3.66
CA THR B 18 -12.48 -15.57 -4.81
C THR B 18 -11.11 -15.26 -5.42
N PRO B 19 -10.51 -16.26 -6.12
CA PRO B 19 -9.20 -16.12 -6.77
C PRO B 19 -9.13 -14.95 -7.75
N ASN B 20 -10.24 -14.67 -8.43
CA ASN B 20 -10.30 -13.57 -9.39
C ASN B 20 -10.01 -12.24 -8.70
N SER B 21 -10.59 -12.05 -7.52
CA SER B 21 -10.40 -10.83 -6.75
C SER B 21 -8.95 -10.75 -6.24
N VAL B 22 -8.42 -11.89 -5.82
CA VAL B 22 -7.06 -11.98 -5.31
C VAL B 22 -6.02 -11.73 -6.41
N ARG B 23 -6.25 -12.33 -7.57
CA ARG B 23 -5.37 -12.21 -8.73
C ARG B 23 -5.31 -10.78 -9.26
N ALA B 24 -6.41 -10.05 -9.10
CA ALA B 24 -6.47 -8.66 -9.58
C ALA B 24 -5.39 -7.80 -8.94
N LEU B 25 -5.16 -8.01 -7.64
CA LEU B 25 -4.12 -7.28 -6.93
C LEU B 25 -2.75 -7.58 -7.52
N LYS B 26 -2.51 -8.85 -7.81
CA LYS B 26 -1.25 -9.28 -8.40
C LYS B 26 -1.04 -8.69 -9.79
N THR B 27 -2.13 -8.66 -10.56
CA THR B 27 -2.08 -8.11 -11.91
C THR B 27 -1.76 -6.62 -11.89
N LEU B 28 -2.46 -5.88 -11.03
CA LEU B 28 -2.24 -4.44 -10.89
C LEU B 28 -0.86 -4.14 -10.31
N ALA B 29 -0.44 -4.95 -9.33
CA ALA B 29 0.86 -4.77 -8.70
C ALA B 29 1.99 -4.93 -9.70
N ASN B 30 1.85 -5.89 -10.60
CA ASN B 30 2.88 -6.15 -11.62
C ASN B 30 3.08 -4.91 -12.50
N ILE B 31 1.98 -4.27 -12.88
CA ILE B 31 2.02 -3.08 -13.71
C ILE B 31 2.59 -1.89 -12.92
N LEU B 32 2.13 -1.76 -11.68
CA LEU B 32 2.55 -0.67 -10.80
C LEU B 32 4.03 -0.76 -10.43
N GLU B 33 4.53 -1.97 -10.20
CA GLU B 33 5.93 -2.17 -9.81
C GLU B 33 6.93 -1.72 -10.87
N LYS B 34 6.63 -1.94 -12.15
CA LYS B 34 7.56 -1.59 -13.21
C LYS B 34 7.43 -0.15 -13.73
N GLU B 35 6.22 0.26 -14.12
CA GLU B 35 6.05 1.60 -14.69
C GLU B 35 5.59 2.66 -13.68
N PHE B 36 5.12 2.24 -12.52
CA PHE B 36 4.63 3.21 -11.53
C PHE B 36 5.41 3.14 -10.21
N LYS B 37 6.63 2.64 -10.27
CA LYS B 37 7.46 2.49 -9.08
C LYS B 37 7.87 3.83 -8.48
N GLY B 38 7.48 4.05 -7.22
CA GLY B 38 7.85 5.27 -6.51
C GLY B 38 6.98 6.48 -6.81
N VAL B 39 5.96 6.33 -7.65
CA VAL B 39 5.10 7.47 -7.97
C VAL B 39 3.62 7.22 -7.66
N TYR B 40 3.19 5.97 -7.68
CA TYR B 40 1.79 5.66 -7.41
C TYR B 40 1.64 4.64 -6.28
N ALA B 41 0.67 4.89 -5.40
CA ALA B 41 0.41 3.99 -4.28
C ALA B 41 -0.95 3.32 -4.45
N LEU B 42 -1.10 2.12 -3.89
CA LEU B 42 -2.36 1.38 -4.03
C LEU B 42 -3.08 1.25 -2.70
N LYS B 43 -4.38 1.55 -2.73
CA LYS B 43 -5.24 1.44 -1.55
C LYS B 43 -6.27 0.34 -1.78
N VAL B 44 -6.42 -0.59 -0.85
CA VAL B 44 -7.37 -1.69 -1.05
C VAL B 44 -8.50 -1.68 -0.02
N ILE B 45 -9.74 -1.63 -0.52
CA ILE B 45 -10.93 -1.63 0.34
C ILE B 45 -11.87 -2.78 -0.05
N ASP B 46 -12.34 -3.51 0.97
CA ASP B 46 -13.23 -4.65 0.73
C ASP B 46 -14.70 -4.21 0.81
N VAL B 47 -15.38 -4.26 -0.33
CA VAL B 47 -16.79 -3.87 -0.42
C VAL B 47 -17.70 -4.82 0.37
N LEU B 48 -17.44 -6.11 0.27
CA LEU B 48 -18.25 -7.12 0.96
C LEU B 48 -18.21 -6.97 2.48
N LYS B 49 -17.05 -6.68 3.04
CA LYS B 49 -16.91 -6.51 4.49
C LYS B 49 -17.59 -5.24 4.98
N ASN B 50 -17.49 -4.17 4.21
CA ASN B 50 -18.11 -2.91 4.59
C ASN B 50 -18.75 -2.26 3.37
N PRO B 51 -20.01 -2.63 3.06
CA PRO B 51 -20.75 -2.13 1.89
C PRO B 51 -20.99 -0.62 1.91
N GLN B 52 -21.01 -0.01 3.10
CA GLN B 52 -21.25 1.42 3.21
C GLN B 52 -20.09 2.21 2.61
N LEU B 53 -18.87 1.64 2.64
CA LEU B 53 -17.70 2.30 2.09
C LEU B 53 -17.84 2.45 0.57
N ALA B 54 -18.33 1.40 -0.07
CA ALA B 54 -18.54 1.39 -1.52
C ALA B 54 -19.60 2.42 -1.89
N GLU B 55 -20.65 2.50 -1.08
CA GLU B 55 -21.76 3.43 -1.31
C GLU B 55 -21.28 4.89 -1.22
N GLU B 56 -20.34 5.13 -0.30
CA GLU B 56 -19.79 6.47 -0.09
C GLU B 56 -19.05 6.98 -1.33
N ASP B 57 -18.33 6.08 -2.00
CA ASP B 57 -17.57 6.45 -3.19
C ASP B 57 -18.33 6.09 -4.48
N LYS B 58 -19.62 5.81 -4.34
CA LYS B 58 -20.49 5.46 -5.48
C LYS B 58 -19.96 4.25 -6.26
N ILE B 59 -19.54 3.20 -5.55
CA ILE B 59 -19.03 2.00 -6.19
C ILE B 59 -20.06 0.88 -6.12
N LEU B 60 -20.52 0.42 -7.29
CA LEU B 60 -21.52 -0.65 -7.35
C LEU B 60 -20.99 -1.87 -8.11
N ALA B 61 -19.70 -1.87 -8.41
CA ALA B 61 -19.09 -2.98 -9.15
C ALA B 61 -17.64 -3.16 -8.72
N THR B 62 -17.12 -4.37 -8.90
CA THR B 62 -15.73 -4.67 -8.55
C THR B 62 -15.09 -5.62 -9.58
N PRO B 63 -13.77 -5.51 -9.81
CA PRO B 63 -12.91 -4.52 -9.14
C PRO B 63 -13.01 -3.13 -9.79
N THR B 64 -12.89 -2.09 -8.98
CA THR B 64 -12.95 -0.73 -9.48
C THR B 64 -11.75 0.09 -9.01
N LEU B 65 -11.10 0.78 -9.94
CA LEU B 65 -9.95 1.62 -9.63
C LEU B 65 -10.39 3.08 -9.56
N ALA B 66 -10.14 3.72 -8.42
CA ALA B 66 -10.52 5.10 -8.21
C ALA B 66 -9.31 6.03 -8.12
N LYS B 67 -9.40 7.14 -8.84
CA LYS B 67 -8.34 8.16 -8.83
C LYS B 67 -8.73 9.30 -7.91
N VAL B 68 -8.08 9.41 -6.77
CA VAL B 68 -8.38 10.48 -5.83
C VAL B 68 -7.34 11.60 -5.91
N LEU B 69 -6.06 11.23 -5.86
CA LEU B 69 -4.97 12.20 -5.94
C LEU B 69 -3.90 11.73 -6.91
N PRO B 70 -3.44 12.60 -7.82
CA PRO B 70 -3.93 13.98 -7.96
C PRO B 70 -5.28 14.05 -8.68
N PRO B 71 -5.98 15.19 -8.57
CA PRO B 71 -7.28 15.40 -9.25
C PRO B 71 -7.13 15.57 -10.75
N PRO B 72 -8.24 15.48 -11.52
CA PRO B 72 -9.61 15.26 -11.00
C PRO B 72 -9.87 13.84 -10.51
N VAL B 73 -10.91 13.70 -9.68
CA VAL B 73 -11.29 12.42 -9.12
C VAL B 73 -12.20 11.66 -10.10
N ARG B 74 -11.72 10.52 -10.57
CA ARG B 74 -12.48 9.69 -11.51
C ARG B 74 -12.37 8.22 -11.12
N ARG B 75 -13.27 7.40 -11.65
CA ARG B 75 -13.24 5.98 -11.34
C ARG B 75 -13.29 5.15 -12.62
N ILE B 76 -12.62 4.00 -12.60
CA ILE B 76 -12.58 3.12 -13.76
C ILE B 76 -13.23 1.77 -13.43
N ILE B 77 -14.26 1.43 -14.18
CA ILE B 77 -14.97 0.17 -13.99
C ILE B 77 -14.86 -0.69 -15.23
N GLY B 78 -14.36 -1.91 -15.05
CA GLY B 78 -14.20 -2.82 -16.18
C GLY B 78 -13.46 -4.08 -15.80
N ASP B 79 -13.01 -4.82 -16.80
CA ASP B 79 -12.28 -6.07 -16.56
C ASP B 79 -10.80 -5.78 -16.33
N LEU B 80 -10.39 -5.73 -15.07
CA LEU B 80 -9.01 -5.48 -14.71
C LEU B 80 -8.21 -6.77 -14.64
N SER B 81 -8.92 -7.90 -14.72
CA SER B 81 -8.30 -9.21 -14.67
C SER B 81 -7.42 -9.46 -15.90
N ASN B 82 -7.80 -8.88 -17.02
CA ASN B 82 -7.04 -9.02 -18.26
C ASN B 82 -5.87 -8.05 -18.29
N ARG B 83 -4.66 -8.60 -18.17
CA ARG B 83 -3.43 -7.80 -18.15
C ARG B 83 -3.27 -6.98 -19.44
N GLU B 84 -3.66 -7.55 -20.57
CA GLU B 84 -3.54 -6.88 -21.85
C GLU B 84 -4.29 -5.54 -21.88
N LYS B 85 -5.50 -5.53 -21.32
CA LYS B 85 -6.31 -4.31 -21.31
C LYS B 85 -5.97 -3.40 -20.14
N VAL B 86 -5.78 -3.98 -18.95
CA VAL B 86 -5.48 -3.20 -17.75
C VAL B 86 -4.15 -2.46 -17.88
N LEU B 87 -3.18 -3.03 -18.61
CA LEU B 87 -1.89 -2.39 -18.81
C LEU B 87 -2.07 -1.07 -19.56
N ILE B 88 -2.88 -1.11 -20.62
CA ILE B 88 -3.16 0.06 -21.44
C ILE B 88 -3.88 1.14 -20.64
N ALA B 89 -4.91 0.74 -19.91
CA ALA B 89 -5.71 1.67 -19.11
C ALA B 89 -4.88 2.35 -18.01
N LEU B 90 -4.04 1.59 -17.33
CA LEU B 90 -3.22 2.12 -16.25
C LEU B 90 -2.08 2.99 -16.79
N ARG B 91 -1.48 2.58 -17.90
CA ARG B 91 -0.36 3.31 -18.48
C ARG B 91 -0.76 4.73 -18.86
N LEU B 92 -2.01 4.90 -19.29
CA LEU B 92 -2.53 6.22 -19.67
C LEU B 92 -2.47 7.17 -18.47
N LEU B 93 -2.74 6.63 -17.29
CA LEU B 93 -2.71 7.42 -16.06
C LEU B 93 -1.30 7.95 -15.78
N ALA B 94 -0.29 7.15 -16.09
CA ALA B 94 1.11 7.51 -15.85
C ALA B 94 1.54 8.75 -16.62
N GLU B 95 1.11 8.87 -17.87
CA GLU B 95 1.49 10.02 -18.70
C GLU B 95 0.86 11.31 -18.18
N GLU B 96 -0.24 11.18 -17.44
CA GLU B 96 -0.93 12.33 -16.87
C GLU B 96 -0.06 13.04 -15.83
N ILE B 97 0.62 12.26 -15.00
CA ILE B 97 1.49 12.82 -13.96
C ILE B 97 2.79 13.37 -14.57
N GLY B 98 3.19 12.79 -15.70
CA GLY B 98 4.40 13.23 -16.39
C GLY B 98 4.34 14.67 -16.85
N ASP B 99 3.17 15.10 -17.30
CA ASP B 99 3.00 16.47 -17.78
C ASP B 99 2.59 17.39 -16.62
N TYR B 100 3.58 18.06 -16.04
CA TYR B 100 3.33 18.96 -14.93
C TYR B 100 4.29 20.15 -15.02
N LYS B 101 3.95 21.23 -14.34
CA LYS B 101 4.78 22.43 -14.36
C LYS B 101 6.06 22.20 -13.55
N ASP B 102 7.20 22.52 -14.15
CA ASP B 102 8.49 22.37 -13.49
C ASP B 102 9.50 23.37 -14.03
N ASP B 103 10.55 23.63 -13.26
CA ASP B 103 11.58 24.58 -13.66
C ASP B 103 12.89 24.27 -12.94
N ASP B 104 14.01 24.74 -13.49
CA ASP B 104 15.32 24.52 -12.88
C ASP B 104 16.30 25.59 -13.33
N ASP B 105 17.32 25.84 -12.52
CA ASP B 105 18.32 26.85 -12.85
C ASP B 105 19.49 26.22 -13.59
N LYS B 106 19.46 26.32 -14.92
CA LYS B 106 20.52 25.77 -15.77
C LYS B 106 20.73 26.64 -17.00
N GLU A 1 12.47 0.72 -3.93
CA GLU A 1 13.44 -0.40 -3.99
C GLU A 1 12.79 -1.71 -3.54
N GLY A 2 11.56 -1.60 -3.06
CA GLY A 2 10.85 -2.77 -2.59
C GLY A 2 9.39 -2.49 -2.31
N ARG A 3 8.61 -3.55 -2.09
CA ARG A 3 7.19 -3.41 -1.81
C ARG A 3 6.95 -3.18 -0.31
N ILE A 4 6.14 -2.17 -0.01
CA ILE A 4 5.82 -1.82 1.37
C ILE A 4 4.32 -1.95 1.62
N VAL A 5 3.93 -2.72 2.62
CA VAL A 5 2.51 -2.88 2.94
C VAL A 5 2.27 -2.51 4.39
N LEU A 6 1.33 -1.60 4.60
CA LEU A 6 1.00 -1.16 5.94
C LEU A 6 -0.48 -1.38 6.22
N VAL A 7 -0.78 -2.04 7.33
CA VAL A 7 -2.15 -2.31 7.70
C VAL A 7 -2.53 -1.50 8.93
N SER A 8 -3.43 -0.54 8.74
CA SER A 8 -3.89 0.31 9.82
C SER A 8 -5.17 1.03 9.41
N GLU A 9 -6.01 1.34 10.39
CA GLU A 9 -7.26 2.04 10.13
C GLU A 9 -7.10 3.55 10.27
N ASP A 10 -5.87 3.99 10.55
CA ASP A 10 -5.57 5.42 10.74
C ASP A 10 -5.40 6.12 9.40
N GLU A 11 -6.40 6.92 9.04
CA GLU A 11 -6.41 7.68 7.79
C GLU A 11 -5.29 8.73 7.72
N ALA A 12 -4.98 9.36 8.85
CA ALA A 12 -3.95 10.41 8.90
C ALA A 12 -2.57 9.87 8.48
N THR A 13 -2.22 8.69 8.94
CA THR A 13 -0.94 8.08 8.59
C THR A 13 -0.94 7.54 7.16
N SER A 14 -2.12 7.31 6.61
CA SER A 14 -2.25 6.76 5.26
C SER A 14 -1.64 7.68 4.22
N THR A 15 -1.99 8.95 4.26
CA THR A 15 -1.47 9.91 3.28
C THR A 15 0.00 10.26 3.53
N LEU A 16 0.33 10.54 4.79
CA LEU A 16 1.69 10.93 5.17
C LEU A 16 2.72 9.82 4.98
N ILE A 17 2.41 8.61 5.46
CA ILE A 17 3.35 7.49 5.38
C ILE A 17 3.57 7.00 3.95
N CYS A 18 2.50 6.91 3.16
CA CYS A 18 2.62 6.46 1.78
C CYS A 18 3.48 7.41 0.97
N SER A 19 3.29 8.71 1.18
CA SER A 19 4.04 9.73 0.46
C SER A 19 5.53 9.66 0.79
N ILE A 20 5.85 9.45 2.07
CA ILE A 20 7.25 9.38 2.50
C ILE A 20 8.00 8.22 1.84
N LEU A 21 7.41 7.03 1.89
CA LEU A 21 8.02 5.83 1.30
C LEU A 21 7.95 5.81 -0.23
N THR A 22 6.82 6.24 -0.81
CA THR A 22 6.63 6.22 -2.26
C THR A 22 7.59 7.15 -3.00
N THR A 23 7.80 8.35 -2.46
CA THR A 23 8.69 9.33 -3.10
C THR A 23 10.15 8.85 -3.09
N ALA A 24 10.46 7.92 -2.19
CA ALA A 24 11.81 7.38 -2.08
C ALA A 24 12.03 6.23 -3.06
N GLY A 25 11.03 5.93 -3.88
CA GLY A 25 11.16 4.86 -4.85
C GLY A 25 10.45 3.58 -4.42
N TYR A 26 10.01 3.55 -3.17
CA TYR A 26 9.31 2.39 -2.63
C TYR A 26 7.82 2.45 -3.00
N GLN A 27 7.18 1.30 -3.08
CA GLN A 27 5.76 1.28 -3.41
C GLN A 27 4.96 0.80 -2.21
N VAL A 28 4.11 1.69 -1.69
CA VAL A 28 3.31 1.37 -0.51
C VAL A 28 1.88 1.01 -0.88
N ILE A 29 1.43 -0.13 -0.35
CA ILE A 29 0.07 -0.58 -0.56
C ILE A 29 -0.63 -0.62 0.80
N TRP A 30 -1.70 0.13 0.93
CA TRP A 30 -2.45 0.17 2.18
C TRP A 30 -3.58 -0.84 2.16
N LEU A 31 -3.49 -1.82 3.05
CA LEU A 31 -4.50 -2.85 3.14
C LEU A 31 -5.24 -2.76 4.47
N VAL A 32 -6.54 -3.00 4.46
CA VAL A 32 -7.32 -2.97 5.69
C VAL A 32 -7.07 -4.24 6.49
N ASP A 33 -7.48 -4.24 7.75
CA ASP A 33 -7.24 -5.41 8.61
C ASP A 33 -8.19 -6.56 8.30
N GLY A 34 -7.84 -7.75 8.81
CA GLY A 34 -8.67 -8.92 8.60
C GLY A 34 -8.44 -9.60 7.26
N GLU A 35 -7.54 -9.07 6.44
CA GLU A 35 -7.28 -9.65 5.14
C GLU A 35 -5.88 -10.23 5.00
N VAL A 36 -5.72 -11.48 5.42
CA VAL A 36 -4.44 -12.18 5.31
C VAL A 36 -4.12 -12.49 3.85
N GLU A 37 -5.16 -12.86 3.09
CA GLU A 37 -5.02 -13.18 1.67
C GLU A 37 -4.44 -11.98 0.91
N ARG A 38 -4.88 -10.77 1.27
CA ARG A 38 -4.36 -9.56 0.63
C ARG A 38 -2.87 -9.43 0.90
N LEU A 39 -2.46 -9.77 2.12
CA LEU A 39 -1.06 -9.72 2.52
C LEU A 39 -0.22 -10.70 1.71
N LEU A 40 -0.74 -11.92 1.57
CA LEU A 40 -0.06 -12.97 0.80
C LEU A 40 -0.03 -12.63 -0.69
N ALA A 41 -1.14 -12.10 -1.18
CA ALA A 41 -1.26 -11.71 -2.59
C ALA A 41 -0.26 -10.64 -2.97
N LEU A 42 -0.06 -9.69 -2.07
CA LEU A 42 0.84 -8.58 -2.29
C LEU A 42 2.11 -8.69 -1.45
N THR A 43 2.52 -9.93 -1.15
CA THR A 43 3.71 -10.23 -0.32
C THR A 43 4.82 -9.17 -0.44
N PRO A 44 4.93 -8.31 0.58
CA PRO A 44 5.93 -7.25 0.63
C PRO A 44 7.24 -7.71 1.24
N ILE A 45 8.22 -6.81 1.28
CA ILE A 45 9.51 -7.12 1.89
C ILE A 45 9.40 -6.95 3.41
N ALA A 46 8.40 -6.18 3.83
CA ALA A 46 8.15 -5.92 5.24
C ALA A 46 6.68 -5.58 5.48
N VAL A 47 6.15 -6.00 6.61
CA VAL A 47 4.77 -5.73 6.97
C VAL A 47 4.71 -4.80 8.17
N LEU A 48 4.03 -3.67 8.02
CA LEU A 48 3.94 -2.71 9.12
C LEU A 48 2.51 -2.53 9.60
N LEU A 49 2.34 -2.58 10.91
CA LEU A 49 1.04 -2.39 11.54
C LEU A 49 1.10 -1.12 12.40
N ALA A 50 0.13 -0.23 12.25
CA ALA A 50 0.15 1.02 13.02
C ALA A 50 -1.05 1.15 13.95
N GLU A 51 -0.77 1.64 15.15
CA GLU A 51 -1.79 1.86 16.17
C GLU A 51 -2.48 3.22 15.95
N PRO A 52 -3.69 3.43 16.50
CA PRO A 52 -4.43 2.43 17.30
C PRO A 52 -5.06 1.32 16.47
N PHE A 53 -5.03 0.10 17.01
CA PHE A 53 -5.64 -1.03 16.32
C PHE A 53 -6.80 -1.57 17.16
N SER A 54 -7.94 -0.89 17.06
CA SER A 54 -9.13 -1.30 17.82
C SER A 54 -10.12 -2.11 16.97
N TYR A 55 -9.84 -2.24 15.69
CA TYR A 55 -10.74 -2.98 14.80
C TYR A 55 -10.23 -4.38 14.49
N GLY A 56 -9.06 -4.72 15.03
CA GLY A 56 -8.49 -6.03 14.79
C GLY A 56 -7.41 -6.38 15.78
N ASP A 57 -7.04 -7.66 15.84
CA ASP A 57 -6.00 -8.11 16.76
C ASP A 57 -4.64 -8.17 16.07
N VAL A 58 -3.72 -7.33 16.53
CA VAL A 58 -2.37 -7.27 15.96
C VAL A 58 -1.64 -8.61 16.08
N GLN A 59 -1.76 -9.24 17.24
CA GLN A 59 -1.12 -10.53 17.51
C GLN A 59 -1.63 -11.61 16.56
N GLU A 60 -2.92 -11.55 16.25
CA GLU A 60 -3.55 -12.52 15.34
C GLU A 60 -2.90 -12.48 13.95
N LEU A 61 -2.69 -11.26 13.44
CA LEU A 61 -2.08 -11.07 12.13
C LEU A 61 -0.64 -11.61 12.13
N VAL A 62 0.08 -11.31 13.21
CA VAL A 62 1.48 -11.75 13.33
C VAL A 62 1.56 -13.28 13.36
N ASP A 63 0.69 -13.90 14.15
CA ASP A 63 0.65 -15.36 14.29
C ASP A 63 0.35 -16.04 12.96
N GLN A 64 -0.63 -15.54 12.23
CA GLN A 64 -0.97 -16.14 10.93
C GLN A 64 0.14 -15.95 9.89
N LEU A 65 0.74 -14.76 9.86
CA LEU A 65 1.80 -14.47 8.89
C LEU A 65 3.04 -15.34 9.10
N ARG A 66 3.41 -15.58 10.35
CA ARG A 66 4.60 -16.40 10.65
C ARG A 66 4.40 -17.87 10.23
N GLN A 67 3.15 -18.26 10.01
CA GLN A 67 2.85 -19.63 9.60
C GLN A 67 2.86 -19.75 8.09
N ARG A 68 2.93 -18.59 7.42
CA ARG A 68 2.93 -18.55 5.97
C ARG A 68 4.30 -18.17 5.43
N CYS A 69 4.92 -17.16 6.05
CA CYS A 69 6.23 -16.71 5.62
C CYS A 69 7.21 -16.70 6.80
N THR A 70 8.47 -17.05 6.54
CA THR A 70 9.48 -17.07 7.59
C THR A 70 9.93 -15.66 7.93
N PRO A 71 10.36 -15.42 9.19
CA PRO A 71 10.81 -14.10 9.64
C PRO A 71 12.08 -13.61 8.93
N GLU A 72 12.87 -14.55 8.42
CA GLU A 72 14.10 -14.19 7.71
C GLU A 72 13.80 -13.58 6.35
N GLN A 73 12.63 -13.93 5.78
CA GLN A 73 12.25 -13.41 4.48
C GLN A 73 11.27 -12.25 4.61
N LEU A 74 10.39 -12.32 5.61
CA LEU A 74 9.41 -11.27 5.83
C LEU A 74 9.46 -10.78 7.28
N LYS A 75 9.59 -9.47 7.45
CA LYS A 75 9.67 -8.88 8.78
C LYS A 75 8.39 -8.11 9.11
N ILE A 76 8.04 -8.08 10.39
CA ILE A 76 6.85 -7.39 10.86
C ILE A 76 7.24 -6.23 11.78
N PHE A 77 6.75 -5.04 11.47
CA PHE A 77 7.04 -3.85 12.27
C PHE A 77 5.75 -3.24 12.83
N ILE A 78 5.83 -2.71 14.04
CA ILE A 78 4.67 -2.09 14.66
C ILE A 78 4.93 -0.61 14.97
N LEU A 79 4.02 0.24 14.52
CA LEU A 79 4.13 1.68 14.74
C LEU A 79 3.30 2.09 15.96
N GLY A 80 3.92 2.80 16.88
CA GLY A 80 3.23 3.23 18.08
C GLY A 80 3.46 2.29 19.24
N SER A 81 3.04 2.70 20.43
CA SER A 81 3.22 1.87 21.62
C SER A 81 2.27 0.68 21.63
N LYS A 82 2.66 -0.37 22.35
CA LYS A 82 1.86 -1.60 22.45
C LYS A 82 2.39 -2.48 23.57
N GLY A 83 3.57 -3.04 23.35
CA GLY A 83 4.18 -3.92 24.34
C GLY A 83 5.24 -4.79 23.72
N ASN A 84 5.77 -5.73 24.49
CA ASN A 84 6.81 -6.64 23.98
C ASN A 84 6.16 -7.93 23.48
N TYR A 85 6.08 -8.08 22.16
CA TYR A 85 5.49 -9.27 21.56
C TYR A 85 6.45 -9.92 20.58
N GLN A 86 6.37 -11.24 20.48
CA GLN A 86 7.23 -12.00 19.57
C GLN A 86 6.74 -11.89 18.12
N GLY A 87 7.65 -12.13 17.18
CA GLY A 87 7.29 -12.06 15.77
C GLY A 87 7.42 -10.66 15.21
N VAL A 88 7.89 -9.72 16.03
CA VAL A 88 8.06 -8.35 15.60
C VAL A 88 9.55 -8.00 15.55
N ASP A 89 10.01 -7.59 14.36
CA ASP A 89 11.42 -7.24 14.16
C ASP A 89 11.81 -5.96 14.90
N ARG A 90 10.96 -4.94 14.82
CA ARG A 90 11.26 -3.66 15.46
C ARG A 90 9.99 -2.82 15.67
N TYR A 91 10.03 -1.96 16.69
CA TYR A 91 8.90 -1.08 16.99
C TYR A 91 9.28 0.38 16.69
N ILE A 92 8.35 1.12 16.09
CA ILE A 92 8.59 2.53 15.78
C ILE A 92 7.80 3.42 16.73
N PRO A 93 8.51 4.15 17.61
CA PRO A 93 7.89 5.05 18.59
C PRO A 93 7.33 6.34 17.97
N LEU A 94 6.37 6.94 18.66
CA LEU A 94 5.75 8.19 18.22
C LEU A 94 6.07 9.30 19.20
N PRO A 95 5.95 10.60 18.80
CA PRO A 95 5.51 11.02 17.46
C PRO A 95 6.39 10.49 16.33
N ILE A 96 5.76 10.16 15.20
CA ILE A 96 6.46 9.63 14.06
C ILE A 96 7.01 10.75 13.18
N HIS A 97 8.27 10.62 12.79
CA HIS A 97 8.91 11.60 11.92
C HIS A 97 9.26 10.95 10.60
N PRO A 98 9.19 11.72 9.48
CA PRO A 98 9.47 11.20 8.13
C PRO A 98 10.84 10.52 8.01
N GLU A 99 11.89 11.26 8.31
CA GLU A 99 13.26 10.75 8.23
C GLU A 99 13.46 9.60 9.21
N SER A 100 12.91 9.75 10.41
CA SER A 100 13.06 8.74 11.45
C SER A 100 12.41 7.41 11.03
N PHE A 101 11.17 7.48 10.56
CA PHE A 101 10.43 6.29 10.13
C PHE A 101 11.13 5.57 8.98
N LEU A 102 11.48 6.30 7.93
CA LEU A 102 12.11 5.72 6.74
C LEU A 102 13.48 5.13 7.05
N GLN A 103 14.32 5.87 7.77
CA GLN A 103 15.67 5.40 8.09
C GLN A 103 15.67 4.19 9.01
N GLN A 104 14.79 4.21 10.02
CA GLN A 104 14.72 3.12 10.98
C GLN A 104 14.29 1.81 10.28
N VAL A 105 13.28 1.92 9.42
CA VAL A 105 12.78 0.76 8.67
C VAL A 105 13.84 0.23 7.69
N THR A 106 14.51 1.16 7.00
CA THR A 106 15.53 0.79 6.02
C THR A 106 16.68 0.02 6.69
N MET A 107 17.15 0.55 7.82
CA MET A 107 18.23 -0.09 8.57
C MET A 107 17.81 -1.47 9.08
N GLY A 108 16.57 -1.59 9.54
CA GLY A 108 16.07 -2.86 10.02
C GLY A 108 15.95 -3.92 8.93
N LEU A 109 15.89 -3.47 7.68
CA LEU A 109 15.77 -4.38 6.53
C LEU A 109 17.10 -4.96 6.10
N THR A 110 18.21 -4.49 6.70
CA THR A 110 19.54 -4.97 6.35
C THR A 110 19.76 -6.40 6.84
N SER A 111 18.92 -6.85 7.78
CA SER A 111 19.04 -8.19 8.34
C SER A 111 18.17 -9.19 7.57
N LEU A 112 17.48 -8.70 6.53
CA LEU A 112 16.62 -9.54 5.72
C LEU A 112 17.44 -10.39 4.75
N ALA A 113 17.18 -11.69 4.73
CA ALA A 113 17.89 -12.60 3.85
C ALA A 113 17.47 -12.42 2.40
N THR A 114 18.44 -12.46 1.49
CA THR A 114 18.16 -12.29 0.07
C THR A 114 18.77 -13.42 -0.74
N SER A 115 18.27 -13.62 -1.96
CA SER A 115 18.78 -14.67 -2.84
C SER A 115 19.12 -14.11 -4.21
N ALA A 116 20.14 -14.71 -4.85
CA ALA A 116 20.60 -14.29 -6.18
C ALA A 116 21.13 -12.85 -6.17
N GLN A 117 20.27 -11.90 -6.52
CA GLN A 117 20.67 -10.50 -6.56
C GLN A 117 19.75 -9.66 -5.67
N MET B 1 4.73 22.24 2.88
CA MET B 1 5.98 22.97 2.52
C MET B 1 7.15 22.01 2.38
N ALA B 2 6.92 20.76 2.76
CA ALA B 2 7.96 19.74 2.69
C ALA B 2 8.05 19.14 1.29
N PRO B 3 9.22 19.24 0.65
CA PRO B 3 9.44 18.70 -0.71
C PRO B 3 9.46 17.17 -0.73
N LEU B 4 9.00 16.60 -1.84
CA LEU B 4 8.95 15.15 -2.04
C LEU B 4 8.07 14.45 -1.00
N ARG B 5 6.94 15.08 -0.67
CA ARG B 5 6.01 14.49 0.30
C ARG B 5 4.59 14.50 -0.26
N LYS B 6 4.47 14.54 -1.58
CA LYS B 6 3.16 14.57 -2.22
C LYS B 6 2.98 13.44 -3.22
N THR B 7 2.13 12.47 -2.87
CA THR B 7 1.84 11.34 -3.76
C THR B 7 0.33 11.14 -3.87
N ALA B 8 -0.10 10.45 -4.92
CA ALA B 8 -1.52 10.20 -5.13
C ALA B 8 -1.90 8.83 -4.59
N VAL B 9 -3.16 8.66 -4.22
CA VAL B 9 -3.62 7.39 -3.67
C VAL B 9 -4.73 6.80 -4.52
N LEU B 10 -4.52 5.56 -4.98
CA LEU B 10 -5.51 4.85 -5.79
C LEU B 10 -6.17 3.77 -4.94
N LYS B 11 -7.48 3.78 -4.83
CA LYS B 11 -8.17 2.78 -4.01
C LYS B 11 -8.91 1.75 -4.85
N LEU B 12 -8.93 0.52 -4.34
CA LEU B 12 -9.57 -0.60 -5.03
C LEU B 12 -10.61 -1.25 -4.14
N TYR B 13 -11.85 -1.34 -4.62
CA TYR B 13 -12.89 -2.02 -3.87
C TYR B 13 -13.07 -3.44 -4.39
N VAL B 14 -12.89 -4.41 -3.51
CA VAL B 14 -13.00 -5.82 -3.89
C VAL B 14 -13.92 -6.54 -2.91
N ALA B 15 -14.34 -7.75 -3.26
CA ALA B 15 -15.23 -8.52 -2.41
C ALA B 15 -14.80 -9.98 -2.31
N GLY B 16 -14.80 -10.51 -1.09
CA GLY B 16 -14.45 -11.89 -0.85
C GLY B 16 -12.97 -12.16 -0.84
N ASN B 17 -12.61 -13.41 -0.59
CA ASN B 17 -11.21 -13.83 -0.55
C ASN B 17 -10.92 -14.87 -1.62
N THR B 18 -11.75 -14.89 -2.66
CA THR B 18 -11.59 -15.83 -3.76
C THR B 18 -10.35 -15.54 -4.60
N PRO B 19 -9.83 -16.55 -5.31
CA PRO B 19 -8.62 -16.40 -6.16
C PRO B 19 -8.75 -15.28 -7.19
N ASN B 20 -9.95 -15.11 -7.75
CA ASN B 20 -10.18 -14.06 -8.76
C ASN B 20 -9.91 -12.69 -8.17
N SER B 21 -10.34 -12.48 -6.92
CA SER B 21 -10.13 -11.22 -6.22
C SER B 21 -8.65 -11.04 -5.90
N VAL B 22 -8.01 -12.15 -5.52
CA VAL B 22 -6.59 -12.16 -5.18
C VAL B 22 -5.72 -11.81 -6.39
N ARG B 23 -6.01 -12.46 -7.52
CA ARG B 23 -5.25 -12.25 -8.75
C ARG B 23 -5.36 -10.82 -9.27
N ALA B 24 -6.54 -10.22 -9.14
CA ALA B 24 -6.78 -8.85 -9.61
C ALA B 24 -5.85 -7.86 -8.93
N LEU B 25 -5.61 -8.06 -7.63
CA LEU B 25 -4.73 -7.18 -6.89
C LEU B 25 -3.28 -7.36 -7.31
N LYS B 26 -2.92 -8.59 -7.65
CA LYS B 26 -1.57 -8.94 -8.07
C LYS B 26 -1.20 -8.29 -9.39
N THR B 27 -2.14 -8.24 -10.33
CA THR B 27 -1.89 -7.64 -11.64
C THR B 27 -1.67 -6.13 -11.55
N LEU B 28 -2.45 -5.46 -10.71
CA LEU B 28 -2.30 -4.01 -10.53
C LEU B 28 -0.99 -3.68 -9.84
N ALA B 29 -0.63 -4.46 -8.82
CA ALA B 29 0.60 -4.26 -8.07
C ALA B 29 1.83 -4.42 -8.96
N ASN B 30 1.82 -5.42 -9.83
CA ASN B 30 2.94 -5.68 -10.73
C ASN B 30 3.17 -4.50 -11.67
N ILE B 31 2.10 -3.97 -12.24
CA ILE B 31 2.17 -2.84 -13.15
C ILE B 31 2.59 -1.57 -12.40
N LEU B 32 2.03 -1.39 -11.22
CA LEU B 32 2.31 -0.22 -10.39
C LEU B 32 3.77 -0.19 -9.93
N GLU B 33 4.30 -1.35 -9.53
CA GLU B 33 5.66 -1.46 -9.04
C GLU B 33 6.71 -1.08 -10.10
N LYS B 34 6.49 -1.46 -11.36
CA LYS B 34 7.46 -1.16 -12.41
C LYS B 34 7.12 0.09 -13.22
N GLU B 35 5.93 0.11 -13.82
CA GLU B 35 5.51 1.22 -14.67
C GLU B 35 5.22 2.52 -13.91
N PHE B 36 4.63 2.44 -12.74
CA PHE B 36 4.26 3.65 -11.99
C PHE B 36 4.97 3.78 -10.65
N LYS B 37 6.22 3.31 -10.57
CA LYS B 37 6.98 3.38 -9.32
C LYS B 37 7.32 4.83 -8.97
N GLY B 38 6.99 5.22 -7.74
CA GLY B 38 7.27 6.58 -7.28
C GLY B 38 6.23 7.59 -7.73
N VAL B 39 5.16 7.11 -8.34
CA VAL B 39 4.11 8.00 -8.84
C VAL B 39 2.93 8.09 -7.86
N TYR B 40 2.40 6.94 -7.46
CA TYR B 40 1.27 6.93 -6.54
C TYR B 40 1.22 5.66 -5.68
N ALA B 41 0.39 5.72 -4.64
CA ALA B 41 0.23 4.62 -3.69
C ALA B 41 -1.09 3.89 -3.93
N LEU B 42 -1.14 2.61 -3.55
CA LEU B 42 -2.34 1.80 -3.74
C LEU B 42 -3.02 1.46 -2.41
N LYS B 43 -4.35 1.53 -2.40
CA LYS B 43 -5.15 1.23 -1.21
C LYS B 43 -6.23 0.22 -1.58
N VAL B 44 -6.40 -0.82 -0.75
CA VAL B 44 -7.39 -1.85 -1.05
C VAL B 44 -8.44 -1.97 0.06
N ILE B 45 -9.71 -1.90 -0.32
CA ILE B 45 -10.83 -1.99 0.62
C ILE B 45 -11.78 -3.15 0.26
N ASP B 46 -12.13 -3.95 1.26
CA ASP B 46 -13.05 -5.08 1.06
C ASP B 46 -14.48 -4.64 1.39
N VAL B 47 -15.35 -4.61 0.38
CA VAL B 47 -16.73 -4.18 0.58
C VAL B 47 -17.54 -5.11 1.48
N LEU B 48 -17.24 -6.41 1.46
CA LEU B 48 -17.97 -7.35 2.31
C LEU B 48 -17.67 -7.14 3.80
N LYS B 49 -16.42 -6.80 4.11
CA LYS B 49 -16.01 -6.56 5.49
C LYS B 49 -16.66 -5.29 6.05
N ASN B 50 -16.75 -4.25 5.22
CA ASN B 50 -17.36 -3.00 5.64
C ASN B 50 -18.30 -2.50 4.56
N PRO B 51 -19.54 -3.04 4.53
CA PRO B 51 -20.58 -2.69 3.52
C PRO B 51 -20.92 -1.21 3.41
N GLN B 52 -20.85 -0.49 4.54
CA GLN B 52 -21.19 0.94 4.54
C GLN B 52 -20.24 1.76 3.66
N LEU B 53 -19.00 1.28 3.47
CA LEU B 53 -18.04 2.00 2.64
C LEU B 53 -18.48 1.99 1.18
N ALA B 54 -18.97 0.84 0.72
CA ALA B 54 -19.45 0.70 -0.65
C ALA B 54 -20.70 1.54 -0.88
N GLU B 55 -21.56 1.58 0.13
CA GLU B 55 -22.81 2.34 0.08
C GLU B 55 -22.55 3.84 -0.02
N GLU B 56 -21.41 4.29 0.49
CA GLU B 56 -21.05 5.71 0.47
C GLU B 56 -20.83 6.20 -0.97
N ASP B 57 -20.23 5.37 -1.79
CA ASP B 57 -19.95 5.75 -3.18
C ASP B 57 -20.87 4.99 -4.15
N LYS B 58 -21.92 4.36 -3.59
CA LYS B 58 -22.91 3.61 -4.38
C LYS B 58 -22.24 2.54 -5.25
N ILE B 59 -21.30 1.79 -4.68
CA ILE B 59 -20.63 0.74 -5.42
C ILE B 59 -21.25 -0.62 -5.08
N LEU B 60 -21.91 -1.21 -6.07
CA LEU B 60 -22.58 -2.50 -5.88
C LEU B 60 -21.90 -3.62 -6.68
N ALA B 61 -20.75 -3.32 -7.26
CA ALA B 61 -20.02 -4.31 -8.05
C ALA B 61 -18.52 -4.23 -7.79
N THR B 62 -17.84 -5.36 -7.93
CA THR B 62 -16.39 -5.44 -7.71
C THR B 62 -15.75 -6.39 -8.73
N PRO B 63 -14.44 -6.21 -9.03
CA PRO B 63 -13.61 -5.14 -8.47
C PRO B 63 -13.87 -3.78 -9.11
N THR B 64 -13.74 -2.72 -8.32
CA THR B 64 -13.97 -1.36 -8.82
C THR B 64 -12.87 -0.40 -8.37
N LEU B 65 -12.42 0.45 -9.30
CA LEU B 65 -11.41 1.45 -9.01
C LEU B 65 -12.14 2.77 -8.77
N ALA B 66 -12.02 3.32 -7.57
CA ALA B 66 -12.74 4.54 -7.24
C ALA B 66 -11.82 5.74 -7.07
N LYS B 67 -12.32 6.90 -7.48
CA LYS B 67 -11.57 8.15 -7.38
C LYS B 67 -11.47 8.65 -5.95
N VAL B 68 -10.37 9.31 -5.66
CA VAL B 68 -10.13 9.90 -4.36
C VAL B 68 -9.27 11.16 -4.53
N LEU B 69 -8.02 11.00 -4.96
CA LEU B 69 -7.15 12.15 -5.21
C LEU B 69 -5.94 11.77 -6.08
N PRO B 70 -5.42 12.72 -6.89
CA PRO B 70 -5.96 14.08 -6.98
C PRO B 70 -7.23 14.15 -7.84
N PRO B 71 -8.31 14.75 -7.30
CA PRO B 71 -9.59 14.87 -8.03
C PRO B 71 -9.46 15.78 -9.26
N PRO B 72 -10.19 15.47 -10.35
CA PRO B 72 -11.07 14.31 -10.44
C PRO B 72 -10.39 13.06 -11.04
N VAL B 73 -10.52 11.94 -10.36
CA VAL B 73 -9.97 10.68 -10.84
C VAL B 73 -11.04 9.89 -11.57
N ARG B 74 -10.69 9.21 -12.64
CA ARG B 74 -11.67 8.43 -13.40
C ARG B 74 -11.81 7.02 -12.82
N ARG B 75 -13.04 6.66 -12.45
CA ARG B 75 -13.31 5.33 -11.89
C ARG B 75 -13.22 4.27 -12.99
N ILE B 76 -12.69 3.11 -12.65
CA ILE B 76 -12.53 2.03 -13.62
C ILE B 76 -13.25 0.77 -13.16
N ILE B 77 -14.07 0.21 -14.05
CA ILE B 77 -14.81 -1.02 -13.76
C ILE B 77 -14.59 -2.04 -14.87
N GLY B 78 -14.31 -3.28 -14.49
CA GLY B 78 -14.09 -4.32 -15.48
C GLY B 78 -13.34 -5.51 -14.93
N ASP B 79 -12.84 -6.34 -15.83
CA ASP B 79 -12.07 -7.52 -15.44
C ASP B 79 -10.61 -7.16 -15.23
N LEU B 80 -10.17 -7.15 -13.98
CA LEU B 80 -8.79 -6.79 -13.64
C LEU B 80 -7.84 -7.99 -13.65
N SER B 81 -8.36 -9.19 -13.92
CA SER B 81 -7.51 -10.38 -13.97
C SER B 81 -6.60 -10.35 -15.20
N ASN B 82 -6.99 -9.54 -16.18
CA ASN B 82 -6.21 -9.41 -17.41
C ASN B 82 -5.25 -8.23 -17.29
N ARG B 83 -3.95 -8.54 -17.27
CA ARG B 83 -2.89 -7.53 -17.15
C ARG B 83 -2.94 -6.52 -18.30
N GLU B 84 -3.27 -6.99 -19.51
CA GLU B 84 -3.33 -6.14 -20.68
C GLU B 84 -4.33 -4.99 -20.48
N LYS B 85 -5.51 -5.32 -19.97
CA LYS B 85 -6.55 -4.32 -19.73
C LYS B 85 -6.19 -3.40 -18.57
N VAL B 86 -5.58 -3.96 -17.54
CA VAL B 86 -5.17 -3.20 -16.37
C VAL B 86 -4.16 -2.12 -16.75
N LEU B 87 -3.19 -2.50 -17.58
CA LEU B 87 -2.16 -1.57 -18.04
C LEU B 87 -2.80 -0.40 -18.81
N ILE B 88 -3.73 -0.73 -19.70
CA ILE B 88 -4.41 0.28 -20.51
C ILE B 88 -5.18 1.25 -19.60
N ALA B 89 -5.93 0.70 -18.65
CA ALA B 89 -6.73 1.49 -17.72
C ALA B 89 -5.86 2.38 -16.84
N LEU B 90 -4.74 1.84 -16.37
CA LEU B 90 -3.82 2.58 -15.50
C LEU B 90 -3.12 3.71 -16.26
N ARG B 91 -2.82 3.49 -17.54
CA ARG B 91 -2.16 4.50 -18.36
C ARG B 91 -3.04 5.74 -18.48
N LEU B 92 -4.35 5.53 -18.58
CA LEU B 92 -5.31 6.63 -18.68
C LEU B 92 -5.25 7.49 -17.42
N LEU B 93 -5.10 6.84 -16.27
CA LEU B 93 -5.00 7.52 -14.98
C LEU B 93 -3.76 8.41 -14.94
N ALA B 94 -2.68 7.91 -15.53
CA ALA B 94 -1.40 8.64 -15.57
C ALA B 94 -1.55 9.96 -16.31
N GLU B 95 -2.33 9.95 -17.40
CA GLU B 95 -2.56 11.15 -18.20
C GLU B 95 -3.27 12.22 -17.37
N GLU B 96 -4.26 11.78 -16.57
CA GLU B 96 -5.03 12.71 -15.73
C GLU B 96 -4.14 13.34 -14.65
N ILE B 97 -3.29 12.54 -14.02
CA ILE B 97 -2.39 13.04 -12.97
C ILE B 97 -1.33 13.97 -13.55
N GLY B 98 -1.06 13.83 -14.84
CA GLY B 98 -0.08 14.66 -15.51
C GLY B 98 -0.55 16.09 -15.74
N ASP B 99 -1.84 16.33 -15.48
CA ASP B 99 -2.45 17.67 -15.64
C ASP B 99 -2.34 18.13 -17.10
N TYR B 100 -2.82 17.31 -18.01
CA TYR B 100 -2.79 17.62 -19.44
C TYR B 100 -3.80 18.71 -19.79
N LYS B 101 -3.57 19.40 -20.90
CA LYS B 101 -4.46 20.46 -21.35
C LYS B 101 -4.96 20.18 -22.76
N ASP B 102 -6.12 20.75 -23.09
CA ASP B 102 -6.72 20.57 -24.40
C ASP B 102 -7.67 21.72 -24.71
N ASP B 103 -7.98 21.91 -25.99
CA ASP B 103 -8.88 22.97 -26.42
C ASP B 103 -10.32 22.48 -26.44
N ASP B 104 -11.12 22.93 -25.47
CA ASP B 104 -12.52 22.55 -25.38
C ASP B 104 -13.31 23.05 -26.60
N ASP B 105 -13.01 24.30 -27.01
CA ASP B 105 -13.66 24.93 -28.17
C ASP B 105 -15.18 24.95 -28.04
N LYS B 106 -15.67 25.30 -26.85
CA LYS B 106 -17.12 25.36 -26.61
C LYS B 106 -17.50 26.72 -26.03
N GLU A 1 14.43 -2.03 -4.46
CA GLU A 1 13.97 -1.47 -3.16
C GLU A 1 12.95 -2.40 -2.50
N GLY A 2 12.03 -2.90 -3.31
CA GLY A 2 11.00 -3.79 -2.79
C GLY A 2 9.71 -3.08 -2.47
N ARG A 3 8.62 -3.84 -2.38
CA ARG A 3 7.32 -3.27 -2.06
C ARG A 3 7.02 -3.37 -0.56
N ILE A 4 6.22 -2.42 -0.06
CA ILE A 4 5.84 -2.37 1.34
C ILE A 4 4.33 -2.27 1.51
N VAL A 5 3.76 -3.07 2.39
CA VAL A 5 2.32 -3.04 2.62
C VAL A 5 2.03 -2.41 3.99
N LEU A 6 1.19 -1.38 3.98
CA LEU A 6 0.83 -0.67 5.19
C LEU A 6 -0.61 -0.95 5.58
N VAL A 7 -0.82 -1.44 6.79
CA VAL A 7 -2.15 -1.73 7.28
C VAL A 7 -2.50 -0.82 8.45
N SER A 8 -3.48 0.05 8.25
CA SER A 8 -3.92 0.99 9.26
C SER A 8 -5.32 1.49 8.94
N GLU A 9 -6.12 1.76 9.95
CA GLU A 9 -7.47 2.25 9.74
C GLU A 9 -7.48 3.78 9.68
N ASP A 10 -6.35 4.40 9.99
CA ASP A 10 -6.24 5.86 9.96
C ASP A 10 -5.67 6.31 8.62
N GLU A 11 -6.52 6.91 7.80
CA GLU A 11 -6.14 7.38 6.47
C GLU A 11 -5.06 8.47 6.50
N ALA A 12 -5.15 9.40 7.46
CA ALA A 12 -4.19 10.49 7.56
C ALA A 12 -2.76 10.01 7.77
N THR A 13 -2.56 9.07 8.69
CA THR A 13 -1.24 8.52 8.96
C THR A 13 -0.73 7.72 7.77
N SER A 14 -1.64 6.94 7.18
CA SER A 14 -1.32 6.11 6.03
C SER A 14 -0.89 6.95 4.83
N THR A 15 -1.58 8.07 4.61
CA THR A 15 -1.27 8.96 3.50
C THR A 15 0.12 9.57 3.66
N LEU A 16 0.45 9.99 4.89
CA LEU A 16 1.75 10.60 5.18
C LEU A 16 2.90 9.63 4.86
N ILE A 17 2.79 8.41 5.38
CA ILE A 17 3.81 7.38 5.15
C ILE A 17 3.85 6.96 3.69
N CYS A 18 2.68 6.95 3.06
CA CYS A 18 2.58 6.57 1.66
C CYS A 18 3.53 7.42 0.82
N SER A 19 3.48 8.74 1.00
CA SER A 19 4.37 9.64 0.28
C SER A 19 5.82 9.46 0.75
N ILE A 20 5.99 9.19 2.03
CA ILE A 20 7.32 8.98 2.62
C ILE A 20 8.06 7.80 1.98
N LEU A 21 7.37 6.68 1.85
CA LEU A 21 7.99 5.48 1.27
C LEU A 21 7.87 5.41 -0.26
N THR A 22 6.74 5.80 -0.82
CA THR A 22 6.52 5.72 -2.27
C THR A 22 7.49 6.61 -3.07
N THR A 23 7.67 7.86 -2.62
CA THR A 23 8.57 8.78 -3.33
C THR A 23 10.03 8.41 -3.11
N ALA A 24 10.28 7.56 -2.11
CA ALA A 24 11.64 7.12 -1.79
C ALA A 24 12.09 5.98 -2.70
N GLY A 25 11.21 5.58 -3.62
CA GLY A 25 11.54 4.50 -4.55
C GLY A 25 10.90 3.18 -4.15
N TYR A 26 10.10 3.19 -3.10
CA TYR A 26 9.41 2.00 -2.64
C TYR A 26 7.96 1.99 -3.12
N GLN A 27 7.39 0.82 -3.30
CA GLN A 27 6.01 0.72 -3.75
C GLN A 27 5.14 0.31 -2.56
N VAL A 28 4.27 1.20 -2.11
CA VAL A 28 3.43 0.93 -0.96
C VAL A 28 1.96 0.68 -1.31
N ILE A 29 1.43 -0.41 -0.76
CA ILE A 29 0.03 -0.77 -0.96
C ILE A 29 -0.66 -0.75 0.40
N TRP A 30 -1.75 -0.01 0.51
CA TRP A 30 -2.49 0.10 1.76
C TRP A 30 -3.64 -0.90 1.80
N LEU A 31 -3.62 -1.76 2.80
CA LEU A 31 -4.66 -2.79 2.95
C LEU A 31 -5.44 -2.58 4.24
N VAL A 32 -6.74 -2.83 4.19
CA VAL A 32 -7.59 -2.70 5.37
C VAL A 32 -7.39 -3.93 6.27
N ASP A 33 -7.58 -3.75 7.57
CA ASP A 33 -7.38 -4.82 8.55
C ASP A 33 -8.41 -5.95 8.41
N GLY A 34 -7.99 -7.16 8.78
CA GLY A 34 -8.88 -8.32 8.73
C GLY A 34 -8.65 -9.26 7.56
N GLU A 35 -7.82 -8.87 6.61
CA GLU A 35 -7.57 -9.74 5.45
C GLU A 35 -6.13 -10.25 5.39
N VAL A 36 -5.94 -11.53 5.70
CA VAL A 36 -4.62 -12.15 5.66
C VAL A 36 -4.30 -12.63 4.24
N GLU A 37 -5.28 -13.21 3.56
CA GLU A 37 -5.08 -13.68 2.19
C GLU A 37 -4.67 -12.54 1.27
N ARG A 38 -5.26 -11.38 1.46
CA ARG A 38 -4.92 -10.21 0.67
C ARG A 38 -3.47 -9.81 0.93
N LEU A 39 -3.05 -9.95 2.19
CA LEU A 39 -1.68 -9.64 2.59
C LEU A 39 -0.71 -10.61 1.91
N LEU A 40 -1.09 -11.90 1.89
CA LEU A 40 -0.30 -12.94 1.26
C LEU A 40 -0.23 -12.72 -0.25
N ALA A 41 -1.35 -12.31 -0.83
CA ALA A 41 -1.43 -12.04 -2.28
C ALA A 41 -0.43 -10.96 -2.68
N LEU A 42 -0.31 -9.96 -1.84
CA LEU A 42 0.60 -8.84 -2.08
C LEU A 42 1.80 -8.90 -1.15
N THR A 43 2.19 -10.12 -0.76
CA THR A 43 3.30 -10.32 0.17
C THR A 43 4.54 -9.50 -0.19
N PRO A 44 4.82 -8.47 0.63
CA PRO A 44 5.97 -7.57 0.46
C PRO A 44 7.21 -8.08 1.17
N ILE A 45 8.23 -7.22 1.23
CA ILE A 45 9.46 -7.57 1.92
C ILE A 45 9.28 -7.33 3.43
N ALA A 46 8.36 -6.43 3.76
CA ALA A 46 8.04 -6.08 5.14
C ALA A 46 6.66 -5.46 5.22
N VAL A 47 6.03 -5.57 6.38
CA VAL A 47 4.70 -5.00 6.57
C VAL A 47 4.69 -3.99 7.70
N LEU A 48 3.83 -2.98 7.59
CA LEU A 48 3.73 -1.95 8.60
C LEU A 48 2.35 -1.97 9.25
N LEU A 49 2.32 -2.20 10.55
CA LEU A 49 1.06 -2.23 11.29
C LEU A 49 1.01 -1.04 12.25
N ALA A 50 -0.06 -0.25 12.19
CA ALA A 50 -0.17 0.92 13.05
C ALA A 50 -1.24 0.76 14.13
N GLU A 51 -0.87 1.10 15.36
CA GLU A 51 -1.77 1.02 16.51
C GLU A 51 -2.63 2.30 16.59
N PRO A 52 -3.78 2.25 17.28
CA PRO A 52 -4.30 1.06 17.97
C PRO A 52 -5.04 0.10 17.04
N PHE A 53 -5.13 -1.16 17.46
CA PHE A 53 -5.84 -2.18 16.68
C PHE A 53 -7.18 -2.48 17.33
N SER A 54 -8.16 -1.62 17.08
CA SER A 54 -9.50 -1.80 17.64
C SER A 54 -10.43 -2.54 16.68
N TYR A 55 -9.97 -2.77 15.46
CA TYR A 55 -10.76 -3.47 14.45
C TYR A 55 -10.29 -4.91 14.26
N GLY A 56 -9.32 -5.32 15.07
CA GLY A 56 -8.81 -6.68 14.97
C GLY A 56 -7.67 -6.91 15.94
N ASP A 57 -7.25 -8.17 16.09
CA ASP A 57 -6.16 -8.50 17.00
C ASP A 57 -4.83 -8.53 16.25
N VAL A 58 -3.98 -7.55 16.53
CA VAL A 58 -2.67 -7.46 15.88
C VAL A 58 -1.83 -8.72 16.18
N GLN A 59 -2.06 -9.31 17.35
CA GLN A 59 -1.34 -10.51 17.77
C GLN A 59 -1.68 -11.70 16.86
N GLU A 60 -2.94 -11.81 16.46
CA GLU A 60 -3.35 -12.93 15.61
C GLU A 60 -2.81 -12.76 14.20
N LEU A 61 -2.75 -11.50 13.73
CA LEU A 61 -2.26 -11.20 12.39
C LEU A 61 -0.77 -11.51 12.24
N VAL A 62 0.02 -11.09 13.24
CA VAL A 62 1.46 -11.33 13.21
C VAL A 62 1.77 -12.83 13.29
N ASP A 63 0.99 -13.54 14.12
CA ASP A 63 1.16 -14.99 14.28
C ASP A 63 0.89 -15.71 12.97
N GLN A 64 -0.19 -15.34 12.30
CA GLN A 64 -0.56 -15.96 11.03
C GLN A 64 0.48 -15.68 9.95
N LEU A 65 0.98 -14.44 9.91
CA LEU A 65 1.99 -14.06 8.94
C LEU A 65 3.28 -14.84 9.15
N ARG A 66 3.65 -15.02 10.42
CA ARG A 66 4.85 -15.77 10.79
C ARG A 66 4.76 -17.23 10.32
N GLN A 67 3.56 -17.79 10.43
CA GLN A 67 3.31 -19.17 10.02
C GLN A 67 3.46 -19.35 8.51
N ARG A 68 3.05 -18.34 7.75
CA ARG A 68 3.10 -18.40 6.30
C ARG A 68 4.45 -17.94 5.75
N CYS A 69 5.01 -16.88 6.33
CA CYS A 69 6.30 -16.35 5.88
C CYS A 69 7.31 -16.29 7.01
N THR A 70 8.54 -16.71 6.74
CA THR A 70 9.61 -16.69 7.73
C THR A 70 10.08 -15.26 7.99
N PRO A 71 10.71 -15.00 9.16
CA PRO A 71 11.21 -13.66 9.50
C PRO A 71 12.14 -13.06 8.45
N GLU A 72 12.97 -13.88 7.83
CA GLU A 72 13.88 -13.41 6.80
C GLU A 72 13.13 -13.11 5.50
N GLN A 73 12.08 -13.89 5.22
CA GLN A 73 11.29 -13.70 4.01
C GLN A 73 10.43 -12.43 4.11
N LEU A 74 9.89 -12.17 5.29
CA LEU A 74 9.06 -11.00 5.52
C LEU A 74 9.22 -10.50 6.95
N LYS A 75 9.42 -9.19 7.10
CA LYS A 75 9.60 -8.61 8.42
C LYS A 75 8.34 -7.88 8.87
N ILE A 76 8.07 -7.93 10.18
CA ILE A 76 6.89 -7.29 10.74
C ILE A 76 7.28 -6.03 11.53
N PHE A 77 6.70 -4.89 11.17
CA PHE A 77 6.97 -3.64 11.86
C PHE A 77 5.69 -3.09 12.48
N ILE A 78 5.78 -2.64 13.73
CA ILE A 78 4.60 -2.09 14.41
C ILE A 78 4.84 -0.64 14.82
N LEU A 79 3.88 0.21 14.47
CA LEU A 79 3.98 1.63 14.77
C LEU A 79 3.16 1.99 16.00
N GLY A 80 3.78 2.72 16.93
CA GLY A 80 3.09 3.14 18.14
C GLY A 80 2.85 2.01 19.12
N SER A 81 3.70 0.99 19.09
CA SER A 81 3.58 -0.15 19.99
C SER A 81 3.96 0.23 21.42
N LYS A 82 3.44 -0.54 22.38
CA LYS A 82 3.72 -0.32 23.79
C LYS A 82 5.21 -0.55 24.10
N GLY A 83 5.76 -1.61 23.51
CA GLY A 83 7.15 -1.93 23.72
C GLY A 83 7.60 -3.09 22.84
N ASN A 84 8.78 -3.63 23.12
CA ASN A 84 9.32 -4.75 22.34
C ASN A 84 8.43 -5.98 22.48
N TYR A 85 8.04 -6.56 21.36
CA TYR A 85 7.19 -7.74 21.35
C TYR A 85 7.84 -8.87 20.54
N GLN A 86 7.83 -10.07 21.11
CA GLN A 86 8.42 -11.24 20.45
C GLN A 86 7.71 -11.55 19.14
N GLY A 87 8.49 -11.81 18.09
CA GLY A 87 7.92 -12.10 16.79
C GLY A 87 7.90 -10.89 15.88
N VAL A 88 8.29 -9.75 16.44
CA VAL A 88 8.32 -8.50 15.68
C VAL A 88 9.77 -8.08 15.43
N ASP A 89 10.10 -7.84 14.16
CA ASP A 89 11.47 -7.46 13.78
C ASP A 89 11.87 -6.13 14.39
N ARG A 90 10.99 -5.14 14.32
CA ARG A 90 11.28 -3.81 14.87
C ARG A 90 10.00 -3.02 15.06
N TYR A 91 10.02 -2.11 16.03
CA TYR A 91 8.87 -1.26 16.32
C TYR A 91 9.24 0.21 16.14
N ILE A 92 8.27 1.02 15.74
CA ILE A 92 8.52 2.45 15.53
C ILE A 92 7.96 3.26 16.70
N PRO A 93 8.85 3.90 17.49
CA PRO A 93 8.44 4.72 18.64
C PRO A 93 7.82 6.05 18.22
N LEU A 94 6.97 6.59 19.09
CA LEU A 94 6.31 7.86 18.83
C LEU A 94 6.85 8.95 19.77
N PRO A 95 6.69 10.25 19.41
CA PRO A 95 6.02 10.69 18.17
C PRO A 95 6.73 10.25 16.91
N ILE A 96 5.96 10.05 15.84
CA ILE A 96 6.50 9.60 14.57
C ILE A 96 6.99 10.78 13.72
N HIS A 97 8.23 10.68 13.27
CA HIS A 97 8.82 11.70 12.41
C HIS A 97 9.19 11.08 11.07
N PRO A 98 9.11 11.86 9.98
CA PRO A 98 9.42 11.35 8.62
C PRO A 98 10.79 10.68 8.50
N GLU A 99 11.84 11.42 8.85
CA GLU A 99 13.19 10.91 8.78
C GLU A 99 13.39 9.76 9.76
N SER A 100 12.81 9.90 10.95
CA SER A 100 12.93 8.88 11.99
C SER A 100 12.31 7.56 11.55
N PHE A 101 11.10 7.63 11.00
CA PHE A 101 10.40 6.44 10.52
C PHE A 101 11.20 5.74 9.42
N LEU A 102 11.64 6.51 8.43
CA LEU A 102 12.40 5.98 7.31
C LEU A 102 13.71 5.33 7.78
N GLN A 103 14.43 5.99 8.69
CA GLN A 103 15.69 5.48 9.18
C GLN A 103 15.49 4.17 9.95
N GLN A 104 14.46 4.12 10.80
CA GLN A 104 14.19 2.93 11.60
C GLN A 104 13.76 1.74 10.74
N VAL A 105 12.91 2.00 9.75
CA VAL A 105 12.45 0.92 8.87
C VAL A 105 13.60 0.41 7.98
N THR A 106 14.44 1.33 7.52
CA THR A 106 15.59 0.96 6.69
C THR A 106 16.57 0.11 7.48
N MET A 107 16.82 0.53 8.72
CA MET A 107 17.74 -0.18 9.62
C MET A 107 17.24 -1.60 9.89
N GLY A 108 15.94 -1.74 10.12
CA GLY A 108 15.38 -3.07 10.37
C GLY A 108 15.46 -3.98 9.16
N LEU A 109 15.54 -3.39 7.97
CA LEU A 109 15.60 -4.17 6.73
C LEU A 109 17.04 -4.52 6.34
N THR A 110 18.03 -4.09 7.13
CA THR A 110 19.42 -4.37 6.83
C THR A 110 19.73 -5.87 6.90
N SER A 111 18.98 -6.59 7.73
CA SER A 111 19.17 -8.03 7.86
C SER A 111 18.82 -8.73 6.54
N LEU A 112 17.73 -8.27 5.91
CA LEU A 112 17.30 -8.82 4.62
C LEU A 112 18.30 -8.50 3.52
N ALA A 113 18.74 -7.24 3.47
CA ALA A 113 19.70 -6.77 2.48
C ALA A 113 20.45 -5.55 2.99
N THR A 114 21.66 -5.34 2.49
CA THR A 114 22.47 -4.20 2.92
C THR A 114 21.91 -2.89 2.36
N SER A 115 22.10 -1.81 3.12
CA SER A 115 21.62 -0.49 2.71
C SER A 115 22.30 0.59 3.54
N ALA A 116 21.84 1.83 3.40
CA ALA A 116 22.41 2.95 4.14
C ALA A 116 21.42 3.47 5.18
N GLN A 117 21.90 3.71 6.39
CA GLN A 117 21.05 4.20 7.47
C GLN A 117 21.61 5.49 8.07
N MET B 1 11.31 22.80 1.07
CA MET B 1 11.22 23.31 -0.32
C MET B 1 11.43 22.18 -1.32
N ALA B 2 11.64 20.97 -0.81
CA ALA B 2 11.86 19.81 -1.64
C ALA B 2 10.55 19.03 -1.85
N PRO B 3 10.07 18.93 -3.10
CA PRO B 3 8.83 18.21 -3.43
C PRO B 3 9.02 16.69 -3.46
N LEU B 4 9.37 16.12 -2.31
CA LEU B 4 9.58 14.69 -2.20
C LEU B 4 8.39 14.00 -1.55
N ARG B 5 7.27 14.70 -1.50
CA ARG B 5 6.05 14.17 -0.90
C ARG B 5 4.87 14.30 -1.87
N LYS B 6 5.15 14.19 -3.17
CA LYS B 6 4.12 14.31 -4.18
C LYS B 6 3.83 12.98 -4.87
N THR B 7 2.78 12.30 -4.40
CA THR B 7 2.37 11.02 -4.97
C THR B 7 0.88 11.01 -5.26
N ALA B 8 0.43 10.13 -6.14
CA ALA B 8 -0.98 10.03 -6.49
C ALA B 8 -1.65 8.92 -5.67
N VAL B 9 -2.89 9.18 -5.25
CA VAL B 9 -3.62 8.22 -4.45
C VAL B 9 -4.65 7.46 -5.29
N LEU B 10 -4.35 6.20 -5.58
CA LEU B 10 -5.24 5.33 -6.34
C LEU B 10 -5.94 4.36 -5.39
N LYS B 11 -7.28 4.33 -5.41
CA LYS B 11 -8.02 3.44 -4.53
C LYS B 11 -8.71 2.31 -5.30
N LEU B 12 -8.77 1.15 -4.64
CA LEU B 12 -9.40 -0.03 -5.22
C LEU B 12 -10.44 -0.60 -4.26
N TYR B 13 -11.68 -0.68 -4.72
CA TYR B 13 -12.75 -1.23 -3.91
C TYR B 13 -13.03 -2.68 -4.32
N VAL B 14 -12.95 -3.59 -3.36
CA VAL B 14 -13.18 -5.01 -3.60
C VAL B 14 -14.01 -5.63 -2.48
N ALA B 15 -14.48 -6.86 -2.70
CA ALA B 15 -15.29 -7.53 -1.70
C ALA B 15 -14.94 -9.01 -1.61
N GLY B 16 -14.81 -9.51 -0.38
CA GLY B 16 -14.51 -10.90 -0.16
C GLY B 16 -13.03 -11.23 -0.24
N ASN B 17 -12.71 -12.47 0.13
CA ASN B 17 -11.33 -12.95 0.11
C ASN B 17 -11.19 -14.06 -0.94
N THR B 18 -12.08 -14.04 -1.92
CA THR B 18 -12.10 -15.04 -2.99
C THR B 18 -10.89 -14.88 -3.91
N PRO B 19 -10.53 -15.95 -4.65
CA PRO B 19 -9.38 -15.95 -5.58
C PRO B 19 -9.43 -14.81 -6.59
N ASN B 20 -10.63 -14.47 -7.06
CA ASN B 20 -10.79 -13.41 -8.05
C ASN B 20 -10.29 -12.08 -7.49
N SER B 21 -10.63 -11.80 -6.24
CA SER B 21 -10.20 -10.57 -5.58
C SER B 21 -8.69 -10.60 -5.33
N VAL B 22 -8.21 -11.79 -4.94
CA VAL B 22 -6.80 -12.01 -4.65
C VAL B 22 -5.93 -11.81 -5.90
N ARG B 23 -6.35 -12.42 -7.01
CA ARG B 23 -5.61 -12.32 -8.27
C ARG B 23 -5.58 -10.90 -8.82
N ALA B 24 -6.68 -10.16 -8.66
CA ALA B 24 -6.76 -8.79 -9.17
C ALA B 24 -5.68 -7.92 -8.55
N LEU B 25 -5.45 -8.11 -7.25
CA LEU B 25 -4.42 -7.35 -6.54
C LEU B 25 -3.04 -7.63 -7.13
N LYS B 26 -2.78 -8.89 -7.43
CA LYS B 26 -1.50 -9.31 -8.00
C LYS B 26 -1.25 -8.68 -9.37
N THR B 27 -2.28 -8.61 -10.20
CA THR B 27 -2.15 -8.02 -11.52
C THR B 27 -1.91 -6.52 -11.44
N LEU B 28 -2.64 -5.85 -10.54
CA LEU B 28 -2.50 -4.41 -10.36
C LEU B 28 -1.13 -4.06 -9.77
N ALA B 29 -0.69 -4.84 -8.79
CA ALA B 29 0.59 -4.59 -8.13
C ALA B 29 1.76 -4.74 -9.10
N ASN B 30 1.72 -5.78 -9.92
CA ASN B 30 2.79 -6.03 -10.89
C ASN B 30 2.90 -4.90 -11.90
N ILE B 31 1.76 -4.49 -12.44
CA ILE B 31 1.73 -3.42 -13.43
C ILE B 31 2.12 -2.08 -12.79
N LEU B 32 1.61 -1.84 -11.59
CA LEU B 32 1.88 -0.61 -10.87
C LEU B 32 3.36 -0.49 -10.52
N GLU B 33 3.91 -1.56 -9.95
CA GLU B 33 5.31 -1.61 -9.54
C GLU B 33 6.30 -1.63 -10.72
N LYS B 34 5.97 -2.40 -11.76
CA LYS B 34 6.88 -2.55 -12.89
C LYS B 34 6.83 -1.40 -13.90
N GLU B 35 5.64 -0.88 -14.21
CA GLU B 35 5.53 0.17 -15.21
C GLU B 35 5.71 1.58 -14.65
N PHE B 36 5.01 1.92 -13.57
CA PHE B 36 5.11 3.26 -13.00
C PHE B 36 5.32 3.25 -11.49
N LYS B 37 6.49 2.80 -11.06
CA LYS B 37 6.82 2.72 -9.64
C LYS B 37 7.25 4.08 -9.06
N GLY B 38 6.69 4.44 -7.91
CA GLY B 38 7.07 5.69 -7.25
C GLY B 38 6.21 6.90 -7.57
N VAL B 39 5.31 6.78 -8.55
CA VAL B 39 4.46 7.91 -8.90
C VAL B 39 3.11 7.87 -8.17
N TYR B 40 2.65 6.67 -7.83
CA TYR B 40 1.39 6.51 -7.14
C TYR B 40 1.36 5.26 -6.27
N ALA B 41 0.39 5.20 -5.39
CA ALA B 41 0.21 4.08 -4.48
C ALA B 41 -1.20 3.50 -4.63
N LEU B 42 -1.37 2.24 -4.24
CA LEU B 42 -2.67 1.59 -4.37
C LEU B 42 -3.29 1.29 -3.00
N LYS B 43 -4.46 1.86 -2.76
CA LYS B 43 -5.19 1.62 -1.52
C LYS B 43 -6.30 0.61 -1.77
N VAL B 44 -6.44 -0.39 -0.89
CA VAL B 44 -7.45 -1.42 -1.07
C VAL B 44 -8.48 -1.41 0.06
N ILE B 45 -9.75 -1.31 -0.30
CA ILE B 45 -10.83 -1.27 0.68
C ILE B 45 -11.83 -2.42 0.49
N ASP B 46 -12.18 -3.08 1.59
CA ASP B 46 -13.15 -4.18 1.55
C ASP B 46 -14.55 -3.65 1.81
N VAL B 47 -15.35 -3.54 0.76
CA VAL B 47 -16.71 -3.02 0.88
C VAL B 47 -17.70 -4.09 1.33
N LEU B 48 -17.28 -5.36 1.25
CA LEU B 48 -18.17 -6.46 1.66
C LEU B 48 -18.45 -6.43 3.16
N LYS B 49 -17.42 -6.22 3.97
CA LYS B 49 -17.57 -6.17 5.42
C LYS B 49 -18.28 -4.90 5.88
N ASN B 50 -18.16 -3.84 5.08
CA ASN B 50 -18.76 -2.56 5.40
C ASN B 50 -19.49 -2.02 4.16
N PRO B 51 -20.75 -2.44 3.97
CA PRO B 51 -21.58 -2.05 2.81
C PRO B 51 -21.75 -0.55 2.63
N GLN B 52 -21.83 0.19 3.73
CA GLN B 52 -22.00 1.64 3.66
C GLN B 52 -20.82 2.35 2.99
N LEU B 53 -19.62 1.73 2.99
CA LEU B 53 -18.47 2.35 2.34
C LEU B 53 -18.72 2.48 0.84
N ALA B 54 -19.29 1.42 0.25
CA ALA B 54 -19.61 1.42 -1.17
C ALA B 54 -20.73 2.41 -1.47
N GLU B 55 -21.71 2.46 -0.57
CA GLU B 55 -22.86 3.37 -0.71
C GLU B 55 -22.41 4.83 -0.65
N GLU B 56 -21.40 5.09 0.18
CA GLU B 56 -20.88 6.44 0.35
C GLU B 56 -20.28 6.95 -0.96
N ASP B 57 -19.59 6.08 -1.68
CA ASP B 57 -18.97 6.45 -2.95
C ASP B 57 -19.86 6.08 -4.14
N LYS B 58 -21.11 5.69 -3.83
CA LYS B 58 -22.10 5.30 -4.85
C LYS B 58 -21.59 4.20 -5.77
N ILE B 59 -20.96 3.18 -5.19
CA ILE B 59 -20.43 2.07 -5.95
C ILE B 59 -21.24 0.79 -5.72
N LEU B 60 -21.78 0.23 -6.80
CA LEU B 60 -22.59 -0.98 -6.70
C LEU B 60 -21.91 -2.19 -7.36
N ALA B 61 -20.67 -2.03 -7.82
CA ALA B 61 -19.96 -3.13 -8.47
C ALA B 61 -18.47 -3.11 -8.14
N THR B 62 -17.89 -4.31 -8.02
CA THR B 62 -16.47 -4.46 -7.71
C THR B 62 -15.83 -5.52 -8.60
N PRO B 63 -14.50 -5.46 -8.82
CA PRO B 63 -13.62 -4.40 -8.27
C PRO B 63 -13.84 -3.04 -8.91
N THR B 64 -13.61 -1.98 -8.14
CA THR B 64 -13.77 -0.62 -8.64
C THR B 64 -12.50 0.19 -8.40
N LEU B 65 -11.99 0.81 -9.45
CA LEU B 65 -10.78 1.61 -9.34
C LEU B 65 -11.16 3.10 -9.23
N ALA B 66 -10.75 3.74 -8.14
CA ALA B 66 -11.08 5.14 -7.90
C ALA B 66 -9.85 6.04 -7.84
N LYS B 67 -9.97 7.21 -8.44
CA LYS B 67 -8.91 8.22 -8.45
C LYS B 67 -9.29 9.35 -7.49
N VAL B 68 -8.44 9.60 -6.50
CA VAL B 68 -8.72 10.66 -5.53
C VAL B 68 -7.80 11.85 -5.73
N LEU B 69 -6.49 11.63 -5.64
CA LEU B 69 -5.52 12.71 -5.81
C LEU B 69 -4.43 12.31 -6.79
N PRO B 70 -3.95 13.24 -7.62
CA PRO B 70 -4.44 14.62 -7.66
C PRO B 70 -5.78 14.73 -8.42
N PRO B 71 -6.57 15.77 -8.14
CA PRO B 71 -7.87 15.99 -8.81
C PRO B 71 -7.70 16.46 -10.25
N PRO B 72 -8.77 16.41 -11.08
CA PRO B 72 -10.11 15.95 -10.66
C PRO B 72 -10.20 14.45 -10.41
N VAL B 73 -11.19 14.05 -9.60
CA VAL B 73 -11.40 12.65 -9.27
C VAL B 73 -12.06 11.90 -10.43
N ARG B 74 -11.85 10.59 -10.47
CA ARG B 74 -12.42 9.76 -11.53
C ARG B 74 -12.66 8.34 -11.03
N ARG B 75 -13.61 7.65 -11.64
CA ARG B 75 -13.93 6.28 -11.24
C ARG B 75 -13.94 5.36 -12.46
N ILE B 76 -13.26 4.23 -12.35
CA ILE B 76 -13.20 3.27 -13.45
C ILE B 76 -13.86 1.95 -13.05
N ILE B 77 -14.86 1.54 -13.83
CA ILE B 77 -15.58 0.31 -13.57
C ILE B 77 -15.36 -0.68 -14.71
N GLY B 78 -14.87 -1.87 -14.38
CA GLY B 78 -14.63 -2.88 -15.39
C GLY B 78 -13.99 -4.12 -14.82
N ASP B 79 -13.51 -5.00 -15.69
CA ASP B 79 -12.86 -6.23 -15.23
C ASP B 79 -11.37 -6.00 -15.02
N LEU B 80 -10.99 -5.82 -13.75
CA LEU B 80 -9.58 -5.59 -13.41
C LEU B 80 -8.82 -6.91 -13.28
N SER B 81 -9.55 -8.02 -13.36
CA SER B 81 -8.94 -9.34 -13.27
C SER B 81 -8.03 -9.59 -14.47
N ASN B 82 -8.40 -9.01 -15.61
CA ASN B 82 -7.61 -9.16 -16.84
C ASN B 82 -6.48 -8.14 -16.87
N ARG B 83 -5.24 -8.64 -16.89
CA ARG B 83 -4.04 -7.80 -16.91
C ARG B 83 -4.02 -6.91 -18.15
N GLU B 84 -4.47 -7.44 -19.29
CA GLU B 84 -4.49 -6.68 -20.53
C GLU B 84 -5.32 -5.39 -20.40
N LYS B 85 -6.50 -5.51 -19.79
CA LYS B 85 -7.38 -4.37 -19.59
C LYS B 85 -6.81 -3.38 -18.58
N VAL B 86 -6.10 -3.89 -17.58
CA VAL B 86 -5.51 -3.04 -16.55
C VAL B 86 -4.53 -2.05 -17.19
N LEU B 87 -3.71 -2.55 -18.12
CA LEU B 87 -2.74 -1.69 -18.82
C LEU B 87 -3.48 -0.55 -19.54
N ILE B 88 -4.62 -0.90 -20.12
CA ILE B 88 -5.44 0.06 -20.85
C ILE B 88 -5.95 1.21 -19.97
N ALA B 89 -6.51 0.87 -18.81
CA ALA B 89 -7.07 1.89 -17.90
C ALA B 89 -6.05 2.53 -16.94
N LEU B 90 -5.20 1.70 -16.34
CA LEU B 90 -4.23 2.18 -15.36
C LEU B 90 -3.18 3.12 -15.95
N ARG B 91 -2.70 2.79 -17.16
CA ARG B 91 -1.68 3.61 -17.81
C ARG B 91 -2.18 5.03 -18.09
N LEU B 92 -3.46 5.16 -18.42
CA LEU B 92 -4.05 6.48 -18.69
C LEU B 92 -3.94 7.36 -17.44
N LEU B 93 -4.16 6.76 -16.27
CA LEU B 93 -4.06 7.46 -15.00
C LEU B 93 -2.63 7.93 -14.77
N ALA B 94 -1.68 7.07 -15.15
CA ALA B 94 -0.25 7.36 -15.00
C ALA B 94 0.16 8.57 -15.82
N GLU B 95 -0.42 8.71 -17.01
CA GLU B 95 -0.12 9.83 -17.89
C GLU B 95 -0.48 11.15 -17.22
N GLU B 96 -1.60 11.18 -16.51
CA GLU B 96 -2.06 12.38 -15.82
C GLU B 96 -1.05 12.83 -14.76
N ILE B 97 -0.54 11.89 -13.96
CA ILE B 97 0.43 12.22 -12.91
C ILE B 97 1.82 12.47 -13.51
N GLY B 98 2.13 11.79 -14.62
CA GLY B 98 3.42 11.95 -15.26
C GLY B 98 3.58 13.31 -15.93
N ASP B 99 2.46 13.96 -16.22
CA ASP B 99 2.48 15.27 -16.88
C ASP B 99 2.69 16.38 -15.85
N TYR B 100 3.92 16.51 -15.36
CA TYR B 100 4.25 17.53 -14.38
C TYR B 100 5.46 18.34 -14.84
N LYS B 101 5.31 19.66 -14.86
CA LYS B 101 6.39 20.55 -15.28
C LYS B 101 6.83 21.43 -14.12
N ASP B 102 8.14 21.41 -13.83
CA ASP B 102 8.70 22.21 -12.74
C ASP B 102 8.54 23.71 -13.03
N ASP B 103 8.76 24.09 -14.29
CA ASP B 103 8.65 25.49 -14.73
C ASP B 103 9.57 26.43 -13.94
N ASP B 104 10.85 26.07 -13.88
CA ASP B 104 11.83 26.88 -13.15
C ASP B 104 12.51 27.89 -14.07
N ASP B 105 12.01 28.00 -15.30
CA ASP B 105 12.58 28.93 -16.26
C ASP B 105 11.90 30.29 -16.18
N LYS B 106 12.56 31.25 -15.55
CA LYS B 106 12.02 32.59 -15.40
C LYS B 106 12.96 33.63 -16.00
N GLU A 1 11.00 -6.38 -4.65
CA GLU A 1 12.21 -6.17 -3.80
C GLU A 1 12.04 -4.94 -2.93
N GLY A 2 11.23 -3.99 -3.40
CA GLY A 2 11.00 -2.77 -2.65
C GLY A 2 9.53 -2.55 -2.35
N ARG A 3 8.79 -3.64 -2.18
CA ARG A 3 7.36 -3.56 -1.91
C ARG A 3 7.06 -3.63 -0.41
N ILE A 4 6.29 -2.66 0.07
CA ILE A 4 5.91 -2.57 1.47
C ILE A 4 4.38 -2.44 1.61
N VAL A 5 3.77 -3.25 2.46
CA VAL A 5 2.32 -3.17 2.65
C VAL A 5 2.00 -2.57 4.02
N LEU A 6 1.21 -1.51 4.00
CA LEU A 6 0.81 -0.82 5.22
C LEU A 6 -0.64 -1.15 5.56
N VAL A 7 -0.86 -1.67 6.76
CA VAL A 7 -2.20 -2.01 7.19
C VAL A 7 -2.59 -1.13 8.38
N SER A 8 -3.48 -0.18 8.12
CA SER A 8 -3.95 0.72 9.16
C SER A 8 -5.30 1.32 8.79
N GLU A 9 -6.19 1.43 9.78
CA GLU A 9 -7.51 2.01 9.57
C GLU A 9 -7.44 3.54 9.64
N ASP A 10 -6.33 4.06 10.12
CA ASP A 10 -6.14 5.51 10.25
C ASP A 10 -5.61 6.08 8.93
N GLU A 11 -6.48 6.81 8.23
CA GLU A 11 -6.14 7.40 6.95
C GLU A 11 -5.00 8.42 7.04
N ALA A 12 -5.01 9.25 8.08
CA ALA A 12 -3.98 10.27 8.26
C ALA A 12 -2.58 9.68 8.40
N THR A 13 -2.46 8.64 9.23
CA THR A 13 -1.18 7.98 9.46
C THR A 13 -0.72 7.24 8.19
N SER A 14 -1.66 6.55 7.55
CA SER A 14 -1.37 5.78 6.35
C SER A 14 -0.90 6.68 5.20
N THR A 15 -1.55 7.83 5.04
CA THR A 15 -1.18 8.77 3.98
C THR A 15 0.25 9.27 4.17
N LEU A 16 0.58 9.62 5.42
CA LEU A 16 1.91 10.12 5.76
C LEU A 16 2.98 9.06 5.50
N ILE A 17 2.72 7.84 5.97
CA ILE A 17 3.67 6.73 5.82
C ILE A 17 3.89 6.36 4.36
N CYS A 18 2.80 6.28 3.59
CA CYS A 18 2.90 5.90 2.18
C CYS A 18 3.71 6.93 1.40
N SER A 19 3.49 8.20 1.69
CA SER A 19 4.20 9.27 0.99
C SER A 19 5.70 9.20 1.28
N ILE A 20 6.05 8.99 2.54
CA ILE A 20 7.46 8.91 2.95
C ILE A 20 8.20 7.75 2.28
N LEU A 21 7.61 6.56 2.33
CA LEU A 21 8.22 5.38 1.74
C LEU A 21 8.23 5.40 0.20
N THR A 22 7.13 5.88 -0.39
CA THR A 22 7.01 5.93 -1.85
C THR A 22 8.03 6.88 -2.47
N THR A 23 8.19 8.07 -1.88
CA THR A 23 9.13 9.06 -2.41
C THR A 23 10.59 8.58 -2.30
N ALA A 24 10.81 7.53 -1.49
CA ALA A 24 12.14 6.98 -1.30
C ALA A 24 12.46 5.93 -2.37
N GLY A 25 11.52 5.70 -3.29
CA GLY A 25 11.74 4.74 -4.35
C GLY A 25 11.12 3.38 -4.04
N TYR A 26 10.37 3.31 -2.95
CA TYR A 26 9.72 2.06 -2.55
C TYR A 26 8.25 2.06 -2.97
N GLN A 27 7.70 0.87 -3.17
CA GLN A 27 6.32 0.74 -3.57
C GLN A 27 5.48 0.28 -2.38
N VAL A 28 4.57 1.13 -1.93
CA VAL A 28 3.74 0.80 -0.77
C VAL A 28 2.28 0.58 -1.13
N ILE A 29 1.73 -0.53 -0.63
CA ILE A 29 0.33 -0.86 -0.85
C ILE A 29 -0.43 -0.77 0.48
N TRP A 30 -1.47 0.05 0.49
CA TRP A 30 -2.31 0.24 1.67
C TRP A 30 -3.53 -0.66 1.58
N LEU A 31 -3.63 -1.60 2.50
CA LEU A 31 -4.74 -2.55 2.51
C LEU A 31 -5.48 -2.49 3.84
N VAL A 32 -6.78 -2.75 3.82
CA VAL A 32 -7.60 -2.74 5.02
C VAL A 32 -7.31 -3.98 5.87
N ASP A 33 -7.45 -3.83 7.19
CA ASP A 33 -7.16 -4.93 8.13
C ASP A 33 -8.23 -6.03 8.13
N GLY A 34 -7.82 -7.21 8.61
CA GLY A 34 -8.73 -8.34 8.70
C GLY A 34 -8.55 -9.40 7.62
N GLU A 35 -7.86 -9.06 6.53
CA GLU A 35 -7.68 -10.03 5.45
C GLU A 35 -6.22 -10.44 5.23
N VAL A 36 -5.79 -11.50 5.91
CA VAL A 36 -4.42 -11.99 5.76
C VAL A 36 -4.21 -12.66 4.40
N GLU A 37 -5.19 -13.44 3.94
CA GLU A 37 -5.07 -14.11 2.64
C GLU A 37 -4.91 -13.07 1.53
N ARG A 38 -5.62 -11.96 1.65
CA ARG A 38 -5.52 -10.89 0.68
C ARG A 38 -4.13 -10.26 0.77
N LEU A 39 -3.60 -10.17 1.99
CA LEU A 39 -2.26 -9.64 2.23
C LEU A 39 -1.21 -10.55 1.59
N LEU A 40 -1.47 -11.86 1.64
CA LEU A 40 -0.56 -12.86 1.07
C LEU A 40 -0.41 -12.65 -0.43
N ALA A 41 -1.51 -12.28 -1.10
CA ALA A 41 -1.48 -12.03 -2.55
C ALA A 41 -0.48 -10.93 -2.87
N LEU A 42 -0.45 -9.94 -2.00
CA LEU A 42 0.44 -8.80 -2.16
C LEU A 42 1.57 -8.84 -1.14
N THR A 43 1.97 -10.05 -0.72
CA THR A 43 3.02 -10.22 0.29
C THR A 43 4.27 -9.38 -0.02
N PRO A 44 4.55 -8.41 0.88
CA PRO A 44 5.69 -7.50 0.76
C PRO A 44 6.95 -8.04 1.42
N ILE A 45 7.98 -7.19 1.47
CA ILE A 45 9.23 -7.55 2.12
C ILE A 45 9.14 -7.21 3.61
N ALA A 46 8.19 -6.32 3.94
CA ALA A 46 7.97 -5.89 5.31
C ALA A 46 6.51 -5.44 5.50
N VAL A 47 5.97 -5.70 6.69
CA VAL A 47 4.59 -5.33 6.99
C VAL A 47 4.56 -4.28 8.11
N LEU A 48 3.86 -3.18 7.87
CA LEU A 48 3.77 -2.12 8.87
C LEU A 48 2.38 -2.08 9.52
N LEU A 49 2.35 -2.19 10.84
CA LEU A 49 1.11 -2.14 11.60
C LEU A 49 1.15 -0.95 12.56
N ALA A 50 0.08 -0.17 12.60
CA ALA A 50 0.04 1.00 13.48
C ALA A 50 -0.91 0.82 14.65
N GLU A 51 -0.44 1.22 15.83
CA GLU A 51 -1.23 1.14 17.06
C GLU A 51 -2.01 2.43 17.28
N PRO A 52 -3.14 2.38 18.03
CA PRO A 52 -3.69 1.16 18.61
C PRO A 52 -4.52 0.34 17.63
N PHE A 53 -4.78 -0.92 17.97
CA PHE A 53 -5.57 -1.78 17.11
C PHE A 53 -7.07 -1.71 17.46
N SER A 54 -7.72 -0.65 16.99
CA SER A 54 -9.15 -0.46 17.24
C SER A 54 -9.96 -1.58 16.59
N TYR A 55 -9.57 -1.97 15.38
CA TYR A 55 -10.25 -3.04 14.67
C TYR A 55 -9.23 -4.09 14.24
N GLY A 56 -9.39 -5.31 14.75
CA GLY A 56 -8.48 -6.38 14.42
C GLY A 56 -7.36 -6.53 15.43
N ASP A 57 -6.89 -7.75 15.64
CA ASP A 57 -5.81 -8.01 16.59
C ASP A 57 -4.46 -8.08 15.86
N VAL A 58 -3.56 -7.15 16.15
CA VAL A 58 -2.24 -7.13 15.51
C VAL A 58 -1.44 -8.38 15.87
N GLN A 59 -1.64 -8.90 17.09
CA GLN A 59 -0.94 -10.10 17.54
C GLN A 59 -1.36 -11.29 16.68
N GLU A 60 -2.64 -11.33 16.36
CA GLU A 60 -3.20 -12.39 15.52
C GLU A 60 -2.56 -12.32 14.13
N LEU A 61 -2.44 -11.09 13.62
CA LEU A 61 -1.84 -10.86 12.30
C LEU A 61 -0.39 -11.31 12.28
N VAL A 62 0.32 -11.01 13.37
CA VAL A 62 1.72 -11.39 13.50
C VAL A 62 1.85 -12.91 13.48
N ASP A 63 0.98 -13.59 14.24
CA ASP A 63 0.98 -15.04 14.31
C ASP A 63 0.72 -15.66 12.93
N GLN A 64 -0.27 -15.10 12.22
CA GLN A 64 -0.60 -15.60 10.88
C GLN A 64 0.54 -15.38 9.90
N LEU A 65 1.11 -14.17 9.90
CA LEU A 65 2.20 -13.84 8.98
C LEU A 65 3.42 -14.72 9.22
N ARG A 66 3.75 -14.99 10.49
CA ARG A 66 4.88 -15.83 10.83
C ARG A 66 4.68 -17.28 10.38
N GLN A 67 3.44 -17.76 10.46
CA GLN A 67 3.12 -19.12 10.07
C GLN A 67 3.07 -19.27 8.55
N ARG A 68 2.76 -18.17 7.86
CA ARG A 68 2.67 -18.20 6.41
C ARG A 68 4.02 -17.91 5.75
N CYS A 69 4.73 -16.91 6.27
CA CYS A 69 6.03 -16.53 5.74
C CYS A 69 7.09 -16.59 6.83
N THR A 70 8.31 -16.99 6.47
CA THR A 70 9.39 -17.09 7.43
C THR A 70 9.89 -15.71 7.86
N PRO A 71 10.45 -15.60 9.09
CA PRO A 71 10.97 -14.33 9.63
C PRO A 71 12.04 -13.68 8.75
N GLU A 72 12.91 -14.50 8.17
CA GLU A 72 13.98 -13.99 7.31
C GLU A 72 13.44 -13.52 5.95
N GLN A 73 12.24 -13.96 5.60
CA GLN A 73 11.65 -13.57 4.31
C GLN A 73 10.70 -12.38 4.47
N LEU A 74 9.98 -12.32 5.59
CA LEU A 74 9.05 -11.21 5.82
C LEU A 74 9.28 -10.59 7.20
N LYS A 75 9.43 -9.27 7.23
CA LYS A 75 9.66 -8.55 8.48
C LYS A 75 8.38 -7.85 8.94
N ILE A 76 8.20 -7.75 10.25
CA ILE A 76 7.03 -7.10 10.81
C ILE A 76 7.44 -5.90 11.67
N PHE A 77 6.88 -4.73 11.38
CA PHE A 77 7.20 -3.53 12.13
C PHE A 77 5.94 -2.97 12.80
N ILE A 78 6.10 -2.48 14.02
CA ILE A 78 4.98 -1.92 14.77
C ILE A 78 5.18 -0.43 15.04
N LEU A 79 4.20 0.38 14.63
CA LEU A 79 4.25 1.82 14.84
C LEU A 79 3.39 2.20 16.04
N GLY A 80 3.96 2.95 16.97
CA GLY A 80 3.21 3.36 18.14
C GLY A 80 3.94 3.07 19.43
N SER A 81 3.31 2.30 20.31
CA SER A 81 3.91 1.94 21.59
C SER A 81 5.03 0.91 21.40
N LYS A 82 5.87 0.75 22.42
CA LYS A 82 6.98 -0.21 22.35
C LYS A 82 6.46 -1.63 22.19
N GLY A 83 5.37 -1.96 22.88
CA GLY A 83 4.79 -3.29 22.78
C GLY A 83 5.52 -4.33 23.61
N ASN A 84 6.83 -4.46 23.37
CA ASN A 84 7.67 -5.43 24.07
C ASN A 84 7.18 -6.85 23.81
N TYR A 85 6.82 -7.14 22.57
CA TYR A 85 6.34 -8.45 22.18
C TYR A 85 7.27 -9.07 21.15
N GLN A 86 7.40 -10.39 21.18
CA GLN A 86 8.25 -11.11 20.24
C GLN A 86 7.51 -11.36 18.92
N GLY A 87 8.27 -11.59 17.85
CA GLY A 87 7.67 -11.84 16.56
C GLY A 87 7.74 -10.64 15.63
N VAL A 88 8.30 -9.54 16.12
CA VAL A 88 8.44 -8.34 15.30
C VAL A 88 9.91 -7.96 15.14
N ASP A 89 10.25 -7.42 13.98
CA ASP A 89 11.62 -7.02 13.69
C ASP A 89 12.04 -5.76 14.45
N ARG A 90 11.16 -4.77 14.46
CA ARG A 90 11.45 -3.50 15.13
C ARG A 90 10.18 -2.69 15.35
N TYR A 91 10.22 -1.79 16.34
CA TYR A 91 9.07 -0.93 16.64
C TYR A 91 9.44 0.53 16.45
N ILE A 92 8.47 1.34 16.06
CA ILE A 92 8.68 2.78 15.83
C ILE A 92 7.78 3.59 16.78
N PRO A 93 8.34 4.07 17.91
CA PRO A 93 7.60 4.87 18.91
C PRO A 93 7.05 6.19 18.37
N LEU A 94 5.86 6.56 18.83
CA LEU A 94 5.22 7.82 18.43
C LEU A 94 5.48 8.91 19.46
N PRO A 95 5.50 10.20 19.04
CA PRO A 95 5.30 10.61 17.64
C PRO A 95 6.50 10.29 16.76
N ILE A 96 6.26 10.08 15.47
CA ILE A 96 7.33 9.75 14.55
C ILE A 96 7.64 10.91 13.61
N HIS A 97 8.87 10.94 13.13
CA HIS A 97 9.32 11.96 12.19
C HIS A 97 9.58 11.31 10.85
N PRO A 98 9.37 12.04 9.72
CA PRO A 98 9.58 11.47 8.38
C PRO A 98 10.94 10.82 8.19
N GLU A 99 12.00 11.55 8.54
CA GLU A 99 13.36 11.03 8.42
C GLU A 99 13.61 9.89 9.40
N SER A 100 13.08 10.02 10.62
CA SER A 100 13.27 9.01 11.65
C SER A 100 12.62 7.69 11.26
N PHE A 101 11.38 7.76 10.80
CA PHE A 101 10.64 6.56 10.36
C PHE A 101 11.35 5.86 9.22
N LEU A 102 11.74 6.62 8.20
CA LEU A 102 12.41 6.07 7.02
C LEU A 102 13.74 5.41 7.38
N GLN A 103 14.55 6.07 8.22
CA GLN A 103 15.85 5.54 8.60
C GLN A 103 15.71 4.25 9.41
N GLN A 104 14.75 4.21 10.33
CA GLN A 104 14.53 3.03 11.15
C GLN A 104 14.06 1.86 10.30
N VAL A 105 13.14 2.13 9.36
CA VAL A 105 12.62 1.10 8.47
C VAL A 105 13.72 0.58 7.56
N THR A 106 14.53 1.49 7.02
CA THR A 106 15.63 1.14 6.13
C THR A 106 16.62 0.21 6.84
N MET A 107 16.97 0.54 8.08
CA MET A 107 17.89 -0.28 8.86
C MET A 107 17.34 -1.69 9.03
N GLY A 108 16.06 -1.79 9.36
CA GLY A 108 15.43 -3.10 9.50
C GLY A 108 15.42 -3.87 8.18
N LEU A 109 15.15 -3.14 7.09
CA LEU A 109 15.10 -3.72 5.75
C LEU A 109 16.45 -4.26 5.29
N THR A 110 17.54 -3.54 5.63
CA THR A 110 18.88 -3.97 5.22
C THR A 110 19.26 -5.31 5.84
N SER A 111 18.67 -5.65 6.97
CA SER A 111 18.93 -6.93 7.62
C SER A 111 18.40 -8.06 6.74
N LEU A 112 17.22 -7.85 6.16
CA LEU A 112 16.59 -8.82 5.27
C LEU A 112 17.33 -8.93 3.94
N ALA A 113 17.66 -7.78 3.35
CA ALA A 113 18.37 -7.72 2.07
C ALA A 113 18.90 -6.31 1.82
N THR A 114 19.54 -6.11 0.68
CA THR A 114 20.09 -4.80 0.34
C THR A 114 18.99 -3.75 0.18
N SER A 115 17.82 -4.20 -0.29
CA SER A 115 16.66 -3.33 -0.47
C SER A 115 16.98 -2.14 -1.38
N ALA A 116 17.79 -2.38 -2.40
CA ALA A 116 18.19 -1.35 -3.35
C ALA A 116 18.44 -1.94 -4.73
N GLN A 117 18.26 -1.12 -5.76
CA GLN A 117 18.47 -1.54 -7.16
C GLN A 117 17.60 -2.75 -7.50
N MET B 1 8.41 22.54 3.65
CA MET B 1 7.82 22.27 2.31
C MET B 1 7.48 20.79 2.16
N ALA B 2 7.98 19.99 3.10
CA ALA B 2 7.75 18.54 3.12
C ALA B 2 8.05 17.87 1.76
N PRO B 3 9.32 17.95 1.30
CA PRO B 3 9.75 17.37 0.00
C PRO B 3 9.52 15.86 -0.08
N LEU B 4 9.56 15.19 1.07
CA LEU B 4 9.39 13.73 1.14
C LEU B 4 7.91 13.34 1.16
N ARG B 5 7.04 14.27 0.82
CA ARG B 5 5.60 14.01 0.79
C ARG B 5 5.01 14.23 -0.60
N LYS B 6 5.87 14.23 -1.60
CA LYS B 6 5.42 14.46 -2.97
C LYS B 6 5.09 13.14 -3.69
N THR B 7 4.02 12.48 -3.24
CA THR B 7 3.59 11.22 -3.84
C THR B 7 2.10 11.27 -4.16
N ALA B 8 1.66 10.42 -5.08
CA ALA B 8 0.26 10.36 -5.45
C ALA B 8 -0.36 9.06 -4.92
N VAL B 9 -1.62 9.12 -4.53
CA VAL B 9 -2.29 7.94 -3.98
C VAL B 9 -3.32 7.39 -4.97
N LEU B 10 -3.05 6.19 -5.45
CA LEU B 10 -3.94 5.51 -6.38
C LEU B 10 -4.67 4.37 -5.66
N LYS B 11 -5.99 4.45 -5.64
CA LYS B 11 -6.77 3.41 -4.95
C LYS B 11 -7.45 2.49 -5.96
N LEU B 12 -7.65 1.26 -5.57
CA LEU B 12 -8.28 0.27 -6.45
C LEU B 12 -9.29 -0.58 -5.72
N TYR B 13 -10.45 -0.75 -6.33
CA TYR B 13 -11.50 -1.57 -5.78
C TYR B 13 -11.52 -2.90 -6.51
N VAL B 14 -11.34 -3.98 -5.77
CA VAL B 14 -11.29 -5.30 -6.38
C VAL B 14 -12.11 -6.33 -5.61
N ALA B 15 -12.29 -7.49 -6.23
CA ALA B 15 -13.03 -8.58 -5.62
C ALA B 15 -12.12 -9.80 -5.53
N GLY B 16 -11.56 -10.04 -4.35
CA GLY B 16 -10.67 -11.16 -4.18
C GLY B 16 -11.38 -12.48 -3.99
N ASN B 17 -11.24 -13.35 -4.97
CA ASN B 17 -11.87 -14.67 -4.92
C ASN B 17 -11.22 -15.61 -5.92
N THR B 18 -11.45 -15.38 -7.21
CA THR B 18 -10.88 -16.22 -8.26
C THR B 18 -9.41 -15.85 -8.48
N PRO B 19 -8.59 -16.82 -8.94
CA PRO B 19 -7.15 -16.58 -9.18
C PRO B 19 -6.88 -15.42 -10.12
N ASN B 20 -7.71 -15.28 -11.15
CA ASN B 20 -7.55 -14.19 -12.12
C ASN B 20 -7.73 -12.83 -11.46
N SER B 21 -8.73 -12.75 -10.58
CA SER B 21 -9.02 -11.51 -9.86
C SER B 21 -7.92 -11.21 -8.84
N VAL B 22 -7.47 -12.28 -8.17
CA VAL B 22 -6.43 -12.17 -7.16
C VAL B 22 -5.08 -11.77 -7.79
N ARG B 23 -4.79 -12.38 -8.93
CA ARG B 23 -3.54 -12.13 -9.67
C ARG B 23 -3.45 -10.68 -10.18
N ALA B 24 -4.61 -10.03 -10.34
CA ALA B 24 -4.64 -8.65 -10.84
C ALA B 24 -3.83 -7.71 -9.95
N LEU B 25 -3.92 -7.91 -8.63
CA LEU B 25 -3.16 -7.09 -7.68
C LEU B 25 -1.67 -7.29 -7.87
N LYS B 26 -1.28 -8.54 -8.10
CA LYS B 26 0.11 -8.91 -8.30
C LYS B 26 0.66 -8.24 -9.56
N THR B 27 -0.16 -8.21 -10.60
CA THR B 27 0.24 -7.59 -11.87
C THR B 27 0.35 -6.07 -11.72
N LEU B 28 -0.62 -5.49 -11.02
CA LEU B 28 -0.66 -4.04 -10.79
C LEU B 28 0.56 -3.56 -10.03
N ALA B 29 0.90 -4.27 -8.96
CA ALA B 29 2.05 -3.91 -8.12
C ALA B 29 3.35 -3.95 -8.92
N ASN B 30 3.48 -4.95 -9.79
CA ASN B 30 4.68 -5.09 -10.62
C ASN B 30 4.87 -3.90 -11.57
N ILE B 31 3.77 -3.45 -12.16
CA ILE B 31 3.79 -2.34 -13.10
C ILE B 31 4.18 -1.02 -12.42
N LEU B 32 3.58 -0.76 -11.26
CA LEU B 32 3.84 0.48 -10.52
C LEU B 32 5.24 0.48 -9.90
N GLU B 33 5.69 -0.69 -9.47
CA GLU B 33 7.00 -0.82 -8.85
C GLU B 33 8.14 -0.49 -9.82
N LYS B 34 8.02 -0.93 -11.06
CA LYS B 34 9.08 -0.70 -12.04
C LYS B 34 8.84 0.51 -12.95
N GLU B 35 7.69 0.54 -13.63
CA GLU B 35 7.39 1.61 -14.59
C GLU B 35 7.28 3.00 -13.93
N PHE B 36 6.56 3.11 -12.83
CA PHE B 36 6.39 4.42 -12.17
C PHE B 36 6.66 4.34 -10.68
N LYS B 37 7.89 3.99 -10.30
CA LYS B 37 8.27 3.89 -8.90
C LYS B 37 8.50 5.27 -8.29
N GLY B 38 7.98 5.46 -7.08
CA GLY B 38 8.15 6.73 -6.38
C GLY B 38 7.15 7.79 -6.81
N VAL B 39 6.23 7.43 -7.70
CA VAL B 39 5.23 8.38 -8.19
C VAL B 39 3.85 8.09 -7.62
N TYR B 40 3.44 6.82 -7.62
CA TYR B 40 2.11 6.46 -7.13
C TYR B 40 2.16 5.36 -6.05
N ALA B 41 1.29 5.52 -5.05
CA ALA B 41 1.15 4.55 -3.98
C ALA B 41 -0.18 3.85 -4.19
N LEU B 42 -0.27 2.55 -3.87
CA LEU B 42 -1.50 1.81 -4.09
C LEU B 42 -2.31 1.56 -2.82
N LYS B 43 -3.63 1.61 -2.99
CA LYS B 43 -4.57 1.34 -1.92
C LYS B 43 -5.55 0.28 -2.42
N VAL B 44 -5.72 -0.80 -1.67
CA VAL B 44 -6.59 -1.88 -2.12
C VAL B 44 -7.80 -2.09 -1.21
N ILE B 45 -8.99 -1.98 -1.80
CA ILE B 45 -10.23 -2.18 -1.08
C ILE B 45 -11.00 -3.35 -1.69
N ASP B 46 -11.37 -4.31 -0.86
CA ASP B 46 -12.09 -5.49 -1.32
C ASP B 46 -13.60 -5.30 -1.23
N VAL B 47 -14.26 -5.20 -2.38
CA VAL B 47 -15.70 -5.01 -2.42
C VAL B 47 -16.46 -6.33 -2.33
N LEU B 48 -15.73 -7.44 -2.45
CA LEU B 48 -16.34 -8.78 -2.37
C LEU B 48 -16.83 -9.07 -0.95
N LYS B 49 -15.98 -8.78 0.03
CA LYS B 49 -16.32 -9.02 1.43
C LYS B 49 -17.39 -8.03 1.91
N ASN B 50 -17.26 -6.78 1.46
CA ASN B 50 -18.20 -5.73 1.84
C ASN B 50 -18.80 -5.06 0.61
N PRO B 51 -19.86 -5.66 0.04
CA PRO B 51 -20.55 -5.14 -1.17
C PRO B 51 -21.06 -3.72 -1.01
N GLN B 52 -21.41 -3.34 0.23
CA GLN B 52 -21.94 -2.01 0.51
C GLN B 52 -20.92 -0.91 0.19
N LEU B 53 -19.63 -1.24 0.24
CA LEU B 53 -18.59 -0.26 -0.06
C LEU B 53 -18.67 0.18 -1.52
N ALA B 54 -18.94 -0.76 -2.41
CA ALA B 54 -19.05 -0.48 -3.84
C ALA B 54 -20.25 0.44 -4.11
N GLU B 55 -21.34 0.18 -3.41
CA GLU B 55 -22.57 0.97 -3.53
C GLU B 55 -22.36 2.41 -3.06
N GLU B 56 -21.55 2.57 -2.02
CA GLU B 56 -21.26 3.87 -1.43
C GLU B 56 -20.55 4.78 -2.44
N ASP B 57 -19.64 4.22 -3.22
CA ASP B 57 -18.88 5.00 -4.20
C ASP B 57 -19.44 4.80 -5.62
N LYS B 58 -20.62 4.19 -5.72
CA LYS B 58 -21.28 3.93 -7.01
C LYS B 58 -20.34 3.23 -8.00
N ILE B 59 -19.77 2.11 -7.57
CA ILE B 59 -18.86 1.37 -8.42
C ILE B 59 -19.65 0.43 -9.34
N LEU B 60 -19.61 0.74 -10.64
CA LEU B 60 -20.31 -0.04 -11.64
C LEU B 60 -19.70 -1.43 -11.82
N ALA B 61 -18.37 -1.51 -11.85
CA ALA B 61 -17.68 -2.78 -12.05
C ALA B 61 -16.28 -2.76 -11.44
N THR B 62 -15.75 -3.95 -11.15
CA THR B 62 -14.41 -4.10 -10.58
C THR B 62 -13.60 -5.10 -11.41
N PRO B 63 -12.24 -5.00 -11.39
CA PRO B 63 -11.49 -3.99 -10.63
C PRO B 63 -11.68 -2.56 -11.16
N THR B 64 -11.58 -1.59 -10.25
CA THR B 64 -11.72 -0.19 -10.61
C THR B 64 -10.58 0.64 -10.03
N LEU B 65 -9.98 1.49 -10.86
CA LEU B 65 -8.89 2.36 -10.43
C LEU B 65 -9.43 3.74 -10.13
N ALA B 66 -9.12 4.26 -8.94
CA ALA B 66 -9.60 5.57 -8.54
C ALA B 66 -8.47 6.51 -8.11
N LYS B 67 -8.65 7.78 -8.43
CA LYS B 67 -7.68 8.81 -8.09
C LYS B 67 -8.29 9.74 -7.04
N VAL B 68 -7.65 9.85 -5.89
CA VAL B 68 -8.17 10.71 -4.83
C VAL B 68 -7.18 11.80 -4.40
N LEU B 69 -5.90 11.57 -4.62
CA LEU B 69 -4.87 12.55 -4.24
C LEU B 69 -3.61 12.39 -5.08
N PRO B 70 -3.10 13.48 -5.67
CA PRO B 70 -3.70 14.82 -5.58
C PRO B 70 -4.87 15.00 -6.56
N PRO B 71 -5.77 15.96 -6.30
CA PRO B 71 -6.92 16.25 -7.18
C PRO B 71 -6.48 16.81 -8.54
N PRO B 72 -7.38 16.83 -9.55
CA PRO B 72 -8.78 16.38 -9.43
C PRO B 72 -8.95 14.86 -9.37
N VAL B 73 -10.10 14.42 -8.87
CA VAL B 73 -10.39 13.00 -8.75
C VAL B 73 -10.76 12.40 -10.12
N ARG B 74 -10.49 11.12 -10.29
CA ARG B 74 -10.78 10.43 -11.55
C ARG B 74 -10.97 8.94 -11.31
N ARG B 75 -11.82 8.30 -12.12
CA ARG B 75 -12.06 6.87 -11.99
C ARG B 75 -11.90 6.17 -13.34
N ILE B 76 -11.14 5.08 -13.35
CA ILE B 76 -10.90 4.32 -14.57
C ILE B 76 -11.49 2.92 -14.46
N ILE B 77 -12.33 2.55 -15.42
CA ILE B 77 -12.95 1.24 -15.44
C ILE B 77 -12.39 0.40 -16.59
N GLY B 78 -11.85 -0.77 -16.26
CA GLY B 78 -11.30 -1.62 -17.29
C GLY B 78 -10.82 -2.95 -16.73
N ASP B 79 -10.25 -3.79 -17.58
CA ASP B 79 -9.76 -5.10 -17.15
C ASP B 79 -8.30 -5.01 -16.70
N LEU B 80 -8.10 -5.03 -15.39
CA LEU B 80 -6.77 -4.95 -14.78
C LEU B 80 -5.92 -6.18 -15.12
N SER B 81 -6.59 -7.31 -15.32
CA SER B 81 -5.92 -8.57 -15.65
C SER B 81 -5.14 -8.48 -16.96
N ASN B 82 -5.65 -7.68 -17.89
CA ASN B 82 -4.98 -7.50 -19.18
C ASN B 82 -3.86 -6.47 -19.04
N ARG B 83 -2.62 -6.95 -19.18
CA ARG B 83 -1.45 -6.08 -19.05
C ARG B 83 -1.47 -4.94 -20.08
N GLU B 84 -1.98 -5.21 -21.27
CA GLU B 84 -2.04 -4.21 -22.30
C GLU B 84 -2.87 -2.99 -21.84
N LYS B 85 -4.06 -3.26 -21.29
CA LYS B 85 -4.96 -2.19 -20.84
C LYS B 85 -4.48 -1.48 -19.56
N VAL B 86 -3.93 -2.24 -18.61
CA VAL B 86 -3.45 -1.63 -17.36
C VAL B 86 -2.35 -0.61 -17.63
N LEU B 87 -1.49 -0.89 -18.61
CA LEU B 87 -0.44 0.04 -18.98
C LEU B 87 -1.06 1.31 -19.54
N ILE B 88 -2.11 1.14 -20.33
CA ILE B 88 -2.84 2.24 -20.94
C ILE B 88 -3.43 3.16 -19.87
N ALA B 89 -4.05 2.56 -18.87
CA ALA B 89 -4.67 3.31 -17.78
C ALA B 89 -3.64 4.13 -17.01
N LEU B 90 -2.48 3.55 -16.75
CA LEU B 90 -1.41 4.24 -16.03
C LEU B 90 -0.81 5.37 -16.86
N ARG B 91 -0.65 5.14 -18.15
CA ARG B 91 -0.10 6.16 -19.04
C ARG B 91 -1.00 7.39 -19.09
N LEU B 92 -2.31 7.17 -19.09
CA LEU B 92 -3.28 8.25 -19.11
C LEU B 92 -3.15 9.09 -17.83
N LEU B 93 -2.96 8.40 -16.71
CA LEU B 93 -2.81 9.06 -15.41
C LEU B 93 -1.56 9.93 -15.40
N ALA B 94 -0.48 9.42 -16.00
CA ALA B 94 0.79 10.14 -16.07
C ALA B 94 0.65 11.45 -16.84
N GLU B 95 -0.08 11.38 -17.96
CA GLU B 95 -0.31 12.55 -18.80
C GLU B 95 -1.08 13.62 -18.04
N GLU B 96 -2.11 13.19 -17.31
CA GLU B 96 -2.95 14.10 -16.53
C GLU B 96 -2.20 14.67 -15.32
N ILE B 97 -1.43 13.82 -14.64
CA ILE B 97 -0.67 14.26 -13.45
C ILE B 97 0.45 15.23 -13.85
N GLY B 98 0.96 15.08 -15.07
CA GLY B 98 2.02 15.95 -15.55
C GLY B 98 1.49 17.20 -16.21
N ASP B 99 0.16 17.33 -16.26
CA ASP B 99 -0.52 18.47 -16.86
C ASP B 99 -0.09 18.67 -18.32
N TYR B 100 -0.10 17.58 -19.08
CA TYR B 100 0.29 17.64 -20.48
C TYR B 100 -0.94 17.50 -21.38
N LYS B 101 -1.12 18.47 -22.27
CA LYS B 101 -2.26 18.47 -23.19
C LYS B 101 -1.77 18.55 -24.63
N ASP B 102 -2.69 18.89 -25.56
CA ASP B 102 -2.37 19.00 -26.98
C ASP B 102 -1.83 17.68 -27.53
N ASP B 103 -2.54 16.60 -27.24
CA ASP B 103 -2.13 15.26 -27.69
C ASP B 103 -3.36 14.37 -27.84
N ASP B 104 -3.22 13.31 -28.64
CA ASP B 104 -4.32 12.37 -28.86
C ASP B 104 -3.78 11.02 -29.31
N ASP B 105 -4.58 9.97 -29.13
CA ASP B 105 -4.19 8.61 -29.52
C ASP B 105 -3.97 8.51 -31.02
N LYS B 106 -4.86 9.12 -31.79
CA LYS B 106 -4.76 9.10 -33.24
C LYS B 106 -4.70 10.52 -33.81
N GLU A 1 12.82 -0.46 -4.20
CA GLU A 1 13.65 -1.70 -4.11
C GLU A 1 12.82 -2.87 -3.63
N GLY A 2 11.64 -2.56 -3.09
CA GLY A 2 10.75 -3.59 -2.59
C GLY A 2 9.38 -3.07 -2.26
N ARG A 3 8.42 -3.97 -2.08
CA ARG A 3 7.05 -3.59 -1.75
C ARG A 3 6.84 -3.53 -0.25
N ILE A 4 6.11 -2.52 0.20
CA ILE A 4 5.82 -2.34 1.61
C ILE A 4 4.31 -2.20 1.82
N VAL A 5 3.75 -2.97 2.74
CA VAL A 5 2.31 -2.91 3.01
C VAL A 5 2.04 -2.40 4.43
N LEU A 6 1.19 -1.38 4.51
CA LEU A 6 0.83 -0.79 5.79
C LEU A 6 -0.57 -1.24 6.19
N VAL A 7 -0.67 -1.84 7.38
CA VAL A 7 -1.94 -2.32 7.89
C VAL A 7 -2.50 -1.33 8.93
N SER A 8 -3.42 -0.47 8.50
CA SER A 8 -4.03 0.53 9.39
C SER A 8 -5.41 0.93 8.89
N GLU A 9 -6.28 1.32 9.82
CA GLU A 9 -7.64 1.77 9.47
C GLU A 9 -7.67 3.30 9.36
N ASP A 10 -6.64 3.95 9.91
CA ASP A 10 -6.55 5.41 9.89
C ASP A 10 -6.02 5.90 8.55
N GLU A 11 -6.90 6.57 7.80
CA GLU A 11 -6.57 7.09 6.48
C GLU A 11 -5.47 8.15 6.51
N ALA A 12 -5.52 9.05 7.51
CA ALA A 12 -4.52 10.12 7.61
C ALA A 12 -3.11 9.57 7.83
N THR A 13 -2.97 8.61 8.73
CA THR A 13 -1.68 8.00 9.03
C THR A 13 -1.16 7.21 7.83
N SER A 14 -2.05 6.46 7.21
CA SER A 14 -1.68 5.63 6.06
C SER A 14 -1.22 6.46 4.87
N THR A 15 -1.91 7.57 4.61
CA THR A 15 -1.54 8.44 3.49
C THR A 15 -0.16 9.08 3.74
N LEU A 16 0.05 9.50 4.99
CA LEU A 16 1.32 10.13 5.38
C LEU A 16 2.48 9.14 5.23
N ILE A 17 2.29 7.92 5.70
CA ILE A 17 3.30 6.88 5.61
C ILE A 17 3.63 6.52 4.17
N CYS A 18 2.60 6.43 3.34
CA CYS A 18 2.78 6.07 1.93
C CYS A 18 3.65 7.08 1.21
N SER A 19 3.44 8.37 1.44
CA SER A 19 4.23 9.41 0.78
C SER A 19 5.69 9.35 1.19
N ILE A 20 5.96 9.05 2.46
CA ILE A 20 7.33 8.97 2.97
C ILE A 20 8.12 7.83 2.31
N LEU A 21 7.52 6.66 2.23
CA LEU A 21 8.18 5.48 1.65
C LEU A 21 8.10 5.40 0.13
N THR A 22 6.97 5.78 -0.46
CA THR A 22 6.79 5.70 -1.91
C THR A 22 7.77 6.61 -2.66
N THR A 23 7.94 7.84 -2.19
CA THR A 23 8.84 8.79 -2.83
C THR A 23 10.31 8.41 -2.59
N ALA A 24 10.53 7.51 -1.63
CA ALA A 24 11.88 7.06 -1.29
C ALA A 24 12.36 5.96 -2.24
N GLY A 25 11.55 5.62 -3.24
CA GLY A 25 11.92 4.58 -4.20
C GLY A 25 11.21 3.27 -3.93
N TYR A 26 10.50 3.18 -2.82
CA TYR A 26 9.76 1.99 -2.47
C TYR A 26 8.29 2.14 -2.84
N GLN A 27 7.57 1.05 -2.97
CA GLN A 27 6.15 1.14 -3.31
C GLN A 27 5.31 0.58 -2.17
N VAL A 28 4.40 1.40 -1.68
CA VAL A 28 3.55 1.01 -0.57
C VAL A 28 2.12 0.70 -1.02
N ILE A 29 1.63 -0.45 -0.62
CA ILE A 29 0.26 -0.84 -0.95
C ILE A 29 -0.58 -0.78 0.32
N TRP A 30 -1.66 -0.02 0.26
CA TRP A 30 -2.55 0.16 1.39
C TRP A 30 -3.75 -0.77 1.26
N LEU A 31 -3.83 -1.73 2.17
CA LEU A 31 -4.91 -2.70 2.19
C LEU A 31 -5.77 -2.50 3.43
N VAL A 32 -7.07 -2.71 3.31
CA VAL A 32 -7.95 -2.58 4.45
C VAL A 32 -7.79 -3.80 5.37
N ASP A 33 -7.85 -3.53 6.68
CA ASP A 33 -7.61 -4.55 7.71
C ASP A 33 -8.64 -5.69 7.70
N GLY A 34 -8.19 -6.86 8.17
CA GLY A 34 -9.07 -8.02 8.28
C GLY A 34 -8.86 -9.08 7.20
N GLU A 35 -8.08 -8.79 6.16
CA GLU A 35 -7.87 -9.78 5.10
C GLU A 35 -6.43 -10.27 5.01
N VAL A 36 -6.19 -11.49 5.53
CA VAL A 36 -4.86 -12.10 5.49
C VAL A 36 -4.50 -12.53 4.06
N GLU A 37 -5.48 -13.09 3.35
CA GLU A 37 -5.26 -13.53 1.96
C GLU A 37 -4.85 -12.36 1.09
N ARG A 38 -5.46 -11.20 1.36
CA ARG A 38 -5.14 -9.98 0.63
C ARG A 38 -3.68 -9.60 0.89
N LEU A 39 -3.24 -9.82 2.13
CA LEU A 39 -1.87 -9.53 2.54
C LEU A 39 -0.90 -10.50 1.85
N LEU A 40 -1.31 -11.77 1.78
CA LEU A 40 -0.51 -12.81 1.14
C LEU A 40 -0.36 -12.56 -0.35
N ALA A 41 -1.44 -12.09 -0.98
CA ALA A 41 -1.44 -11.79 -2.42
C ALA A 41 -0.38 -10.75 -2.75
N LEU A 42 -0.26 -9.76 -1.88
CA LEU A 42 0.70 -8.69 -2.08
C LEU A 42 1.84 -8.77 -1.07
N THR A 43 2.18 -10.00 -0.66
CA THR A 43 3.25 -10.23 0.33
C THR A 43 4.47 -9.34 0.07
N PRO A 44 4.67 -8.36 0.97
CA PRO A 44 5.77 -7.41 0.89
C PRO A 44 7.05 -7.89 1.55
N ILE A 45 8.08 -7.04 1.54
CA ILE A 45 9.34 -7.36 2.17
C ILE A 45 9.26 -7.04 3.67
N ALA A 46 8.29 -6.21 4.03
CA ALA A 46 8.07 -5.81 5.41
C ALA A 46 6.60 -5.44 5.64
N VAL A 47 6.10 -5.75 6.82
CA VAL A 47 4.70 -5.45 7.16
C VAL A 47 4.66 -4.44 8.30
N LEU A 48 3.94 -3.33 8.09
CA LEU A 48 3.85 -2.28 9.10
C LEU A 48 2.45 -2.25 9.73
N LEU A 49 2.39 -2.41 11.05
CA LEU A 49 1.12 -2.34 11.78
C LEU A 49 1.14 -1.06 12.60
N ALA A 50 0.14 -0.19 12.42
CA ALA A 50 0.14 1.07 13.16
C ALA A 50 -1.16 1.32 13.93
N GLU A 51 -1.01 2.00 15.07
CA GLU A 51 -2.13 2.35 15.92
C GLU A 51 -2.90 3.56 15.35
N PRO A 52 -4.20 3.68 15.67
CA PRO A 52 -4.94 2.72 16.49
C PRO A 52 -5.59 1.60 15.66
N PHE A 53 -5.56 0.38 16.16
CA PHE A 53 -6.17 -0.74 15.45
C PHE A 53 -7.34 -1.30 16.26
N SER A 54 -8.51 -0.70 16.08
CA SER A 54 -9.72 -1.12 16.79
C SER A 54 -10.41 -2.30 16.09
N TYR A 55 -10.00 -2.58 14.86
CA TYR A 55 -10.60 -3.68 14.11
C TYR A 55 -9.56 -4.73 13.75
N GLY A 56 -9.73 -5.93 14.30
CA GLY A 56 -8.80 -7.02 14.03
C GLY A 56 -7.70 -7.09 15.06
N ASP A 57 -7.22 -8.30 15.33
CA ASP A 57 -6.14 -8.51 16.29
C ASP A 57 -4.80 -8.58 15.58
N VAL A 58 -3.92 -7.61 15.84
CA VAL A 58 -2.61 -7.58 15.19
C VAL A 58 -1.76 -8.80 15.54
N GLN A 59 -1.90 -9.30 16.76
CA GLN A 59 -1.15 -10.49 17.18
C GLN A 59 -1.56 -11.69 16.33
N GLU A 60 -2.86 -11.80 16.06
CA GLU A 60 -3.39 -12.86 15.23
C GLU A 60 -2.85 -12.73 13.80
N LEU A 61 -2.83 -11.50 13.31
CA LEU A 61 -2.33 -11.19 11.97
C LEU A 61 -0.85 -11.55 11.86
N VAL A 62 -0.08 -11.15 12.88
CA VAL A 62 1.35 -11.44 12.94
C VAL A 62 1.60 -12.95 12.96
N ASP A 63 0.83 -13.65 13.79
CA ASP A 63 0.95 -15.11 13.91
C ASP A 63 0.66 -15.80 12.58
N GLN A 64 -0.39 -15.34 11.89
CA GLN A 64 -0.76 -15.91 10.60
C GLN A 64 0.33 -15.65 9.55
N LEU A 65 0.91 -14.45 9.58
CA LEU A 65 1.97 -14.09 8.62
C LEU A 65 3.23 -14.92 8.80
N ARG A 66 3.63 -15.18 10.05
CA ARG A 66 4.84 -15.97 10.31
C ARG A 66 4.66 -17.43 9.91
N GLN A 67 3.41 -17.89 9.87
CA GLN A 67 3.10 -19.26 9.47
C GLN A 67 3.44 -19.48 8.00
N ARG A 68 3.17 -18.46 7.19
CA ARG A 68 3.41 -18.54 5.75
C ARG A 68 4.84 -18.09 5.41
N CYS A 69 5.26 -16.97 5.99
CA CYS A 69 6.60 -16.44 5.72
C CYS A 69 7.40 -16.34 7.02
N THR A 70 8.63 -16.84 7.00
CA THR A 70 9.50 -16.80 8.18
C THR A 70 10.02 -15.38 8.43
N PRO A 71 10.44 -15.07 9.68
CA PRO A 71 10.97 -13.74 10.04
C PRO A 71 12.15 -13.30 9.19
N GLU A 72 12.98 -14.26 8.78
CA GLU A 72 14.14 -13.95 7.95
C GLU A 72 13.72 -13.55 6.54
N GLN A 73 12.50 -13.95 6.16
CA GLN A 73 11.98 -13.65 4.82
C GLN A 73 11.05 -12.42 4.86
N LEU A 74 10.29 -12.29 5.93
CA LEU A 74 9.36 -11.17 6.08
C LEU A 74 9.57 -10.48 7.43
N LYS A 75 9.70 -9.16 7.40
CA LYS A 75 9.91 -8.39 8.61
C LYS A 75 8.61 -7.76 9.10
N ILE A 76 8.43 -7.73 10.41
CA ILE A 76 7.22 -7.17 11.00
C ILE A 76 7.57 -5.98 11.90
N PHE A 77 6.93 -4.83 11.65
CA PHE A 77 7.18 -3.63 12.44
C PHE A 77 5.88 -3.06 12.99
N ILE A 78 5.92 -2.52 14.20
CA ILE A 78 4.72 -1.94 14.81
C ILE A 78 4.94 -0.48 15.15
N LEU A 79 4.02 0.37 14.72
CA LEU A 79 4.10 1.80 14.99
C LEU A 79 3.31 2.16 16.24
N GLY A 80 3.96 2.87 17.16
CA GLY A 80 3.31 3.26 18.39
C GLY A 80 3.22 2.13 19.41
N SER A 81 4.09 1.13 19.25
CA SER A 81 4.11 -0.01 20.16
C SER A 81 4.57 0.40 21.56
N LYS A 82 3.93 -0.17 22.57
CA LYS A 82 4.25 0.11 23.96
C LYS A 82 5.67 -0.31 24.31
N GLY A 83 6.10 -1.45 23.76
CA GLY A 83 7.43 -1.95 24.03
C GLY A 83 7.92 -2.91 22.96
N ASN A 84 9.00 -3.62 23.26
CA ASN A 84 9.58 -4.57 22.31
C ASN A 84 8.92 -5.94 22.47
N TYR A 85 8.17 -6.36 21.45
CA TYR A 85 7.49 -7.64 21.48
C TYR A 85 8.14 -8.63 20.52
N GLN A 86 8.04 -9.92 20.86
CA GLN A 86 8.62 -10.97 20.05
C GLN A 86 7.91 -11.08 18.70
N GLY A 87 8.68 -11.38 17.65
CA GLY A 87 8.11 -11.49 16.32
C GLY A 87 8.17 -10.16 15.57
N VAL A 88 8.58 -9.12 16.28
CA VAL A 88 8.69 -7.79 15.69
C VAL A 88 10.16 -7.37 15.61
N ASP A 89 10.62 -7.05 14.40
CA ASP A 89 12.00 -6.65 14.18
C ASP A 89 12.32 -5.32 14.85
N ARG A 90 11.41 -4.35 14.72
CA ARG A 90 11.61 -3.04 15.31
C ARG A 90 10.28 -2.30 15.48
N TYR A 91 10.21 -1.43 16.47
CA TYR A 91 9.01 -0.65 16.72
C TYR A 91 9.29 0.82 16.49
N ILE A 92 8.28 1.56 16.04
CA ILE A 92 8.44 2.99 15.77
C ILE A 92 7.85 3.82 16.90
N PRO A 93 8.70 4.59 17.61
CA PRO A 93 8.27 5.43 18.73
C PRO A 93 7.50 6.67 18.29
N LEU A 94 6.71 7.23 19.20
CA LEU A 94 5.93 8.42 18.91
C LEU A 94 6.37 9.59 19.80
N PRO A 95 6.20 10.85 19.35
CA PRO A 95 5.59 11.17 18.04
C PRO A 95 6.41 10.67 16.86
N ILE A 96 5.71 10.37 15.77
CA ILE A 96 6.34 9.84 14.58
C ILE A 96 7.04 10.93 13.77
N HIS A 97 8.28 10.66 13.41
CA HIS A 97 9.07 11.59 12.59
C HIS A 97 9.41 10.90 11.27
N PRO A 98 9.22 11.60 10.13
CA PRO A 98 9.49 11.04 8.79
C PRO A 98 10.88 10.44 8.64
N GLU A 99 11.89 11.21 9.02
CA GLU A 99 13.28 10.75 8.94
C GLU A 99 13.52 9.54 9.84
N SER A 100 12.98 9.62 11.06
CA SER A 100 13.15 8.53 12.02
C SER A 100 12.49 7.25 11.54
N PHE A 101 11.27 7.39 11.04
CA PHE A 101 10.50 6.26 10.50
C PHE A 101 11.23 5.61 9.34
N LEU A 102 11.67 6.43 8.38
CA LEU A 102 12.38 5.92 7.20
C LEU A 102 13.68 5.20 7.57
N GLN A 103 14.45 5.79 8.48
CA GLN A 103 15.72 5.18 8.90
C GLN A 103 15.52 3.83 9.57
N GLN A 104 14.51 3.75 10.45
CA GLN A 104 14.22 2.49 11.14
C GLN A 104 13.74 1.42 10.17
N VAL A 105 12.89 1.81 9.22
CA VAL A 105 12.38 0.88 8.22
C VAL A 105 13.51 0.37 7.33
N THR A 106 14.37 1.28 6.87
CA THR A 106 15.49 0.92 5.99
C THR A 106 16.44 -0.07 6.67
N MET A 107 16.80 0.21 7.92
CA MET A 107 17.69 -0.67 8.67
C MET A 107 17.06 -2.04 8.89
N GLY A 108 15.74 -2.05 9.07
CA GLY A 108 15.02 -3.30 9.27
C GLY A 108 14.88 -4.12 7.98
N LEU A 109 15.13 -3.48 6.84
CA LEU A 109 15.03 -4.15 5.54
C LEU A 109 16.31 -4.87 5.16
N THR A 110 17.33 -4.80 6.03
CA THR A 110 18.61 -5.45 5.77
C THR A 110 18.50 -6.98 5.69
N SER A 111 17.41 -7.51 6.25
CA SER A 111 17.14 -8.96 6.24
C SER A 111 18.19 -9.72 7.07
N LEU A 112 18.53 -10.93 6.61
CA LEU A 112 19.51 -11.76 7.31
C LEU A 112 20.89 -11.11 7.34
N ALA A 113 21.30 -10.54 6.21
CA ALA A 113 22.60 -9.88 6.09
C ALA A 113 22.64 -8.98 4.87
N THR A 114 23.51 -7.97 4.91
CA THR A 114 23.64 -7.05 3.79
C THR A 114 25.09 -7.01 3.31
N SER A 115 25.29 -7.17 2.01
CA SER A 115 26.63 -7.16 1.43
C SER A 115 26.58 -6.63 0.00
N ALA A 116 27.74 -6.21 -0.51
CA ALA A 116 27.83 -5.68 -1.87
C ALA A 116 29.18 -6.00 -2.48
N GLN A 117 29.23 -6.07 -3.81
CA GLN A 117 30.46 -6.37 -4.51
C GLN A 117 31.08 -5.11 -5.10
N MET B 1 0.16 17.88 5.70
CA MET B 1 0.05 16.44 6.09
C MET B 1 0.94 15.58 5.22
N ALA B 2 1.65 16.22 4.30
CA ALA B 2 2.54 15.50 3.39
C ALA B 2 4.00 15.86 3.65
N PRO B 3 4.75 14.96 4.32
CA PRO B 3 6.18 15.17 4.64
C PRO B 3 7.03 15.38 3.39
N LEU B 4 6.69 14.66 2.32
CA LEU B 4 7.41 14.75 1.06
C LEU B 4 6.46 15.18 -0.04
N ARG B 5 6.83 14.93 -1.29
CA ARG B 5 5.97 15.27 -2.42
C ARG B 5 4.68 14.45 -2.37
N LYS B 6 3.61 14.97 -2.97
CA LYS B 6 2.34 14.26 -2.96
C LYS B 6 2.31 13.15 -3.98
N THR B 7 2.31 11.91 -3.49
CA THR B 7 2.27 10.74 -4.34
C THR B 7 0.85 10.48 -4.84
N ALA B 8 0.72 9.70 -5.90
CA ALA B 8 -0.58 9.39 -6.46
C ALA B 8 -1.12 8.08 -5.89
N VAL B 9 -2.42 8.02 -5.67
CA VAL B 9 -3.04 6.84 -5.10
C VAL B 9 -4.06 6.22 -6.07
N LEU B 10 -3.82 4.96 -6.42
CA LEU B 10 -4.70 4.21 -7.31
C LEU B 10 -5.54 3.22 -6.50
N LYS B 11 -6.86 3.27 -6.65
CA LYS B 11 -7.74 2.37 -5.90
C LYS B 11 -8.25 1.21 -6.73
N LEU B 12 -8.32 0.04 -6.11
CA LEU B 12 -8.82 -1.17 -6.76
C LEU B 12 -9.91 -1.81 -5.92
N TYR B 13 -11.11 -1.93 -6.48
CA TYR B 13 -12.22 -2.57 -5.79
C TYR B 13 -12.40 -3.99 -6.27
N VAL B 14 -12.40 -4.93 -5.32
CA VAL B 14 -12.55 -6.35 -5.64
C VAL B 14 -13.54 -7.03 -4.70
N ALA B 15 -13.89 -8.27 -5.03
CA ALA B 15 -14.82 -9.04 -4.21
C ALA B 15 -14.41 -10.50 -4.15
N GLY B 16 -14.48 -11.09 -2.97
CA GLY B 16 -14.13 -12.49 -2.80
C GLY B 16 -12.65 -12.72 -2.53
N ASN B 17 -12.34 -13.93 -2.10
CA ASN B 17 -10.96 -14.32 -1.82
C ASN B 17 -10.50 -15.41 -2.78
N THR B 18 -11.20 -15.52 -3.90
CA THR B 18 -10.88 -16.53 -4.90
C THR B 18 -9.56 -16.22 -5.62
N PRO B 19 -8.90 -17.24 -6.19
CA PRO B 19 -7.63 -17.09 -6.92
C PRO B 19 -7.67 -16.05 -8.03
N ASN B 20 -8.80 -15.98 -8.75
CA ASN B 20 -8.95 -15.02 -9.85
C ASN B 20 -8.84 -13.58 -9.33
N SER B 21 -9.49 -13.32 -8.20
CA SER B 21 -9.46 -11.99 -7.59
C SER B 21 -8.05 -11.68 -7.06
N VAL B 22 -7.42 -12.71 -6.49
CA VAL B 22 -6.07 -12.58 -5.94
C VAL B 22 -5.04 -12.34 -7.05
N ARG B 23 -5.17 -13.11 -8.12
CA ARG B 23 -4.28 -13.03 -9.27
C ARG B 23 -4.34 -11.66 -9.95
N ALA B 24 -5.55 -11.10 -10.10
CA ALA B 24 -5.72 -9.80 -10.74
C ALA B 24 -4.95 -8.72 -9.98
N LEU B 25 -5.00 -8.80 -8.66
CA LEU B 25 -4.30 -7.86 -7.80
C LEU B 25 -2.79 -7.95 -8.05
N LYS B 26 -2.30 -9.19 -8.12
CA LYS B 26 -0.88 -9.43 -8.38
C LYS B 26 -0.48 -8.89 -9.76
N THR B 27 -1.35 -9.07 -10.74
CA THR B 27 -1.11 -8.61 -12.10
C THR B 27 -0.97 -7.09 -12.12
N LEU B 28 -1.90 -6.42 -11.45
CA LEU B 28 -1.90 -4.96 -11.35
C LEU B 28 -0.65 -4.47 -10.63
N ALA B 29 -0.32 -5.15 -9.52
CA ALA B 29 0.85 -4.79 -8.73
C ALA B 29 2.14 -4.95 -9.51
N ASN B 30 2.23 -6.00 -10.31
CA ASN B 30 3.43 -6.25 -11.12
C ASN B 30 3.72 -5.10 -12.06
N ILE B 31 2.68 -4.59 -12.71
CA ILE B 31 2.81 -3.48 -13.64
C ILE B 31 3.19 -2.20 -12.90
N LEU B 32 2.55 -1.99 -11.74
CA LEU B 32 2.79 -0.80 -10.93
C LEU B 32 4.22 -0.80 -10.36
N GLU B 33 4.69 -1.98 -9.96
CA GLU B 33 6.03 -2.12 -9.40
C GLU B 33 7.13 -1.79 -10.40
N LYS B 34 6.93 -2.14 -11.67
CA LYS B 34 7.95 -1.90 -12.68
C LYS B 34 7.85 -0.54 -13.37
N GLU B 35 6.72 -0.23 -14.00
CA GLU B 35 6.59 1.03 -14.74
C GLU B 35 6.01 2.20 -13.94
N PHE B 36 5.51 1.95 -12.73
CA PHE B 36 4.93 3.03 -11.93
C PHE B 36 5.48 3.08 -10.51
N LYS B 37 6.75 2.71 -10.36
CA LYS B 37 7.38 2.68 -9.03
C LYS B 37 7.84 4.07 -8.58
N GLY B 38 7.62 4.36 -7.30
CA GLY B 38 8.05 5.62 -6.72
C GLY B 38 7.10 6.80 -6.96
N VAL B 39 5.99 6.57 -7.65
CA VAL B 39 5.05 7.66 -7.91
C VAL B 39 3.59 7.28 -7.61
N TYR B 40 3.27 5.99 -7.66
CA TYR B 40 1.89 5.55 -7.41
C TYR B 40 1.79 4.52 -6.29
N ALA B 41 0.79 4.71 -5.44
CA ALA B 41 0.50 3.79 -4.34
C ALA B 41 -0.82 3.10 -4.63
N LEU B 42 -0.97 1.84 -4.20
CA LEU B 42 -2.19 1.08 -4.49
C LEU B 42 -3.06 0.84 -3.25
N LYS B 43 -4.37 1.02 -3.43
CA LYS B 43 -5.35 0.77 -2.37
C LYS B 43 -6.34 -0.30 -2.80
N VAL B 44 -6.62 -1.27 -1.94
CA VAL B 44 -7.55 -2.34 -2.29
C VAL B 44 -8.67 -2.48 -1.26
N ILE B 45 -9.91 -2.49 -1.75
CA ILE B 45 -11.08 -2.60 -0.89
C ILE B 45 -11.97 -3.77 -1.32
N ASP B 46 -12.42 -4.55 -0.33
CA ASP B 46 -13.30 -5.69 -0.61
C ASP B 46 -14.75 -5.25 -0.48
N VAL B 47 -15.43 -5.11 -1.61
CA VAL B 47 -16.82 -4.66 -1.61
C VAL B 47 -17.82 -5.80 -1.38
N LEU B 48 -17.34 -7.05 -1.47
CA LEU B 48 -18.21 -8.20 -1.27
C LEU B 48 -18.75 -8.25 0.17
N LYS B 49 -17.86 -8.04 1.14
CA LYS B 49 -18.25 -8.07 2.55
C LYS B 49 -19.06 -6.82 2.92
N ASN B 50 -18.65 -5.67 2.38
CA ASN B 50 -19.33 -4.41 2.66
C ASN B 50 -19.79 -3.76 1.36
N PRO B 51 -21.02 -4.06 0.90
CA PRO B 51 -21.57 -3.51 -0.35
C PRO B 51 -21.75 -2.00 -0.31
N GLN B 52 -21.87 -1.44 0.90
CA GLN B 52 -22.05 0.00 1.06
C GLN B 52 -20.81 0.77 0.60
N LEU B 53 -19.64 0.13 0.70
CA LEU B 53 -18.39 0.76 0.28
C LEU B 53 -18.39 0.99 -1.23
N ALA B 54 -18.88 0.01 -1.97
CA ALA B 54 -18.97 0.11 -3.42
C ALA B 54 -19.94 1.21 -3.84
N GLU B 55 -21.05 1.31 -3.10
CA GLU B 55 -22.08 2.31 -3.35
C GLU B 55 -21.52 3.73 -3.20
N GLU B 56 -20.61 3.89 -2.24
CA GLU B 56 -20.00 5.18 -1.95
C GLU B 56 -19.20 5.70 -3.15
N ASP B 57 -18.51 4.81 -3.85
CA ASP B 57 -17.72 5.20 -5.02
C ASP B 57 -18.41 4.83 -6.33
N LYS B 58 -19.71 4.51 -6.24
CA LYS B 58 -20.52 4.14 -7.42
C LYS B 58 -19.93 2.94 -8.18
N ILE B 59 -19.57 1.90 -7.44
CA ILE B 59 -19.00 0.69 -8.06
C ILE B 59 -20.04 -0.42 -8.10
N LEU B 60 -20.41 -0.85 -9.30
CA LEU B 60 -21.42 -1.91 -9.46
C LEU B 60 -20.83 -3.21 -10.00
N ALA B 61 -19.51 -3.24 -10.21
CA ALA B 61 -18.86 -4.43 -10.73
C ALA B 61 -17.43 -4.55 -10.21
N THR B 62 -16.87 -5.75 -10.27
CA THR B 62 -15.50 -5.99 -9.82
C THR B 62 -14.78 -7.00 -10.72
N PRO B 63 -13.45 -6.87 -10.86
CA PRO B 63 -12.67 -5.80 -10.24
C PRO B 63 -12.79 -4.46 -10.97
N THR B 64 -12.73 -3.37 -10.22
CA THR B 64 -12.81 -2.04 -10.81
C THR B 64 -11.66 -1.16 -10.34
N LEU B 65 -11.02 -0.48 -11.28
CA LEU B 65 -9.89 0.40 -10.97
C LEU B 65 -10.37 1.85 -10.89
N ALA B 66 -10.13 2.48 -9.76
CA ALA B 66 -10.57 3.86 -9.55
C ALA B 66 -9.38 4.82 -9.42
N LYS B 67 -9.50 5.96 -10.11
CA LYS B 67 -8.47 7.00 -10.06
C LYS B 67 -8.92 8.13 -9.16
N VAL B 68 -8.16 8.40 -8.11
CA VAL B 68 -8.51 9.48 -7.18
C VAL B 68 -7.46 10.60 -7.23
N LEU B 69 -6.21 10.23 -6.99
CA LEU B 69 -5.12 11.21 -7.00
C LEU B 69 -4.04 10.79 -7.99
N PRO B 70 -3.58 11.71 -8.87
CA PRO B 70 -4.09 13.09 -8.93
C PRO B 70 -5.41 13.19 -9.70
N PRO B 71 -6.18 14.27 -9.48
CA PRO B 71 -7.45 14.50 -10.18
C PRO B 71 -7.24 14.92 -11.63
N PRO B 72 -8.30 14.88 -12.47
CA PRO B 72 -9.67 14.49 -12.07
C PRO B 72 -9.83 12.99 -11.80
N VAL B 73 -10.86 12.65 -11.05
CA VAL B 73 -11.15 11.26 -10.72
C VAL B 73 -11.74 10.52 -11.91
N ARG B 74 -11.32 9.26 -12.10
CA ARG B 74 -11.81 8.44 -13.21
C ARG B 74 -12.14 7.03 -12.75
N ARG B 75 -13.08 6.40 -13.44
CA ARG B 75 -13.49 5.03 -13.12
C ARG B 75 -13.23 4.12 -14.30
N ILE B 76 -12.48 3.04 -14.07
CA ILE B 76 -12.18 2.09 -15.15
C ILE B 76 -12.79 0.73 -14.85
N ILE B 77 -13.69 0.28 -15.73
CA ILE B 77 -14.34 -1.01 -15.58
C ILE B 77 -14.05 -1.89 -16.78
N GLY B 78 -13.52 -3.08 -16.53
CA GLY B 78 -13.20 -3.99 -17.61
C GLY B 78 -12.40 -5.19 -17.13
N ASP B 79 -11.82 -5.93 -18.07
CA ASP B 79 -11.03 -7.10 -17.74
C ASP B 79 -9.64 -6.69 -17.25
N LEU B 80 -9.49 -6.55 -15.93
CA LEU B 80 -8.22 -6.15 -15.34
C LEU B 80 -7.28 -7.35 -15.21
N SER B 81 -7.81 -8.53 -15.52
CA SER B 81 -7.01 -9.76 -15.48
C SER B 81 -6.03 -9.81 -16.65
N ASN B 82 -6.25 -8.93 -17.63
CA ASN B 82 -5.40 -8.85 -18.81
C ASN B 82 -4.30 -7.83 -18.59
N ARG B 83 -3.07 -8.33 -18.43
CA ARG B 83 -1.90 -7.48 -18.20
C ARG B 83 -1.67 -6.51 -19.35
N GLU B 84 -1.91 -6.96 -20.58
CA GLU B 84 -1.72 -6.13 -21.75
C GLU B 84 -2.57 -4.86 -21.70
N LYS B 85 -3.85 -5.00 -21.38
CA LYS B 85 -4.75 -3.85 -21.30
C LYS B 85 -4.45 -2.95 -20.11
N VAL B 86 -4.16 -3.58 -18.96
CA VAL B 86 -3.86 -2.83 -17.73
C VAL B 86 -2.62 -1.97 -17.93
N LEU B 87 -1.60 -2.52 -18.58
CA LEU B 87 -0.38 -1.78 -18.86
C LEU B 87 -0.68 -0.54 -19.69
N ILE B 88 -1.55 -0.72 -20.69
CA ILE B 88 -1.95 0.37 -21.56
C ILE B 88 -2.66 1.48 -20.80
N ALA B 89 -3.62 1.10 -19.95
CA ALA B 89 -4.38 2.05 -19.16
C ALA B 89 -3.50 2.83 -18.18
N LEU B 90 -2.61 2.12 -17.48
CA LEU B 90 -1.70 2.74 -16.52
C LEU B 90 -0.66 3.62 -17.21
N ARG B 91 -0.16 3.17 -18.36
CA ARG B 91 0.86 3.91 -19.10
C ARG B 91 0.33 5.29 -19.49
N LEU B 92 -0.94 5.34 -19.90
CA LEU B 92 -1.58 6.60 -20.30
C LEU B 92 -1.63 7.55 -19.10
N LEU B 93 -1.89 6.99 -17.92
CA LEU B 93 -1.96 7.78 -16.69
C LEU B 93 -0.60 8.42 -16.37
N ALA B 94 0.47 7.69 -16.67
CA ALA B 94 1.83 8.18 -16.43
C ALA B 94 2.11 9.45 -17.23
N GLU B 95 1.63 9.49 -18.46
CA GLU B 95 1.81 10.65 -19.32
C GLU B 95 1.07 11.85 -18.73
N GLU B 96 -0.13 11.61 -18.21
CA GLU B 96 -0.94 12.67 -17.62
C GLU B 96 -0.25 13.28 -16.39
N ILE B 97 0.29 12.44 -15.52
CA ILE B 97 0.98 12.93 -14.32
C ILE B 97 2.36 13.51 -14.66
N GLY B 98 3.00 12.94 -15.68
CA GLY B 98 4.32 13.41 -16.10
C GLY B 98 4.29 14.84 -16.62
N ASP B 99 3.23 15.18 -17.34
CA ASP B 99 3.09 16.52 -17.90
C ASP B 99 2.52 17.50 -16.88
N TYR B 100 3.35 17.89 -15.93
CA TYR B 100 2.95 18.83 -14.88
C TYR B 100 3.93 19.97 -14.79
N LYS B 101 3.43 21.20 -14.85
CA LYS B 101 4.28 22.38 -14.77
C LYS B 101 3.54 23.53 -14.10
N ASP B 102 4.29 24.52 -13.61
CA ASP B 102 3.72 25.67 -12.94
C ASP B 102 4.70 26.85 -12.99
N ASP B 103 4.19 28.05 -12.77
CA ASP B 103 5.03 29.26 -12.80
C ASP B 103 4.39 30.36 -11.95
N ASP B 104 5.22 31.30 -11.49
CA ASP B 104 4.74 32.40 -10.66
C ASP B 104 5.71 33.57 -10.75
N ASP B 105 5.23 34.77 -10.39
CA ASP B 105 6.06 35.97 -10.43
C ASP B 105 5.52 37.02 -9.46
N LYS B 106 6.37 37.96 -9.08
CA LYS B 106 5.98 39.01 -8.15
C LYS B 106 5.38 40.20 -8.90
N GLU A 1 13.37 -2.40 -5.34
CA GLU A 1 13.33 -1.89 -3.94
C GLU A 1 12.39 -2.74 -3.09
N GLY A 2 11.31 -3.22 -3.70
CA GLY A 2 10.36 -4.05 -2.98
C GLY A 2 9.11 -3.29 -2.58
N ARG A 3 8.01 -4.04 -2.40
CA ARG A 3 6.74 -3.44 -2.01
C ARG A 3 6.63 -3.27 -0.50
N ILE A 4 5.95 -2.22 -0.09
CA ILE A 4 5.71 -1.94 1.33
C ILE A 4 4.21 -1.85 1.58
N VAL A 5 3.71 -2.60 2.55
CA VAL A 5 2.28 -2.59 2.84
C VAL A 5 1.99 -1.97 4.21
N LEU A 6 1.12 -0.97 4.19
CA LEU A 6 0.70 -0.28 5.40
C LEU A 6 -0.66 -0.83 5.83
N VAL A 7 -0.73 -1.47 6.98
CA VAL A 7 -1.99 -2.01 7.46
C VAL A 7 -2.46 -1.24 8.69
N SER A 8 -3.54 -0.48 8.51
CA SER A 8 -4.11 0.31 9.58
C SER A 8 -5.51 0.78 9.21
N GLU A 9 -6.26 1.25 10.20
CA GLU A 9 -7.60 1.77 9.95
C GLU A 9 -7.57 3.28 9.81
N ASP A 10 -6.42 3.88 10.16
CA ASP A 10 -6.26 5.33 10.08
C ASP A 10 -5.64 5.74 8.74
N GLU A 11 -6.46 6.34 7.89
CA GLU A 11 -6.04 6.79 6.56
C GLU A 11 -4.96 7.88 6.60
N ALA A 12 -5.06 8.80 7.56
CA ALA A 12 -4.11 9.91 7.67
C ALA A 12 -2.65 9.45 7.85
N THR A 13 -2.42 8.48 8.74
CA THR A 13 -1.07 7.97 8.98
C THR A 13 -0.53 7.30 7.71
N SER A 14 -1.37 6.49 7.09
CA SER A 14 -0.99 5.79 5.87
C SER A 14 -0.69 6.75 4.73
N THR A 15 -1.53 7.77 4.56
CA THR A 15 -1.37 8.73 3.48
C THR A 15 -0.03 9.46 3.61
N LEU A 16 0.29 9.91 4.82
CA LEU A 16 1.54 10.60 5.09
C LEU A 16 2.74 9.70 4.84
N ILE A 17 2.68 8.45 5.33
CA ILE A 17 3.78 7.52 5.18
C ILE A 17 3.95 7.06 3.73
N CYS A 18 2.85 6.97 2.98
CA CYS A 18 2.92 6.53 1.59
C CYS A 18 3.74 7.49 0.76
N SER A 19 3.53 8.79 0.94
CA SER A 19 4.28 9.78 0.19
C SER A 19 5.77 9.76 0.55
N ILE A 20 6.06 9.52 1.82
CA ILE A 20 7.45 9.47 2.29
C ILE A 20 8.22 8.29 1.66
N LEU A 21 7.60 7.12 1.67
CA LEU A 21 8.24 5.90 1.14
C LEU A 21 8.10 5.75 -0.39
N THR A 22 6.95 6.11 -0.94
CA THR A 22 6.70 5.95 -2.38
C THR A 22 7.66 6.79 -3.24
N THR A 23 7.86 8.06 -2.89
CA THR A 23 8.75 8.92 -3.65
C THR A 23 10.22 8.53 -3.46
N ALA A 24 10.48 7.73 -2.43
CA ALA A 24 11.83 7.28 -2.13
C ALA A 24 12.25 6.10 -3.01
N GLY A 25 11.35 5.68 -3.89
CA GLY A 25 11.64 4.57 -4.79
C GLY A 25 10.93 3.29 -4.39
N TYR A 26 10.18 3.33 -3.29
CA TYR A 26 9.45 2.16 -2.83
C TYR A 26 7.97 2.26 -3.23
N GLN A 27 7.33 1.11 -3.37
CA GLN A 27 5.92 1.09 -3.74
C GLN A 27 5.09 0.71 -2.52
N VAL A 28 4.30 1.65 -2.02
CA VAL A 28 3.49 1.41 -0.83
C VAL A 28 2.03 1.14 -1.15
N ILE A 29 1.51 0.06 -0.59
CA ILE A 29 0.12 -0.34 -0.77
C ILE A 29 -0.57 -0.39 0.60
N TRP A 30 -1.69 0.28 0.74
CA TRP A 30 -2.42 0.29 2.01
C TRP A 30 -3.55 -0.72 2.01
N LEU A 31 -3.51 -1.63 2.98
CA LEU A 31 -4.52 -2.65 3.13
C LEU A 31 -5.18 -2.50 4.49
N VAL A 32 -6.49 -2.67 4.56
CA VAL A 32 -7.20 -2.56 5.82
C VAL A 32 -6.95 -3.81 6.67
N ASP A 33 -6.84 -3.63 7.98
CA ASP A 33 -6.55 -4.72 8.91
C ASP A 33 -7.64 -5.80 8.92
N GLY A 34 -7.21 -7.04 9.16
CA GLY A 34 -8.13 -8.16 9.22
C GLY A 34 -8.12 -9.02 7.97
N GLU A 35 -7.38 -8.62 6.94
CA GLU A 35 -7.33 -9.40 5.70
C GLU A 35 -5.94 -9.99 5.44
N VAL A 36 -5.73 -11.23 5.87
CA VAL A 36 -4.46 -11.92 5.66
C VAL A 36 -4.25 -12.27 4.19
N GLU A 37 -5.32 -12.75 3.53
CA GLU A 37 -5.23 -13.12 2.11
C GLU A 37 -4.78 -11.92 1.27
N ARG A 38 -5.15 -10.71 1.69
CA ARG A 38 -4.75 -9.51 0.99
C ARG A 38 -3.24 -9.31 1.13
N LEU A 39 -2.73 -9.61 2.32
CA LEU A 39 -1.30 -9.50 2.60
C LEU A 39 -0.51 -10.52 1.79
N LEU A 40 -1.05 -11.73 1.68
CA LEU A 40 -0.43 -12.79 0.92
C LEU A 40 -0.42 -12.44 -0.58
N ALA A 41 -1.54 -11.93 -1.06
CA ALA A 41 -1.67 -11.54 -2.47
C ALA A 41 -0.66 -10.46 -2.85
N LEU A 42 -0.44 -9.51 -1.95
CA LEU A 42 0.47 -8.41 -2.21
C LEU A 42 1.74 -8.51 -1.37
N THR A 43 2.15 -9.76 -1.07
CA THR A 43 3.35 -10.04 -0.26
C THR A 43 4.47 -9.02 -0.42
N PRO A 44 4.62 -8.13 0.58
CA PRO A 44 5.64 -7.08 0.59
C PRO A 44 6.96 -7.55 1.19
N ILE A 45 7.96 -6.68 1.18
CA ILE A 45 9.25 -7.00 1.78
C ILE A 45 9.18 -6.74 3.29
N ALA A 46 8.25 -5.87 3.66
CA ALA A 46 8.04 -5.51 5.06
C ALA A 46 6.58 -5.13 5.28
N VAL A 47 6.05 -5.49 6.44
CA VAL A 47 4.66 -5.18 6.79
C VAL A 47 4.63 -4.16 7.92
N LEU A 48 3.95 -3.04 7.68
CA LEU A 48 3.85 -1.99 8.68
C LEU A 48 2.46 -1.97 9.30
N LEU A 49 2.39 -2.17 10.61
CA LEU A 49 1.12 -2.18 11.32
C LEU A 49 1.00 -0.92 12.16
N ALA A 50 -0.06 -0.15 11.97
CA ALA A 50 -0.26 1.07 12.74
C ALA A 50 -1.63 1.13 13.38
N GLU A 51 -1.69 1.76 14.56
CA GLU A 51 -2.94 1.90 15.30
C GLU A 51 -3.86 2.94 14.64
N PRO A 52 -5.19 2.87 14.88
CA PRO A 52 -5.82 1.85 15.73
C PRO A 52 -6.14 0.55 14.99
N PHE A 53 -6.33 -0.51 15.77
CA PHE A 53 -6.68 -1.82 15.21
C PHE A 53 -8.10 -2.20 15.62
N SER A 54 -9.05 -2.07 14.71
CA SER A 54 -10.44 -2.38 15.01
C SER A 54 -10.85 -3.77 14.52
N TYR A 55 -10.13 -4.32 13.55
CA TYR A 55 -10.46 -5.63 13.02
C TYR A 55 -9.31 -6.62 13.22
N GLY A 56 -9.53 -7.59 14.10
CA GLY A 56 -8.52 -8.59 14.36
C GLY A 56 -7.53 -8.18 15.44
N ASP A 57 -6.82 -9.14 15.99
CA ASP A 57 -5.81 -8.87 17.01
C ASP A 57 -4.43 -8.75 16.40
N VAL A 58 -3.60 -7.88 16.96
CA VAL A 58 -2.24 -7.68 16.46
C VAL A 58 -1.44 -8.98 16.54
N GLN A 59 -1.53 -9.66 17.68
CA GLN A 59 -0.81 -10.91 17.89
C GLN A 59 -1.33 -11.99 16.94
N GLU A 60 -2.61 -11.90 16.59
CA GLU A 60 -3.21 -12.87 15.67
C GLU A 60 -2.65 -12.72 14.27
N LEU A 61 -2.56 -11.47 13.82
CA LEU A 61 -2.08 -11.15 12.49
C LEU A 61 -0.60 -11.50 12.32
N VAL A 62 0.22 -11.14 13.31
CA VAL A 62 1.65 -11.42 13.23
C VAL A 62 1.91 -12.93 13.27
N ASP A 63 1.10 -13.65 14.06
CA ASP A 63 1.23 -15.11 14.15
C ASP A 63 0.88 -15.76 12.81
N GLN A 64 -0.18 -15.26 12.17
CA GLN A 64 -0.61 -15.76 10.88
C GLN A 64 0.43 -15.48 9.80
N LEU A 65 1.03 -14.29 9.86
CA LEU A 65 2.07 -13.92 8.90
C LEU A 65 3.29 -14.82 9.04
N ARG A 66 3.64 -15.15 10.28
CA ARG A 66 4.77 -16.05 10.55
C ARG A 66 4.51 -17.43 9.94
N GLN A 67 3.27 -17.87 10.02
CA GLN A 67 2.85 -19.15 9.46
C GLN A 67 2.99 -19.16 7.93
N ARG A 68 2.71 -18.02 7.30
CA ARG A 68 2.76 -17.91 5.85
C ARG A 68 4.17 -17.59 5.35
N CYS A 69 4.88 -16.70 6.04
CA CYS A 69 6.24 -16.32 5.66
C CYS A 69 7.18 -16.35 6.86
N THR A 70 8.42 -16.76 6.63
CA THR A 70 9.40 -16.82 7.70
C THR A 70 9.86 -15.41 8.11
N PRO A 71 10.37 -15.25 9.35
CA PRO A 71 10.84 -13.94 9.86
C PRO A 71 11.87 -13.27 8.96
N GLU A 72 12.77 -14.05 8.38
CA GLU A 72 13.79 -13.52 7.49
C GLU A 72 13.20 -13.13 6.13
N GLN A 73 12.20 -13.88 5.68
CA GLN A 73 11.56 -13.64 4.40
C GLN A 73 10.68 -12.38 4.44
N LEU A 74 9.99 -12.16 5.56
CA LEU A 74 9.12 -11.00 5.70
C LEU A 74 9.35 -10.29 7.02
N LYS A 75 9.55 -8.97 6.97
CA LYS A 75 9.78 -8.18 8.17
C LYS A 75 8.48 -7.54 8.64
N ILE A 76 8.28 -7.52 9.96
CA ILE A 76 7.07 -6.95 10.54
C ILE A 76 7.42 -5.80 11.48
N PHE A 77 6.80 -4.64 11.26
CA PHE A 77 7.04 -3.47 12.11
C PHE A 77 5.73 -2.94 12.67
N ILE A 78 5.77 -2.44 13.91
CA ILE A 78 4.59 -1.89 14.56
C ILE A 78 4.79 -0.41 14.88
N LEU A 79 3.87 0.42 14.41
CA LEU A 79 3.94 1.86 14.61
C LEU A 79 2.90 2.32 15.64
N GLY A 80 3.33 3.20 16.53
CA GLY A 80 2.43 3.73 17.54
C GLY A 80 2.31 2.86 18.78
N SER A 81 3.08 1.79 18.84
CA SER A 81 3.03 0.88 19.99
C SER A 81 4.45 0.46 20.40
N LYS A 82 4.65 0.31 21.69
CA LYS A 82 5.95 -0.10 22.23
C LYS A 82 5.76 -1.20 23.26
N GLY A 83 6.56 -2.27 23.15
CA GLY A 83 6.46 -3.38 24.07
C GLY A 83 7.50 -4.44 23.79
N ASN A 84 7.30 -5.64 24.34
CA ASN A 84 8.24 -6.73 24.15
C ASN A 84 7.50 -8.01 23.75
N TYR A 85 7.09 -8.10 22.50
CA TYR A 85 6.39 -9.26 21.98
C TYR A 85 7.10 -9.81 20.75
N GLN A 86 7.31 -11.12 20.72
CA GLN A 86 8.00 -11.77 19.60
C GLN A 86 7.15 -11.74 18.31
N GLY A 87 7.83 -11.78 17.17
CA GLY A 87 7.13 -11.75 15.89
C GLY A 87 7.24 -10.42 15.18
N VAL A 88 7.83 -9.44 15.86
CA VAL A 88 8.01 -8.11 15.28
C VAL A 88 9.49 -7.74 15.23
N ASP A 89 9.93 -7.18 14.11
CA ASP A 89 11.32 -6.79 13.93
C ASP A 89 11.69 -5.59 14.81
N ARG A 90 10.81 -4.60 14.88
CA ARG A 90 11.07 -3.40 15.68
C ARG A 90 9.81 -2.57 15.89
N TYR A 91 9.82 -1.74 16.93
CA TYR A 91 8.67 -0.89 17.27
C TYR A 91 8.99 0.57 16.94
N ILE A 92 8.01 1.28 16.38
CA ILE A 92 8.18 2.70 16.05
C ILE A 92 7.22 3.56 16.87
N PRO A 93 7.68 4.06 18.03
CA PRO A 93 6.88 4.90 18.94
C PRO A 93 6.48 6.24 18.31
N LEU A 94 5.33 6.76 18.72
CA LEU A 94 4.83 8.03 18.21
C LEU A 94 5.13 9.16 19.22
N PRO A 95 5.14 10.44 18.78
CA PRO A 95 4.86 10.84 17.39
C PRO A 95 5.89 10.32 16.39
N ILE A 96 5.43 10.07 15.18
CA ILE A 96 6.28 9.54 14.13
C ILE A 96 7.04 10.65 13.40
N HIS A 97 8.34 10.42 13.20
CA HIS A 97 9.18 11.38 12.49
C HIS A 97 9.64 10.75 11.18
N PRO A 98 9.53 11.49 10.06
CA PRO A 98 9.89 10.98 8.73
C PRO A 98 11.30 10.39 8.63
N GLU A 99 12.30 11.18 8.98
CA GLU A 99 13.69 10.72 8.91
C GLU A 99 13.96 9.60 9.91
N SER A 100 13.30 9.64 11.06
CA SER A 100 13.50 8.62 12.09
C SER A 100 12.93 7.27 11.64
N PHE A 101 11.70 7.32 11.10
CA PHE A 101 11.02 6.12 10.63
C PHE A 101 11.81 5.42 9.52
N LEU A 102 12.23 6.19 8.53
CA LEU A 102 12.97 5.64 7.39
C LEU A 102 14.29 5.00 7.81
N GLN A 103 15.06 5.67 8.66
CA GLN A 103 16.34 5.14 9.11
C GLN A 103 16.16 3.88 9.95
N GLN A 104 15.15 3.89 10.81
CA GLN A 104 14.87 2.74 11.66
C GLN A 104 14.45 1.53 10.83
N VAL A 105 13.58 1.77 9.85
CA VAL A 105 13.11 0.71 8.95
C VAL A 105 14.25 0.18 8.07
N THR A 106 15.06 1.09 7.54
CA THR A 106 16.17 0.69 6.68
C THR A 106 17.16 -0.22 7.43
N MET A 107 17.39 0.10 8.71
CA MET A 107 18.27 -0.69 9.56
C MET A 107 17.74 -2.12 9.72
N GLY A 108 16.43 -2.23 9.97
CA GLY A 108 15.80 -3.54 10.13
C GLY A 108 15.88 -4.38 8.86
N LEU A 109 15.72 -3.73 7.71
CA LEU A 109 15.74 -4.38 6.41
C LEU A 109 17.13 -4.92 6.03
N THR A 110 18.16 -4.62 6.80
CA THR A 110 19.51 -5.09 6.49
C THR A 110 19.62 -6.61 6.62
N SER A 111 18.71 -7.20 7.39
CA SER A 111 18.71 -8.65 7.57
C SER A 111 17.86 -9.32 6.50
N LEU A 112 17.18 -8.51 5.70
CA LEU A 112 16.32 -9.02 4.62
C LEU A 112 16.99 -8.82 3.27
N ALA A 113 17.70 -7.70 3.12
CA ALA A 113 18.37 -7.39 1.87
C ALA A 113 19.75 -6.81 2.14
N THR A 114 20.65 -6.95 1.16
CA THR A 114 22.01 -6.44 1.28
C THR A 114 22.07 -4.91 1.31
N SER A 115 21.08 -4.27 0.72
CA SER A 115 21.03 -2.81 0.69
C SER A 115 19.59 -2.31 0.72
N ALA A 116 19.42 -1.07 1.15
CA ALA A 116 18.09 -0.47 1.24
C ALA A 116 18.19 1.05 1.08
N GLN A 117 17.07 1.67 0.69
CA GLN A 117 17.05 3.12 0.52
C GLN A 117 16.29 3.79 1.66
N MET B 1 9.41 22.71 -6.58
CA MET B 1 9.81 21.67 -7.56
C MET B 1 9.37 20.29 -7.11
N ALA B 2 8.86 20.23 -5.87
CA ALA B 2 8.39 18.98 -5.26
C ALA B 2 9.43 17.86 -5.35
N PRO B 3 10.61 18.03 -4.71
CA PRO B 3 11.69 17.03 -4.71
C PRO B 3 11.25 15.67 -4.16
N LEU B 4 10.45 15.71 -3.10
CA LEU B 4 9.96 14.48 -2.46
C LEU B 4 8.47 14.55 -2.19
N ARG B 5 7.88 13.40 -1.85
CA ARG B 5 6.46 13.28 -1.55
C ARG B 5 5.60 13.69 -2.75
N LYS B 6 4.47 14.33 -2.46
CA LYS B 6 3.54 14.81 -3.51
C LYS B 6 3.06 13.67 -4.41
N THR B 7 2.84 12.49 -3.83
CA THR B 7 2.37 11.33 -4.58
C THR B 7 0.86 11.35 -4.74
N ALA B 8 0.36 10.61 -5.73
CA ALA B 8 -1.08 10.52 -5.98
C ALA B 8 -1.66 9.30 -5.30
N VAL B 9 -2.96 9.34 -4.97
CA VAL B 9 -3.60 8.22 -4.29
C VAL B 9 -4.64 7.52 -5.17
N LEU B 10 -4.39 6.24 -5.45
CA LEU B 10 -5.32 5.42 -6.23
C LEU B 10 -6.02 4.41 -5.32
N LYS B 11 -7.35 4.39 -5.34
CA LYS B 11 -8.10 3.45 -4.51
C LYS B 11 -8.69 2.30 -5.31
N LEU B 12 -8.60 1.10 -4.75
CA LEU B 12 -9.14 -0.10 -5.38
C LEU B 12 -10.12 -0.80 -4.45
N TYR B 13 -11.37 -0.90 -4.89
CA TYR B 13 -12.40 -1.57 -4.11
C TYR B 13 -12.61 -2.99 -4.62
N VAL B 14 -12.55 -3.95 -3.71
CA VAL B 14 -12.73 -5.35 -4.07
C VAL B 14 -13.65 -6.04 -3.06
N ALA B 15 -14.09 -7.25 -3.38
CA ALA B 15 -14.99 -7.97 -2.49
C ALA B 15 -14.74 -9.48 -2.52
N GLY B 16 -14.84 -10.11 -1.37
CA GLY B 16 -14.65 -11.54 -1.27
C GLY B 16 -13.20 -11.96 -1.20
N ASN B 17 -12.98 -13.26 -1.00
CA ASN B 17 -11.64 -13.82 -0.90
C ASN B 17 -11.35 -14.73 -2.09
N THR B 18 -12.09 -14.52 -3.18
CA THR B 18 -11.92 -15.32 -4.38
C THR B 18 -10.60 -14.99 -5.08
N PRO B 19 -10.04 -15.93 -5.85
CA PRO B 19 -8.77 -15.72 -6.56
C PRO B 19 -8.87 -14.61 -7.59
N ASN B 20 -10.07 -14.36 -8.12
CA ASN B 20 -10.26 -13.29 -9.10
C ASN B 20 -9.92 -11.95 -8.47
N SER B 21 -10.36 -11.75 -7.22
CA SER B 21 -10.07 -10.53 -6.50
C SER B 21 -8.59 -10.48 -6.14
N VAL B 22 -8.07 -11.65 -5.77
CA VAL B 22 -6.66 -11.81 -5.38
C VAL B 22 -5.72 -11.50 -6.56
N ARG B 23 -6.00 -12.10 -7.72
CA ARG B 23 -5.18 -11.92 -8.91
C ARG B 23 -5.20 -10.48 -9.42
N ALA B 24 -6.35 -9.83 -9.30
CA ALA B 24 -6.51 -8.45 -9.79
C ALA B 24 -5.51 -7.52 -9.09
N LEU B 25 -5.33 -7.72 -7.79
CA LEU B 25 -4.39 -6.90 -7.03
C LEU B 25 -2.95 -7.24 -7.40
N LYS B 26 -2.69 -8.52 -7.59
CA LYS B 26 -1.36 -9.00 -7.92
C LYS B 26 -0.89 -8.50 -9.29
N THR B 27 -1.79 -8.52 -10.28
CA THR B 27 -1.45 -8.07 -11.62
C THR B 27 -1.27 -6.55 -11.68
N LEU B 28 -2.14 -5.84 -10.95
CA LEU B 28 -2.09 -4.39 -10.92
C LEU B 28 -0.81 -3.91 -10.23
N ALA B 29 -0.46 -4.55 -9.12
CA ALA B 29 0.74 -4.20 -8.38
C ALA B 29 1.99 -4.40 -9.23
N ASN B 30 2.03 -5.50 -9.98
CA ASN B 30 3.17 -5.80 -10.85
C ASN B 30 3.34 -4.72 -11.91
N ILE B 31 2.25 -4.34 -12.55
CA ILE B 31 2.26 -3.32 -13.58
C ILE B 31 2.65 -1.97 -13.00
N LEU B 32 2.07 -1.65 -11.83
CA LEU B 32 2.34 -0.39 -11.16
C LEU B 32 3.80 -0.27 -10.76
N GLU B 33 4.34 -1.33 -10.14
CA GLU B 33 5.73 -1.33 -9.70
C GLU B 33 6.71 -1.23 -10.86
N LYS B 34 6.45 -1.93 -11.96
CA LYS B 34 7.35 -1.92 -13.10
C LYS B 34 7.21 -0.67 -13.98
N GLU B 35 5.98 -0.36 -14.40
CA GLU B 35 5.76 0.77 -15.30
C GLU B 35 5.87 2.15 -14.62
N PHE B 36 5.21 2.33 -13.47
CA PHE B 36 5.23 3.62 -12.80
C PHE B 36 5.53 3.50 -11.30
N LYS B 37 6.77 3.14 -10.97
CA LYS B 37 7.18 2.98 -9.58
C LYS B 37 7.49 4.31 -8.91
N GLY B 38 6.84 4.56 -7.78
CA GLY B 38 7.09 5.79 -7.02
C GLY B 38 6.21 6.96 -7.42
N VAL B 39 5.47 6.83 -8.52
CA VAL B 39 4.60 7.89 -8.99
C VAL B 39 3.39 8.10 -8.07
N TYR B 40 2.75 7.00 -7.67
CA TYR B 40 1.57 7.10 -6.81
C TYR B 40 1.39 5.88 -5.91
N ALA B 41 0.55 6.04 -4.89
CA ALA B 41 0.29 4.98 -3.91
C ALA B 41 -1.03 4.27 -4.19
N LEU B 42 -1.13 3.03 -3.72
CA LEU B 42 -2.33 2.23 -3.93
C LEU B 42 -3.03 1.88 -2.61
N LYS B 43 -4.33 2.11 -2.56
CA LYS B 43 -5.13 1.81 -1.37
C LYS B 43 -6.20 0.78 -1.73
N VAL B 44 -6.36 -0.26 -0.90
CA VAL B 44 -7.34 -1.31 -1.19
C VAL B 44 -8.37 -1.46 -0.08
N ILE B 45 -9.65 -1.42 -0.45
CA ILE B 45 -10.76 -1.54 0.49
C ILE B 45 -11.67 -2.71 0.11
N ASP B 46 -12.02 -3.54 1.11
CA ASP B 46 -12.89 -4.68 0.88
C ASP B 46 -14.34 -4.29 1.16
N VAL B 47 -15.16 -4.32 0.13
CA VAL B 47 -16.58 -3.93 0.23
C VAL B 47 -17.36 -4.80 1.22
N LEU B 48 -17.18 -6.12 1.17
CA LEU B 48 -17.90 -7.02 2.06
C LEU B 48 -17.52 -6.82 3.53
N LYS B 49 -16.24 -6.57 3.79
CA LYS B 49 -15.76 -6.37 5.16
C LYS B 49 -16.27 -5.04 5.72
N ASN B 50 -16.26 -4.00 4.89
CA ASN B 50 -16.74 -2.68 5.32
C ASN B 50 -17.75 -2.12 4.33
N PRO B 51 -19.01 -2.60 4.40
CA PRO B 51 -20.10 -2.16 3.51
C PRO B 51 -20.31 -0.65 3.53
N GLN B 52 -20.11 -0.03 4.69
CA GLN B 52 -20.28 1.40 4.85
C GLN B 52 -19.30 2.20 3.99
N LEU B 53 -18.10 1.65 3.76
CA LEU B 53 -17.11 2.35 2.95
C LEU B 53 -17.53 2.35 1.49
N ALA B 54 -18.06 1.22 1.04
CA ALA B 54 -18.54 1.07 -0.34
C ALA B 54 -19.71 2.02 -0.60
N GLU B 55 -20.58 2.14 0.40
CA GLU B 55 -21.76 3.02 0.32
C GLU B 55 -21.35 4.49 0.18
N GLU B 56 -20.26 4.85 0.85
CA GLU B 56 -19.76 6.23 0.82
C GLU B 56 -19.30 6.64 -0.58
N ASP B 57 -18.67 5.71 -1.30
CA ASP B 57 -18.18 6.00 -2.65
C ASP B 57 -19.15 5.47 -3.71
N LYS B 58 -20.35 5.06 -3.27
CA LYS B 58 -21.39 4.54 -4.17
C LYS B 58 -20.88 3.35 -5.00
N ILE B 59 -20.21 2.40 -4.35
CA ILE B 59 -19.68 1.23 -5.03
C ILE B 59 -20.74 0.13 -5.11
N LEU B 60 -21.12 -0.24 -6.34
CA LEU B 60 -22.13 -1.28 -6.55
C LEU B 60 -21.53 -2.49 -7.26
N ALA B 61 -20.29 -2.38 -7.70
CA ALA B 61 -19.64 -3.48 -8.41
C ALA B 61 -18.14 -3.49 -8.14
N THR B 62 -17.54 -4.68 -8.15
CA THR B 62 -16.11 -4.84 -7.91
C THR B 62 -15.50 -5.79 -8.94
N PRO B 63 -14.20 -5.65 -9.24
CA PRO B 63 -13.32 -4.62 -8.64
C PRO B 63 -13.61 -3.22 -9.17
N THR B 64 -13.36 -2.22 -8.34
CA THR B 64 -13.60 -0.83 -8.73
C THR B 64 -12.35 0.03 -8.52
N LEU B 65 -11.95 0.73 -9.56
CA LEU B 65 -10.78 1.61 -9.50
C LEU B 65 -11.24 3.05 -9.30
N ALA B 66 -10.86 3.64 -8.18
CA ALA B 66 -11.26 5.01 -7.87
C ALA B 66 -10.08 5.97 -7.78
N LYS B 67 -10.20 7.09 -8.49
CA LYS B 67 -9.19 8.14 -8.49
C LYS B 67 -9.61 9.23 -7.51
N VAL B 68 -8.78 9.49 -6.50
CA VAL B 68 -9.11 10.51 -5.52
C VAL B 68 -8.22 11.75 -5.70
N LEU B 69 -6.91 11.54 -5.63
CA LEU B 69 -5.97 12.65 -5.79
C LEU B 69 -4.90 12.31 -6.83
N PRO B 70 -4.57 13.27 -7.71
CA PRO B 70 -5.17 14.61 -7.73
C PRO B 70 -6.53 14.63 -8.44
N PRO B 71 -7.39 15.62 -8.15
CA PRO B 71 -8.70 15.75 -8.79
C PRO B 71 -8.60 16.25 -10.24
N PRO B 72 -9.68 16.14 -11.04
CA PRO B 72 -10.99 15.61 -10.60
C PRO B 72 -10.99 14.10 -10.36
N VAL B 73 -11.96 13.66 -9.56
CA VAL B 73 -12.09 12.25 -9.23
C VAL B 73 -12.73 11.46 -10.38
N ARG B 74 -12.21 10.27 -10.62
CA ARG B 74 -12.71 9.40 -11.69
C ARG B 74 -12.88 7.97 -11.20
N ARG B 75 -13.82 7.23 -11.78
CA ARG B 75 -14.07 5.86 -11.38
C ARG B 75 -14.08 4.94 -12.60
N ILE B 76 -13.31 3.85 -12.52
CA ILE B 76 -13.23 2.89 -13.61
C ILE B 76 -13.74 1.53 -13.14
N ILE B 77 -14.72 0.98 -13.86
CA ILE B 77 -15.29 -0.31 -13.51
C ILE B 77 -14.99 -1.33 -14.61
N GLY B 78 -14.38 -2.45 -14.25
CA GLY B 78 -14.06 -3.47 -15.22
C GLY B 78 -13.41 -4.68 -14.61
N ASP B 79 -13.04 -5.65 -15.44
CA ASP B 79 -12.40 -6.88 -14.97
C ASP B 79 -10.89 -6.69 -14.90
N LEU B 80 -10.34 -6.62 -13.69
CA LEU B 80 -8.91 -6.44 -13.50
C LEU B 80 -8.17 -7.78 -13.46
N SER B 81 -8.89 -8.87 -13.66
CA SER B 81 -8.28 -10.20 -13.69
C SER B 81 -7.31 -10.32 -14.87
N ASN B 82 -7.63 -9.64 -15.95
CA ASN B 82 -6.80 -9.64 -17.16
C ASN B 82 -5.71 -8.57 -17.06
N ARG B 83 -4.45 -9.03 -17.00
CA ARG B 83 -3.30 -8.13 -16.89
C ARG B 83 -3.20 -7.16 -18.06
N GLU B 84 -3.51 -7.62 -19.27
CA GLU B 84 -3.44 -6.77 -20.45
C GLU B 84 -4.34 -5.54 -20.30
N LYS B 85 -5.58 -5.77 -19.87
CA LYS B 85 -6.53 -4.67 -19.66
C LYS B 85 -6.09 -3.75 -18.53
N VAL B 86 -5.51 -4.32 -17.49
CA VAL B 86 -5.03 -3.54 -16.34
C VAL B 86 -3.97 -2.55 -16.82
N LEU B 87 -3.06 -3.03 -17.66
CA LEU B 87 -2.01 -2.19 -18.22
C LEU B 87 -2.62 -1.04 -19.01
N ILE B 88 -3.63 -1.36 -19.81
CA ILE B 88 -4.34 -0.38 -20.62
C ILE B 88 -5.02 0.69 -19.74
N ALA B 89 -5.74 0.23 -18.72
CA ALA B 89 -6.43 1.13 -17.80
C ALA B 89 -5.45 2.00 -17.00
N LEU B 90 -4.36 1.40 -16.55
CA LEU B 90 -3.35 2.12 -15.77
C LEU B 90 -2.56 3.08 -16.65
N ARG B 91 -2.40 2.73 -17.93
CA ARG B 91 -1.67 3.58 -18.87
C ARG B 91 -2.38 4.93 -19.01
N LEU B 92 -3.71 4.90 -19.05
CA LEU B 92 -4.51 6.12 -19.15
C LEU B 92 -4.30 6.98 -17.90
N LEU B 93 -4.24 6.32 -16.75
CA LEU B 93 -4.02 7.00 -15.47
C LEU B 93 -2.63 7.65 -15.45
N ALA B 94 -1.66 6.92 -16.01
CA ALA B 94 -0.29 7.41 -16.08
C ALA B 94 -0.19 8.68 -16.91
N GLU B 95 -0.94 8.72 -18.01
CA GLU B 95 -0.95 9.87 -18.89
C GLU B 95 -1.52 11.09 -18.17
N GLU B 96 -2.57 10.85 -17.38
CA GLU B 96 -3.23 11.92 -16.63
C GLU B 96 -2.30 12.53 -15.59
N ILE B 97 -1.52 11.70 -14.90
CA ILE B 97 -0.59 12.19 -13.89
C ILE B 97 0.65 12.81 -14.54
N GLY B 98 1.06 12.25 -15.69
CA GLY B 98 2.22 12.77 -16.40
C GLY B 98 1.99 14.18 -16.91
N ASP B 99 0.78 14.44 -17.37
CA ASP B 99 0.41 15.76 -17.87
C ASP B 99 -0.96 16.15 -17.35
N TYR B 100 -0.98 16.94 -16.27
CA TYR B 100 -2.24 17.37 -15.66
C TYR B 100 -2.99 18.35 -16.55
N LYS B 101 -4.28 18.10 -16.75
CA LYS B 101 -5.11 18.96 -17.58
C LYS B 101 -6.02 19.81 -16.72
N ASP B 102 -6.23 21.06 -17.15
CA ASP B 102 -7.08 21.99 -16.40
C ASP B 102 -7.62 23.07 -17.34
N ASP B 103 -8.71 23.72 -16.93
CA ASP B 103 -9.35 24.78 -17.72
C ASP B 103 -9.75 24.28 -19.11
N ASP B 104 -10.37 23.12 -19.15
CA ASP B 104 -10.80 22.53 -20.42
C ASP B 104 -12.22 22.99 -20.77
N ASP B 105 -12.33 23.91 -21.71
CA ASP B 105 -13.62 24.44 -22.14
C ASP B 105 -13.52 25.01 -23.55
N LYS B 106 -14.66 25.12 -24.22
CA LYS B 106 -14.70 25.64 -25.59
C LYS B 106 -15.57 26.89 -25.65
N GLU A 1 13.85 -1.19 -3.14
CA GLU A 1 13.59 -2.34 -4.04
C GLU A 1 12.74 -3.40 -3.34
N GLY A 2 12.14 -3.01 -2.22
CA GLY A 2 11.31 -3.93 -1.47
C GLY A 2 9.89 -3.44 -1.30
N ARG A 3 8.94 -4.36 -1.31
CA ARG A 3 7.52 -4.03 -1.14
C ARG A 3 7.21 -3.71 0.32
N ILE A 4 6.55 -2.59 0.55
CA ILE A 4 6.18 -2.19 1.90
C ILE A 4 4.66 -1.96 2.01
N VAL A 5 4.02 -2.60 2.97
CA VAL A 5 2.58 -2.42 3.16
C VAL A 5 2.29 -2.00 4.60
N LEU A 6 1.27 -1.19 4.77
CA LEU A 6 0.88 -0.72 6.09
C LEU A 6 -0.58 -1.06 6.35
N VAL A 7 -0.85 -1.64 7.50
CA VAL A 7 -2.20 -2.00 7.89
C VAL A 7 -2.62 -1.23 9.14
N SER A 8 -3.71 -0.49 9.03
CA SER A 8 -4.20 0.30 10.16
C SER A 8 -5.66 0.72 9.92
N GLU A 9 -6.21 1.45 10.88
CA GLU A 9 -7.58 1.93 10.77
C GLU A 9 -7.59 3.46 10.55
N ASP A 10 -6.43 4.09 10.75
CA ASP A 10 -6.30 5.53 10.59
C ASP A 10 -5.77 5.88 9.19
N GLU A 11 -6.66 6.40 8.34
CA GLU A 11 -6.31 6.78 6.98
C GLU A 11 -5.43 8.03 6.90
N ALA A 12 -5.43 8.83 7.97
CA ALA A 12 -4.63 10.06 8.00
C ALA A 12 -3.13 9.80 7.88
N THR A 13 -2.65 8.75 8.56
CA THR A 13 -1.24 8.39 8.53
C THR A 13 -0.88 7.68 7.22
N SER A 14 -1.88 7.11 6.57
CA SER A 14 -1.70 6.38 5.32
C SER A 14 -1.13 7.26 4.21
N THR A 15 -1.69 8.45 4.06
CA THR A 15 -1.25 9.39 3.02
C THR A 15 0.18 9.86 3.28
N LEU A 16 0.48 10.17 4.54
CA LEU A 16 1.81 10.65 4.92
C LEU A 16 2.88 9.57 4.74
N ILE A 17 2.57 8.36 5.21
CA ILE A 17 3.52 7.24 5.12
C ILE A 17 3.76 6.83 3.66
N CYS A 18 2.69 6.79 2.86
CA CYS A 18 2.83 6.39 1.46
C CYS A 18 3.71 7.37 0.70
N SER A 19 3.51 8.66 0.94
CA SER A 19 4.30 9.68 0.27
C SER A 19 5.78 9.61 0.65
N ILE A 20 6.04 9.43 1.95
CA ILE A 20 7.41 9.36 2.47
C ILE A 20 8.22 8.19 1.89
N LEU A 21 7.63 7.00 1.89
CA LEU A 21 8.32 5.81 1.39
C LEU A 21 8.34 5.72 -0.14
N THR A 22 7.24 6.11 -0.79
CA THR A 22 7.17 6.04 -2.26
C THR A 22 8.19 6.95 -2.92
N THR A 23 8.32 8.18 -2.43
CA THR A 23 9.28 9.14 -3.00
C THR A 23 10.73 8.69 -2.77
N ALA A 24 10.92 7.77 -1.83
CA ALA A 24 12.25 7.25 -1.52
C ALA A 24 12.61 6.07 -2.41
N GLY A 25 11.70 5.70 -3.30
CA GLY A 25 11.96 4.58 -4.21
C GLY A 25 11.40 3.26 -3.70
N TYR A 26 10.62 3.31 -2.63
CA TYR A 26 10.03 2.09 -2.07
C TYR A 26 8.61 1.89 -2.58
N GLN A 27 8.22 0.63 -2.73
CA GLN A 27 6.88 0.30 -3.21
C GLN A 27 5.95 0.30 -1.98
N VAL A 28 4.85 1.04 -2.05
CA VAL A 28 3.95 1.13 -0.90
C VAL A 28 2.49 0.79 -1.23
N ILE A 29 1.93 -0.13 -0.46
CA ILE A 29 0.53 -0.52 -0.62
C ILE A 29 -0.19 -0.41 0.73
N TRP A 30 -1.31 0.31 0.73
CA TRP A 30 -2.10 0.49 1.95
C TRP A 30 -3.20 -0.57 1.99
N LEU A 31 -3.15 -1.44 3.00
CA LEU A 31 -4.14 -2.48 3.15
C LEU A 31 -4.97 -2.26 4.41
N VAL A 32 -6.27 -2.48 4.31
CA VAL A 32 -7.15 -2.31 5.46
C VAL A 32 -7.09 -3.53 6.38
N ASP A 33 -7.29 -3.29 7.67
CA ASP A 33 -7.23 -4.33 8.70
C ASP A 33 -8.34 -5.38 8.56
N GLY A 34 -8.00 -6.63 8.92
CA GLY A 34 -8.96 -7.72 8.88
C GLY A 34 -8.80 -8.66 7.69
N GLU A 35 -8.01 -8.30 6.70
CA GLU A 35 -7.84 -9.18 5.54
C GLU A 35 -6.42 -9.73 5.41
N VAL A 36 -6.28 -11.04 5.58
CA VAL A 36 -4.99 -11.71 5.46
C VAL A 36 -4.69 -12.02 3.99
N GLU A 37 -5.73 -12.37 3.23
CA GLU A 37 -5.59 -12.67 1.81
C GLU A 37 -4.99 -11.47 1.08
N ARG A 38 -5.40 -10.28 1.50
CA ARG A 38 -4.88 -9.03 0.92
C ARG A 38 -3.37 -8.95 1.16
N LEU A 39 -2.96 -9.39 2.36
CA LEU A 39 -1.56 -9.39 2.76
C LEU A 39 -0.77 -10.45 1.99
N LEU A 40 -1.36 -11.65 1.88
CA LEU A 40 -0.73 -12.76 1.18
C LEU A 40 -0.57 -12.47 -0.32
N ALA A 41 -1.63 -11.96 -0.94
CA ALA A 41 -1.60 -11.64 -2.37
C ALA A 41 -0.51 -10.61 -2.70
N LEU A 42 -0.38 -9.64 -1.82
CA LEU A 42 0.60 -8.57 -1.98
C LEU A 42 1.76 -8.75 -1.01
N THR A 43 2.07 -10.01 -0.68
CA THR A 43 3.14 -10.35 0.27
C THR A 43 4.40 -9.51 0.06
N PRO A 44 4.63 -8.55 0.98
CA PRO A 44 5.77 -7.64 0.94
C PRO A 44 6.99 -8.18 1.67
N ILE A 45 8.08 -7.42 1.62
CA ILE A 45 9.30 -7.79 2.32
C ILE A 45 9.13 -7.55 3.82
N ALA A 46 8.28 -6.57 4.15
CA ALA A 46 7.99 -6.21 5.53
C ALA A 46 6.56 -5.69 5.67
N VAL A 47 5.96 -5.93 6.83
CA VAL A 47 4.59 -5.49 7.09
C VAL A 47 4.56 -4.48 8.24
N LEU A 48 3.94 -3.33 8.00
CA LEU A 48 3.84 -2.30 9.02
C LEU A 48 2.43 -2.25 9.60
N LEU A 49 2.31 -2.44 10.91
CA LEU A 49 1.01 -2.40 11.57
C LEU A 49 0.94 -1.17 12.48
N ALA A 50 -0.11 -0.37 12.35
CA ALA A 50 -0.24 0.84 13.17
C ALA A 50 -1.56 0.85 13.94
N GLU A 51 -1.49 1.38 15.16
CA GLU A 51 -2.67 1.47 16.04
C GLU A 51 -3.62 2.56 15.53
N PRO A 52 -4.92 2.49 15.91
CA PRO A 52 -5.49 1.44 16.76
C PRO A 52 -5.84 0.15 16.01
N PHE A 53 -5.70 -0.98 16.69
CA PHE A 53 -6.04 -2.27 16.11
C PHE A 53 -7.18 -2.93 16.87
N SER A 54 -8.42 -2.50 16.60
CA SER A 54 -9.57 -3.05 17.29
C SER A 54 -10.29 -4.11 16.44
N TYR A 55 -10.25 -3.94 15.12
CA TYR A 55 -10.91 -4.88 14.21
C TYR A 55 -10.19 -6.23 14.17
N GLY A 56 -8.86 -6.19 14.13
CA GLY A 56 -8.08 -7.42 14.10
C GLY A 56 -7.02 -7.48 15.18
N ASP A 57 -6.60 -8.69 15.53
CA ASP A 57 -5.60 -8.88 16.57
C ASP A 57 -4.20 -8.94 15.97
N VAL A 58 -3.28 -8.13 16.51
CA VAL A 58 -1.91 -8.08 16.03
C VAL A 58 -1.22 -9.44 16.17
N GLN A 59 -1.40 -10.09 17.32
CA GLN A 59 -0.81 -11.41 17.58
C GLN A 59 -1.33 -12.42 16.57
N GLU A 60 -2.62 -12.32 16.26
CA GLU A 60 -3.27 -13.21 15.31
C GLU A 60 -2.62 -13.10 13.93
N LEU A 61 -2.40 -11.86 13.49
CA LEU A 61 -1.78 -11.61 12.19
C LEU A 61 -0.33 -12.12 12.15
N VAL A 62 0.39 -11.91 13.25
CA VAL A 62 1.79 -12.33 13.34
C VAL A 62 1.91 -13.86 13.19
N ASP A 63 1.07 -14.59 13.92
CA ASP A 63 1.08 -16.05 13.88
C ASP A 63 0.73 -16.58 12.48
N GLN A 64 -0.30 -16.00 11.86
CA GLN A 64 -0.72 -16.43 10.53
C GLN A 64 0.32 -16.10 9.47
N LEU A 65 0.95 -14.92 9.59
CA LEU A 65 1.98 -14.51 8.62
C LEU A 65 3.18 -15.44 8.66
N ARG A 66 3.55 -15.90 9.86
CA ARG A 66 4.68 -16.83 10.02
C ARG A 66 4.42 -18.12 9.26
N GLN A 67 3.16 -18.55 9.27
CA GLN A 67 2.75 -19.77 8.58
C GLN A 67 2.96 -19.66 7.07
N ARG A 68 2.73 -18.47 6.53
CA ARG A 68 2.89 -18.25 5.09
C ARG A 68 4.32 -17.87 4.71
N CYS A 69 4.90 -16.93 5.44
CA CYS A 69 6.27 -16.49 5.17
C CYS A 69 7.13 -16.55 6.43
N THR A 70 8.40 -16.92 6.27
CA THR A 70 9.31 -17.02 7.40
C THR A 70 9.70 -15.62 7.90
N PRO A 71 10.04 -15.47 9.20
CA PRO A 71 10.43 -14.18 9.77
C PRO A 71 11.70 -13.59 9.16
N GLU A 72 12.56 -14.45 8.61
CA GLU A 72 13.79 -13.99 7.98
C GLU A 72 13.51 -13.40 6.60
N GLN A 73 12.37 -13.78 6.01
CA GLN A 73 11.99 -13.29 4.69
C GLN A 73 11.04 -12.10 4.81
N LEU A 74 10.18 -12.13 5.82
CA LEU A 74 9.22 -11.05 6.03
C LEU A 74 9.25 -10.62 7.50
N LYS A 75 9.36 -9.33 7.74
CA LYS A 75 9.42 -8.81 9.10
C LYS A 75 8.20 -7.95 9.41
N ILE A 76 7.79 -7.95 10.67
CA ILE A 76 6.64 -7.19 11.12
C ILE A 76 7.07 -6.03 12.02
N PHE A 77 6.60 -4.83 11.69
CA PHE A 77 6.92 -3.64 12.46
C PHE A 77 5.63 -2.97 12.93
N ILE A 78 5.67 -2.38 14.12
CA ILE A 78 4.48 -1.72 14.67
C ILE A 78 4.74 -0.25 14.99
N LEU A 79 3.86 0.60 14.49
CA LEU A 79 3.96 2.04 14.74
C LEU A 79 3.22 2.38 16.03
N GLY A 80 3.97 2.79 17.04
CA GLY A 80 3.38 3.13 18.31
C GLY A 80 4.36 2.90 19.45
N SER A 81 3.86 2.91 20.68
CA SER A 81 4.72 2.70 21.84
C SER A 81 4.29 1.45 22.61
N LYS A 82 5.30 0.65 23.00
CA LYS A 82 5.08 -0.58 23.77
C LYS A 82 4.09 -1.52 23.06
N GLY A 83 3.11 -2.02 23.81
CA GLY A 83 2.12 -2.92 23.25
C GLY A 83 2.40 -4.38 23.56
N ASN A 84 3.66 -4.69 23.90
CA ASN A 84 4.08 -6.06 24.25
C ASN A 84 3.67 -7.08 23.18
N TYR A 85 3.99 -6.80 21.92
CA TYR A 85 3.64 -7.71 20.83
C TYR A 85 4.84 -8.52 20.37
N GLN A 86 4.60 -9.79 20.07
CA GLN A 86 5.65 -10.69 19.62
C GLN A 86 5.77 -10.70 18.10
N GLY A 87 6.95 -11.04 17.59
CA GLY A 87 7.17 -11.09 16.15
C GLY A 87 7.41 -9.72 15.55
N VAL A 88 7.75 -8.75 16.39
CA VAL A 88 7.99 -7.39 15.93
C VAL A 88 9.50 -7.10 15.92
N ASP A 89 10.03 -6.81 14.74
CA ASP A 89 11.45 -6.52 14.59
C ASP A 89 11.83 -5.17 15.20
N ARG A 90 10.99 -4.16 15.00
CA ARG A 90 11.26 -2.83 15.52
C ARG A 90 9.97 -2.03 15.73
N TYR A 91 9.95 -1.21 16.77
CA TYR A 91 8.80 -0.36 17.07
C TYR A 91 9.09 1.08 16.67
N ILE A 92 8.09 1.78 16.15
CA ILE A 92 8.27 3.18 15.76
C ILE A 92 7.51 4.07 16.74
N PRO A 93 8.22 4.68 17.72
CA PRO A 93 7.61 5.54 18.73
C PRO A 93 6.90 6.77 18.14
N LEU A 94 5.78 7.14 18.76
CA LEU A 94 5.00 8.30 18.30
C LEU A 94 5.26 9.50 19.19
N PRO A 95 5.26 10.73 18.62
CA PRO A 95 5.03 10.96 17.18
C PRO A 95 6.23 10.53 16.32
N ILE A 96 5.97 10.29 15.04
CA ILE A 96 7.02 9.85 14.13
C ILE A 96 7.46 10.98 13.20
N HIS A 97 8.72 10.91 12.77
CA HIS A 97 9.27 11.89 11.85
C HIS A 97 9.56 11.21 10.52
N PRO A 98 9.47 11.94 9.39
CA PRO A 98 9.71 11.38 8.06
C PRO A 98 11.03 10.64 7.94
N GLU A 99 12.10 11.30 8.38
CA GLU A 99 13.43 10.71 8.33
C GLU A 99 13.54 9.51 9.27
N SER A 100 12.94 9.66 10.46
CA SER A 100 12.98 8.59 11.47
C SER A 100 12.27 7.34 10.97
N PHE A 101 11.08 7.52 10.41
CA PHE A 101 10.30 6.42 9.87
C PHE A 101 11.07 5.70 8.75
N LEU A 102 11.61 6.49 7.82
CA LEU A 102 12.37 5.95 6.69
C LEU A 102 13.62 5.19 7.13
N GLN A 103 14.38 5.77 8.07
CA GLN A 103 15.62 5.15 8.54
C GLN A 103 15.36 3.83 9.26
N GLN A 104 14.31 3.79 10.09
CA GLN A 104 13.97 2.59 10.84
C GLN A 104 13.58 1.45 9.90
N VAL A 105 12.74 1.76 8.91
CA VAL A 105 12.31 0.76 7.95
C VAL A 105 13.49 0.27 7.11
N THR A 106 14.31 1.20 6.65
CA THR A 106 15.47 0.88 5.81
C THR A 106 16.48 -0.02 6.57
N MET A 107 16.80 0.35 7.81
CA MET A 107 17.74 -0.41 8.62
C MET A 107 17.23 -1.83 8.89
N GLY A 108 15.93 -1.95 9.17
CA GLY A 108 15.35 -3.27 9.40
C GLY A 108 15.48 -4.15 8.17
N LEU A 109 15.25 -3.56 7.01
CA LEU A 109 15.33 -4.28 5.73
C LEU A 109 16.76 -4.73 5.41
N THR A 110 17.74 -3.89 5.74
CA THR A 110 19.14 -4.20 5.46
C THR A 110 19.64 -5.37 6.32
N SER A 111 19.00 -5.60 7.46
CA SER A 111 19.39 -6.69 8.35
C SER A 111 18.65 -7.98 7.99
N LEU A 112 17.71 -7.90 7.05
CA LEU A 112 16.93 -9.05 6.61
C LEU A 112 17.81 -10.09 5.91
N ALA A 113 18.74 -9.62 5.08
CA ALA A 113 19.63 -10.51 4.35
C ALA A 113 21.00 -9.86 4.16
N THR A 114 22.02 -10.68 3.98
CA THR A 114 23.38 -10.19 3.78
C THR A 114 23.55 -9.53 2.41
N SER A 115 22.73 -9.94 1.45
CA SER A 115 22.78 -9.38 0.11
C SER A 115 21.46 -8.72 -0.24
N ALA A 116 21.55 -7.55 -0.92
CA ALA A 116 20.37 -6.80 -1.32
C ALA A 116 19.51 -7.60 -2.30
N GLN A 117 20.15 -8.29 -3.23
CA GLN A 117 19.46 -9.10 -4.23
C GLN A 117 20.03 -10.51 -4.28
N MET B 1 9.49 21.16 6.22
CA MET B 1 8.49 21.55 5.18
C MET B 1 8.01 20.32 4.42
N ALA B 2 8.69 19.19 4.65
CA ALA B 2 8.36 17.92 4.01
C ALA B 2 8.27 18.05 2.48
N PRO B 3 9.39 18.40 1.80
CA PRO B 3 9.41 18.57 0.34
C PRO B 3 9.30 17.24 -0.42
N LEU B 4 9.60 16.14 0.25
CA LEU B 4 9.55 14.81 -0.38
C LEU B 4 8.18 14.15 -0.19
N ARG B 5 7.12 14.87 -0.57
CA ARG B 5 5.76 14.35 -0.47
C ARG B 5 5.06 14.38 -1.83
N LYS B 6 5.85 14.40 -2.89
CA LYS B 6 5.30 14.47 -4.24
C LYS B 6 5.01 13.08 -4.81
N THR B 7 3.97 12.44 -4.29
CA THR B 7 3.57 11.12 -4.76
C THR B 7 2.07 11.08 -5.06
N ALA B 8 1.67 10.16 -5.91
CA ALA B 8 0.26 10.01 -6.27
C ALA B 8 -0.29 8.74 -5.64
N VAL B 9 -1.59 8.68 -5.38
CA VAL B 9 -2.17 7.49 -4.76
C VAL B 9 -3.35 6.94 -5.55
N LEU B 10 -3.33 5.62 -5.75
CA LEU B 10 -4.39 4.91 -6.45
C LEU B 10 -5.29 4.19 -5.46
N LYS B 11 -6.60 4.39 -5.53
CA LYS B 11 -7.52 3.74 -4.62
C LYS B 11 -8.18 2.54 -5.30
N LEU B 12 -7.79 1.34 -4.86
CA LEU B 12 -8.35 0.12 -5.41
C LEU B 12 -9.39 -0.47 -4.47
N TYR B 13 -10.64 -0.48 -4.92
CA TYR B 13 -11.73 -1.03 -4.11
C TYR B 13 -12.06 -2.44 -4.54
N VAL B 14 -12.14 -3.35 -3.56
CA VAL B 14 -12.46 -4.75 -3.83
C VAL B 14 -13.54 -5.26 -2.89
N ALA B 15 -14.10 -6.42 -3.21
CA ALA B 15 -15.17 -7.00 -2.41
C ALA B 15 -14.92 -8.47 -2.13
N GLY B 16 -14.73 -8.81 -0.87
CA GLY B 16 -14.52 -10.19 -0.49
C GLY B 16 -13.08 -10.65 -0.62
N ASN B 17 -12.87 -11.94 -0.34
CA ASN B 17 -11.56 -12.56 -0.42
C ASN B 17 -11.48 -13.54 -1.59
N THR B 18 -12.28 -13.27 -2.62
CA THR B 18 -12.31 -14.13 -3.80
C THR B 18 -11.01 -14.05 -4.61
N PRO B 19 -10.69 -15.11 -5.38
CA PRO B 19 -9.47 -15.17 -6.21
C PRO B 19 -9.35 -14.00 -7.19
N ASN B 20 -10.48 -13.56 -7.73
CA ASN B 20 -10.50 -12.44 -8.69
C ASN B 20 -9.95 -11.18 -8.04
N SER B 21 -10.35 -10.92 -6.80
CA SER B 21 -9.88 -9.75 -6.06
C SER B 21 -8.40 -9.90 -5.74
N VAL B 22 -8.02 -11.13 -5.37
CA VAL B 22 -6.65 -11.48 -5.02
C VAL B 22 -5.69 -11.29 -6.21
N ARG B 23 -6.07 -11.82 -7.37
CA ARG B 23 -5.23 -11.75 -8.57
C ARG B 23 -5.12 -10.33 -9.14
N ALA B 24 -6.14 -9.51 -8.95
CA ALA B 24 -6.12 -8.14 -9.45
C ALA B 24 -5.00 -7.31 -8.82
N LEU B 25 -4.84 -7.46 -7.50
CA LEU B 25 -3.82 -6.71 -6.76
C LEU B 25 -2.39 -7.08 -7.16
N LYS B 26 -2.13 -8.38 -7.32
CA LYS B 26 -0.78 -8.82 -7.67
C LYS B 26 -0.38 -8.44 -9.10
N THR B 27 -1.34 -8.42 -10.02
CA THR B 27 -1.03 -8.05 -11.40
C THR B 27 -0.74 -6.55 -11.50
N LEU B 28 -1.51 -5.76 -10.76
CA LEU B 28 -1.34 -4.31 -10.75
C LEU B 28 -0.04 -3.93 -10.04
N ALA B 29 0.25 -4.60 -8.93
CA ALA B 29 1.45 -4.32 -8.14
C ALA B 29 2.73 -4.57 -8.96
N ASN B 30 2.73 -5.64 -9.75
CA ASN B 30 3.88 -5.98 -10.58
C ASN B 30 4.16 -4.87 -11.59
N ILE B 31 3.10 -4.36 -12.21
CA ILE B 31 3.23 -3.29 -13.18
C ILE B 31 3.67 -1.99 -12.50
N LEU B 32 3.09 -1.74 -11.33
CA LEU B 32 3.38 -0.53 -10.56
C LEU B 32 4.85 -0.50 -10.14
N GLU B 33 5.35 -1.61 -9.62
CA GLU B 33 6.74 -1.69 -9.16
C GLU B 33 7.74 -1.70 -10.31
N LYS B 34 7.29 -2.02 -11.51
CA LYS B 34 8.19 -2.08 -12.67
C LYS B 34 8.17 -0.82 -13.52
N GLU B 35 7.00 -0.50 -14.09
CA GLU B 35 6.87 0.66 -14.97
C GLU B 35 7.06 2.00 -14.27
N PHE B 36 6.47 2.17 -13.09
CA PHE B 36 6.58 3.44 -12.37
C PHE B 36 6.96 3.24 -10.91
N LYS B 37 8.15 2.71 -10.67
CA LYS B 37 8.64 2.47 -9.31
C LYS B 37 9.04 3.78 -8.63
N GLY B 38 8.47 4.02 -7.45
CA GLY B 38 8.79 5.24 -6.70
C GLY B 38 8.06 6.47 -7.19
N VAL B 39 6.98 6.28 -7.94
CA VAL B 39 6.21 7.40 -8.47
C VAL B 39 4.86 7.55 -7.76
N TYR B 40 4.17 6.44 -7.53
CA TYR B 40 2.86 6.48 -6.88
C TYR B 40 2.63 5.28 -5.98
N ALA B 41 1.66 5.43 -5.08
CA ALA B 41 1.33 4.39 -4.11
C ALA B 41 -0.06 3.80 -4.35
N LEU B 42 -0.29 2.60 -3.86
CA LEU B 42 -1.57 1.92 -4.04
C LEU B 42 -2.30 1.72 -2.71
N LYS B 43 -3.59 2.06 -2.68
CA LYS B 43 -4.41 1.90 -1.50
C LYS B 43 -5.52 0.90 -1.78
N VAL B 44 -5.77 -0.03 -0.87
CA VAL B 44 -6.81 -1.05 -1.07
C VAL B 44 -7.87 -1.02 0.03
N ILE B 45 -9.14 -0.90 -0.38
CA ILE B 45 -10.26 -0.86 0.56
C ILE B 45 -11.32 -1.90 0.22
N ASP B 46 -11.81 -2.60 1.24
CA ASP B 46 -12.85 -3.61 1.06
C ASP B 46 -14.22 -2.98 1.31
N VAL B 47 -15.02 -2.88 0.25
CA VAL B 47 -16.34 -2.26 0.34
C VAL B 47 -17.32 -3.03 1.24
N LEU B 48 -17.17 -4.35 1.32
CA LEU B 48 -18.07 -5.16 2.14
C LEU B 48 -17.90 -4.90 3.64
N LYS B 49 -16.66 -4.75 4.09
CA LYS B 49 -16.39 -4.50 5.51
C LYS B 49 -16.79 -3.09 5.93
N ASN B 50 -16.55 -2.12 5.06
CA ASN B 50 -16.91 -0.73 5.36
C ASN B 50 -17.73 -0.12 4.24
N PRO B 51 -19.04 -0.44 4.19
CA PRO B 51 -19.97 0.07 3.15
C PRO B 51 -20.01 1.59 3.10
N GLN B 52 -19.83 2.23 4.26
CA GLN B 52 -19.85 3.69 4.35
C GLN B 52 -18.72 4.33 3.53
N LEU B 53 -17.59 3.62 3.41
CA LEU B 53 -16.46 4.15 2.64
C LEU B 53 -16.81 4.18 1.16
N ALA B 54 -17.46 3.13 0.69
CA ALA B 54 -17.88 3.02 -0.69
C ALA B 54 -18.92 4.09 -1.02
N GLU B 55 -19.84 4.31 -0.08
CA GLU B 55 -20.88 5.33 -0.23
C GLU B 55 -20.29 6.73 -0.27
N GLU B 56 -19.24 6.93 0.53
CA GLU B 56 -18.57 8.22 0.63
C GLU B 56 -17.85 8.56 -0.67
N ASP B 57 -17.22 7.56 -1.29
CA ASP B 57 -16.50 7.78 -2.54
C ASP B 57 -17.34 7.43 -3.77
N LYS B 58 -18.62 7.13 -3.53
CA LYS B 58 -19.56 6.78 -4.59
C LYS B 58 -19.10 5.58 -5.44
N ILE B 59 -18.67 4.52 -4.76
CA ILE B 59 -18.22 3.32 -5.44
C ILE B 59 -19.25 2.20 -5.28
N LEU B 60 -19.81 1.74 -6.40
CA LEU B 60 -20.82 0.68 -6.36
C LEU B 60 -20.40 -0.54 -7.17
N ALA B 61 -19.12 -0.61 -7.52
CA ALA B 61 -18.61 -1.73 -8.31
C ALA B 61 -17.16 -2.03 -7.93
N THR B 62 -16.74 -3.27 -8.12
CA THR B 62 -15.38 -3.69 -7.82
C THR B 62 -14.87 -4.71 -8.84
N PRO B 63 -13.56 -4.69 -9.16
CA PRO B 63 -12.61 -3.72 -8.60
C PRO B 63 -12.67 -2.35 -9.31
N THR B 64 -12.50 -1.28 -8.54
CA THR B 64 -12.54 0.07 -9.10
C THR B 64 -11.33 0.88 -8.66
N LEU B 65 -10.71 1.58 -9.61
CA LEU B 65 -9.55 2.42 -9.32
C LEU B 65 -9.94 3.89 -9.23
N ALA B 66 -9.68 4.49 -8.10
CA ALA B 66 -9.99 5.90 -7.88
C ALA B 66 -8.70 6.71 -7.76
N LYS B 67 -8.63 7.84 -8.46
CA LYS B 67 -7.45 8.68 -8.40
C LYS B 67 -7.70 9.92 -7.53
N VAL B 68 -7.12 9.94 -6.35
CA VAL B 68 -7.27 11.09 -5.45
C VAL B 68 -6.40 12.24 -5.95
N LEU B 69 -5.14 11.93 -6.22
CA LEU B 69 -4.19 12.93 -6.72
C LEU B 69 -3.34 12.32 -7.84
N PRO B 70 -2.95 13.14 -8.84
CA PRO B 70 -3.31 14.55 -8.94
C PRO B 70 -4.74 14.75 -9.45
N PRO B 71 -5.38 15.88 -9.09
CA PRO B 71 -6.75 16.18 -9.53
C PRO B 71 -6.81 16.60 -11.00
N PRO B 72 -8.02 16.59 -11.62
CA PRO B 72 -9.29 16.22 -10.95
C PRO B 72 -9.40 14.74 -10.63
N VAL B 73 -10.24 14.41 -9.66
CA VAL B 73 -10.44 13.03 -9.25
C VAL B 73 -11.19 12.25 -10.34
N ARG B 74 -10.61 11.12 -10.75
CA ARG B 74 -11.21 10.29 -11.78
C ARG B 74 -11.34 8.85 -11.29
N ARG B 75 -12.30 8.12 -11.84
CA ARG B 75 -12.53 6.74 -11.46
C ARG B 75 -12.46 5.82 -12.68
N ILE B 76 -11.77 4.69 -12.51
CA ILE B 76 -11.62 3.73 -13.59
C ILE B 76 -12.28 2.41 -13.21
N ILE B 77 -13.25 1.97 -14.02
CA ILE B 77 -13.96 0.72 -13.77
C ILE B 77 -13.74 -0.23 -14.94
N GLY B 78 -13.27 -1.44 -14.64
CA GLY B 78 -13.02 -2.40 -15.69
C GLY B 78 -12.49 -3.72 -15.15
N ASP B 79 -12.04 -4.57 -16.06
CA ASP B 79 -11.50 -5.87 -15.69
C ASP B 79 -10.01 -5.76 -15.33
N LEU B 80 -9.71 -5.77 -14.04
CA LEU B 80 -8.33 -5.66 -13.58
C LEU B 80 -7.67 -7.04 -13.41
N SER B 81 -8.42 -8.10 -13.67
CA SER B 81 -7.87 -9.45 -13.57
C SER B 81 -6.88 -9.70 -14.69
N ASN B 82 -7.02 -8.93 -15.76
CA ASN B 82 -6.14 -9.03 -16.91
C ASN B 82 -4.99 -8.02 -16.79
N ARG B 83 -3.77 -8.53 -16.68
CA ARG B 83 -2.59 -7.68 -16.53
C ARG B 83 -2.43 -6.73 -17.72
N GLU B 84 -2.77 -7.20 -18.92
CA GLU B 84 -2.65 -6.38 -20.12
C GLU B 84 -3.49 -5.11 -19.98
N LYS B 85 -4.73 -5.27 -19.51
CA LYS B 85 -5.65 -4.13 -19.33
C LYS B 85 -5.17 -3.22 -18.20
N VAL B 86 -4.60 -3.81 -17.15
CA VAL B 86 -4.09 -3.03 -16.02
C VAL B 86 -3.01 -2.07 -16.50
N LEU B 87 -2.13 -2.58 -17.37
CA LEU B 87 -1.06 -1.78 -17.94
C LEU B 87 -1.66 -0.62 -18.74
N ILE B 88 -2.72 -0.93 -19.49
CA ILE B 88 -3.40 0.07 -20.32
C ILE B 88 -3.96 1.22 -19.47
N ALA B 89 -4.65 0.86 -18.38
CA ALA B 89 -5.22 1.85 -17.47
C ALA B 89 -4.14 2.70 -16.79
N LEU B 90 -3.07 2.05 -16.35
CA LEU B 90 -1.97 2.73 -15.67
C LEU B 90 -1.19 3.66 -16.60
N ARG B 91 -1.04 3.28 -17.86
CA ARG B 91 -0.31 4.13 -18.82
C ARG B 91 -1.00 5.48 -18.97
N LEU B 92 -2.34 5.47 -19.00
CA LEU B 92 -3.10 6.71 -19.11
C LEU B 92 -2.86 7.59 -17.88
N LEU B 93 -2.83 6.96 -16.71
CA LEU B 93 -2.59 7.66 -15.45
C LEU B 93 -1.17 8.22 -15.39
N ALA B 94 -0.22 7.43 -15.89
CA ALA B 94 1.19 7.82 -15.92
C ALA B 94 1.40 9.06 -16.78
N GLU B 95 0.70 9.12 -17.90
CA GLU B 95 0.81 10.26 -18.81
C GLU B 95 0.33 11.54 -18.12
N GLU B 96 -0.73 11.42 -17.34
CA GLU B 96 -1.30 12.55 -16.62
C GLU B 96 -0.32 13.13 -15.60
N ILE B 97 0.37 12.25 -14.87
CA ILE B 97 1.34 12.70 -13.87
C ILE B 97 2.64 13.17 -14.54
N GLY B 98 3.01 12.51 -15.64
CA GLY B 98 4.21 12.87 -16.36
C GLY B 98 4.15 14.26 -16.96
N ASP B 99 2.97 14.63 -17.46
CA ASP B 99 2.78 15.95 -18.06
C ASP B 99 2.42 16.98 -17.00
N TYR B 100 3.41 17.40 -16.22
CA TYR B 100 3.20 18.38 -15.17
C TYR B 100 3.89 19.69 -15.52
N LYS B 101 3.12 20.77 -15.55
CA LYS B 101 3.64 22.09 -15.88
C LYS B 101 4.45 22.65 -14.72
N ASP B 102 5.49 23.42 -15.07
CA ASP B 102 6.38 24.05 -14.07
C ASP B 102 7.03 22.98 -13.18
N ASP B 103 7.59 21.95 -13.82
CA ASP B 103 8.24 20.87 -13.10
C ASP B 103 9.71 21.21 -12.85
N ASP B 104 10.01 21.57 -11.61
CA ASP B 104 11.38 21.93 -11.24
C ASP B 104 12.13 20.70 -10.73
N ASP B 105 12.98 20.13 -11.58
CA ASP B 105 13.75 18.95 -11.21
C ASP B 105 15.08 18.93 -11.97
N LYS B 106 15.94 17.97 -11.63
CA LYS B 106 17.24 17.84 -12.28
C LYS B 106 17.54 16.38 -12.61
N GLU A 1 14.34 -2.48 -3.62
CA GLU A 1 13.82 -3.48 -2.66
C GLU A 1 12.43 -3.96 -3.07
N GLY A 2 11.75 -4.66 -2.17
CA GLY A 2 10.43 -5.17 -2.46
C GLY A 2 9.32 -4.23 -2.06
N ARG A 3 8.08 -4.73 -2.08
CA ARG A 3 6.91 -3.94 -1.74
C ARG A 3 6.72 -3.83 -0.23
N ILE A 4 6.12 -2.73 0.21
CA ILE A 4 5.85 -2.49 1.63
C ILE A 4 4.35 -2.27 1.84
N VAL A 5 3.77 -3.01 2.77
CA VAL A 5 2.35 -2.88 3.05
C VAL A 5 2.10 -2.25 4.42
N LEU A 6 1.30 -1.19 4.42
CA LEU A 6 0.95 -0.49 5.64
C LEU A 6 -0.48 -0.83 6.03
N VAL A 7 -0.65 -1.44 7.20
CA VAL A 7 -1.98 -1.78 7.67
C VAL A 7 -2.34 -0.94 8.88
N SER A 8 -3.30 -0.05 8.70
CA SER A 8 -3.76 0.83 9.76
C SER A 8 -5.15 1.36 9.45
N GLU A 9 -5.82 1.89 10.46
CA GLU A 9 -7.15 2.45 10.26
C GLU A 9 -7.08 3.96 10.06
N ASP A 10 -5.88 4.52 10.22
CA ASP A 10 -5.68 5.96 10.04
C ASP A 10 -5.12 6.23 8.65
N GLU A 11 -6.00 6.68 7.77
CA GLU A 11 -5.64 6.98 6.37
C GLU A 11 -4.64 8.13 6.27
N ALA A 12 -4.82 9.17 7.10
CA ALA A 12 -3.95 10.34 7.06
C ALA A 12 -2.49 9.99 7.33
N THR A 13 -2.25 9.14 8.32
CA THR A 13 -0.89 8.72 8.67
C THR A 13 -0.28 7.92 7.52
N SER A 14 -1.08 7.01 6.97
CA SER A 14 -0.65 6.16 5.86
C SER A 14 -0.32 6.97 4.62
N THR A 15 -1.11 8.02 4.35
CA THR A 15 -0.89 8.87 3.18
C THR A 15 0.48 9.52 3.26
N LEU A 16 0.83 10.00 4.46
CA LEU A 16 2.13 10.63 4.69
C LEU A 16 3.27 9.64 4.43
N ILE A 17 3.15 8.46 5.03
CA ILE A 17 4.15 7.40 4.90
C ILE A 17 4.27 6.89 3.47
N CYS A 18 3.15 6.78 2.76
CA CYS A 18 3.19 6.32 1.38
C CYS A 18 4.06 7.26 0.58
N SER A 19 3.90 8.56 0.81
CA SER A 19 4.72 9.56 0.13
C SER A 19 6.18 9.42 0.58
N ILE A 20 6.36 9.15 1.87
CA ILE A 20 7.69 8.98 2.48
C ILE A 20 8.48 7.82 1.87
N LEU A 21 7.84 6.66 1.75
CA LEU A 21 8.51 5.47 1.21
C LEU A 21 8.46 5.38 -0.33
N THR A 22 7.35 5.78 -0.94
CA THR A 22 7.19 5.67 -2.40
C THR A 22 8.20 6.55 -3.15
N THR A 23 8.41 7.78 -2.67
CA THR A 23 9.34 8.70 -3.32
C THR A 23 10.76 8.12 -3.32
N ALA A 24 11.11 7.43 -2.24
CA ALA A 24 12.43 6.82 -2.10
C ALA A 24 12.64 5.64 -3.05
N GLY A 25 11.59 5.22 -3.74
CA GLY A 25 11.71 4.11 -4.67
C GLY A 25 11.05 2.84 -4.17
N TYR A 26 10.33 2.93 -3.07
CA TYR A 26 9.64 1.78 -2.50
C TYR A 26 8.18 1.79 -2.91
N GLN A 27 7.58 0.61 -3.06
CA GLN A 27 6.17 0.52 -3.45
C GLN A 27 5.33 0.21 -2.21
N VAL A 28 4.51 1.18 -1.80
CA VAL A 28 3.69 1.01 -0.61
C VAL A 28 2.21 0.83 -0.94
N ILE A 29 1.62 -0.21 -0.37
CA ILE A 29 0.21 -0.49 -0.54
C ILE A 29 -0.48 -0.48 0.83
N TRP A 30 -1.52 0.31 0.97
CA TRP A 30 -2.24 0.39 2.23
C TRP A 30 -3.45 -0.55 2.21
N LEU A 31 -3.42 -1.53 3.10
CA LEU A 31 -4.49 -2.51 3.19
C LEU A 31 -5.26 -2.35 4.49
N VAL A 32 -6.57 -2.51 4.42
CA VAL A 32 -7.40 -2.41 5.62
C VAL A 32 -7.23 -3.67 6.47
N ASP A 33 -7.46 -3.55 7.76
CA ASP A 33 -7.27 -4.69 8.68
C ASP A 33 -8.42 -5.68 8.61
N GLY A 34 -8.15 -6.91 9.07
CA GLY A 34 -9.15 -7.96 9.09
C GLY A 34 -8.98 -9.01 8.00
N GLU A 35 -8.23 -8.71 6.94
CA GLU A 35 -8.03 -9.68 5.86
C GLU A 35 -6.58 -10.13 5.74
N VAL A 36 -6.34 -11.42 5.96
CA VAL A 36 -4.98 -11.98 5.84
C VAL A 36 -4.66 -12.34 4.39
N GLU A 37 -5.67 -12.82 3.67
CA GLU A 37 -5.49 -13.19 2.26
C GLU A 37 -5.05 -11.98 1.45
N ARG A 38 -5.55 -10.80 1.80
CA ARG A 38 -5.17 -9.56 1.13
C ARG A 38 -3.67 -9.31 1.32
N LEU A 39 -3.17 -9.63 2.51
CA LEU A 39 -1.76 -9.47 2.83
C LEU A 39 -0.92 -10.45 2.02
N LEU A 40 -1.43 -11.67 1.89
CA LEU A 40 -0.75 -12.72 1.12
C LEU A 40 -0.77 -12.41 -0.37
N ALA A 41 -1.90 -11.87 -0.84
CA ALA A 41 -2.05 -11.50 -2.26
C ALA A 41 -1.00 -10.47 -2.67
N LEU A 42 -0.74 -9.52 -1.79
CA LEU A 42 0.24 -8.48 -2.04
C LEU A 42 1.49 -8.65 -1.18
N THR A 43 1.80 -9.92 -0.87
CA THR A 43 2.95 -10.30 -0.02
C THR A 43 4.15 -9.35 -0.14
N PRO A 44 4.32 -8.50 0.89
CA PRO A 44 5.41 -7.53 0.97
C PRO A 44 6.66 -8.11 1.62
N ILE A 45 7.74 -7.33 1.61
CA ILE A 45 8.98 -7.77 2.25
C ILE A 45 8.90 -7.48 3.76
N ALA A 46 8.01 -6.56 4.11
CA ALA A 46 7.79 -6.19 5.50
C ALA A 46 6.36 -5.71 5.70
N VAL A 47 5.79 -6.00 6.86
CA VAL A 47 4.44 -5.60 7.17
C VAL A 47 4.43 -4.63 8.34
N LEU A 48 3.86 -3.45 8.14
CA LEU A 48 3.80 -2.45 9.18
C LEU A 48 2.37 -2.33 9.71
N LEU A 49 2.19 -2.65 10.98
CA LEU A 49 0.88 -2.59 11.60
C LEU A 49 0.81 -1.37 12.52
N ALA A 50 -0.18 -0.51 12.30
CA ALA A 50 -0.33 0.69 13.11
C ALA A 50 -1.69 0.74 13.80
N GLU A 51 -1.67 1.20 15.04
CA GLU A 51 -2.88 1.32 15.85
C GLU A 51 -3.74 2.49 15.38
N PRO A 52 -5.05 2.54 15.74
CA PRO A 52 -5.72 1.52 16.56
C PRO A 52 -6.13 0.26 15.79
N PHE A 53 -6.33 -0.83 16.51
CA PHE A 53 -6.76 -2.09 15.89
C PHE A 53 -8.17 -2.44 16.36
N SER A 54 -9.17 -2.09 15.54
CA SER A 54 -10.56 -2.38 15.88
C SER A 54 -11.05 -3.64 15.19
N TYR A 55 -10.47 -3.92 14.02
CA TYR A 55 -10.86 -5.11 13.25
C TYR A 55 -9.72 -6.11 13.21
N GLY A 56 -9.89 -7.22 13.92
CA GLY A 56 -8.86 -8.25 13.95
C GLY A 56 -7.86 -8.06 15.08
N ASP A 57 -7.20 -9.15 15.45
CA ASP A 57 -6.20 -9.10 16.51
C ASP A 57 -4.79 -8.94 15.92
N VAL A 58 -4.10 -7.87 16.32
CA VAL A 58 -2.75 -7.60 15.83
C VAL A 58 -1.77 -8.76 16.08
N GLN A 59 -1.86 -9.37 17.27
CA GLN A 59 -0.98 -10.50 17.60
C GLN A 59 -1.27 -11.70 16.71
N GLU A 60 -2.55 -11.92 16.43
CA GLU A 60 -2.99 -13.02 15.57
C GLU A 60 -2.43 -12.87 14.16
N LEU A 61 -2.41 -11.63 13.67
CA LEU A 61 -1.90 -11.33 12.33
C LEU A 61 -0.44 -11.72 12.21
N VAL A 62 0.33 -11.45 13.26
CA VAL A 62 1.75 -11.77 13.30
C VAL A 62 1.94 -13.28 13.18
N ASP A 63 1.11 -14.03 13.91
CA ASP A 63 1.17 -15.49 13.91
C ASP A 63 0.89 -16.06 12.51
N GLN A 64 -0.16 -15.56 11.85
CA GLN A 64 -0.51 -16.03 10.51
C GLN A 64 0.57 -15.69 9.49
N LEU A 65 1.06 -14.46 9.52
CA LEU A 65 2.08 -14.02 8.58
C LEU A 65 3.38 -14.80 8.74
N ARG A 66 3.75 -15.09 9.99
CA ARG A 66 4.96 -15.86 10.28
C ARG A 66 4.87 -17.27 9.69
N GLN A 67 3.68 -17.87 9.77
CA GLN A 67 3.45 -19.21 9.24
C GLN A 67 3.49 -19.25 7.71
N ARG A 68 3.18 -18.12 7.08
CA ARG A 68 3.18 -18.04 5.62
C ARG A 68 4.56 -17.68 5.07
N CYS A 69 5.21 -16.71 5.69
CA CYS A 69 6.54 -16.28 5.24
C CYS A 69 7.54 -16.28 6.40
N THR A 70 8.77 -16.68 6.10
CA THR A 70 9.82 -16.72 7.11
C THR A 70 10.27 -15.30 7.49
N PRO A 71 10.80 -15.10 8.71
CA PRO A 71 11.26 -13.78 9.16
C PRO A 71 12.38 -13.19 8.31
N GLU A 72 13.17 -14.07 7.68
CA GLU A 72 14.25 -13.61 6.82
C GLU A 72 13.71 -13.07 5.50
N GLN A 73 12.50 -13.51 5.13
CA GLN A 73 11.88 -13.07 3.89
C GLN A 73 10.89 -11.93 4.14
N LEU A 74 10.19 -11.99 5.27
CA LEU A 74 9.22 -10.96 5.62
C LEU A 74 9.34 -10.61 7.10
N LYS A 75 9.39 -9.32 7.38
CA LYS A 75 9.50 -8.83 8.76
C LYS A 75 8.24 -8.11 9.20
N ILE A 76 7.95 -8.20 10.49
CA ILE A 76 6.78 -7.55 11.07
C ILE A 76 7.18 -6.36 11.93
N PHE A 77 6.60 -5.20 11.64
CA PHE A 77 6.89 -3.98 12.39
C PHE A 77 5.60 -3.37 12.92
N ILE A 78 5.68 -2.78 14.11
CA ILE A 78 4.51 -2.16 14.72
C ILE A 78 4.72 -0.65 14.87
N LEU A 79 3.77 0.12 14.36
CA LEU A 79 3.85 1.57 14.43
C LEU A 79 2.91 2.11 15.50
N GLY A 80 3.47 2.82 16.48
CA GLY A 80 2.65 3.37 17.55
C GLY A 80 2.87 2.68 18.86
N SER A 81 2.59 1.38 18.91
CA SER A 81 2.76 0.60 20.12
C SER A 81 4.24 0.36 20.40
N LYS A 82 4.60 0.22 21.68
CA LYS A 82 5.98 -0.02 22.06
C LYS A 82 6.07 -1.09 23.13
N GLY A 83 7.24 -1.73 23.23
CA GLY A 83 7.43 -2.78 24.21
C GLY A 83 8.03 -4.03 23.59
N ASN A 84 8.02 -5.12 24.34
CA ASN A 84 8.57 -6.39 23.86
C ASN A 84 7.47 -7.23 23.20
N TYR A 85 7.52 -7.34 21.88
CA TYR A 85 6.54 -8.12 21.14
C TYR A 85 7.21 -9.27 20.40
N GLN A 86 6.57 -10.42 20.38
CA GLN A 86 7.11 -11.59 19.70
C GLN A 86 6.81 -11.54 18.21
N GLY A 87 7.82 -11.84 17.40
CA GLY A 87 7.64 -11.83 15.95
C GLY A 87 7.77 -10.45 15.35
N VAL A 88 8.09 -9.46 16.17
CA VAL A 88 8.23 -8.09 15.71
C VAL A 88 9.69 -7.66 15.75
N ASP A 89 10.22 -7.28 14.58
CA ASP A 89 11.62 -6.86 14.46
C ASP A 89 11.88 -5.52 15.14
N ARG A 90 10.97 -4.56 14.94
CA ARG A 90 11.15 -3.23 15.52
C ARG A 90 9.82 -2.47 15.61
N TYR A 91 9.73 -1.57 16.58
CA TYR A 91 8.52 -0.75 16.77
C TYR A 91 8.86 0.72 16.51
N ILE A 92 7.87 1.48 16.03
CA ILE A 92 8.10 2.89 15.74
C ILE A 92 7.51 3.79 16.84
N PRO A 93 8.38 4.41 17.67
CA PRO A 93 7.97 5.31 18.76
C PRO A 93 7.23 6.56 18.27
N LEU A 94 6.33 7.07 19.11
CA LEU A 94 5.57 8.27 18.78
C LEU A 94 5.96 9.42 19.72
N PRO A 95 5.78 10.69 19.29
CA PRO A 95 5.23 11.07 17.97
C PRO A 95 6.09 10.57 16.80
N ILE A 96 5.43 10.24 15.70
CA ILE A 96 6.13 9.75 14.53
C ILE A 96 6.74 10.90 13.72
N HIS A 97 8.03 10.76 13.42
CA HIS A 97 8.74 11.75 12.63
C HIS A 97 9.19 11.10 11.33
N PRO A 98 9.04 11.80 10.19
CA PRO A 98 9.42 11.27 8.86
C PRO A 98 10.85 10.76 8.80
N GLU A 99 11.79 11.56 9.29
CA GLU A 99 13.20 11.17 9.30
C GLU A 99 13.43 9.97 10.20
N SER A 100 12.80 9.98 11.37
CA SER A 100 12.94 8.89 12.34
C SER A 100 12.37 7.59 11.78
N PHE A 101 11.17 7.69 11.20
CA PHE A 101 10.49 6.54 10.60
C PHE A 101 11.32 5.93 9.48
N LEU A 102 11.79 6.78 8.56
CA LEU A 102 12.59 6.34 7.42
C LEU A 102 13.88 5.65 7.84
N GLN A 103 14.58 6.23 8.81
CA GLN A 103 15.84 5.65 9.27
C GLN A 103 15.62 4.28 9.92
N GLN A 104 14.58 4.17 10.75
CA GLN A 104 14.28 2.91 11.43
C GLN A 104 13.84 1.82 10.45
N VAL A 105 13.02 2.18 9.47
CA VAL A 105 12.53 1.20 8.49
C VAL A 105 13.63 0.79 7.51
N THR A 106 14.46 1.74 7.07
CA THR A 106 15.54 1.43 6.13
C THR A 106 16.54 0.43 6.72
N MET A 107 16.97 0.68 7.95
CA MET A 107 17.93 -0.21 8.61
C MET A 107 17.32 -1.60 8.81
N GLY A 108 16.05 -1.66 9.17
CA GLY A 108 15.38 -2.93 9.34
C GLY A 108 15.30 -3.71 8.04
N LEU A 109 15.00 -3.01 6.95
CA LEU A 109 14.88 -3.62 5.63
C LEU A 109 16.24 -4.09 5.09
N THR A 110 17.30 -3.33 5.36
CA THR A 110 18.63 -3.69 4.89
C THR A 110 19.16 -4.94 5.61
N SER A 111 18.53 -5.30 6.71
CA SER A 111 18.92 -6.48 7.47
C SER A 111 18.27 -7.74 6.89
N LEU A 112 17.30 -7.54 6.00
CA LEU A 112 16.59 -8.66 5.37
C LEU A 112 17.49 -9.42 4.39
N ALA A 113 18.24 -8.68 3.58
CA ALA A 113 19.13 -9.28 2.59
C ALA A 113 20.00 -8.23 1.91
N THR A 114 19.38 -7.43 1.04
CA THR A 114 20.09 -6.40 0.30
C THR A 114 20.27 -5.13 1.15
N SER A 115 21.20 -4.28 0.75
CA SER A 115 21.47 -3.05 1.47
C SER A 115 21.95 -1.96 0.51
N ALA A 116 21.87 -0.71 0.93
CA ALA A 116 22.30 0.42 0.11
C ALA A 116 23.82 0.45 -0.02
N GLN A 117 24.29 0.84 -1.19
CA GLN A 117 25.73 0.92 -1.44
C GLN A 117 26.18 2.38 -1.55
N MET B 1 14.37 23.82 3.04
CA MET B 1 14.49 22.79 1.98
C MET B 1 13.10 22.26 1.59
N ALA B 2 13.06 21.49 0.50
CA ALA B 2 11.79 20.94 0.02
C ALA B 2 11.74 19.44 0.30
N PRO B 3 10.86 19.01 1.22
CA PRO B 3 10.69 17.59 1.58
C PRO B 3 10.28 16.73 0.39
N LEU B 4 10.84 15.53 0.32
CA LEU B 4 10.54 14.61 -0.78
C LEU B 4 9.33 13.74 -0.44
N ARG B 5 8.17 14.38 -0.30
CA ARG B 5 6.95 13.66 0.04
C ARG B 5 5.83 13.96 -0.97
N LYS B 6 6.21 14.09 -2.24
CA LYS B 6 5.23 14.39 -3.29
C LYS B 6 4.94 13.17 -4.15
N THR B 7 3.90 12.42 -3.82
CA THR B 7 3.51 11.24 -4.58
C THR B 7 2.01 11.25 -4.84
N ALA B 8 1.57 10.49 -5.83
CA ALA B 8 0.16 10.41 -6.16
C ALA B 8 -0.46 9.18 -5.51
N VAL B 9 -1.72 9.29 -5.10
CA VAL B 9 -2.38 8.19 -4.42
C VAL B 9 -3.51 7.60 -5.26
N LEU B 10 -3.40 6.30 -5.52
CA LEU B 10 -4.40 5.57 -6.28
C LEU B 10 -5.15 4.61 -5.35
N LYS B 11 -6.47 4.70 -5.32
CA LYS B 11 -7.27 3.85 -4.44
C LYS B 11 -8.01 2.77 -5.22
N LEU B 12 -8.22 1.62 -4.58
CA LEU B 12 -8.91 0.51 -5.19
C LEU B 12 -9.98 -0.03 -4.23
N TYR B 13 -11.24 0.04 -4.64
CA TYR B 13 -12.34 -0.45 -3.82
C TYR B 13 -12.76 -1.86 -4.26
N VAL B 14 -12.87 -2.76 -3.28
CA VAL B 14 -13.26 -4.14 -3.56
C VAL B 14 -14.34 -4.62 -2.59
N ALA B 15 -14.99 -5.73 -2.92
CA ALA B 15 -16.04 -6.26 -2.08
C ALA B 15 -15.86 -7.76 -1.82
N GLY B 16 -15.69 -8.11 -0.56
CA GLY B 16 -15.55 -9.50 -0.18
C GLY B 16 -14.14 -10.03 -0.38
N ASN B 17 -14.00 -11.34 -0.35
CA ASN B 17 -12.70 -11.99 -0.51
C ASN B 17 -12.71 -12.93 -1.72
N THR B 18 -13.43 -12.53 -2.76
CA THR B 18 -13.52 -13.34 -3.97
C THR B 18 -12.20 -13.34 -4.74
N PRO B 19 -11.89 -14.43 -5.48
CA PRO B 19 -10.65 -14.55 -6.27
C PRO B 19 -10.46 -13.40 -7.25
N ASN B 20 -11.55 -12.97 -7.89
CA ASN B 20 -11.48 -11.87 -8.85
C ASN B 20 -11.00 -10.59 -8.18
N SER B 21 -11.50 -10.35 -6.97
CA SER B 21 -11.11 -9.17 -6.21
C SER B 21 -9.66 -9.28 -5.73
N VAL B 22 -9.28 -10.49 -5.32
CA VAL B 22 -7.93 -10.78 -4.85
C VAL B 22 -6.89 -10.62 -5.97
N ARG B 23 -7.20 -11.19 -7.14
CA ARG B 23 -6.30 -11.14 -8.29
C ARG B 23 -6.18 -9.73 -8.85
N ALA B 24 -7.22 -8.91 -8.68
CA ALA B 24 -7.20 -7.54 -9.17
C ALA B 24 -6.06 -6.75 -8.54
N LEU B 25 -5.87 -6.93 -7.24
CA LEU B 25 -4.78 -6.24 -6.52
C LEU B 25 -3.43 -6.71 -7.02
N LYS B 26 -3.35 -8.01 -7.28
CA LYS B 26 -2.12 -8.62 -7.76
C LYS B 26 -1.77 -8.08 -9.14
N THR B 27 -2.80 -7.93 -9.97
CA THR B 27 -2.65 -7.42 -11.32
C THR B 27 -2.20 -5.95 -11.28
N LEU B 28 -2.84 -5.17 -10.41
CA LEU B 28 -2.52 -3.75 -10.25
C LEU B 28 -1.11 -3.57 -9.71
N ALA B 29 -0.79 -4.31 -8.65
CA ALA B 29 0.53 -4.23 -8.02
C ALA B 29 1.66 -4.61 -8.96
N ASN B 30 1.47 -5.65 -9.77
CA ASN B 30 2.52 -6.10 -10.68
C ASN B 30 2.90 -5.02 -11.69
N ILE B 31 1.90 -4.39 -12.30
CA ILE B 31 2.14 -3.34 -13.27
C ILE B 31 2.67 -2.06 -12.60
N LEU B 32 2.08 -1.73 -11.46
CA LEU B 32 2.45 -0.54 -10.69
C LEU B 32 3.85 -0.64 -10.09
N GLU B 33 4.19 -1.81 -9.57
CA GLU B 33 5.50 -2.04 -8.93
C GLU B 33 6.68 -1.85 -9.88
N LYS B 34 6.55 -2.27 -11.13
CA LYS B 34 7.65 -2.14 -12.07
C LYS B 34 7.59 -0.89 -12.96
N GLU B 35 6.53 -0.78 -13.75
CA GLU B 35 6.38 0.32 -14.69
C GLU B 35 6.08 1.68 -14.05
N PHE B 36 5.28 1.73 -12.99
CA PHE B 36 4.92 3.00 -12.38
C PHE B 36 5.39 3.12 -10.93
N LYS B 37 6.58 2.62 -10.64
CA LYS B 37 7.12 2.65 -9.28
C LYS B 37 7.70 4.03 -8.93
N GLY B 38 7.55 4.42 -7.67
CA GLY B 38 8.07 5.68 -7.19
C GLY B 38 7.20 6.89 -7.47
N VAL B 39 6.05 6.69 -8.11
CA VAL B 39 5.17 7.82 -8.42
C VAL B 39 3.75 7.64 -7.89
N TYR B 40 3.28 6.40 -7.78
CA TYR B 40 1.91 6.15 -7.30
C TYR B 40 1.87 5.16 -6.14
N ALA B 41 1.01 5.45 -5.17
CA ALA B 41 0.81 4.57 -4.02
C ALA B 41 -0.58 3.96 -4.12
N LEU B 42 -0.77 2.76 -3.58
CA LEU B 42 -2.06 2.07 -3.68
C LEU B 42 -2.76 1.89 -2.33
N LYS B 43 -4.06 2.15 -2.32
CA LYS B 43 -4.90 2.00 -1.13
C LYS B 43 -6.03 1.02 -1.43
N VAL B 44 -6.32 0.11 -0.50
CA VAL B 44 -7.38 -0.88 -0.71
C VAL B 44 -8.44 -0.81 0.39
N ILE B 45 -9.70 -0.65 -0.03
CA ILE B 45 -10.83 -0.56 0.91
C ILE B 45 -11.91 -1.59 0.61
N ASP B 46 -12.38 -2.27 1.66
CA ASP B 46 -13.45 -3.26 1.52
C ASP B 46 -14.79 -2.58 1.80
N VAL B 47 -15.61 -2.43 0.76
CA VAL B 47 -16.90 -1.74 0.90
C VAL B 47 -17.90 -2.48 1.80
N LEU B 48 -17.78 -3.80 1.90
CA LEU B 48 -18.71 -4.57 2.74
C LEU B 48 -18.55 -4.26 4.22
N LYS B 49 -17.31 -4.11 4.69
CA LYS B 49 -17.05 -3.81 6.10
C LYS B 49 -17.47 -2.38 6.47
N ASN B 50 -17.22 -1.44 5.57
CA ASN B 50 -17.57 -0.05 5.81
C ASN B 50 -18.23 0.54 4.56
N PRO B 51 -19.56 0.36 4.43
CA PRO B 51 -20.32 0.84 3.26
C PRO B 51 -20.34 2.36 3.08
N GLN B 52 -20.21 3.10 4.18
CA GLN B 52 -20.23 4.56 4.10
C GLN B 52 -18.98 5.11 3.40
N LEU B 53 -17.88 4.35 3.40
CA LEU B 53 -16.66 4.80 2.72
C LEU B 53 -16.91 4.90 1.21
N ALA B 54 -17.62 3.90 0.67
CA ALA B 54 -17.95 3.88 -0.74
C ALA B 54 -18.88 5.04 -1.09
N GLU B 55 -19.84 5.30 -0.20
CA GLU B 55 -20.80 6.39 -0.39
C GLU B 55 -20.08 7.74 -0.40
N GLU B 56 -19.06 7.85 0.44
CA GLU B 56 -18.28 9.07 0.57
C GLU B 56 -17.52 9.39 -0.74
N ASP B 57 -16.99 8.36 -1.39
CA ASP B 57 -16.25 8.54 -2.63
C ASP B 57 -17.12 8.26 -3.86
N LYS B 58 -18.42 8.15 -3.65
CA LYS B 58 -19.40 7.89 -4.73
C LYS B 58 -19.09 6.61 -5.50
N ILE B 59 -18.80 5.53 -4.77
CA ILE B 59 -18.49 4.25 -5.39
C ILE B 59 -19.68 3.28 -5.22
N LEU B 60 -20.28 2.89 -6.35
CA LEU B 60 -21.44 1.99 -6.31
C LEU B 60 -21.14 0.63 -6.93
N ALA B 61 -19.88 0.38 -7.28
CA ALA B 61 -19.49 -0.89 -7.89
C ALA B 61 -18.07 -1.27 -7.52
N THR B 62 -17.75 -2.56 -7.67
CA THR B 62 -16.40 -3.06 -7.37
C THR B 62 -16.00 -4.16 -8.36
N PRO B 63 -14.70 -4.27 -8.69
CA PRO B 63 -13.65 -3.36 -8.18
C PRO B 63 -13.64 -2.01 -8.91
N THR B 64 -13.34 -0.95 -8.17
CA THR B 64 -13.27 0.39 -8.75
C THR B 64 -11.95 1.06 -8.39
N LEU B 65 -11.31 1.64 -9.40
CA LEU B 65 -10.03 2.33 -9.20
C LEU B 65 -10.27 3.83 -9.12
N ALA B 66 -9.89 4.43 -8.00
CA ALA B 66 -10.08 5.86 -7.79
C ALA B 66 -8.76 6.62 -7.67
N LYS B 67 -8.68 7.78 -8.31
CA LYS B 67 -7.48 8.59 -8.27
C LYS B 67 -7.69 9.80 -7.35
N VAL B 68 -6.95 9.84 -6.24
CA VAL B 68 -7.06 10.95 -5.29
C VAL B 68 -6.45 12.23 -5.86
N LEU B 69 -5.26 12.08 -6.46
CA LEU B 69 -4.56 13.23 -7.03
C LEU B 69 -3.65 12.78 -8.19
N PRO B 70 -3.28 13.70 -9.10
CA PRO B 70 -3.70 15.12 -9.08
C PRO B 70 -5.20 15.30 -9.38
N PRO B 71 -5.90 16.13 -8.57
CA PRO B 71 -7.33 16.40 -8.78
C PRO B 71 -7.57 17.22 -10.05
N PRO B 72 -8.82 17.27 -10.57
CA PRO B 72 -10.02 16.60 -9.99
C PRO B 72 -9.90 15.08 -9.93
N VAL B 73 -10.55 14.49 -8.93
CA VAL B 73 -10.52 13.04 -8.76
C VAL B 73 -11.28 12.31 -9.86
N ARG B 74 -10.78 11.14 -10.25
CA ARG B 74 -11.40 10.34 -11.29
C ARG B 74 -11.54 8.89 -10.85
N ARG B 75 -12.53 8.18 -11.38
CA ARG B 75 -12.75 6.79 -11.02
C ARG B 75 -12.90 5.92 -12.27
N ILE B 76 -12.37 4.70 -12.19
CA ILE B 76 -12.43 3.76 -13.29
C ILE B 76 -13.14 2.48 -12.84
N ILE B 77 -14.19 2.09 -13.57
CA ILE B 77 -14.93 0.88 -13.25
C ILE B 77 -14.82 -0.12 -14.40
N GLY B 78 -14.36 -1.33 -14.08
CA GLY B 78 -14.21 -2.34 -15.11
C GLY B 78 -13.47 -3.56 -14.60
N ASP B 79 -12.89 -4.33 -15.51
CA ASP B 79 -12.14 -5.52 -15.15
C ASP B 79 -10.71 -5.16 -14.74
N LEU B 80 -10.45 -5.17 -13.44
CA LEU B 80 -9.12 -4.84 -12.92
C LEU B 80 -8.19 -6.05 -12.96
N SER B 81 -8.73 -7.20 -13.36
CA SER B 81 -7.94 -8.43 -13.45
C SER B 81 -7.29 -8.56 -14.83
N ASN B 82 -7.57 -7.61 -15.70
CA ASN B 82 -7.01 -7.60 -17.05
C ASN B 82 -5.83 -6.64 -17.11
N ARG B 83 -4.63 -7.19 -17.33
CA ARG B 83 -3.41 -6.38 -17.38
C ARG B 83 -3.45 -5.35 -18.51
N GLU B 84 -4.01 -5.71 -19.65
CA GLU B 84 -4.09 -4.78 -20.77
C GLU B 84 -4.86 -3.52 -20.39
N LYS B 85 -6.02 -3.71 -19.79
CA LYS B 85 -6.86 -2.58 -19.37
C LYS B 85 -6.16 -1.77 -18.30
N VAL B 86 -5.54 -2.46 -17.34
CA VAL B 86 -4.84 -1.79 -16.26
C VAL B 86 -3.68 -0.95 -16.79
N LEU B 87 -2.88 -1.53 -17.68
CA LEU B 87 -1.75 -0.81 -18.27
C LEU B 87 -2.23 0.38 -19.09
N ILE B 88 -3.24 0.16 -19.91
CA ILE B 88 -3.81 1.19 -20.76
C ILE B 88 -4.38 2.35 -19.93
N ALA B 89 -5.16 2.01 -18.90
CA ALA B 89 -5.76 3.00 -18.02
C ALA B 89 -4.70 3.77 -17.23
N LEU B 90 -3.69 3.07 -16.74
CA LEU B 90 -2.62 3.68 -15.96
C LEU B 90 -1.76 4.63 -16.79
N ARG B 91 -1.55 4.29 -18.06
CA ARG B 91 -0.76 5.14 -18.96
C ARG B 91 -1.41 6.50 -19.13
N LEU B 92 -2.74 6.51 -19.22
CA LEU B 92 -3.49 7.76 -19.37
C LEU B 92 -3.30 8.63 -18.13
N LEU B 93 -3.30 8.00 -16.96
CA LEU B 93 -3.10 8.71 -15.69
C LEU B 93 -1.67 9.24 -15.59
N ALA B 94 -0.72 8.44 -16.06
CA ALA B 94 0.69 8.80 -16.04
C ALA B 94 0.96 10.04 -16.89
N GLU B 95 0.30 10.11 -18.05
CA GLU B 95 0.46 11.22 -18.98
C GLU B 95 0.01 12.55 -18.36
N GLU B 96 -1.12 12.54 -17.65
CA GLU B 96 -1.67 13.76 -17.06
C GLU B 96 -0.81 14.28 -15.90
N ILE B 97 -0.01 13.42 -15.28
CA ILE B 97 0.85 13.84 -14.17
C ILE B 97 2.15 14.46 -14.68
N GLY B 98 2.43 14.23 -15.97
CA GLY B 98 3.66 14.72 -16.58
C GLY B 98 3.81 16.24 -16.56
N ASP B 99 2.71 16.97 -16.75
CA ASP B 99 2.78 18.43 -16.76
C ASP B 99 2.60 19.03 -15.37
N TYR B 100 2.54 18.19 -14.34
CA TYR B 100 2.40 18.68 -12.97
C TYR B 100 3.67 18.41 -12.18
N LYS B 101 4.22 19.48 -11.58
CA LYS B 101 5.44 19.40 -10.77
C LYS B 101 6.59 18.75 -11.55
N ASP B 102 6.73 19.13 -12.81
CA ASP B 102 7.79 18.60 -13.67
C ASP B 102 9.05 19.44 -13.56
N ASP B 103 10.03 18.94 -12.82
CA ASP B 103 11.29 19.66 -12.63
C ASP B 103 12.29 19.27 -13.71
N ASP B 104 12.46 20.13 -14.71
CA ASP B 104 13.39 19.86 -15.80
C ASP B 104 14.76 20.43 -15.48
N ASP B 105 15.70 19.56 -15.11
CA ASP B 105 17.06 19.97 -14.77
C ASP B 105 18.01 18.81 -14.95
N LYS B 106 19.30 19.12 -15.08
CA LYS B 106 20.32 18.09 -15.25
C LYS B 106 20.82 17.58 -13.90
N GLU A 1 14.19 -0.15 -2.55
CA GLU A 1 13.60 -0.75 -3.77
C GLU A 1 12.92 -2.09 -3.45
N GLY A 2 11.76 -2.01 -2.81
CA GLY A 2 11.02 -3.22 -2.45
C GLY A 2 9.57 -2.92 -2.15
N ARG A 3 8.78 -3.98 -1.97
CA ARG A 3 7.36 -3.81 -1.69
C ARG A 3 7.08 -3.79 -0.19
N ILE A 4 6.33 -2.80 0.25
CA ILE A 4 5.97 -2.63 1.65
C ILE A 4 4.45 -2.46 1.79
N VAL A 5 3.83 -3.24 2.67
CA VAL A 5 2.39 -3.13 2.87
C VAL A 5 2.09 -2.53 4.24
N LEU A 6 1.30 -1.47 4.24
CA LEU A 6 0.93 -0.77 5.45
C LEU A 6 -0.53 -1.03 5.80
N VAL A 7 -0.76 -1.55 7.01
CA VAL A 7 -2.11 -1.82 7.46
C VAL A 7 -2.48 -0.88 8.61
N SER A 8 -3.37 0.05 8.33
CA SER A 8 -3.82 1.02 9.32
C SER A 8 -5.18 1.58 8.92
N GLU A 9 -6.00 1.89 9.91
CA GLU A 9 -7.33 2.46 9.68
C GLU A 9 -7.26 3.98 9.65
N ASP A 10 -6.11 4.53 10.05
CA ASP A 10 -5.92 5.97 10.08
C ASP A 10 -5.34 6.45 8.74
N GLU A 11 -6.17 7.13 7.96
CA GLU A 11 -5.76 7.63 6.66
C GLU A 11 -4.66 8.69 6.74
N ALA A 12 -4.68 9.50 7.79
CA ALA A 12 -3.67 10.55 7.97
C ALA A 12 -2.26 9.98 8.10
N THR A 13 -2.13 8.97 8.96
CA THR A 13 -0.84 8.32 9.18
C THR A 13 -0.43 7.50 7.97
N SER A 14 -1.39 6.78 7.40
CA SER A 14 -1.14 5.93 6.24
C SER A 14 -0.66 6.73 5.03
N THR A 15 -1.29 7.88 4.78
CA THR A 15 -0.90 8.73 3.66
C THR A 15 0.52 9.27 3.86
N LEU A 16 0.80 9.70 5.09
CA LEU A 16 2.10 10.25 5.43
C LEU A 16 3.20 9.19 5.26
N ILE A 17 2.96 7.99 5.79
CA ILE A 17 3.91 6.89 5.70
C ILE A 17 4.14 6.47 4.25
N CYS A 18 3.03 6.40 3.50
CA CYS A 18 3.08 5.98 2.11
C CYS A 18 3.97 6.90 1.27
N SER A 19 3.77 8.22 1.41
CA SER A 19 4.55 9.19 0.65
C SER A 19 6.04 9.12 1.01
N ILE A 20 6.34 8.88 2.28
CA ILE A 20 7.72 8.78 2.75
C ILE A 20 8.47 7.62 2.10
N LEU A 21 7.84 6.45 2.07
CA LEU A 21 8.46 5.25 1.51
C LEU A 21 8.30 5.13 0.00
N THR A 22 7.12 5.50 -0.53
CA THR A 22 6.85 5.38 -1.96
C THR A 22 7.78 6.21 -2.83
N THR A 23 7.99 7.47 -2.45
CA THR A 23 8.86 8.36 -3.22
C THR A 23 10.33 8.00 -3.04
N ALA A 24 10.63 7.21 -2.02
CA ALA A 24 12.00 6.81 -1.72
C ALA A 24 12.44 5.61 -2.56
N GLY A 25 11.57 5.16 -3.46
CA GLY A 25 11.90 4.03 -4.32
C GLY A 25 11.23 2.73 -3.89
N TYR A 26 10.44 2.80 -2.82
CA TYR A 26 9.74 1.62 -2.33
C TYR A 26 8.28 1.64 -2.79
N GLN A 27 7.69 0.46 -2.96
CA GLN A 27 6.31 0.36 -3.40
C GLN A 27 5.43 0.06 -2.19
N VAL A 28 4.62 1.03 -1.79
CA VAL A 28 3.76 0.87 -0.63
C VAL A 28 2.31 0.56 -1.00
N ILE A 29 1.78 -0.49 -0.39
CA ILE A 29 0.39 -0.88 -0.59
C ILE A 29 -0.36 -0.74 0.73
N TRP A 30 -1.42 0.04 0.71
CA TRP A 30 -2.23 0.28 1.90
C TRP A 30 -3.41 -0.70 1.92
N LEU A 31 -3.41 -1.58 2.91
CA LEU A 31 -4.46 -2.57 3.04
C LEU A 31 -5.24 -2.39 4.34
N VAL A 32 -6.52 -2.73 4.30
CA VAL A 32 -7.36 -2.62 5.49
C VAL A 32 -7.15 -3.79 6.45
N ASP A 33 -7.42 -3.55 7.72
CA ASP A 33 -7.24 -4.54 8.78
C ASP A 33 -8.24 -5.70 8.67
N GLY A 34 -7.76 -6.92 8.93
CA GLY A 34 -8.62 -8.08 8.91
C GLY A 34 -8.49 -8.95 7.66
N GLU A 35 -7.67 -8.54 6.70
CA GLU A 35 -7.52 -9.33 5.47
C GLU A 35 -6.11 -9.92 5.31
N VAL A 36 -5.90 -11.10 5.89
CA VAL A 36 -4.61 -11.79 5.78
C VAL A 36 -4.39 -12.33 4.38
N GLU A 37 -5.44 -12.89 3.77
CA GLU A 37 -5.34 -13.43 2.42
C GLU A 37 -4.93 -12.33 1.43
N ARG A 38 -5.45 -11.14 1.63
CA ARG A 38 -5.09 -9.99 0.80
C ARG A 38 -3.61 -9.67 1.00
N LEU A 39 -3.14 -9.81 2.23
CA LEU A 39 -1.74 -9.56 2.56
C LEU A 39 -0.84 -10.58 1.87
N LEU A 40 -1.30 -11.84 1.86
CA LEU A 40 -0.57 -12.93 1.23
C LEU A 40 -0.47 -12.72 -0.28
N ALA A 41 -1.55 -12.25 -0.87
CA ALA A 41 -1.59 -11.98 -2.32
C ALA A 41 -0.53 -10.96 -2.73
N LEU A 42 -0.35 -9.96 -1.89
CA LEU A 42 0.62 -8.90 -2.15
C LEU A 42 1.83 -9.00 -1.23
N THR A 43 2.15 -10.23 -0.82
CA THR A 43 3.27 -10.53 0.10
C THR A 43 4.49 -9.63 -0.14
N PRO A 44 4.68 -8.64 0.74
CA PRO A 44 5.79 -7.69 0.67
C PRO A 44 7.03 -8.19 1.39
N ILE A 45 8.07 -7.38 1.40
CA ILE A 45 9.31 -7.75 2.09
C ILE A 45 9.16 -7.46 3.58
N ALA A 46 8.30 -6.48 3.89
CA ALA A 46 8.03 -6.08 5.27
C ALA A 46 6.59 -5.58 5.41
N VAL A 47 6.01 -5.81 6.57
CA VAL A 47 4.63 -5.38 6.83
C VAL A 47 4.58 -4.38 7.98
N LEU A 48 3.95 -3.23 7.73
CA LEU A 48 3.84 -2.20 8.74
C LEU A 48 2.42 -2.19 9.33
N LEU A 49 2.32 -2.38 10.64
CA LEU A 49 1.03 -2.39 11.31
C LEU A 49 0.91 -1.17 12.22
N ALA A 50 -0.16 -0.40 12.07
CA ALA A 50 -0.36 0.79 12.89
C ALA A 50 -1.80 0.90 13.39
N GLU A 51 -1.95 1.53 14.55
CA GLU A 51 -3.25 1.72 15.19
C GLU A 51 -4.12 2.70 14.40
N PRO A 52 -5.46 2.66 14.58
CA PRO A 52 -6.15 1.72 15.47
C PRO A 52 -6.55 0.40 14.79
N PHE A 53 -6.77 -0.63 15.60
CA PHE A 53 -7.20 -1.94 15.11
C PHE A 53 -8.59 -2.27 15.64
N SER A 54 -9.64 -1.81 14.95
CA SER A 54 -11.01 -2.08 15.38
C SER A 54 -11.66 -3.23 14.60
N TYR A 55 -11.08 -3.59 13.47
CA TYR A 55 -11.62 -4.66 12.65
C TYR A 55 -10.91 -6.00 12.89
N GLY A 56 -9.95 -6.02 13.81
CA GLY A 56 -9.25 -7.24 14.10
C GLY A 56 -8.18 -7.07 15.16
N ASP A 57 -7.59 -8.17 15.59
CA ASP A 57 -6.56 -8.15 16.61
C ASP A 57 -5.17 -8.15 15.96
N VAL A 58 -4.40 -7.10 16.22
CA VAL A 58 -3.05 -6.97 15.66
C VAL A 58 -2.15 -8.14 16.11
N GLN A 59 -2.41 -8.66 17.30
CA GLN A 59 -1.63 -9.76 17.84
C GLN A 59 -1.78 -11.03 17.02
N GLU A 60 -2.99 -11.31 16.55
CA GLU A 60 -3.25 -12.52 15.76
C GLU A 60 -2.63 -12.39 14.36
N LEU A 61 -2.53 -11.17 13.85
CA LEU A 61 -1.95 -10.92 12.53
C LEU A 61 -0.49 -11.33 12.50
N VAL A 62 0.23 -10.98 13.56
CA VAL A 62 1.65 -11.29 13.68
C VAL A 62 1.86 -12.81 13.68
N ASP A 63 1.06 -13.51 14.49
CA ASP A 63 1.14 -14.96 14.61
C ASP A 63 0.82 -15.66 13.28
N GLN A 64 -0.21 -15.20 12.59
CA GLN A 64 -0.60 -15.79 11.31
C GLN A 64 0.45 -15.56 10.23
N LEU A 65 1.02 -14.36 10.17
CA LEU A 65 2.02 -14.02 9.16
C LEU A 65 3.32 -14.81 9.32
N ARG A 66 3.76 -15.03 10.56
CA ARG A 66 5.00 -15.76 10.82
C ARG A 66 4.89 -17.24 10.43
N GLN A 67 3.66 -17.72 10.28
CA GLN A 67 3.44 -19.12 9.89
C GLN A 67 3.36 -19.27 8.37
N ARG A 68 3.37 -18.13 7.66
CA ARG A 68 3.28 -18.16 6.21
C ARG A 68 4.63 -17.81 5.57
N CYS A 69 5.34 -16.86 6.16
CA CYS A 69 6.64 -16.45 5.64
C CYS A 69 7.72 -16.50 6.72
N THR A 70 8.95 -16.77 6.30
CA THR A 70 10.08 -16.83 7.23
C THR A 70 10.51 -15.41 7.63
N PRO A 71 11.23 -15.26 8.76
CA PRO A 71 11.70 -13.94 9.24
C PRO A 71 12.50 -13.16 8.21
N GLU A 72 13.37 -13.84 7.47
CA GLU A 72 14.17 -13.19 6.44
C GLU A 72 13.32 -12.86 5.21
N GLN A 73 12.30 -13.68 4.96
CA GLN A 73 11.41 -13.47 3.83
C GLN A 73 10.48 -12.28 4.06
N LEU A 74 10.02 -12.13 5.29
CA LEU A 74 9.12 -11.04 5.65
C LEU A 74 9.28 -10.64 7.11
N LYS A 75 9.37 -9.34 7.35
CA LYS A 75 9.51 -8.81 8.71
C LYS A 75 8.28 -8.00 9.09
N ILE A 76 7.91 -8.06 10.35
CA ILE A 76 6.74 -7.34 10.85
C ILE A 76 7.16 -6.17 11.73
N PHE A 77 6.67 -4.97 11.39
CA PHE A 77 6.98 -3.78 12.15
C PHE A 77 5.70 -3.17 12.71
N ILE A 78 5.76 -2.67 13.93
CA ILE A 78 4.57 -2.09 14.57
C ILE A 78 4.80 -0.62 14.91
N LEU A 79 3.87 0.23 14.47
CA LEU A 79 3.96 1.67 14.75
C LEU A 79 3.05 2.02 15.93
N GLY A 80 3.61 2.77 16.87
CA GLY A 80 2.83 3.16 18.03
C GLY A 80 3.40 2.63 19.33
N SER A 81 3.22 1.34 19.59
CA SER A 81 3.71 0.71 20.80
C SER A 81 4.31 -0.66 20.50
N LYS A 82 5.10 -1.18 21.43
CA LYS A 82 5.73 -2.49 21.27
C LYS A 82 4.72 -3.61 21.49
N GLY A 83 4.55 -4.47 20.50
CA GLY A 83 3.62 -5.58 20.61
C GLY A 83 4.10 -6.68 21.54
N ASN A 84 5.43 -6.72 21.75
CA ASN A 84 6.06 -7.74 22.62
C ASN A 84 5.76 -9.15 22.12
N TYR A 85 5.76 -9.33 20.81
CA TYR A 85 5.50 -10.63 20.20
C TYR A 85 6.63 -11.04 19.26
N GLN A 86 6.78 -12.34 19.06
CA GLN A 86 7.82 -12.87 18.18
C GLN A 86 7.50 -12.55 16.72
N GLY A 87 8.54 -12.35 15.92
CA GLY A 87 8.33 -12.03 14.51
C GLY A 87 8.40 -10.54 14.24
N VAL A 88 8.44 -9.74 15.30
CA VAL A 88 8.52 -8.30 15.16
C VAL A 88 9.98 -7.86 15.21
N ASP A 89 10.50 -7.42 14.07
CA ASP A 89 11.89 -6.98 13.96
C ASP A 89 12.16 -5.69 14.72
N ARG A 90 11.25 -4.72 14.60
CA ARG A 90 11.42 -3.43 15.27
C ARG A 90 10.08 -2.72 15.42
N TYR A 91 9.98 -1.88 16.46
CA TYR A 91 8.76 -1.13 16.72
C TYR A 91 9.06 0.37 16.63
N ILE A 92 8.10 1.15 16.15
CA ILE A 92 8.27 2.59 16.00
C ILE A 92 7.26 3.36 16.85
N PRO A 93 7.66 3.80 18.05
CA PRO A 93 6.79 4.55 18.98
C PRO A 93 6.31 5.89 18.42
N LEU A 94 5.07 6.26 18.75
CA LEU A 94 4.47 7.52 18.30
C LEU A 94 4.61 8.59 19.38
N PRO A 95 4.66 9.89 19.00
CA PRO A 95 4.62 10.33 17.60
C PRO A 95 5.92 10.07 16.85
N ILE A 96 5.81 9.88 15.55
CA ILE A 96 6.99 9.60 14.72
C ILE A 96 7.34 10.78 13.82
N HIS A 97 8.59 10.82 13.41
CA HIS A 97 9.06 11.86 12.49
C HIS A 97 9.39 11.20 11.15
N PRO A 98 9.17 11.90 10.02
CA PRO A 98 9.42 11.34 8.68
C PRO A 98 10.82 10.77 8.51
N GLU A 99 11.83 11.56 8.87
CA GLU A 99 13.23 11.12 8.77
C GLU A 99 13.51 9.98 9.73
N SER A 100 12.96 10.08 10.95
CA SER A 100 13.17 9.07 11.98
C SER A 100 12.57 7.72 11.56
N PHE A 101 11.34 7.75 11.06
CA PHE A 101 10.65 6.55 10.61
C PHE A 101 11.40 5.87 9.48
N LEU A 102 11.79 6.65 8.47
CA LEU A 102 12.50 6.12 7.30
C LEU A 102 13.84 5.49 7.68
N GLN A 103 14.63 6.16 8.53
CA GLN A 103 15.93 5.64 8.93
C GLN A 103 15.79 4.33 9.70
N GLN A 104 14.80 4.28 10.60
CA GLN A 104 14.58 3.10 11.41
C GLN A 104 14.13 1.93 10.54
N VAL A 105 13.25 2.21 9.57
CA VAL A 105 12.77 1.19 8.65
C VAL A 105 13.91 0.67 7.77
N THR A 106 14.72 1.60 7.27
CA THR A 106 15.86 1.25 6.41
C THR A 106 16.83 0.34 7.15
N MET A 107 17.12 0.67 8.41
CA MET A 107 18.02 -0.12 9.24
C MET A 107 17.49 -1.54 9.41
N GLY A 108 16.20 -1.66 9.71
CA GLY A 108 15.58 -2.97 9.87
C GLY A 108 15.60 -3.78 8.58
N LEU A 109 15.37 -3.09 7.46
CA LEU A 109 15.33 -3.72 6.14
C LEU A 109 16.72 -4.09 5.58
N THR A 110 17.79 -3.80 6.32
CA THR A 110 19.14 -4.12 5.85
C THR A 110 19.36 -5.63 5.71
N SER A 111 18.58 -6.41 6.47
CA SER A 111 18.68 -7.87 6.42
C SER A 111 17.71 -8.44 5.39
N LEU A 112 17.00 -7.56 4.69
CA LEU A 112 16.02 -7.97 3.68
C LEU A 112 16.61 -7.87 2.28
N ALA A 113 15.86 -8.40 1.30
CA ALA A 113 16.30 -8.36 -0.09
C ALA A 113 15.53 -7.29 -0.86
N THR A 114 16.18 -6.73 -1.87
CA THR A 114 15.57 -5.68 -2.69
C THR A 114 15.39 -6.15 -4.13
N SER A 115 14.52 -5.48 -4.87
CA SER A 115 14.26 -5.83 -6.26
C SER A 115 15.23 -5.12 -7.21
N ALA A 116 16.02 -4.21 -6.66
CA ALA A 116 16.99 -3.45 -7.44
C ALA A 116 18.19 -3.08 -6.59
N GLN A 117 19.34 -2.88 -7.24
CA GLN A 117 20.59 -2.52 -6.56
C GLN A 117 20.97 -3.55 -5.50
N MET B 1 6.17 15.44 -10.32
CA MET B 1 6.23 16.93 -10.30
C MET B 1 7.26 17.41 -9.28
N ALA B 2 7.48 16.60 -8.25
CA ALA B 2 8.43 16.94 -7.20
C ALA B 2 9.33 15.74 -6.90
N PRO B 3 10.59 15.99 -6.47
CA PRO B 3 11.55 14.92 -6.15
C PRO B 3 11.03 13.98 -5.06
N LEU B 4 10.34 14.55 -4.07
CA LEU B 4 9.77 13.77 -2.99
C LEU B 4 8.36 14.26 -2.66
N ARG B 5 7.56 13.38 -2.06
CA ARG B 5 6.17 13.68 -1.68
C ARG B 5 5.28 13.76 -2.92
N LYS B 6 4.04 14.22 -2.72
CA LYS B 6 3.06 14.38 -3.80
C LYS B 6 2.78 13.07 -4.54
N THR B 7 2.65 11.97 -3.80
CA THR B 7 2.37 10.68 -4.41
C THR B 7 0.88 10.53 -4.73
N ALA B 8 0.56 9.64 -5.66
CA ALA B 8 -0.83 9.40 -6.04
C ALA B 8 -1.35 8.13 -5.38
N VAL B 9 -2.62 8.12 -5.02
CA VAL B 9 -3.21 6.96 -4.37
C VAL B 9 -4.26 6.31 -5.26
N LEU B 10 -4.02 5.04 -5.60
CA LEU B 10 -4.94 4.27 -6.44
C LEU B 10 -5.63 3.20 -5.59
N LYS B 11 -6.95 3.18 -5.59
CA LYS B 11 -7.68 2.20 -4.80
C LYS B 11 -8.20 1.07 -5.67
N LEU B 12 -8.22 -0.13 -5.10
CA LEU B 12 -8.69 -1.31 -5.82
C LEU B 12 -9.74 -2.04 -5.00
N TYR B 13 -10.94 -2.15 -5.55
CA TYR B 13 -12.04 -2.82 -4.87
C TYR B 13 -12.23 -4.25 -5.39
N VAL B 14 -12.33 -5.20 -4.47
CA VAL B 14 -12.51 -6.61 -4.83
C VAL B 14 -13.64 -7.24 -4.01
N ALA B 15 -14.14 -8.38 -4.48
CA ALA B 15 -15.23 -9.05 -3.80
C ALA B 15 -14.95 -10.54 -3.62
N GLY B 16 -14.44 -10.90 -2.45
CA GLY B 16 -14.14 -12.30 -2.15
C GLY B 16 -12.72 -12.69 -2.49
N ASN B 17 -12.22 -13.70 -1.81
CA ASN B 17 -10.86 -14.17 -2.05
C ASN B 17 -10.83 -15.23 -3.14
N THR B 18 -10.96 -14.77 -4.39
CA THR B 18 -10.93 -15.67 -5.53
C THR B 18 -9.60 -15.55 -6.27
N PRO B 19 -9.17 -16.60 -6.99
CA PRO B 19 -7.91 -16.60 -7.73
C PRO B 19 -7.75 -15.43 -8.70
N ASN B 20 -8.83 -15.06 -9.38
CA ASN B 20 -8.77 -13.94 -10.32
C ASN B 20 -8.56 -12.63 -9.59
N SER B 21 -9.15 -12.50 -8.40
CA SER B 21 -9.00 -11.31 -7.59
C SER B 21 -7.59 -11.24 -7.00
N VAL B 22 -7.10 -12.41 -6.57
CA VAL B 22 -5.76 -12.53 -5.99
C VAL B 22 -4.68 -12.20 -7.01
N ARG B 23 -4.81 -12.77 -8.21
CA ARG B 23 -3.84 -12.55 -9.28
C ARG B 23 -3.90 -11.13 -9.83
N ALA B 24 -5.08 -10.50 -9.75
CA ALA B 24 -5.25 -9.14 -10.26
C ALA B 24 -4.31 -8.17 -9.55
N LEU B 25 -4.23 -8.29 -8.23
CA LEU B 25 -3.33 -7.44 -7.44
C LEU B 25 -1.88 -7.71 -7.79
N LYS B 26 -1.54 -8.97 -7.96
CA LYS B 26 -0.18 -9.37 -8.30
C LYS B 26 0.22 -8.83 -9.68
N THR B 27 -0.70 -8.91 -10.63
CA THR B 27 -0.45 -8.44 -11.98
C THR B 27 -0.34 -6.92 -12.02
N LEU B 28 -1.25 -6.26 -11.32
CA LEU B 28 -1.27 -4.80 -11.26
C LEU B 28 -0.03 -4.27 -10.53
N ALA B 29 0.34 -4.93 -9.44
CA ALA B 29 1.50 -4.54 -8.66
C ALA B 29 2.79 -4.61 -9.49
N ASN B 30 2.91 -5.64 -10.33
CA ASN B 30 4.08 -5.81 -11.18
C ASN B 30 4.22 -4.64 -12.15
N ILE B 31 3.10 -4.26 -12.76
CA ILE B 31 3.07 -3.14 -13.71
C ILE B 31 3.35 -1.83 -12.98
N LEU B 32 2.71 -1.69 -11.82
CA LEU B 32 2.83 -0.50 -10.99
C LEU B 32 4.26 -0.29 -10.50
N GLU B 33 4.89 -1.35 -10.01
CA GLU B 33 6.26 -1.27 -9.49
C GLU B 33 7.30 -1.06 -10.60
N LYS B 34 6.92 -1.29 -11.85
CA LYS B 34 7.86 -1.14 -12.95
C LYS B 34 7.78 0.22 -13.64
N GLU B 35 6.59 0.60 -14.13
CA GLU B 35 6.44 1.85 -14.86
C GLU B 35 5.98 3.02 -13.98
N PHE B 36 5.29 2.72 -12.88
CA PHE B 36 4.78 3.78 -12.02
C PHE B 36 5.38 3.72 -10.62
N LYS B 37 6.61 3.25 -10.52
CA LYS B 37 7.29 3.12 -9.23
C LYS B 37 7.64 4.49 -8.64
N GLY B 38 7.14 4.73 -7.43
CA GLY B 38 7.42 5.98 -6.74
C GLY B 38 6.41 7.09 -6.98
N VAL B 39 5.53 6.90 -7.96
CA VAL B 39 4.54 7.93 -8.28
C VAL B 39 3.12 7.52 -7.86
N TYR B 40 2.82 6.22 -7.90
CA TYR B 40 1.50 5.73 -7.53
C TYR B 40 1.56 4.67 -6.43
N ALA B 41 0.59 4.76 -5.52
CA ALA B 41 0.47 3.80 -4.42
C ALA B 41 -0.81 3.00 -4.59
N LEU B 42 -0.85 1.79 -4.05
CA LEU B 42 -2.01 0.92 -4.20
C LEU B 42 -2.73 0.68 -2.87
N LYS B 43 -4.06 0.76 -2.91
CA LYS B 43 -4.90 0.54 -1.74
C LYS B 43 -5.89 -0.58 -2.05
N VAL B 44 -6.02 -1.56 -1.16
CA VAL B 44 -6.92 -2.69 -1.43
C VAL B 44 -8.12 -2.71 -0.46
N ILE B 45 -9.33 -2.66 -1.02
CA ILE B 45 -10.56 -2.68 -0.23
C ILE B 45 -11.46 -3.84 -0.63
N ASP B 46 -11.93 -4.60 0.37
CA ASP B 46 -12.84 -5.72 0.12
C ASP B 46 -14.27 -5.29 0.37
N VAL B 47 -15.08 -5.22 -0.69
CA VAL B 47 -16.47 -4.75 -0.58
C VAL B 47 -17.36 -5.71 0.24
N LEU B 48 -17.06 -7.00 0.24
CA LEU B 48 -17.86 -7.96 1.00
C LEU B 48 -17.70 -7.77 2.51
N LYS B 49 -16.48 -7.45 2.94
CA LYS B 49 -16.20 -7.25 4.36
C LYS B 49 -16.85 -5.97 4.87
N ASN B 50 -16.81 -4.93 4.06
CA ASN B 50 -17.41 -3.65 4.43
C ASN B 50 -18.25 -3.12 3.27
N PRO B 51 -19.52 -3.57 3.16
CA PRO B 51 -20.43 -3.17 2.08
C PRO B 51 -20.79 -1.68 2.08
N GLN B 52 -20.59 -1.03 3.23
CA GLN B 52 -20.90 0.39 3.35
C GLN B 52 -19.99 1.21 2.44
N LEU B 53 -18.74 0.76 2.33
CA LEU B 53 -17.75 1.44 1.50
C LEU B 53 -18.14 1.39 0.03
N ALA B 54 -18.64 0.23 -0.41
CA ALA B 54 -19.07 0.05 -1.79
C ALA B 54 -20.25 0.96 -2.11
N GLU B 55 -21.17 1.08 -1.15
CA GLU B 55 -22.35 1.93 -1.30
C GLU B 55 -21.95 3.41 -1.38
N GLU B 56 -20.94 3.79 -0.60
CA GLU B 56 -20.47 5.17 -0.53
C GLU B 56 -19.75 5.58 -1.82
N ASP B 57 -18.97 4.67 -2.40
CA ASP B 57 -18.23 4.98 -3.62
C ASP B 57 -18.95 4.47 -4.87
N LYS B 58 -20.18 3.98 -4.70
CA LYS B 58 -20.98 3.46 -5.81
C LYS B 58 -20.26 2.35 -6.58
N ILE B 59 -19.76 1.36 -5.85
CA ILE B 59 -19.06 0.24 -6.49
C ILE B 59 -20.04 -0.85 -6.89
N LEU B 60 -20.31 -0.94 -8.19
CA LEU B 60 -21.23 -1.94 -8.70
C LEU B 60 -20.53 -3.10 -9.39
N ALA B 61 -19.20 -3.00 -9.54
CA ALA B 61 -18.43 -4.04 -10.20
C ALA B 61 -17.02 -4.15 -9.63
N THR B 62 -16.51 -5.38 -9.58
CA THR B 62 -15.17 -5.65 -9.05
C THR B 62 -14.49 -6.75 -9.87
N PRO B 63 -13.15 -6.72 -9.98
CA PRO B 63 -12.30 -5.68 -9.37
C PRO B 63 -12.31 -4.38 -10.17
N THR B 64 -12.04 -3.27 -9.50
CA THR B 64 -12.00 -1.96 -10.16
C THR B 64 -10.99 -1.05 -9.45
N LEU B 65 -10.37 -0.17 -10.23
CA LEU B 65 -9.40 0.76 -9.66
C LEU B 65 -9.96 2.18 -9.66
N ALA B 66 -9.83 2.85 -8.51
CA ALA B 66 -10.34 4.20 -8.35
C ALA B 66 -9.25 5.20 -8.00
N LYS B 67 -9.31 6.36 -8.63
CA LYS B 67 -8.35 7.44 -8.38
C LYS B 67 -8.98 8.46 -7.46
N VAL B 68 -8.36 8.70 -6.30
CA VAL B 68 -8.88 9.66 -5.35
C VAL B 68 -8.00 10.90 -5.27
N LEU B 69 -6.73 10.71 -4.91
CA LEU B 69 -5.81 11.83 -4.78
C LEU B 69 -4.51 11.55 -5.55
N PRO B 70 -3.98 12.56 -6.27
CA PRO B 70 -4.61 13.89 -6.39
C PRO B 70 -5.73 13.89 -7.44
N PRO B 71 -6.68 14.83 -7.34
CA PRO B 71 -7.79 14.96 -8.31
C PRO B 71 -7.30 15.36 -9.70
N PRO B 72 -8.14 15.23 -10.75
CA PRO B 72 -9.53 14.74 -10.65
C PRO B 72 -9.65 13.23 -10.41
N VAL B 73 -10.81 12.81 -9.91
CA VAL B 73 -11.08 11.41 -9.63
C VAL B 73 -11.44 10.66 -10.92
N ARG B 74 -11.13 9.35 -10.96
CA ARG B 74 -11.40 8.54 -12.14
C ARG B 74 -11.46 7.05 -11.77
N ARG B 75 -12.33 6.31 -12.44
CA ARG B 75 -12.46 4.88 -12.19
C ARG B 75 -12.37 4.07 -13.48
N ILE B 76 -11.68 2.94 -13.40
CA ILE B 76 -11.54 2.06 -14.55
C ILE B 76 -12.07 0.66 -14.23
N ILE B 77 -12.99 0.17 -15.05
CA ILE B 77 -13.57 -1.15 -14.84
C ILE B 77 -13.23 -2.06 -16.01
N GLY B 78 -12.66 -3.23 -15.70
CA GLY B 78 -12.29 -4.17 -16.73
C GLY B 78 -11.66 -5.43 -16.16
N ASP B 79 -11.17 -6.30 -17.05
CA ASP B 79 -10.54 -7.54 -16.61
C ASP B 79 -9.07 -7.30 -16.30
N LEU B 80 -8.73 -7.32 -15.01
CA LEU B 80 -7.35 -7.09 -14.58
C LEU B 80 -6.53 -8.39 -14.65
N SER B 81 -7.20 -9.51 -14.89
CA SER B 81 -6.53 -10.80 -15.00
C SER B 81 -5.57 -10.82 -16.19
N ASN B 82 -5.95 -10.10 -17.25
CA ASN B 82 -5.13 -10.03 -18.45
C ASN B 82 -4.10 -8.90 -18.32
N ARG B 83 -2.83 -9.29 -18.26
CA ARG B 83 -1.74 -8.33 -18.11
C ARG B 83 -1.71 -7.34 -19.27
N GLU B 84 -2.01 -7.80 -20.47
CA GLU B 84 -2.00 -6.95 -21.65
C GLU B 84 -2.98 -5.77 -21.49
N LYS B 85 -4.21 -6.07 -21.04
CA LYS B 85 -5.23 -5.04 -20.86
C LYS B 85 -4.94 -4.11 -19.68
N VAL B 86 -4.55 -4.69 -18.54
CA VAL B 86 -4.26 -3.89 -17.35
C VAL B 86 -3.06 -2.95 -17.58
N LEU B 87 -2.11 -3.40 -18.40
CA LEU B 87 -0.96 -2.56 -18.73
C LEU B 87 -1.44 -1.31 -19.44
N ILE B 88 -2.33 -1.52 -20.41
CA ILE B 88 -2.92 -0.44 -21.20
C ILE B 88 -3.73 0.52 -20.31
N ALA B 89 -4.57 -0.06 -19.45
CA ALA B 89 -5.44 0.71 -18.57
C ALA B 89 -4.64 1.57 -17.58
N LEU B 90 -3.58 1.01 -17.02
CA LEU B 90 -2.75 1.73 -16.07
C LEU B 90 -1.84 2.75 -16.74
N ARG B 91 -1.36 2.42 -17.94
CA ARG B 91 -0.44 3.29 -18.67
C ARG B 91 -1.08 4.65 -19.00
N LEU B 92 -2.35 4.65 -19.41
CA LEU B 92 -3.04 5.89 -19.76
C LEU B 92 -3.19 6.84 -18.57
N LEU B 93 -3.04 6.30 -17.36
CA LEU B 93 -3.15 7.11 -16.14
C LEU B 93 -2.05 8.18 -16.09
N ALA B 94 -0.86 7.82 -16.59
CA ALA B 94 0.28 8.74 -16.59
C ALA B 94 -0.02 10.00 -17.39
N GLU B 95 -0.69 9.83 -18.52
CA GLU B 95 -1.05 10.96 -19.38
C GLU B 95 -2.05 11.87 -18.66
N GLU B 96 -3.00 11.26 -17.97
CA GLU B 96 -4.03 11.99 -17.25
C GLU B 96 -3.43 12.81 -16.10
N ILE B 97 -2.47 12.24 -15.40
CA ILE B 97 -1.81 12.92 -14.29
C ILE B 97 -0.76 13.93 -14.79
N GLY B 98 -0.07 13.57 -15.88
CA GLY B 98 0.94 14.44 -16.46
C GLY B 98 0.34 15.73 -17.00
N ASP B 99 -0.83 15.61 -17.60
CA ASP B 99 -1.52 16.77 -18.15
C ASP B 99 -2.93 16.87 -17.57
N TYR B 100 -3.84 16.08 -18.12
CA TYR B 100 -5.23 16.07 -17.68
C TYR B 100 -6.01 14.96 -18.38
N LYS B 101 -7.34 15.01 -18.25
CA LYS B 101 -8.21 14.02 -18.87
C LYS B 101 -9.40 14.71 -19.53
N ASP B 102 -10.02 14.01 -20.49
CA ASP B 102 -11.19 14.52 -21.21
C ASP B 102 -10.87 15.85 -21.91
N ASP B 103 -9.73 15.89 -22.60
CA ASP B 103 -9.31 17.09 -23.32
C ASP B 103 -10.28 17.46 -24.43
N ASP B 104 -10.77 16.43 -25.14
CA ASP B 104 -11.72 16.59 -26.25
C ASP B 104 -11.05 17.25 -27.46
N ASP B 105 -11.83 17.51 -28.50
CA ASP B 105 -11.31 18.12 -29.72
C ASP B 105 -11.39 19.64 -29.62
N LYS B 106 -10.26 20.28 -29.34
CA LYS B 106 -10.21 21.74 -29.22
C LYS B 106 -9.33 22.34 -30.32
N GLU A 1 10.88 -6.40 -4.56
CA GLU A 1 11.89 -6.53 -3.49
C GLU A 1 11.82 -5.35 -2.53
N GLY A 2 11.00 -4.37 -2.87
CA GLY A 2 10.84 -3.20 -2.02
C GLY A 2 9.39 -2.89 -1.71
N ARG A 3 8.58 -3.94 -1.58
CA ARG A 3 7.15 -3.77 -1.29
C ARG A 3 6.90 -3.73 0.21
N ILE A 4 6.18 -2.68 0.64
CA ILE A 4 5.83 -2.49 2.05
C ILE A 4 4.33 -2.29 2.22
N VAL A 5 3.73 -3.01 3.17
CA VAL A 5 2.28 -2.89 3.41
C VAL A 5 1.99 -2.47 4.84
N LEU A 6 1.16 -1.44 4.99
CA LEU A 6 0.75 -0.93 6.31
C LEU A 6 -0.70 -1.33 6.58
N VAL A 7 -0.94 -1.98 7.71
CA VAL A 7 -2.30 -2.41 8.06
C VAL A 7 -2.87 -1.54 9.18
N SER A 8 -3.85 -0.72 8.82
CA SER A 8 -4.53 0.17 9.77
C SER A 8 -5.79 0.72 9.12
N GLU A 9 -6.53 1.55 9.85
CA GLU A 9 -7.74 2.15 9.29
C GLU A 9 -7.64 3.68 9.31
N ASP A 10 -6.50 4.19 9.78
CA ASP A 10 -6.29 5.64 9.86
C ASP A 10 -5.72 6.18 8.55
N GLU A 11 -6.55 6.95 7.84
CA GLU A 11 -6.18 7.55 6.56
C GLU A 11 -5.03 8.55 6.69
N ALA A 12 -5.00 9.29 7.79
CA ALA A 12 -3.95 10.29 8.02
C ALA A 12 -2.56 9.68 8.02
N THR A 13 -2.42 8.51 8.65
CA THR A 13 -1.12 7.83 8.69
C THR A 13 -0.78 7.20 7.35
N SER A 14 -1.77 6.64 6.68
CA SER A 14 -1.54 5.97 5.40
C SER A 14 -1.03 6.94 4.33
N THR A 15 -1.56 8.15 4.31
CA THR A 15 -1.14 9.14 3.33
C THR A 15 0.31 9.58 3.58
N LEU A 16 0.64 9.82 4.84
CA LEU A 16 1.99 10.26 5.21
C LEU A 16 3.02 9.13 5.11
N ILE A 17 2.71 7.99 5.72
CA ILE A 17 3.61 6.84 5.74
C ILE A 17 3.91 6.32 4.33
N CYS A 18 2.88 6.18 3.53
CA CYS A 18 3.02 5.67 2.17
C CYS A 18 3.83 6.63 1.30
N SER A 19 3.54 7.93 1.39
CA SER A 19 4.26 8.92 0.59
C SER A 19 5.74 8.96 0.95
N ILE A 20 6.04 8.90 2.25
CA ILE A 20 7.43 8.94 2.73
C ILE A 20 8.24 7.75 2.21
N LEU A 21 7.68 6.55 2.31
CA LEU A 21 8.37 5.34 1.86
C LEU A 21 8.39 5.21 0.33
N THR A 22 7.28 5.56 -0.33
CA THR A 22 7.18 5.45 -1.78
C THR A 22 8.17 6.37 -2.50
N THR A 23 8.29 7.62 -2.05
CA THR A 23 9.20 8.58 -2.69
C THR A 23 10.67 8.21 -2.43
N ALA A 24 10.89 7.29 -1.48
CA ALA A 24 12.24 6.85 -1.14
C ALA A 24 12.69 5.73 -2.07
N GLY A 25 11.81 5.31 -2.98
CA GLY A 25 12.15 4.26 -3.91
C GLY A 25 11.48 2.93 -3.56
N TYR A 26 10.62 2.94 -2.56
CA TYR A 26 9.92 1.73 -2.14
C TYR A 26 8.50 1.71 -2.69
N GLN A 27 7.96 0.51 -2.90
CA GLN A 27 6.61 0.37 -3.41
C GLN A 27 5.67 -0.01 -2.27
N VAL A 28 4.82 0.93 -1.88
CA VAL A 28 3.90 0.70 -0.76
C VAL A 28 2.45 0.58 -1.23
N ILE A 29 1.80 -0.49 -0.81
CA ILE A 29 0.40 -0.72 -1.13
C ILE A 29 -0.43 -0.69 0.14
N TRP A 30 -1.51 0.10 0.12
CA TRP A 30 -2.37 0.22 1.28
C TRP A 30 -3.50 -0.79 1.24
N LEU A 31 -3.50 -1.70 2.18
CA LEU A 31 -4.52 -2.72 2.28
C LEU A 31 -5.33 -2.52 3.54
N VAL A 32 -6.64 -2.72 3.45
CA VAL A 32 -7.49 -2.56 4.61
C VAL A 32 -7.30 -3.76 5.55
N ASP A 33 -7.23 -3.48 6.85
CA ASP A 33 -6.99 -4.52 7.86
C ASP A 33 -8.12 -5.54 7.94
N GLY A 34 -7.77 -6.73 8.44
CA GLY A 34 -8.74 -7.81 8.60
C GLY A 34 -8.65 -8.88 7.52
N GLU A 35 -7.94 -8.62 6.43
CA GLU A 35 -7.82 -9.61 5.37
C GLU A 35 -6.38 -10.11 5.19
N VAL A 36 -6.10 -11.31 5.72
CA VAL A 36 -4.78 -11.92 5.62
C VAL A 36 -4.50 -12.41 4.20
N GLU A 37 -5.51 -12.98 3.54
CA GLU A 37 -5.34 -13.46 2.16
C GLU A 37 -4.94 -12.32 1.25
N ARG A 38 -5.52 -11.14 1.49
CA ARG A 38 -5.19 -9.95 0.72
C ARG A 38 -3.73 -9.59 0.95
N LEU A 39 -3.26 -9.78 2.18
CA LEU A 39 -1.86 -9.51 2.53
C LEU A 39 -0.94 -10.48 1.78
N LEU A 40 -1.39 -11.74 1.68
CA LEU A 40 -0.64 -12.79 0.98
C LEU A 40 -0.60 -12.51 -0.52
N ALA A 41 -1.71 -11.98 -1.05
CA ALA A 41 -1.79 -11.64 -2.47
C ALA A 41 -0.72 -10.63 -2.86
N LEU A 42 -0.50 -9.66 -1.99
CA LEU A 42 0.48 -8.62 -2.23
C LEU A 42 1.70 -8.75 -1.30
N THR A 43 1.99 -10.01 -0.92
CA THR A 43 3.10 -10.35 -0.01
C THR A 43 4.29 -9.37 -0.07
N PRO A 44 4.39 -8.49 0.93
CA PRO A 44 5.47 -7.50 1.03
C PRO A 44 6.72 -8.07 1.69
N ILE A 45 7.81 -7.31 1.67
CA ILE A 45 9.05 -7.74 2.30
C ILE A 45 8.98 -7.48 3.80
N ALA A 46 8.15 -6.50 4.16
CA ALA A 46 7.95 -6.13 5.55
C ALA A 46 6.55 -5.59 5.76
N VAL A 47 6.02 -5.79 6.97
CA VAL A 47 4.67 -5.32 7.28
C VAL A 47 4.71 -4.30 8.42
N LEU A 48 3.85 -3.30 8.33
CA LEU A 48 3.78 -2.27 9.35
C LEU A 48 2.41 -2.28 10.01
N LEU A 49 2.37 -2.39 11.33
CA LEU A 49 1.11 -2.37 12.06
C LEU A 49 1.07 -1.15 12.96
N ALA A 50 0.03 -0.33 12.83
CA ALA A 50 -0.08 0.89 13.62
C ALA A 50 -1.10 0.76 14.74
N GLU A 51 -0.68 1.09 15.96
CA GLU A 51 -1.55 1.05 17.13
C GLU A 51 -2.23 2.41 17.33
N PRO A 52 -3.40 2.46 18.01
CA PRO A 52 -4.08 1.27 18.56
C PRO A 52 -4.78 0.43 17.49
N PHE A 53 -5.03 -0.84 17.82
CA PHE A 53 -5.69 -1.74 16.89
C PHE A 53 -7.19 -1.81 17.19
N SER A 54 -7.93 -0.82 16.71
CA SER A 54 -9.37 -0.76 16.91
C SER A 54 -10.09 -1.90 16.19
N TYR A 55 -9.58 -2.26 15.02
CA TYR A 55 -10.17 -3.35 14.24
C TYR A 55 -9.10 -4.39 13.90
N GLY A 56 -9.26 -5.59 14.42
CA GLY A 56 -8.29 -6.66 14.17
C GLY A 56 -7.19 -6.68 15.22
N ASP A 57 -6.67 -7.86 15.51
CA ASP A 57 -5.60 -7.99 16.50
C ASP A 57 -4.25 -8.04 15.81
N VAL A 58 -3.38 -7.06 16.11
CA VAL A 58 -2.05 -7.02 15.49
C VAL A 58 -1.24 -8.25 15.87
N GLN A 59 -1.44 -8.74 17.10
CA GLN A 59 -0.75 -9.92 17.58
C GLN A 59 -1.18 -11.13 16.75
N GLU A 60 -2.47 -11.16 16.43
CA GLU A 60 -3.05 -12.22 15.61
C GLU A 60 -2.43 -12.20 14.21
N LEU A 61 -2.31 -11.01 13.65
CA LEU A 61 -1.72 -10.83 12.32
C LEU A 61 -0.26 -11.26 12.31
N VAL A 62 0.46 -10.90 13.37
CA VAL A 62 1.88 -11.25 13.49
C VAL A 62 2.07 -12.77 13.51
N ASP A 63 1.26 -13.45 14.33
CA ASP A 63 1.33 -14.90 14.44
C ASP A 63 0.96 -15.58 13.11
N GLN A 64 -0.09 -15.08 12.47
CA GLN A 64 -0.55 -15.65 11.19
C GLN A 64 0.49 -15.47 10.09
N LEU A 65 1.14 -14.30 10.06
CA LEU A 65 2.15 -14.02 9.04
C LEU A 65 3.35 -14.95 9.18
N ARG A 66 3.73 -15.24 10.43
CA ARG A 66 4.85 -16.14 10.71
C ARG A 66 4.57 -17.55 10.17
N GLN A 67 3.33 -17.98 10.28
CA GLN A 67 2.91 -19.30 9.82
C GLN A 67 3.02 -19.41 8.29
N ARG A 68 2.70 -18.33 7.59
CA ARG A 68 2.72 -18.33 6.12
C ARG A 68 4.09 -17.97 5.54
N CYS A 69 4.78 -17.00 6.14
CA CYS A 69 6.08 -16.59 5.63
C CYS A 69 7.16 -16.62 6.71
N THR A 70 8.37 -16.99 6.32
CA THR A 70 9.50 -17.06 7.26
C THR A 70 10.03 -15.65 7.55
N PRO A 71 10.70 -15.45 8.71
CA PRO A 71 11.25 -14.14 9.09
C PRO A 71 12.30 -13.62 8.12
N GLU A 72 12.99 -14.53 7.43
CA GLU A 72 14.00 -14.13 6.45
C GLU A 72 13.36 -13.59 5.19
N GLN A 73 12.08 -13.90 5.00
CA GLN A 73 11.34 -13.46 3.82
C GLN A 73 10.45 -12.26 4.14
N LEU A 74 9.89 -12.26 5.35
CA LEU A 74 9.00 -11.18 5.78
C LEU A 74 9.32 -10.73 7.20
N LYS A 75 9.53 -9.43 7.38
CA LYS A 75 9.81 -8.86 8.69
C LYS A 75 8.62 -8.07 9.21
N ILE A 76 8.46 -8.06 10.53
CA ILE A 76 7.33 -7.39 11.16
C ILE A 76 7.76 -6.17 11.97
N PHE A 77 7.10 -5.03 11.71
CA PHE A 77 7.38 -3.79 12.43
C PHE A 77 6.09 -3.21 13.01
N ILE A 78 6.17 -2.62 14.20
CA ILE A 78 5.00 -2.05 14.85
C ILE A 78 5.17 -0.55 15.14
N LEU A 79 4.16 0.23 14.75
CA LEU A 79 4.16 1.67 14.97
C LEU A 79 3.25 2.01 16.15
N GLY A 80 3.78 2.75 17.12
CA GLY A 80 2.98 3.13 18.27
C GLY A 80 3.73 2.95 19.58
N SER A 81 4.03 1.69 19.92
CA SER A 81 4.73 1.38 21.17
C SER A 81 5.81 0.33 20.93
N LYS A 82 6.37 -0.20 21.99
CA LYS A 82 7.42 -1.21 21.88
C LYS A 82 7.34 -2.26 22.99
N GLY A 83 7.77 -3.48 22.66
CA GLY A 83 7.78 -4.56 23.62
C GLY A 83 6.43 -5.24 23.82
N ASN A 84 5.41 -4.77 23.10
CA ASN A 84 4.07 -5.36 23.23
C ASN A 84 4.05 -6.82 22.79
N TYR A 85 4.55 -7.09 21.59
CA TYR A 85 4.58 -8.45 21.07
C TYR A 85 5.97 -8.80 20.57
N GLN A 86 6.39 -10.05 20.76
CA GLN A 86 7.69 -10.52 20.32
C GLN A 86 7.65 -10.91 18.83
N GLY A 87 8.81 -10.93 18.19
CA GLY A 87 8.87 -11.27 16.79
C GLY A 87 8.93 -10.05 15.89
N VAL A 88 9.11 -8.89 16.51
CA VAL A 88 9.19 -7.62 15.78
C VAL A 88 10.64 -7.15 15.71
N ASP A 89 11.12 -6.92 14.49
CA ASP A 89 12.51 -6.48 14.26
C ASP A 89 12.79 -5.10 14.85
N ARG A 90 11.87 -4.15 14.63
CA ARG A 90 12.06 -2.79 15.14
C ARG A 90 10.72 -2.16 15.48
N TYR A 91 10.68 -1.40 16.57
CA TYR A 91 9.46 -0.74 17.00
C TYR A 91 9.56 0.76 16.74
N ILE A 92 8.46 1.37 16.27
CA ILE A 92 8.45 2.80 15.99
C ILE A 92 7.52 3.51 16.96
N PRO A 93 8.05 4.11 18.05
CA PRO A 93 7.23 4.82 19.04
C PRO A 93 6.65 6.13 18.52
N LEU A 94 5.46 6.50 19.01
CA LEU A 94 4.81 7.74 18.60
C LEU A 94 5.04 8.84 19.63
N PRO A 95 5.06 10.12 19.18
CA PRO A 95 4.90 10.50 17.77
C PRO A 95 6.15 10.17 16.94
N ILE A 96 5.96 9.99 15.63
CA ILE A 96 7.07 9.67 14.75
C ILE A 96 7.42 10.86 13.85
N HIS A 97 8.67 10.88 13.40
CA HIS A 97 9.15 11.92 12.50
C HIS A 97 9.41 11.29 11.14
N PRO A 98 9.23 12.03 10.04
CA PRO A 98 9.44 11.50 8.68
C PRO A 98 10.81 10.85 8.49
N GLU A 99 11.87 11.58 8.87
CA GLU A 99 13.22 11.05 8.75
C GLU A 99 13.45 9.89 9.70
N SER A 100 12.91 10.00 10.92
CA SER A 100 13.07 8.95 11.93
C SER A 100 12.43 7.65 11.47
N PHE A 101 11.20 7.75 10.97
CA PHE A 101 10.46 6.59 10.47
C PHE A 101 11.20 5.93 9.32
N LEU A 102 11.62 6.74 8.35
CA LEU A 102 12.33 6.25 7.17
C LEU A 102 13.64 5.56 7.54
N GLN A 103 14.42 6.17 8.45
CA GLN A 103 15.69 5.60 8.86
C GLN A 103 15.50 4.25 9.54
N GLN A 104 14.50 4.16 10.42
CA GLN A 104 14.22 2.92 11.14
C GLN A 104 13.77 1.82 10.19
N VAL A 105 12.92 2.18 9.22
CA VAL A 105 12.42 1.23 8.24
C VAL A 105 13.55 0.72 7.36
N THR A 106 14.38 1.65 6.86
CA THR A 106 15.50 1.30 5.98
C THR A 106 16.49 0.37 6.68
N MET A 107 16.84 0.70 7.93
CA MET A 107 17.77 -0.12 8.71
C MET A 107 17.18 -1.51 8.97
N GLY A 108 15.88 -1.55 9.23
CA GLY A 108 15.20 -2.82 9.49
C GLY A 108 15.05 -3.67 8.24
N LEU A 109 15.23 -3.07 7.06
CA LEU A 109 15.10 -3.79 5.80
C LEU A 109 16.44 -4.35 5.32
N THR A 110 17.51 -4.09 6.06
CA THR A 110 18.84 -4.58 5.68
C THR A 110 18.89 -6.10 5.81
N SER A 111 19.75 -6.73 4.98
CA SER A 111 19.92 -8.19 4.95
C SER A 111 18.70 -8.89 4.32
N LEU A 112 17.51 -8.35 4.60
CA LEU A 112 16.25 -8.89 4.07
C LEU A 112 16.22 -8.80 2.55
N ALA A 113 16.55 -7.62 2.02
CA ALA A 113 16.55 -7.39 0.58
C ALA A 113 17.33 -6.12 0.26
N THR A 114 17.56 -5.89 -1.03
CA THR A 114 18.28 -4.69 -1.47
C THR A 114 17.36 -3.47 -1.41
N SER A 115 17.95 -2.28 -1.40
CA SER A 115 17.18 -1.05 -1.33
C SER A 115 17.76 0.02 -2.24
N ALA A 116 16.91 0.97 -2.65
CA ALA A 116 17.34 2.06 -3.53
C ALA A 116 18.37 2.95 -2.85
N GLN A 117 18.18 3.21 -1.56
CA GLN A 117 19.09 4.06 -0.81
C GLN A 117 19.74 3.27 0.33
N MET B 1 5.33 18.03 7.29
CA MET B 1 6.57 17.82 8.10
C MET B 1 7.57 16.99 7.34
N ALA B 2 7.14 16.41 6.23
CA ALA B 2 8.02 15.58 5.40
C ALA B 2 8.62 16.40 4.26
N PRO B 3 9.97 16.54 4.26
CA PRO B 3 10.68 17.29 3.21
C PRO B 3 10.41 16.78 1.80
N LEU B 4 10.32 15.46 1.66
CA LEU B 4 10.05 14.85 0.36
C LEU B 4 8.91 13.84 0.47
N ARG B 5 7.83 14.11 -0.25
CA ARG B 5 6.66 13.24 -0.25
C ARG B 5 5.88 13.36 -1.56
N LYS B 6 6.61 13.51 -2.66
CA LYS B 6 5.97 13.67 -3.96
C LYS B 6 5.60 12.33 -4.59
N THR B 7 4.46 11.79 -4.18
CA THR B 7 3.97 10.52 -4.71
C THR B 7 2.53 10.64 -5.17
N ALA B 8 2.12 9.79 -6.09
CA ALA B 8 0.75 9.79 -6.60
C ALA B 8 -0.03 8.69 -5.90
N VAL B 9 -1.31 8.92 -5.65
CA VAL B 9 -2.12 7.92 -4.96
C VAL B 9 -3.15 7.27 -5.90
N LEU B 10 -3.01 5.96 -6.08
CA LEU B 10 -3.90 5.16 -6.90
C LEU B 10 -4.90 4.42 -6.00
N LYS B 11 -6.18 4.73 -6.09
CA LYS B 11 -7.16 4.04 -5.25
C LYS B 11 -7.91 2.98 -6.03
N LEU B 12 -7.63 1.72 -5.73
CA LEU B 12 -8.28 0.61 -6.41
C LEU B 12 -9.47 0.09 -5.60
N TYR B 13 -10.65 0.22 -6.16
CA TYR B 13 -11.88 -0.25 -5.51
C TYR B 13 -12.26 -1.64 -6.00
N VAL B 14 -12.52 -2.53 -5.06
CA VAL B 14 -12.91 -3.90 -5.38
C VAL B 14 -14.15 -4.32 -4.60
N ALA B 15 -14.78 -5.41 -5.03
CA ALA B 15 -15.97 -5.91 -4.38
C ALA B 15 -15.83 -7.39 -4.02
N GLY B 16 -15.69 -7.67 -2.73
CA GLY B 16 -15.57 -9.04 -2.28
C GLY B 16 -14.13 -9.51 -2.19
N ASN B 17 -13.96 -10.73 -1.72
CA ASN B 17 -12.63 -11.32 -1.56
C ASN B 17 -12.44 -12.46 -2.55
N THR B 18 -13.11 -12.37 -3.70
CA THR B 18 -13.02 -13.40 -4.73
C THR B 18 -11.65 -13.41 -5.40
N PRO B 19 -11.27 -14.55 -6.00
CA PRO B 19 -9.97 -14.71 -6.69
C PRO B 19 -9.73 -13.67 -7.77
N ASN B 20 -10.80 -13.25 -8.46
CA ASN B 20 -10.69 -12.25 -9.52
C ASN B 20 -10.14 -10.94 -8.98
N SER B 21 -10.66 -10.51 -7.82
CA SER B 21 -10.22 -9.28 -7.18
C SER B 21 -8.78 -9.43 -6.67
N VAL B 22 -8.48 -10.61 -6.13
CA VAL B 22 -7.16 -10.92 -5.59
C VAL B 22 -6.10 -10.94 -6.69
N ARG B 23 -6.43 -11.60 -7.80
CA ARG B 23 -5.53 -11.73 -8.94
C ARG B 23 -5.20 -10.36 -9.57
N ALA B 24 -6.20 -9.48 -9.64
CA ALA B 24 -6.00 -8.16 -10.23
C ALA B 24 -4.94 -7.37 -9.48
N LEU B 25 -4.94 -7.48 -8.15
CA LEU B 25 -3.96 -6.80 -7.33
C LEU B 25 -2.54 -7.29 -7.64
N LYS B 26 -2.41 -8.61 -7.82
CA LYS B 26 -1.11 -9.20 -8.13
C LYS B 26 -0.60 -8.70 -9.47
N THR B 27 -1.51 -8.58 -10.43
CA THR B 27 -1.18 -8.11 -11.78
C THR B 27 -0.66 -6.67 -11.75
N LEU B 28 -1.37 -5.80 -11.04
CA LEU B 28 -0.98 -4.40 -10.94
C LEU B 28 0.28 -4.22 -10.09
N ALA B 29 0.36 -4.98 -8.99
CA ALA B 29 1.52 -4.90 -8.10
C ALA B 29 2.81 -5.27 -8.82
N ASN B 30 2.75 -6.29 -9.67
CA ASN B 30 3.91 -6.73 -10.42
C ASN B 30 4.42 -5.63 -11.34
N ILE B 31 3.49 -4.95 -12.00
CA ILE B 31 3.83 -3.87 -12.91
C ILE B 31 4.36 -2.65 -12.14
N LEU B 32 3.70 -2.34 -11.02
CA LEU B 32 4.08 -1.20 -10.19
C LEU B 32 5.43 -1.42 -9.50
N GLU B 33 5.67 -2.63 -9.00
CA GLU B 33 6.93 -2.93 -8.30
C GLU B 33 8.14 -2.99 -9.25
N LYS B 34 7.89 -3.22 -10.54
CA LYS B 34 8.97 -3.33 -11.51
C LYS B 34 9.24 -2.05 -12.30
N GLU B 35 8.24 -1.57 -13.04
CA GLU B 35 8.42 -0.40 -13.90
C GLU B 35 8.10 0.93 -13.22
N PHE B 36 7.26 0.92 -12.19
CA PHE B 36 6.87 2.17 -11.53
C PHE B 36 7.25 2.19 -10.06
N LYS B 37 8.32 1.50 -9.70
CA LYS B 37 8.78 1.44 -8.32
C LYS B 37 9.31 2.81 -7.87
N GLY B 38 8.77 3.31 -6.76
CA GLY B 38 9.20 4.59 -6.24
C GLY B 38 8.60 5.78 -6.98
N VAL B 39 7.53 5.54 -7.74
CA VAL B 39 6.89 6.59 -8.52
C VAL B 39 5.54 6.97 -7.89
N TYR B 40 4.71 5.96 -7.63
CA TYR B 40 3.40 6.20 -7.04
C TYR B 40 2.94 5.02 -6.18
N ALA B 41 1.91 5.28 -5.38
CA ALA B 41 1.39 4.28 -4.45
C ALA B 41 -0.01 3.81 -4.84
N LEU B 42 -0.38 2.62 -4.37
CA LEU B 42 -1.69 2.05 -4.67
C LEU B 42 -2.43 1.64 -3.39
N LYS B 43 -3.68 2.06 -3.26
CA LYS B 43 -4.50 1.73 -2.11
C LYS B 43 -5.65 0.82 -2.53
N VAL B 44 -6.05 -0.11 -1.66
CA VAL B 44 -7.14 -1.03 -1.99
C VAL B 44 -8.31 -0.87 -1.03
N ILE B 45 -9.50 -0.64 -1.58
CA ILE B 45 -10.71 -0.46 -0.77
C ILE B 45 -11.80 -1.45 -1.17
N ASP B 46 -12.41 -2.07 -0.17
CA ASP B 46 -13.50 -3.03 -0.39
C ASP B 46 -14.84 -2.33 -0.21
N VAL B 47 -15.60 -2.19 -1.30
CA VAL B 47 -16.89 -1.49 -1.25
C VAL B 47 -17.91 -2.17 -0.32
N LEU B 48 -17.80 -3.48 -0.16
CA LEU B 48 -18.73 -4.21 0.71
C LEU B 48 -18.55 -3.82 2.19
N LYS B 49 -17.30 -3.64 2.61
CA LYS B 49 -17.00 -3.28 4.00
C LYS B 49 -17.44 -1.85 4.32
N ASN B 50 -17.24 -0.93 3.38
CA ASN B 50 -17.62 0.46 3.59
C ASN B 50 -18.14 1.08 2.30
N PRO B 51 -19.46 0.92 2.03
CA PRO B 51 -20.11 1.45 0.82
C PRO B 51 -19.95 2.96 0.62
N GLN B 52 -19.89 3.70 1.72
CA GLN B 52 -19.76 5.16 1.64
C GLN B 52 -18.44 5.59 1.00
N LEU B 53 -17.41 4.75 1.07
CA LEU B 53 -16.12 5.08 0.47
C LEU B 53 -16.26 5.17 -1.05
N ALA B 54 -17.00 4.23 -1.62
CA ALA B 54 -17.26 4.22 -3.06
C ALA B 54 -18.13 5.40 -3.46
N GLU B 55 -19.10 5.71 -2.62
CA GLU B 55 -20.03 6.82 -2.84
C GLU B 55 -19.29 8.16 -2.89
N GLU B 56 -18.27 8.30 -2.05
CA GLU B 56 -17.50 9.54 -1.96
C GLU B 56 -16.75 9.83 -3.27
N ASP B 57 -16.22 8.78 -3.89
CA ASP B 57 -15.48 8.93 -5.15
C ASP B 57 -16.33 8.59 -6.36
N LYS B 58 -17.63 8.37 -6.13
CA LYS B 58 -18.58 8.04 -7.20
C LYS B 58 -18.19 6.77 -7.95
N ILE B 59 -17.86 5.71 -7.21
CA ILE B 59 -17.47 4.44 -7.81
C ILE B 59 -18.69 3.57 -8.09
N LEU B 60 -18.98 3.36 -9.36
CA LEU B 60 -20.12 2.55 -9.76
C LEU B 60 -19.68 1.26 -10.46
N ALA B 61 -18.39 0.96 -10.41
CA ALA B 61 -17.85 -0.24 -11.03
C ALA B 61 -16.68 -0.81 -10.23
N THR B 62 -16.32 -2.05 -10.53
CA THR B 62 -15.22 -2.71 -9.83
C THR B 62 -14.68 -3.90 -10.64
N PRO B 63 -13.35 -4.06 -10.71
CA PRO B 63 -12.39 -3.14 -10.06
C PRO B 63 -12.25 -1.80 -10.80
N THR B 64 -12.04 -0.73 -10.04
CA THR B 64 -11.88 0.60 -10.63
C THR B 64 -10.70 1.33 -9.98
N LEU B 65 -9.91 2.00 -10.81
CA LEU B 65 -8.76 2.75 -10.33
C LEU B 65 -9.10 4.23 -10.25
N ALA B 66 -8.99 4.79 -9.05
CA ALA B 66 -9.29 6.19 -8.82
C ALA B 66 -8.04 7.01 -8.55
N LYS B 67 -7.91 8.13 -9.25
CA LYS B 67 -6.76 9.02 -9.08
C LYS B 67 -7.13 10.20 -8.18
N VAL B 68 -6.37 10.38 -7.09
CA VAL B 68 -6.64 11.47 -6.17
C VAL B 68 -5.74 12.67 -6.45
N LEU B 69 -4.42 12.44 -6.44
CA LEU B 69 -3.46 13.51 -6.70
C LEU B 69 -2.13 12.93 -7.13
N PRO B 70 -1.26 13.72 -7.81
CA PRO B 70 -1.53 15.13 -8.18
C PRO B 70 -2.73 15.28 -9.12
N PRO B 71 -3.53 16.35 -8.95
CA PRO B 71 -4.70 16.62 -9.82
C PRO B 71 -4.28 16.94 -11.25
N PRO B 72 -5.23 16.91 -12.23
CA PRO B 72 -6.65 16.62 -12.00
C PRO B 72 -6.96 15.16 -11.68
N VAL B 73 -8.15 14.95 -11.11
CA VAL B 73 -8.59 13.61 -10.73
C VAL B 73 -9.31 12.92 -11.89
N ARG B 74 -9.20 11.59 -11.94
CA ARG B 74 -9.84 10.79 -12.98
C ARG B 74 -9.99 9.35 -12.53
N ARG B 75 -10.86 8.61 -13.22
CA ARG B 75 -11.09 7.21 -12.88
C ARG B 75 -10.87 6.31 -14.09
N ILE B 76 -10.30 5.14 -13.85
CA ILE B 76 -10.03 4.19 -14.92
C ILE B 76 -10.84 2.91 -14.70
N ILE B 77 -11.70 2.59 -15.66
CA ILE B 77 -12.54 1.40 -15.59
C ILE B 77 -12.23 0.46 -16.75
N GLY B 78 -11.92 -0.79 -16.45
CA GLY B 78 -11.62 -1.75 -17.48
C GLY B 78 -11.18 -3.09 -16.92
N ASP B 79 -10.71 -3.97 -17.80
CA ASP B 79 -10.25 -5.29 -17.38
C ASP B 79 -8.81 -5.23 -16.89
N LEU B 80 -8.63 -5.33 -15.58
CA LEU B 80 -7.30 -5.28 -14.98
C LEU B 80 -6.63 -6.66 -14.98
N SER B 81 -7.38 -7.67 -15.41
CA SER B 81 -6.85 -9.03 -15.48
C SER B 81 -5.75 -9.13 -16.54
N ASN B 82 -5.89 -8.34 -17.60
CA ASN B 82 -4.91 -8.32 -18.68
C ASN B 82 -3.74 -7.39 -18.33
N ARG B 83 -2.58 -8.00 -18.10
CA ARG B 83 -1.36 -7.27 -17.74
C ARG B 83 -0.96 -6.28 -18.84
N GLU B 84 -1.13 -6.68 -20.10
CA GLU B 84 -0.77 -5.83 -21.23
C GLU B 84 -1.54 -4.51 -21.18
N LYS B 85 -2.85 -4.59 -20.94
CA LYS B 85 -3.71 -3.41 -20.87
C LYS B 85 -3.37 -2.55 -19.66
N VAL B 86 -3.11 -3.20 -18.52
CA VAL B 86 -2.78 -2.50 -17.29
C VAL B 86 -1.52 -1.66 -17.46
N LEU B 87 -0.52 -2.23 -18.13
CA LEU B 87 0.74 -1.52 -18.38
C LEU B 87 0.45 -0.26 -19.19
N ILE B 88 -0.40 -0.40 -20.20
CA ILE B 88 -0.79 0.72 -21.06
C ILE B 88 -1.45 1.84 -20.25
N ALA B 89 -2.42 1.46 -19.41
CA ALA B 89 -3.13 2.42 -18.57
C ALA B 89 -2.20 3.09 -17.56
N LEU B 90 -1.30 2.30 -16.98
CA LEU B 90 -0.34 2.80 -15.98
C LEU B 90 0.66 3.77 -16.59
N ARG B 91 1.04 3.55 -17.86
CA ARG B 91 1.98 4.43 -18.54
C ARG B 91 1.41 5.84 -18.65
N LEU B 92 0.10 5.93 -18.88
CA LEU B 92 -0.58 7.22 -18.97
C LEU B 92 -0.47 7.97 -17.64
N LEU B 93 -0.60 7.22 -16.54
CA LEU B 93 -0.49 7.80 -15.21
C LEU B 93 0.93 8.33 -14.96
N ALA B 94 1.91 7.55 -15.44
CA ALA B 94 3.32 7.91 -15.31
C ALA B 94 3.64 9.20 -16.07
N GLU B 95 3.01 9.36 -17.23
CA GLU B 95 3.22 10.55 -18.06
C GLU B 95 2.83 11.81 -17.29
N GLU B 96 1.70 11.75 -16.57
CA GLU B 96 1.21 12.88 -15.79
C GLU B 96 2.17 13.22 -14.64
N ILE B 97 2.65 12.20 -13.93
CA ILE B 97 3.56 12.42 -12.80
C ILE B 97 4.94 12.88 -13.27
N GLY B 98 5.32 12.47 -14.48
CA GLY B 98 6.62 12.85 -15.03
C GLY B 98 6.63 14.27 -15.57
N ASP B 99 5.43 14.88 -15.65
CA ASP B 99 5.27 16.25 -16.16
C ASP B 99 5.83 16.37 -17.58
N TYR B 100 5.48 15.41 -18.42
CA TYR B 100 5.94 15.40 -19.81
C TYR B 100 4.75 15.22 -20.75
N LYS B 101 4.66 16.07 -21.76
CA LYS B 101 3.58 16.00 -22.73
C LYS B 101 4.05 15.33 -24.02
N ASP B 102 3.29 14.34 -24.48
CA ASP B 102 3.62 13.63 -25.71
C ASP B 102 3.60 14.55 -26.93
N ASP B 103 2.60 15.45 -26.96
CA ASP B 103 2.44 16.42 -28.05
C ASP B 103 2.29 15.73 -29.41
N ASP B 104 1.38 14.76 -29.48
CA ASP B 104 1.16 14.03 -30.73
C ASP B 104 0.13 14.76 -31.59
N ASP B 105 0.62 15.42 -32.64
CA ASP B 105 -0.26 16.16 -33.55
C ASP B 105 0.42 16.32 -34.91
N LYS B 106 -0.37 16.59 -35.93
CA LYS B 106 0.16 16.77 -37.28
C LYS B 106 0.49 18.24 -37.54
N GLU A 1 13.34 0.36 -2.73
CA GLU A 1 13.86 -0.77 -3.53
C GLU A 1 13.12 -2.06 -3.20
N GLY A 2 11.90 -1.91 -2.68
CA GLY A 2 11.10 -3.07 -2.34
C GLY A 2 9.66 -2.71 -2.05
N ARG A 3 8.81 -3.72 -1.92
CA ARG A 3 7.39 -3.52 -1.64
C ARG A 3 7.14 -3.32 -0.15
N ILE A 4 6.32 -2.32 0.16
CA ILE A 4 5.95 -2.01 1.53
C ILE A 4 4.43 -2.03 1.68
N VAL A 5 3.92 -2.76 2.66
CA VAL A 5 2.48 -2.81 2.89
C VAL A 5 2.12 -2.27 4.26
N LEU A 6 1.24 -1.29 4.27
CA LEU A 6 0.77 -0.69 5.51
C LEU A 6 -0.62 -1.19 5.81
N VAL A 7 -0.78 -1.84 6.96
CA VAL A 7 -2.07 -2.39 7.34
C VAL A 7 -2.63 -1.66 8.55
N SER A 8 -3.52 -0.69 8.30
CA SER A 8 -4.13 0.09 9.37
C SER A 8 -5.43 0.71 8.90
N GLU A 9 -6.41 0.80 9.79
CA GLU A 9 -7.71 1.40 9.47
C GLU A 9 -7.59 2.93 9.35
N ASP A 10 -6.54 3.48 9.94
CA ASP A 10 -6.34 4.94 9.93
C ASP A 10 -5.77 5.44 8.62
N GLU A 11 -6.59 6.17 7.86
CA GLU A 11 -6.19 6.72 6.57
C GLU A 11 -5.17 7.86 6.70
N ALA A 12 -5.13 8.50 7.88
CA ALA A 12 -4.19 9.60 8.11
C ALA A 12 -2.74 9.14 7.97
N THR A 13 -2.44 7.97 8.51
CA THR A 13 -1.09 7.41 8.42
C THR A 13 -0.82 6.86 7.03
N SER A 14 -1.89 6.51 6.32
CA SER A 14 -1.78 5.95 4.98
C SER A 14 -1.13 6.94 4.02
N THR A 15 -1.61 8.17 4.00
CA THR A 15 -1.07 9.20 3.13
C THR A 15 0.34 9.61 3.55
N LEU A 16 0.51 9.81 4.85
CA LEU A 16 1.80 10.24 5.41
C LEU A 16 2.90 9.20 5.23
N ILE A 17 2.60 7.95 5.56
CA ILE A 17 3.59 6.88 5.49
C ILE A 17 3.90 6.45 4.05
N CYS A 18 2.87 6.35 3.21
CA CYS A 18 3.07 5.94 1.82
C CYS A 18 3.94 6.94 1.07
N SER A 19 3.71 8.23 1.29
CA SER A 19 4.49 9.26 0.61
C SER A 19 5.96 9.20 1.00
N ILE A 20 6.23 9.03 2.29
CA ILE A 20 7.62 8.98 2.78
C ILE A 20 8.41 7.81 2.17
N LEU A 21 7.84 6.61 2.24
CA LEU A 21 8.49 5.42 1.70
C LEU A 21 8.51 5.37 0.18
N THR A 22 7.40 5.77 -0.45
CA THR A 22 7.29 5.72 -1.91
C THR A 22 8.27 6.70 -2.58
N THR A 23 8.40 7.90 -2.02
CA THR A 23 9.30 8.91 -2.57
C THR A 23 10.76 8.39 -2.52
N ALA A 24 11.07 7.67 -1.44
CA ALA A 24 12.41 7.11 -1.25
C ALA A 24 12.73 5.99 -2.25
N GLY A 25 11.74 5.57 -3.03
CA GLY A 25 11.97 4.52 -4.02
C GLY A 25 11.31 3.20 -3.66
N TYR A 26 10.50 3.20 -2.61
CA TYR A 26 9.81 1.98 -2.19
C TYR A 26 8.39 1.96 -2.76
N GLN A 27 7.88 0.77 -3.04
CA GLN A 27 6.53 0.64 -3.57
C GLN A 27 5.59 0.29 -2.42
N VAL A 28 4.82 1.28 -1.98
CA VAL A 28 3.93 1.09 -0.85
C VAL A 28 2.47 0.90 -1.25
N ILE A 29 1.88 -0.17 -0.73
CA ILE A 29 0.47 -0.48 -0.96
C ILE A 29 -0.25 -0.55 0.38
N TRP A 30 -1.34 0.19 0.51
CA TRP A 30 -2.10 0.21 1.76
C TRP A 30 -3.26 -0.78 1.71
N LEU A 31 -3.26 -1.71 2.67
CA LEU A 31 -4.31 -2.71 2.74
C LEU A 31 -5.08 -2.56 4.05
N VAL A 32 -6.40 -2.68 3.99
CA VAL A 32 -7.21 -2.58 5.20
C VAL A 32 -7.06 -3.87 6.01
N ASP A 33 -6.80 -3.75 7.31
CA ASP A 33 -6.58 -4.91 8.18
C ASP A 33 -7.83 -5.77 8.36
N GLY A 34 -7.62 -6.97 8.89
CA GLY A 34 -8.70 -7.91 9.11
C GLY A 34 -8.76 -8.99 8.06
N GLU A 35 -8.13 -8.77 6.92
CA GLU A 35 -8.12 -9.75 5.84
C GLU A 35 -6.72 -10.30 5.58
N VAL A 36 -6.46 -11.51 6.05
CA VAL A 36 -5.15 -12.15 5.86
C VAL A 36 -4.92 -12.52 4.39
N GLU A 37 -5.95 -13.00 3.72
CA GLU A 37 -5.83 -13.36 2.30
C GLU A 37 -5.40 -12.14 1.49
N ARG A 38 -5.91 -10.98 1.88
CA ARG A 38 -5.55 -9.73 1.21
C ARG A 38 -4.05 -9.48 1.37
N LEU A 39 -3.54 -9.76 2.56
CA LEU A 39 -2.12 -9.58 2.87
C LEU A 39 -1.26 -10.56 2.07
N LEU A 40 -1.73 -11.80 1.95
CA LEU A 40 -1.01 -12.83 1.20
C LEU A 40 -0.97 -12.51 -0.29
N ALA A 41 -2.07 -11.97 -0.82
CA ALA A 41 -2.15 -11.61 -2.24
C ALA A 41 -1.08 -10.59 -2.62
N LEU A 42 -0.87 -9.61 -1.74
CA LEU A 42 0.11 -8.56 -1.99
C LEU A 42 1.30 -8.67 -1.02
N THR A 43 1.63 -9.89 -0.59
CA THR A 43 2.71 -10.11 0.37
C THR A 43 4.03 -9.46 -0.06
N PRO A 44 4.46 -8.44 0.70
CA PRO A 44 5.69 -7.69 0.46
C PRO A 44 6.89 -8.28 1.20
N ILE A 45 7.99 -7.53 1.23
CA ILE A 45 9.18 -7.95 1.95
C ILE A 45 9.16 -7.37 3.37
N ALA A 46 8.27 -6.39 3.59
CA ALA A 46 8.11 -5.76 4.89
C ALA A 46 6.66 -5.33 5.11
N VAL A 47 6.13 -5.58 6.31
CA VAL A 47 4.76 -5.23 6.65
C VAL A 47 4.71 -4.24 7.82
N LEU A 48 3.97 -3.15 7.64
CA LEU A 48 3.82 -2.13 8.68
C LEU A 48 2.45 -2.20 9.33
N LEU A 49 2.42 -2.38 10.65
CA LEU A 49 1.17 -2.43 11.38
C LEU A 49 1.06 -1.22 12.30
N ALA A 50 0.01 -0.41 12.12
CA ALA A 50 -0.18 0.78 12.93
C ALA A 50 -1.52 0.77 13.66
N GLU A 51 -1.45 0.99 14.98
CA GLU A 51 -2.65 1.02 15.82
C GLU A 51 -3.34 2.38 15.70
N PRO A 52 -4.63 2.51 16.12
CA PRO A 52 -5.44 1.41 16.68
C PRO A 52 -6.07 0.51 15.62
N PHE A 53 -6.46 -0.70 16.03
CA PHE A 53 -7.11 -1.65 15.14
C PHE A 53 -8.57 -1.82 15.53
N SER A 54 -9.47 -1.25 14.73
CA SER A 54 -10.90 -1.32 14.99
C SER A 54 -11.46 -2.74 14.79
N TYR A 55 -10.96 -3.46 13.80
CA TYR A 55 -11.43 -4.80 13.53
C TYR A 55 -10.29 -5.81 13.56
N GLY A 56 -10.37 -6.76 14.48
CA GLY A 56 -9.34 -7.78 14.59
C GLY A 56 -8.20 -7.35 15.51
N ASP A 57 -7.44 -8.33 16.00
CA ASP A 57 -6.32 -8.04 16.88
C ASP A 57 -5.03 -7.97 16.09
N VAL A 58 -4.20 -6.97 16.39
CA VAL A 58 -2.92 -6.81 15.69
C VAL A 58 -1.98 -7.98 16.00
N GLN A 59 -2.13 -8.56 17.19
CA GLN A 59 -1.30 -9.67 17.63
C GLN A 59 -1.51 -10.91 16.75
N GLU A 60 -2.76 -11.16 16.36
CA GLU A 60 -3.06 -12.33 15.53
C GLU A 60 -2.49 -12.17 14.13
N LEU A 61 -2.40 -10.92 13.66
CA LEU A 61 -1.87 -10.63 12.32
C LEU A 61 -0.40 -11.01 12.24
N VAL A 62 0.34 -10.71 13.30
CA VAL A 62 1.76 -11.04 13.35
C VAL A 62 1.94 -12.56 13.28
N ASP A 63 1.14 -13.27 14.06
CA ASP A 63 1.18 -14.73 14.10
C ASP A 63 0.83 -15.34 12.76
N GLN A 64 -0.24 -14.82 12.12
CA GLN A 64 -0.68 -15.33 10.82
C GLN A 64 0.39 -15.13 9.75
N LEU A 65 1.01 -13.95 9.76
CA LEU A 65 2.06 -13.64 8.78
C LEU A 65 3.29 -14.53 9.00
N ARG A 66 3.61 -14.77 10.28
CA ARG A 66 4.76 -15.62 10.65
C ARG A 66 4.55 -17.06 10.18
N GLN A 67 3.31 -17.54 10.28
CA GLN A 67 2.97 -18.90 9.87
C GLN A 67 3.17 -19.11 8.37
N ARG A 68 2.86 -18.08 7.58
CA ARG A 68 2.99 -18.18 6.13
C ARG A 68 4.39 -17.80 5.66
N CYS A 69 4.96 -16.75 6.23
CA CYS A 69 6.30 -16.30 5.87
C CYS A 69 7.20 -16.22 7.09
N THR A 70 8.41 -16.76 6.97
CA THR A 70 9.36 -16.74 8.08
C THR A 70 9.90 -15.33 8.32
N PRO A 71 10.39 -15.04 9.54
CA PRO A 71 10.95 -13.72 9.90
C PRO A 71 12.07 -13.27 8.97
N GLU A 72 12.89 -14.23 8.51
CA GLU A 72 14.00 -13.91 7.61
C GLU A 72 13.50 -13.55 6.20
N GLN A 73 12.30 -13.99 5.85
CA GLN A 73 11.74 -13.70 4.53
C GLN A 73 10.82 -12.48 4.56
N LEU A 74 10.09 -12.30 5.66
CA LEU A 74 9.19 -11.17 5.79
C LEU A 74 9.42 -10.44 7.11
N LYS A 75 9.57 -9.13 7.05
CA LYS A 75 9.80 -8.33 8.25
C LYS A 75 8.50 -7.63 8.68
N ILE A 76 8.27 -7.59 9.98
CA ILE A 76 7.08 -6.96 10.52
C ILE A 76 7.47 -5.80 11.43
N PHE A 77 6.87 -4.63 11.19
CA PHE A 77 7.15 -3.46 11.99
C PHE A 77 5.88 -2.97 12.68
N ILE A 78 6.01 -2.55 13.93
CA ILE A 78 4.87 -2.08 14.70
C ILE A 78 4.98 -0.58 14.96
N LEU A 79 3.94 0.16 14.62
CA LEU A 79 3.94 1.61 14.82
C LEU A 79 3.01 2.04 15.96
N GLY A 80 3.58 2.72 16.95
CA GLY A 80 2.81 3.21 18.08
C GLY A 80 2.86 2.35 19.32
N SER A 81 3.22 1.08 19.19
CA SER A 81 3.28 0.21 20.36
C SER A 81 4.52 -0.70 20.32
N LYS A 82 4.83 -1.29 21.47
CA LYS A 82 5.98 -2.18 21.60
C LYS A 82 5.68 -3.29 22.61
N GLY A 83 6.43 -4.38 22.52
CA GLY A 83 6.24 -5.49 23.43
C GLY A 83 7.05 -6.70 23.05
N ASN A 84 6.84 -7.81 23.74
CA ASN A 84 7.58 -9.05 23.46
C ASN A 84 6.86 -9.87 22.38
N TYR A 85 7.12 -9.52 21.12
CA TYR A 85 6.51 -10.22 19.99
C TYR A 85 7.58 -10.73 19.04
N GLN A 86 7.35 -11.90 18.46
CA GLN A 86 8.28 -12.48 17.52
C GLN A 86 7.95 -12.07 16.09
N GLY A 87 8.97 -11.90 15.25
CA GLY A 87 8.74 -11.50 13.87
C GLY A 87 8.83 -10.00 13.66
N VAL A 88 8.89 -9.24 14.75
CA VAL A 88 8.99 -7.78 14.65
C VAL A 88 10.43 -7.35 14.81
N ASP A 89 11.03 -6.91 13.71
CA ASP A 89 12.43 -6.48 13.71
C ASP A 89 12.65 -5.16 14.44
N ARG A 90 11.75 -4.21 14.25
CA ARG A 90 11.89 -2.89 14.89
C ARG A 90 10.54 -2.28 15.25
N TYR A 91 10.51 -1.59 16.38
CA TYR A 91 9.30 -0.92 16.85
C TYR A 91 9.43 0.59 16.65
N ILE A 92 8.38 1.22 16.13
CA ILE A 92 8.40 2.65 15.90
C ILE A 92 7.46 3.36 16.89
N PRO A 93 8.02 4.15 17.83
CA PRO A 93 7.24 4.87 18.84
C PRO A 93 6.43 6.04 18.27
N LEU A 94 5.33 6.38 18.95
CA LEU A 94 4.46 7.48 18.54
C LEU A 94 4.60 8.65 19.52
N PRO A 95 4.66 9.91 19.05
CA PRO A 95 4.60 10.27 17.62
C PRO A 95 5.85 9.87 16.84
N ILE A 96 5.70 9.72 15.53
CA ILE A 96 6.81 9.31 14.69
C ILE A 96 7.30 10.49 13.85
N HIS A 97 8.58 10.45 13.48
CA HIS A 97 9.17 11.49 12.64
C HIS A 97 9.49 10.91 11.27
N PRO A 98 9.39 11.71 10.19
CA PRO A 98 9.65 11.24 8.82
C PRO A 98 11.01 10.57 8.65
N GLU A 99 12.06 11.25 9.09
CA GLU A 99 13.41 10.71 9.00
C GLU A 99 13.59 9.51 9.91
N SER A 100 13.02 9.58 11.10
CA SER A 100 13.13 8.49 12.08
C SER A 100 12.46 7.22 11.56
N PHE A 101 11.24 7.38 11.03
CA PHE A 101 10.48 6.27 10.48
C PHE A 101 11.23 5.60 9.33
N LEU A 102 11.70 6.42 8.39
CA LEU A 102 12.42 5.92 7.22
C LEU A 102 13.72 5.20 7.61
N GLN A 103 14.47 5.75 8.55
CA GLN A 103 15.72 5.13 8.99
C GLN A 103 15.48 3.77 9.64
N GLN A 104 14.44 3.69 10.47
CA GLN A 104 14.12 2.43 11.15
C GLN A 104 13.71 1.36 10.14
N VAL A 105 12.93 1.76 9.14
CA VAL A 105 12.49 0.83 8.09
C VAL A 105 13.69 0.37 7.26
N THR A 106 14.54 1.32 6.87
CA THR A 106 15.72 1.03 6.07
C THR A 106 16.67 0.08 6.82
N MET A 107 16.92 0.37 8.09
CA MET A 107 17.80 -0.47 8.91
C MET A 107 17.19 -1.86 9.08
N GLY A 108 15.88 -1.92 9.26
CA GLY A 108 15.20 -3.19 9.41
C GLY A 108 15.30 -4.05 8.16
N LEU A 109 15.17 -3.41 7.01
CA LEU A 109 15.26 -4.10 5.72
C LEU A 109 16.69 -4.54 5.43
N THR A 110 17.65 -3.89 6.08
CA THR A 110 19.07 -4.22 5.91
C THR A 110 19.34 -5.66 6.35
N SER A 111 18.70 -6.06 7.45
CA SER A 111 18.85 -7.42 7.97
C SER A 111 18.31 -8.43 6.96
N LEU A 112 17.18 -8.09 6.32
CA LEU A 112 16.55 -8.94 5.33
C LEU A 112 17.45 -9.17 4.11
N ALA A 113 18.03 -8.08 3.60
CA ALA A 113 18.92 -8.17 2.44
C ALA A 113 20.01 -7.10 2.49
N THR A 114 21.21 -7.47 2.06
CA THR A 114 22.33 -6.53 2.05
C THR A 114 22.29 -5.61 0.84
N SER A 115 23.05 -4.52 0.92
CA SER A 115 23.13 -3.52 -0.16
C SER A 115 21.75 -2.93 -0.48
N ALA A 116 20.97 -2.67 0.56
CA ALA A 116 19.64 -2.11 0.39
C ALA A 116 19.56 -0.72 1.00
N GLN A 117 18.98 0.22 0.26
CA GLN A 117 18.85 1.59 0.73
C GLN A 117 17.47 2.15 0.38
N MET B 1 13.93 20.11 8.89
CA MET B 1 13.79 18.71 8.44
C MET B 1 13.38 18.65 6.97
N ALA B 2 13.46 17.46 6.38
CA ALA B 2 13.10 17.29 4.97
C ALA B 2 11.95 16.30 4.83
N PRO B 3 10.71 16.82 4.65
CA PRO B 3 9.50 15.99 4.51
C PRO B 3 9.60 14.99 3.34
N LEU B 4 10.16 15.45 2.23
CA LEU B 4 10.33 14.62 1.02
C LEU B 4 9.04 13.89 0.63
N ARG B 5 7.95 14.62 0.50
CA ARG B 5 6.67 14.02 0.13
C ARG B 5 6.27 14.42 -1.29
N LYS B 6 6.53 13.55 -2.25
CA LYS B 6 6.19 13.83 -3.63
C LYS B 6 5.70 12.57 -4.33
N THR B 7 4.56 12.05 -3.90
CA THR B 7 3.99 10.84 -4.48
C THR B 7 2.52 11.00 -4.80
N ALA B 8 2.02 10.16 -5.68
CA ALA B 8 0.61 10.19 -6.06
C ALA B 8 -0.10 8.98 -5.47
N VAL B 9 -1.39 9.10 -5.16
CA VAL B 9 -2.13 7.99 -4.54
C VAL B 9 -3.34 7.55 -5.37
N LEU B 10 -3.40 6.24 -5.64
CA LEU B 10 -4.52 5.65 -6.38
C LEU B 10 -5.34 4.78 -5.45
N LYS B 11 -6.67 4.83 -5.58
CA LYS B 11 -7.54 4.02 -4.74
C LYS B 11 -8.35 3.04 -5.57
N LEU B 12 -8.63 1.86 -5.01
CA LEU B 12 -9.41 0.86 -5.72
C LEU B 12 -10.36 0.14 -4.77
N TYR B 13 -11.61 -0.03 -5.21
CA TYR B 13 -12.62 -0.72 -4.42
C TYR B 13 -12.82 -2.14 -4.92
N VAL B 14 -12.77 -3.10 -4.01
CA VAL B 14 -12.92 -4.52 -4.35
C VAL B 14 -13.75 -5.27 -3.32
N ALA B 15 -14.03 -6.54 -3.62
CA ALA B 15 -14.81 -7.39 -2.72
C ALA B 15 -13.86 -8.17 -1.82
N GLY B 16 -14.28 -8.41 -0.58
CA GLY B 16 -13.43 -9.11 0.37
C GLY B 16 -13.25 -10.59 0.11
N ASN B 17 -11.98 -11.02 0.14
CA ASN B 17 -11.58 -12.43 -0.06
C ASN B 17 -12.16 -13.08 -1.31
N THR B 18 -12.21 -12.35 -2.41
CA THR B 18 -12.72 -12.94 -3.65
C THR B 18 -11.56 -13.18 -4.61
N PRO B 19 -11.54 -14.35 -5.30
CA PRO B 19 -10.46 -14.71 -6.23
C PRO B 19 -10.20 -13.65 -7.30
N ASN B 20 -11.28 -13.06 -7.83
CA ASN B 20 -11.16 -12.03 -8.85
C ASN B 20 -10.44 -10.81 -8.29
N SER B 21 -10.77 -10.47 -7.05
CA SER B 21 -10.16 -9.33 -6.37
C SER B 21 -8.70 -9.63 -6.02
N VAL B 22 -8.47 -10.84 -5.53
CA VAL B 22 -7.14 -11.28 -5.12
C VAL B 22 -6.17 -11.23 -6.31
N ARG B 23 -6.61 -11.77 -7.45
CA ARG B 23 -5.78 -11.78 -8.65
C ARG B 23 -5.60 -10.37 -9.22
N ALA B 24 -6.65 -9.54 -9.16
CA ALA B 24 -6.61 -8.18 -9.67
C ALA B 24 -5.55 -7.34 -8.95
N LEU B 25 -5.45 -7.50 -7.64
CA LEU B 25 -4.47 -6.76 -6.87
C LEU B 25 -3.04 -7.14 -7.27
N LYS B 26 -2.84 -8.43 -7.54
CA LYS B 26 -1.53 -8.95 -7.94
C LYS B 26 -1.06 -8.35 -9.27
N THR B 27 -1.97 -8.20 -10.23
CA THR B 27 -1.61 -7.65 -11.54
C THR B 27 -1.44 -6.13 -11.49
N LEU B 28 -2.30 -5.44 -10.74
CA LEU B 28 -2.22 -3.98 -10.63
C LEU B 28 -0.91 -3.58 -9.95
N ALA B 29 -0.56 -4.31 -8.89
CA ALA B 29 0.67 -4.04 -8.15
C ALA B 29 1.90 -4.24 -9.03
N ASN B 30 1.86 -5.29 -9.85
CA ASN B 30 2.96 -5.61 -10.75
C ASN B 30 3.16 -4.50 -11.78
N ILE B 31 2.06 -4.03 -12.35
CA ILE B 31 2.10 -2.97 -13.36
C ILE B 31 2.67 -1.67 -12.82
N LEU B 32 2.22 -1.27 -11.63
CA LEU B 32 2.69 -0.03 -11.03
C LEU B 32 4.19 -0.09 -10.74
N GLU B 33 4.64 -1.23 -10.22
CA GLU B 33 6.06 -1.41 -9.90
C GLU B 33 6.92 -1.46 -11.17
N LYS B 34 6.45 -2.20 -12.18
CA LYS B 34 7.21 -2.36 -13.41
C LYS B 34 7.35 -1.07 -14.24
N GLU B 35 6.26 -0.30 -14.38
CA GLU B 35 6.31 0.91 -15.20
C GLU B 35 6.55 2.20 -14.43
N PHE B 36 5.86 2.39 -13.30
CA PHE B 36 6.00 3.64 -12.54
C PHE B 36 6.28 3.40 -11.06
N LYS B 37 7.40 2.73 -10.78
CA LYS B 37 7.80 2.43 -9.41
C LYS B 37 8.31 3.66 -8.68
N GLY B 38 7.85 3.84 -7.43
CA GLY B 38 8.28 4.98 -6.63
C GLY B 38 7.52 6.26 -6.90
N VAL B 39 6.49 6.18 -7.72
CA VAL B 39 5.69 7.37 -8.03
C VAL B 39 4.29 7.25 -7.44
N TYR B 40 3.50 6.32 -7.98
CA TYR B 40 2.12 6.13 -7.51
C TYR B 40 2.02 5.05 -6.43
N ALA B 41 1.21 5.35 -5.41
CA ALA B 41 0.95 4.43 -4.31
C ALA B 41 -0.46 3.87 -4.50
N LEU B 42 -0.69 2.65 -4.03
CA LEU B 42 -2.00 2.03 -4.23
C LEU B 42 -2.70 1.72 -2.91
N LYS B 43 -3.95 2.18 -2.79
CA LYS B 43 -4.77 1.93 -1.61
C LYS B 43 -5.97 1.05 -2.00
N VAL B 44 -6.35 0.12 -1.13
CA VAL B 44 -7.46 -0.77 -1.45
C VAL B 44 -8.53 -0.79 -0.35
N ILE B 45 -9.79 -0.78 -0.75
CA ILE B 45 -10.91 -0.81 0.18
C ILE B 45 -11.88 -1.95 -0.16
N ASP B 46 -12.26 -2.72 0.85
CA ASP B 46 -13.19 -3.83 0.66
C ASP B 46 -14.62 -3.35 0.91
N VAL B 47 -15.45 -3.43 -0.12
CA VAL B 47 -16.84 -2.97 -0.05
C VAL B 47 -17.75 -3.89 0.77
N LEU B 48 -17.41 -5.17 0.88
CA LEU B 48 -18.24 -6.12 1.62
C LEU B 48 -18.31 -5.80 3.11
N LYS B 49 -17.18 -5.42 3.71
CA LYS B 49 -17.15 -5.12 5.14
C LYS B 49 -17.80 -3.77 5.45
N ASN B 50 -17.56 -2.79 4.59
CA ASN B 50 -18.12 -1.45 4.77
C ASN B 50 -18.77 -0.95 3.49
N PRO B 51 -20.03 -1.37 3.23
CA PRO B 51 -20.78 -0.98 2.02
C PRO B 51 -20.93 0.54 1.88
N GLN B 52 -20.99 1.23 3.02
CA GLN B 52 -21.15 2.68 3.03
C GLN B 52 -19.95 3.41 2.40
N LEU B 53 -18.77 2.78 2.42
CA LEU B 53 -17.58 3.40 1.84
C LEU B 53 -17.74 3.54 0.33
N ALA B 54 -18.30 2.52 -0.32
CA ALA B 54 -18.53 2.55 -1.75
C ALA B 54 -19.58 3.60 -2.10
N GLU B 55 -20.62 3.68 -1.26
CA GLU B 55 -21.70 4.64 -1.43
C GLU B 55 -21.18 6.07 -1.31
N GLU B 56 -20.24 6.26 -0.39
CA GLU B 56 -19.64 7.58 -0.14
C GLU B 56 -18.92 8.09 -1.39
N ASP B 57 -18.24 7.18 -2.09
CA ASP B 57 -17.52 7.55 -3.31
C ASP B 57 -18.40 7.37 -4.55
N LYS B 58 -19.69 7.07 -4.31
CA LYS B 58 -20.68 6.86 -5.37
C LYS B 58 -20.28 5.75 -6.34
N ILE B 59 -19.70 4.68 -5.81
CA ILE B 59 -19.29 3.55 -6.64
C ILE B 59 -20.15 2.32 -6.36
N LEU B 60 -20.80 1.80 -7.40
CA LEU B 60 -21.66 0.62 -7.24
C LEU B 60 -21.15 -0.57 -8.04
N ALA B 61 -19.87 -0.56 -8.39
CA ALA B 61 -19.27 -1.65 -9.16
C ALA B 61 -17.81 -1.86 -8.75
N THR B 62 -17.33 -3.08 -8.86
CA THR B 62 -15.95 -3.40 -8.50
C THR B 62 -15.35 -4.42 -9.47
N PRO B 63 -14.01 -4.36 -9.70
CA PRO B 63 -13.13 -3.35 -9.10
C PRO B 63 -13.19 -2.00 -9.82
N THR B 64 -13.03 -0.92 -9.06
CA THR B 64 -13.05 0.44 -9.62
C THR B 64 -11.86 1.24 -9.13
N LEU B 65 -11.20 1.97 -10.04
CA LEU B 65 -10.04 2.77 -9.70
C LEU B 65 -10.42 4.24 -9.53
N ALA B 66 -10.00 4.83 -8.41
CA ALA B 66 -10.28 6.22 -8.12
C ALA B 66 -9.00 7.03 -8.02
N LYS B 67 -8.97 8.17 -8.70
CA LYS B 67 -7.81 9.06 -8.69
C LYS B 67 -7.99 10.16 -7.64
N VAL B 68 -7.03 10.28 -6.73
CA VAL B 68 -7.09 11.29 -5.69
C VAL B 68 -6.12 12.43 -6.01
N LEU B 69 -4.83 12.12 -6.03
CA LEU B 69 -3.80 13.11 -6.33
C LEU B 69 -2.79 12.56 -7.32
N PRO B 70 -2.23 13.41 -8.20
CA PRO B 70 -2.56 14.85 -8.27
C PRO B 70 -3.89 15.09 -8.96
N PRO B 71 -4.52 16.25 -8.72
CA PRO B 71 -5.81 16.60 -9.35
C PRO B 71 -5.64 16.99 -10.83
N PRO B 72 -6.74 17.04 -11.61
CA PRO B 72 -8.12 16.77 -11.14
C PRO B 72 -8.39 15.29 -10.86
N VAL B 73 -9.41 15.05 -10.03
CA VAL B 73 -9.79 13.70 -9.66
C VAL B 73 -10.69 13.06 -10.73
N ARG B 74 -10.63 11.73 -10.83
CA ARG B 74 -11.43 10.98 -11.80
C ARG B 74 -11.57 9.53 -11.36
N ARG B 75 -12.55 8.82 -11.93
CA ARG B 75 -12.77 7.42 -11.59
C ARG B 75 -12.84 6.57 -12.85
N ILE B 76 -12.28 5.37 -12.78
CA ILE B 76 -12.27 4.46 -13.92
C ILE B 76 -12.95 3.14 -13.57
N ILE B 77 -13.97 2.78 -14.36
CA ILE B 77 -14.69 1.54 -14.14
C ILE B 77 -14.51 0.60 -15.34
N GLY B 78 -14.06 -0.62 -15.08
CA GLY B 78 -13.85 -1.56 -16.17
C GLY B 78 -13.34 -2.89 -15.68
N ASP B 79 -12.96 -3.76 -16.61
CA ASP B 79 -12.45 -5.09 -16.26
C ASP B 79 -10.95 -5.02 -15.97
N LEU B 80 -10.60 -5.10 -14.69
CA LEU B 80 -9.20 -5.06 -14.28
C LEU B 80 -8.60 -6.46 -14.19
N SER B 81 -9.42 -7.46 -14.50
CA SER B 81 -8.97 -8.86 -14.46
C SER B 81 -7.91 -9.10 -15.54
N ASN B 82 -8.04 -8.40 -16.66
CA ASN B 82 -7.11 -8.53 -17.78
C ASN B 82 -5.99 -7.49 -17.66
N ARG B 83 -4.75 -7.96 -17.55
CA ARG B 83 -3.58 -7.08 -17.42
C ARG B 83 -3.46 -6.14 -18.62
N GLU B 84 -3.77 -6.65 -19.82
CA GLU B 84 -3.69 -5.85 -21.02
C GLU B 84 -4.59 -4.61 -20.92
N LYS B 85 -5.82 -4.83 -20.43
CA LYS B 85 -6.78 -3.75 -20.27
C LYS B 85 -6.34 -2.79 -19.18
N VAL B 86 -5.78 -3.35 -18.09
CA VAL B 86 -5.31 -2.54 -16.96
C VAL B 86 -4.23 -1.57 -17.42
N LEU B 87 -3.31 -2.04 -18.26
CA LEU B 87 -2.24 -1.20 -18.77
C LEU B 87 -2.80 -0.02 -19.57
N ILE B 88 -3.84 -0.28 -20.33
CA ILE B 88 -4.46 0.75 -21.14
C ILE B 88 -5.03 1.90 -20.29
N ALA B 89 -5.75 1.55 -19.22
CA ALA B 89 -6.36 2.56 -18.35
C ALA B 89 -5.42 3.09 -17.26
N LEU B 90 -4.73 2.19 -16.57
CA LEU B 90 -3.86 2.57 -15.45
C LEU B 90 -2.64 3.39 -15.91
N ARG B 91 -2.05 3.03 -17.05
CA ARG B 91 -0.88 3.75 -17.56
C ARG B 91 -1.22 5.21 -17.86
N LEU B 92 -2.45 5.45 -18.33
CA LEU B 92 -2.90 6.81 -18.64
C LEU B 92 -2.85 7.69 -17.38
N LEU B 93 -3.18 7.11 -16.24
CA LEU B 93 -3.15 7.83 -14.97
C LEU B 93 -1.73 8.28 -14.67
N ALA B 94 -0.76 7.40 -14.96
CA ALA B 94 0.66 7.69 -14.74
C ALA B 94 1.13 8.86 -15.60
N GLU B 95 0.64 8.91 -16.83
CA GLU B 95 0.98 9.95 -17.79
C GLU B 95 0.55 11.33 -17.29
N GLU B 96 -0.56 11.37 -16.55
CA GLU B 96 -1.12 12.62 -16.02
C GLU B 96 -0.12 13.35 -15.11
N ILE B 97 0.62 12.62 -14.29
CA ILE B 97 1.58 13.25 -13.37
C ILE B 97 2.74 13.89 -14.16
N GLY B 98 3.02 13.36 -15.35
CA GLY B 98 4.08 13.89 -16.17
C GLY B 98 3.73 15.20 -16.84
N ASP B 99 2.45 15.55 -16.81
CA ASP B 99 1.99 16.80 -17.41
C ASP B 99 2.13 17.95 -16.42
N TYR B 100 3.36 18.42 -16.23
CA TYR B 100 3.63 19.51 -15.31
C TYR B 100 4.56 20.53 -15.97
N LYS B 101 4.16 21.79 -15.94
CA LYS B 101 4.96 22.86 -16.54
C LYS B 101 5.96 23.43 -15.53
N ASP B 102 7.22 23.49 -15.93
CA ASP B 102 8.28 24.02 -15.07
C ASP B 102 9.43 24.55 -15.92
N ASP B 103 10.26 25.41 -15.34
CA ASP B 103 11.39 25.98 -16.06
C ASP B 103 12.61 25.06 -15.98
N ASP B 104 13.70 25.48 -16.62
CA ASP B 104 14.94 24.70 -16.62
C ASP B 104 16.13 25.60 -16.92
N ASP B 105 17.32 25.14 -16.56
CA ASP B 105 18.54 25.91 -16.79
C ASP B 105 19.75 24.98 -16.85
N LYS B 106 20.83 25.45 -17.49
CA LYS B 106 22.06 24.67 -17.63
C LYS B 106 21.81 23.34 -18.30
#